data_8DLW
#
_entry.id   8DLW
#
_cell.length_a   1.00
_cell.length_b   1.00
_cell.length_c   1.00
_cell.angle_alpha   90.00
_cell.angle_beta   90.00
_cell.angle_gamma   90.00
#
_symmetry.space_group_name_H-M   'P 1'
#
loop_
_entity.id
_entity.type
_entity.pdbx_description
1 polymer 'Spike glycoprotein'
2 polymer 'Fab S2M11 heavy chain'
3 polymer 'Fab S2M11 light chain'
4 branched 2-acetamido-2-deoxy-beta-D-glucopyranose-(1-4)-2-acetamido-2-deoxy-beta-D-glucopyranose
5 branched beta-D-mannopyranose-(1-4)-2-acetamido-2-deoxy-beta-D-glucopyranose-(1-4)-[alpha-L-fucopyranose-(1-6)]2-acetamido-2-deoxy-beta-D-glucopyranose
6 non-polymer 2-acetamido-2-deoxy-beta-D-glucopyranose
#
loop_
_entity_poly.entity_id
_entity_poly.type
_entity_poly.pdbx_seq_one_letter_code
_entity_poly.pdbx_strand_id
1 'polypeptide(L)'
;MFVFLVLLPLVSIQCVNLTTRTQLPPAYTNSFTRGVYYPDKVFRSSVLHSTQDLFLPFFSNVTWFHAIHVSGTNGTKRFD
NPVLPFNDGVYFASTEKSNIIRGWIFGTTLDSKTQSLLIVNNATNVVIKVCEFQFCNDPFLGVYYHKNNKSCMESEFRVY
SSANNCTFEYVSQPFLMDLEGKQGNFKNLREFVFKNIDGYFKIYSKHTPINLVRDLPQGFSALEPLVDLPIGINITRFQT
LLALHRSYLTPGDSSSGWTAGAAAYYVGYLQPRTFLLKYNENGTITDAVDCALDPLSETKCTLKSFTVEKGIYQTSNFRV
QPTESIVRFPNITNLCPFGEVFNATRFASVYAWNRKRISNCVADYSVLYNSASFSTFKCYGVSPTKLNDLCFTNVYADSF
VIRGDEVRQIAPGQTGKIADYNYKLPDDFTGCVIAWNSNNLDSKVGGNYNYRYRLFRKSNLKPFERDISTEIYQAGSTPC
NGVEGFNCYFPLQSYGFQPTNGVGYQPYRVVVLSFELLHAPATVCGPKKSTNLVKNKCVNFNFNGLTGTGVLTESNKKFL
PFQQFGRDIADTTDAVRDPQTLEILDITPCSFGGVSVITPGTNTSNQVAVLYQGVNCTEVPVAIHADQLTPTWRVYSTGS
NVFQTRAGCLIGAEHVNNSYECDIPIGAGICASYQTQTNSPGSASSVASQSIIAYTMSLGAENSVAYSNNSIAIPTNFTI
SVTTEILPVSMTKTSVDCTMYICGDSTECSNLLLQYGSFCTQLNRALTGIAVEQDKNTQEVFAQVKQIYKTPPIKDFGGF
NFSQILPDPSKPSKRSPIEDLLFNKVTLADAGFIKQYGDCLGDIAARDLICAQKFNGLTVLPPLLTDEMIAQYTSALLAG
TITSGWTFGAGPALQIPFPMQMAYRFNGIGVTQNVLYENQKLIANQFNSAIGKIQDSLSSTPSALGKLQDVVNQNAQALN
TLVKQLSSNFGAISSVLNDILSRLDPPEAEVQIDRLITGRLQSLQTYVTQQLIRAAEIRASANLAATKMSECVLGQSKRV
DFCGKGYHLMSFPQSAPHGVVFLHVTYVPAQEKNFTTAPAICHDGKAHFPREGVFVSNGTHWFVTQRNFYEPQIITTDNT
FVSGNCDVVIGIVNNTVYDPLQPELDSFKEELDKYFKNHTSPDVDLGDISGINASVVNIQKEIDRLNEVAKNLNESLIDL
QELGKYEQGSGYIPEAPRDGQAYVRKDGEWVLLSTFLGRSLEVLFQGPGHHHHHHHHSAWSHPQFEKGGGSGGGGSGGSA
WSHPQFEK
;
A,B,E
2 'polypeptide(L)'
;MDWTWRVFCLLAVAPGAHSEVQLVQSGAEVKKPGASVKVSCKASGYTFTGYYMHWVRQAPGQGLEWMGWINPISSGTSYA
QTFQGRVTMTSDTSITTAYMELSRLRSDDTAVYYCARAAPFYDFWSGYSYFDYWGQGTLVTVSSASTKGPSVFPLAPSSK
STSGGTAALGCLVKDYFPEPVTVSWNSGALTSGVHTFPAVLQSSGLYSLSSVVTVPSSSLGTQTYICNVNHKPSNTKVDK
KVEPKSCGSHHHHHH
;
C,F,H
3 'polypeptide(L)'
;MVLQTQVFISLLLWISGAYGEIVMMQSPGTLSLSPGERATLSCRASQSVSSSYLAWYQQKPGQAPRLLIYGASSRATGIP
DRFSGSGSGTDFTLTISRLEPEDFAVYYCQQYGSSAWTFGQGTKVEIKGQPKANPTVTLFPPSSEELQANKATLVCLISD
FYPGAVTVAWKADGSPVKAGVETTKPSKQSNNKYAASSYLSLTPEQWKSHRSYSCQVTHEGSTVEKTVAPTECS
;
D,G,L
#
loop_
_chem_comp.id
_chem_comp.type
_chem_comp.name
_chem_comp.formula
BMA D-saccharide, beta linking beta-D-mannopyranose 'C6 H12 O6'
FUC L-saccharide, alpha linking alpha-L-fucopyranose 'C6 H12 O5'
NAG D-saccharide, beta linking 2-acetamido-2-deoxy-beta-D-glucopyranose 'C8 H15 N O6'
#
# COMPACT_ATOMS: atom_id res chain seq x y z
N CYS A 15 50.13 31.88 -26.93
CA CYS A 15 49.70 32.33 -25.60
C CYS A 15 50.65 33.41 -25.11
N VAL A 16 50.15 34.37 -24.34
CA VAL A 16 50.98 35.45 -23.78
C VAL A 16 50.69 35.53 -22.29
N ASN A 17 51.75 35.59 -21.48
CA ASN A 17 51.64 35.69 -20.03
C ASN A 17 51.78 37.15 -19.62
N LEU A 18 50.74 37.72 -19.02
CA LEU A 18 50.76 39.10 -18.57
C LEU A 18 51.29 39.15 -17.14
N THR A 19 52.35 39.92 -16.92
CA THR A 19 53.00 39.95 -15.61
C THR A 19 52.88 41.28 -14.88
N THR A 20 52.51 42.36 -15.58
CA THR A 20 52.45 43.69 -14.98
C THR A 20 51.12 43.84 -14.22
N ARG A 21 51.02 43.10 -13.12
CA ARG A 21 49.79 43.08 -12.33
C ARG A 21 50.12 43.16 -10.85
N THR A 22 49.43 44.04 -10.14
CA THR A 22 49.61 44.16 -8.70
C THR A 22 48.92 42.99 -8.01
N GLN A 23 49.56 42.42 -6.99
CA GLN A 23 49.03 41.24 -6.31
C GLN A 23 48.43 41.68 -4.97
N LEU A 24 47.11 41.75 -4.91
CA LEU A 24 46.38 42.13 -3.71
C LEU A 24 45.45 40.99 -3.30
N PRO A 25 45.08 40.89 -2.02
CA PRO A 25 44.16 39.83 -1.60
C PRO A 25 42.75 40.03 -2.12
N PRO A 26 41.95 38.94 -2.18
CA PRO A 26 40.56 39.04 -2.62
C PRO A 26 39.70 39.92 -1.72
N ALA A 27 38.76 40.64 -2.31
CA ALA A 27 37.83 41.46 -1.54
C ALA A 27 36.57 40.66 -1.25
N TYR A 28 35.78 41.11 -0.28
CA TYR A 28 34.52 40.44 0.03
C TYR A 28 33.41 41.46 0.21
N THR A 29 32.18 41.04 -0.13
CA THR A 29 31.00 41.89 -0.01
C THR A 29 29.79 41.08 0.45
N ASN A 30 28.65 41.77 0.56
CA ASN A 30 27.38 41.23 1.03
C ASN A 30 26.46 41.02 -0.17
N SER A 31 25.93 39.79 -0.30
CA SER A 31 25.03 39.45 -1.42
C SER A 31 23.66 40.10 -1.35
N PHE A 32 23.23 40.57 -0.16
CA PHE A 32 21.90 41.13 0.09
C PHE A 32 20.81 40.14 -0.34
N THR A 33 19.94 40.54 -1.27
CA THR A 33 18.84 39.70 -1.72
C THR A 33 18.97 39.35 -3.21
N ARG A 34 20.19 39.41 -3.75
CA ARG A 34 20.45 39.12 -5.14
C ARG A 34 20.62 37.62 -5.35
N GLY A 35 20.51 37.21 -6.62
CA GLY A 35 20.76 35.83 -7.00
C GLY A 35 19.55 34.96 -7.15
N VAL A 36 18.35 35.52 -7.12
CA VAL A 36 17.12 34.75 -7.29
C VAL A 36 16.81 34.67 -8.77
N TYR A 37 16.49 33.47 -9.24
CA TYR A 37 16.20 33.17 -10.63
C TYR A 37 14.93 32.33 -10.73
N TYR A 38 14.34 32.32 -11.93
CA TYR A 38 13.16 31.50 -12.17
C TYR A 38 13.60 30.03 -12.17
N PRO A 39 13.13 29.21 -11.23
CA PRO A 39 13.66 27.83 -11.13
C PRO A 39 13.17 26.88 -12.20
N ASP A 40 12.17 27.28 -12.99
CA ASP A 40 11.55 26.37 -13.96
C ASP A 40 11.02 27.19 -15.13
N LYS A 41 10.31 26.53 -16.04
CA LYS A 41 9.80 27.14 -17.26
C LYS A 41 8.27 27.20 -17.28
N VAL A 42 7.63 27.26 -16.12
CA VAL A 42 6.18 27.24 -16.02
C VAL A 42 5.70 28.59 -15.48
N PHE A 43 4.68 29.15 -16.14
CA PHE A 43 4.12 30.42 -15.72
C PHE A 43 3.14 30.21 -14.58
N ARG A 44 3.29 31.00 -13.53
CA ARG A 44 2.33 31.01 -12.45
C ARG A 44 2.23 32.47 -12.02
N SER A 45 1.09 32.84 -11.45
CA SER A 45 0.92 34.25 -11.12
C SER A 45 0.07 34.41 -9.87
N SER A 46 0.33 35.51 -9.14
CA SER A 46 -0.37 35.87 -7.90
C SER A 46 -0.32 34.72 -6.90
N VAL A 47 0.82 34.05 -6.81
CA VAL A 47 0.99 32.92 -5.91
C VAL A 47 2.34 32.96 -5.20
N LEU A 48 2.41 32.20 -4.12
CA LEU A 48 3.66 31.99 -3.40
C LEU A 48 4.05 30.54 -3.63
N HIS A 49 5.21 30.32 -4.22
CA HIS A 49 5.65 28.98 -4.57
C HIS A 49 6.89 28.58 -3.79
N SER A 50 6.86 27.41 -3.16
CA SER A 50 7.99 26.93 -2.37
C SER A 50 8.79 25.97 -3.24
N THR A 51 10.08 26.26 -3.44
CA THR A 51 10.91 25.42 -4.29
C THR A 51 12.22 25.09 -3.60
N GLN A 52 12.67 23.84 -3.77
CA GLN A 52 13.96 23.39 -3.26
C GLN A 52 14.90 23.29 -4.45
N ASP A 53 15.94 24.14 -4.47
CA ASP A 53 16.85 24.19 -5.61
C ASP A 53 18.15 24.81 -5.12
N LEU A 54 19.11 24.94 -6.03
CA LEU A 54 20.39 25.54 -5.71
C LEU A 54 20.26 27.06 -5.89
N PHE A 55 20.35 27.79 -4.78
CA PHE A 55 20.21 29.23 -4.79
C PHE A 55 21.36 29.87 -4.03
N LEU A 56 21.61 31.14 -4.36
CA LEU A 56 22.57 31.92 -3.60
C LEU A 56 21.91 32.31 -2.28
N PRO A 57 22.49 31.94 -1.13
CA PRO A 57 21.87 32.30 0.15
C PRO A 57 21.81 33.81 0.33
N PHE A 58 20.76 34.28 1.00
CA PHE A 58 20.64 35.71 1.26
C PHE A 58 21.71 36.16 2.23
N PHE A 59 22.24 37.36 1.99
CA PHE A 59 23.27 38.01 2.81
C PHE A 59 24.52 37.13 2.96
N SER A 60 24.87 36.44 1.89
CA SER A 60 26.05 35.59 1.88
C SER A 60 27.31 36.40 1.60
N ASN A 61 28.44 35.79 1.90
CA ASN A 61 29.76 36.40 1.71
C ASN A 61 30.18 36.15 0.26
N VAL A 62 30.24 37.20 -0.55
CA VAL A 62 30.55 37.08 -1.97
C VAL A 62 31.98 37.57 -2.21
N THR A 63 32.77 36.76 -2.91
CA THR A 63 34.15 37.13 -3.20
C THR A 63 34.14 38.16 -4.33
N TRP A 64 34.92 39.22 -4.18
CA TRP A 64 34.90 40.36 -5.07
C TRP A 64 36.28 40.59 -5.67
N PHE A 65 36.34 40.59 -7.00
CA PHE A 65 37.56 40.72 -7.79
C PHE A 65 37.47 41.96 -8.66
N HIS A 66 38.64 42.55 -8.93
CA HIS A 66 38.73 43.73 -9.79
C HIS A 66 39.47 43.40 -11.08
N ARG A 78 42.20 46.49 -12.82
CA ARG A 78 43.44 45.72 -12.81
C ARG A 78 43.20 44.63 -13.87
N PHE A 79 43.57 43.38 -13.57
CA PHE A 79 43.27 42.25 -14.43
C PHE A 79 43.29 41.01 -13.56
N ASP A 80 42.32 40.92 -12.67
CA ASP A 80 42.27 39.91 -11.61
C ASP A 80 41.33 38.79 -12.06
N ASN A 81 41.89 37.61 -12.33
CA ASN A 81 41.12 36.48 -12.85
C ASN A 81 41.82 35.11 -12.75
N PRO A 82 41.96 34.55 -11.55
CA PRO A 82 42.55 33.22 -11.43
C PRO A 82 41.46 32.17 -11.64
N VAL A 83 41.85 30.92 -11.61
CA VAL A 83 40.85 29.86 -11.66
C VAL A 83 40.21 29.71 -10.28
N LEU A 84 38.89 29.60 -10.27
CA LEU A 84 38.13 29.45 -9.04
C LEU A 84 37.41 28.10 -9.02
N PRO A 85 37.10 27.58 -7.84
CA PRO A 85 36.30 26.36 -7.77
C PRO A 85 34.87 26.57 -8.24
N PHE A 86 34.29 25.51 -8.80
CA PHE A 86 32.87 25.47 -9.14
C PHE A 86 32.31 24.26 -8.41
N ASN A 87 31.33 24.45 -7.53
CA ASN A 87 30.89 23.35 -6.69
C ASN A 87 29.51 22.91 -7.15
N ASP A 88 28.43 23.34 -6.50
CA ASP A 88 27.09 23.02 -6.98
C ASP A 88 26.67 23.92 -8.12
N GLY A 89 27.20 25.14 -8.13
CA GLY A 89 26.93 26.13 -9.14
C GLY A 89 27.47 27.44 -8.64
N VAL A 90 27.49 28.44 -9.52
CA VAL A 90 28.03 29.73 -9.12
C VAL A 90 27.13 30.88 -9.56
N TYR A 91 27.25 31.97 -8.82
CA TYR A 91 26.60 33.24 -9.11
C TYR A 91 27.69 34.20 -9.54
N PHE A 92 27.47 34.90 -10.64
CA PHE A 92 28.49 35.78 -11.17
C PHE A 92 27.82 37.11 -11.47
N ALA A 93 28.46 38.21 -11.10
CA ALA A 93 27.91 39.50 -11.44
C ALA A 93 29.03 40.44 -11.85
N SER A 94 28.73 41.34 -12.77
CA SER A 94 29.71 42.30 -13.26
C SER A 94 29.14 43.69 -13.29
N THR A 95 29.96 44.66 -12.89
CA THR A 95 29.61 46.06 -12.97
C THR A 95 30.59 46.66 -13.97
N GLU A 96 30.07 47.23 -15.05
CA GLU A 96 30.90 47.72 -16.14
C GLU A 96 30.30 48.99 -16.73
N LYS A 97 31.15 49.78 -17.37
CA LYS A 97 30.70 50.90 -18.17
C LYS A 97 31.14 50.83 -19.63
N SER A 98 32.12 49.97 -19.96
CA SER A 98 32.67 49.96 -21.32
C SER A 98 32.87 48.57 -21.93
N ASN A 99 32.06 47.57 -21.56
CA ASN A 99 32.06 46.23 -22.15
C ASN A 99 33.45 45.55 -22.13
N ILE A 100 33.93 45.30 -20.92
CA ILE A 100 35.22 44.64 -20.71
C ILE A 100 35.08 43.11 -20.65
N ILE A 101 33.96 42.61 -20.14
CA ILE A 101 33.77 41.17 -19.94
C ILE A 101 33.71 40.44 -21.29
N ARG A 102 34.39 39.29 -21.35
CA ARG A 102 34.33 38.50 -22.57
C ARG A 102 33.73 37.12 -22.38
N GLY A 103 33.88 36.48 -21.23
CA GLY A 103 33.33 35.14 -21.19
C GLY A 103 33.90 34.30 -20.07
N TRP A 104 33.68 33.00 -20.18
CA TRP A 104 34.08 32.06 -19.14
C TRP A 104 34.60 30.76 -19.71
N ILE A 105 35.47 30.10 -18.94
CA ILE A 105 35.97 28.77 -19.22
C ILE A 105 35.53 27.88 -18.08
N PHE A 106 34.91 26.74 -18.39
CA PHE A 106 34.53 25.78 -17.37
C PHE A 106 35.20 24.46 -17.67
N GLY A 107 35.64 23.75 -16.63
CA GLY A 107 36.21 22.45 -16.87
C GLY A 107 36.74 21.83 -15.60
N THR A 108 37.51 20.77 -15.78
CA THR A 108 38.14 20.04 -14.69
C THR A 108 39.63 20.28 -14.60
N THR A 109 40.34 20.30 -15.73
CA THR A 109 41.78 20.50 -15.72
C THR A 109 42.20 21.64 -16.64
N LEU A 110 41.42 21.86 -17.71
CA LEU A 110 41.58 22.96 -18.68
C LEU A 110 42.83 22.83 -19.52
N ASP A 111 43.36 21.63 -19.73
CA ASP A 111 44.61 21.46 -20.48
C ASP A 111 44.52 20.33 -21.51
N SER A 112 43.40 20.23 -22.21
CA SER A 112 43.10 19.27 -23.29
C SER A 112 43.01 17.81 -22.83
N LYS A 113 43.23 17.53 -21.55
CA LYS A 113 43.12 16.16 -21.04
C LYS A 113 41.66 15.79 -20.78
N THR A 114 40.81 16.79 -20.53
CA THR A 114 39.40 16.57 -20.24
C THR A 114 38.56 17.50 -21.10
N GLN A 115 37.27 17.22 -21.15
CA GLN A 115 36.33 18.06 -21.88
C GLN A 115 36.16 19.39 -21.16
N SER A 116 36.10 20.48 -21.93
CA SER A 116 35.90 21.81 -21.35
C SER A 116 34.89 22.61 -22.16
N LEU A 117 34.28 23.58 -21.47
CA LEU A 117 33.26 24.46 -22.04
C LEU A 117 33.82 25.87 -22.16
N LEU A 118 33.72 26.45 -23.35
CA LEU A 118 34.19 27.81 -23.61
C LEU A 118 33.02 28.68 -24.05
N ILE A 119 32.78 29.77 -23.32
CA ILE A 119 31.73 30.73 -23.65
C ILE A 119 32.41 32.07 -23.90
N VAL A 120 32.24 32.63 -25.10
CA VAL A 120 32.86 33.89 -25.48
C VAL A 120 31.79 34.76 -26.15
N ASN A 121 31.71 36.01 -25.73
CA ASN A 121 30.83 37.01 -26.34
C ASN A 121 31.78 37.93 -27.11
N ASN A 122 31.86 37.74 -28.42
CA ASN A 122 32.77 38.57 -29.19
C ASN A 122 31.99 39.77 -29.75
N ALA A 123 32.67 40.56 -30.57
CA ALA A 123 32.11 41.81 -31.12
C ALA A 123 30.83 41.59 -31.91
N THR A 124 30.65 40.43 -32.56
CA THR A 124 29.51 40.24 -33.43
C THR A 124 28.43 39.30 -32.90
N ASN A 125 28.79 38.31 -32.07
CA ASN A 125 27.82 37.36 -31.52
C ASN A 125 28.43 36.61 -30.35
N VAL A 126 27.61 35.75 -29.73
CA VAL A 126 28.00 34.86 -28.64
C VAL A 126 28.23 33.46 -29.18
N VAL A 127 29.40 32.90 -28.89
CA VAL A 127 29.79 31.58 -29.34
C VAL A 127 30.07 30.72 -28.10
N ILE A 128 29.50 29.52 -28.10
CA ILE A 128 29.65 28.51 -27.08
C ILE A 128 30.22 27.27 -27.76
N LYS A 129 31.35 26.77 -27.27
CA LYS A 129 31.94 25.58 -27.87
C LYS A 129 32.37 24.63 -26.77
N VAL A 130 32.11 23.35 -26.99
CA VAL A 130 32.41 22.32 -26.02
C VAL A 130 33.47 21.44 -26.70
N CYS A 131 34.40 22.11 -27.38
CA CYS A 131 35.47 21.34 -28.00
C CYS A 131 36.53 21.03 -26.94
N GLU A 132 37.42 20.10 -27.24
CA GLU A 132 38.53 19.84 -26.33
C GLU A 132 39.58 20.92 -26.61
N PHE A 133 39.77 21.84 -25.68
CA PHE A 133 40.70 22.94 -25.91
C PHE A 133 41.95 22.79 -25.06
N GLN A 134 43.08 23.20 -25.62
CA GLN A 134 44.32 23.30 -24.86
C GLN A 134 44.39 24.78 -24.50
N PHE A 135 44.08 25.10 -23.26
CA PHE A 135 43.98 26.51 -22.88
C PHE A 135 45.34 27.09 -22.51
N CYS A 136 45.40 28.41 -22.57
CA CYS A 136 46.55 29.19 -22.15
C CYS A 136 46.54 29.31 -20.64
N ASN A 137 47.71 29.59 -20.07
CA ASN A 137 47.77 29.74 -18.62
C ASN A 137 47.43 31.16 -18.20
N ASP A 138 47.18 32.04 -19.17
CA ASP A 138 46.71 33.40 -18.91
C ASP A 138 45.83 33.83 -20.08
N PRO A 139 44.65 33.22 -20.25
CA PRO A 139 43.81 33.55 -21.41
C PRO A 139 43.17 34.92 -21.30
N PHE A 140 43.05 35.61 -22.43
CA PHE A 140 42.40 36.91 -22.51
C PHE A 140 42.15 37.27 -23.97
N LEU A 141 41.37 38.34 -24.14
CA LEU A 141 41.10 38.97 -25.42
C LEU A 141 41.66 40.39 -25.36
N GLY A 142 41.84 41.02 -26.52
CA GLY A 142 42.31 42.38 -26.57
C GLY A 142 41.43 43.24 -27.45
N VAL A 143 41.49 44.54 -27.17
CA VAL A 143 40.69 45.55 -27.88
C VAL A 143 41.55 46.76 -28.20
N CYS A 152 38.01 52.07 -30.46
CA CYS A 152 38.37 50.76 -29.93
C CYS A 152 37.77 49.64 -30.78
N MET A 153 38.63 48.73 -31.23
CA MET A 153 38.19 47.59 -32.03
C MET A 153 38.88 46.33 -31.52
N GLU A 154 38.20 45.20 -31.67
CA GLU A 154 38.75 43.94 -31.20
C GLU A 154 39.85 43.47 -32.15
N SER A 155 40.91 42.90 -31.58
CA SER A 155 42.03 42.42 -32.40
C SER A 155 42.54 41.07 -31.91
N GLU A 156 43.14 41.06 -30.72
CA GLU A 156 43.77 39.85 -30.21
C GLU A 156 42.76 38.83 -29.71
N PHE A 157 43.05 37.56 -29.96
CA PHE A 157 42.29 36.44 -29.42
C PHE A 157 43.33 35.42 -29.00
N ARG A 158 43.57 35.29 -27.69
CA ARG A 158 44.62 34.42 -27.15
C ARG A 158 44.04 33.56 -26.02
N VAL A 159 43.09 32.71 -26.38
CA VAL A 159 42.39 31.89 -25.39
C VAL A 159 42.92 30.47 -25.38
N TYR A 160 43.17 29.90 -26.55
CA TYR A 160 43.58 28.51 -26.68
C TYR A 160 44.47 28.33 -27.90
N SER A 161 45.16 27.19 -27.93
CA SER A 161 46.00 26.85 -29.08
C SER A 161 45.36 25.70 -29.86
N SER A 162 45.57 24.48 -29.39
CA SER A 162 45.01 23.30 -30.02
C SER A 162 43.52 23.19 -29.74
N ALA A 163 42.75 22.74 -30.72
CA ALA A 163 41.31 22.54 -30.52
C ALA A 163 40.77 21.50 -31.48
N ASN A 164 40.42 20.33 -30.96
CA ASN A 164 39.87 19.25 -31.77
C ASN A 164 38.92 18.47 -30.88
N ASN A 165 38.26 17.45 -31.47
CA ASN A 165 37.24 16.64 -30.78
C ASN A 165 36.06 17.52 -30.32
N CYS A 166 35.55 18.34 -31.24
CA CYS A 166 34.43 19.21 -30.95
C CYS A 166 33.15 18.40 -30.80
N THR A 167 32.40 18.65 -29.72
CA THR A 167 31.18 17.93 -29.45
C THR A 167 29.93 18.82 -29.54
N PHE A 168 30.04 20.10 -29.21
CA PHE A 168 28.86 20.95 -29.24
C PHE A 168 29.28 22.36 -29.59
N GLU A 169 28.46 23.04 -30.39
CA GLU A 169 28.64 24.44 -30.71
C GLU A 169 27.27 25.13 -30.73
N TYR A 170 27.25 26.37 -30.28
CA TYR A 170 26.04 27.19 -30.30
C TYR A 170 26.45 28.63 -30.55
N VAL A 171 25.66 29.36 -31.34
CA VAL A 171 25.89 30.78 -31.60
C VAL A 171 24.55 31.49 -31.45
N SER A 172 24.56 32.72 -30.95
CA SER A 172 23.31 33.43 -30.70
C SER A 172 23.54 34.93 -30.54
N GLN A 173 22.44 35.64 -30.25
CA GLN A 173 22.41 37.07 -30.01
C GLN A 173 23.30 37.46 -28.83
N PRO A 174 23.91 38.68 -28.85
CA PRO A 174 24.82 39.09 -27.77
C PRO A 174 24.24 39.01 -26.36
N PHE A 175 25.10 38.56 -25.43
CA PHE A 175 24.89 38.38 -23.97
C PHE A 175 24.13 37.08 -23.69
N ASN A 185 31.80 56.02 -11.87
CA ASN A 185 30.60 55.24 -11.67
C ASN A 185 30.34 54.31 -12.85
N PHE A 186 29.76 53.15 -12.57
CA PHE A 186 29.40 52.20 -13.61
C PHE A 186 27.96 52.45 -14.06
N LYS A 187 27.60 51.88 -15.20
CA LYS A 187 26.24 52.00 -15.73
C LYS A 187 25.52 50.68 -15.93
N ASN A 188 26.24 49.59 -16.20
CA ASN A 188 25.62 48.32 -16.56
C ASN A 188 25.95 47.27 -15.51
N LEU A 189 24.90 46.65 -14.95
CA LEU A 189 25.05 45.54 -14.03
C LEU A 189 24.51 44.30 -14.72
N ARG A 190 25.33 43.26 -14.78
CA ARG A 190 24.93 41.99 -15.38
C ARG A 190 25.05 40.88 -14.37
N GLU A 191 23.99 40.09 -14.22
CA GLU A 191 23.99 38.98 -13.28
C GLU A 191 23.76 37.69 -14.05
N PHE A 192 24.50 36.65 -13.68
CA PHE A 192 24.41 35.33 -14.29
C PHE A 192 24.43 34.27 -13.21
N VAL A 193 23.68 33.19 -13.45
CA VAL A 193 23.72 32.01 -12.61
C VAL A 193 24.12 30.84 -13.50
N PHE A 194 25.12 30.07 -13.06
CA PHE A 194 25.64 28.94 -13.82
C PHE A 194 25.45 27.67 -13.02
N LYS A 195 24.63 26.75 -13.53
CA LYS A 195 24.36 25.48 -12.87
C LYS A 195 24.73 24.32 -13.80
N ASN A 196 25.13 23.19 -13.22
CA ASN A 196 25.51 22.01 -14.00
C ASN A 196 24.75 20.81 -13.44
N ILE A 197 23.50 20.60 -13.87
CA ILE A 197 22.63 19.57 -13.29
C ILE A 197 22.06 18.67 -14.37
N ASP A 198 22.18 17.35 -14.18
CA ASP A 198 21.57 16.30 -14.99
C ASP A 198 21.87 16.42 -16.48
N GLY A 199 23.10 16.81 -16.80
CA GLY A 199 23.49 16.88 -18.18
C GLY A 199 23.26 18.22 -18.83
N TYR A 200 22.60 19.14 -18.14
CA TYR A 200 22.40 20.49 -18.66
C TYR A 200 23.20 21.51 -17.87
N PHE A 201 23.80 22.42 -18.60
CA PHE A 201 24.48 23.58 -18.03
C PHE A 201 23.49 24.72 -18.22
N LYS A 202 22.94 25.21 -17.13
CA LYS A 202 21.89 26.21 -17.19
C LYS A 202 22.47 27.58 -16.91
N ILE A 203 22.21 28.52 -17.81
CA ILE A 203 22.67 29.90 -17.68
C ILE A 203 21.43 30.76 -17.53
N TYR A 204 21.41 31.54 -16.45
CA TYR A 204 20.36 32.49 -16.15
C TYR A 204 21.00 33.87 -16.16
N SER A 205 20.25 34.89 -16.55
CA SER A 205 20.86 36.20 -16.63
C SER A 205 19.84 37.33 -16.49
N LYS A 206 20.33 38.46 -16.00
CA LYS A 206 19.56 39.68 -15.86
C LYS A 206 20.50 40.85 -16.17
N HIS A 207 19.98 41.84 -16.91
CA HIS A 207 20.71 43.07 -17.19
C HIS A 207 19.92 44.21 -16.58
N THR A 208 20.58 45.06 -15.79
CA THR A 208 19.94 46.21 -15.19
C THR A 208 20.88 47.41 -15.23
N PRO A 209 20.34 48.63 -15.11
CA PRO A 209 21.20 49.79 -14.88
C PRO A 209 21.72 49.79 -13.45
N ILE A 210 22.90 50.39 -13.27
CA ILE A 210 23.48 50.54 -11.93
C ILE A 210 24.03 51.96 -11.83
N ASN A 211 24.16 52.45 -10.58
CA ASN A 211 24.69 53.79 -10.37
C ASN A 211 25.67 53.88 -9.22
N LEU A 212 26.19 52.76 -8.70
CA LEU A 212 27.16 52.90 -7.62
C LEU A 212 28.56 52.91 -8.22
N VAL A 213 29.49 53.55 -7.51
CA VAL A 213 30.89 53.47 -7.93
C VAL A 213 31.56 52.17 -7.48
N ARG A 214 31.32 51.74 -6.24
CA ARG A 214 32.14 50.67 -5.68
C ARG A 214 31.30 49.58 -4.98
N ASP A 215 30.06 49.34 -5.40
CA ASP A 215 29.28 48.31 -4.72
C ASP A 215 28.17 47.77 -5.60
N LEU A 216 27.52 46.70 -5.08
CA LEU A 216 26.37 45.90 -5.53
C LEU A 216 25.08 46.50 -4.98
N PRO A 217 24.05 46.67 -5.81
CA PRO A 217 22.83 47.34 -5.35
C PRO A 217 22.02 46.50 -4.37
N GLN A 218 21.22 47.21 -3.57
CA GLN A 218 20.27 46.57 -2.68
C GLN A 218 18.92 46.64 -3.37
N GLY A 219 18.13 45.59 -3.21
CA GLY A 219 16.85 45.56 -3.89
C GLY A 219 16.63 44.17 -4.43
N PHE A 220 15.52 43.92 -5.12
CA PHE A 220 15.22 42.58 -5.56
C PHE A 220 14.88 42.61 -7.04
N SER A 221 15.41 41.64 -7.77
CA SER A 221 15.10 41.38 -9.17
C SER A 221 15.32 39.89 -9.38
N ALA A 222 14.66 39.34 -10.39
CA ALA A 222 14.81 37.92 -10.70
C ALA A 222 15.54 37.77 -12.02
N LEU A 223 16.40 36.76 -12.09
CA LEU A 223 17.19 36.46 -13.28
C LEU A 223 16.42 35.51 -14.17
N GLU A 224 16.14 35.93 -15.39
CA GLU A 224 15.45 35.03 -16.29
C GLU A 224 16.45 34.03 -16.86
N PRO A 225 16.01 32.81 -17.18
CA PRO A 225 16.92 31.85 -17.84
C PRO A 225 17.33 32.34 -19.23
N LEU A 226 18.61 32.16 -19.52
CA LEU A 226 19.12 32.57 -20.82
C LEU A 226 19.27 31.39 -21.76
N VAL A 227 19.90 30.30 -21.33
CA VAL A 227 20.05 29.15 -22.21
C VAL A 227 20.30 27.89 -21.38
N ASP A 228 19.74 26.77 -21.85
CA ASP A 228 19.98 25.45 -21.26
C ASP A 228 20.81 24.64 -22.25
N LEU A 229 22.09 24.40 -21.92
CA LEU A 229 22.98 23.69 -22.82
C LEU A 229 23.00 22.21 -22.48
N PRO A 230 22.64 21.32 -23.40
CA PRO A 230 22.61 19.88 -23.05
C PRO A 230 23.99 19.24 -23.13
N ILE A 231 24.88 19.64 -22.23
CA ILE A 231 26.26 19.19 -22.25
C ILE A 231 26.65 18.54 -20.92
N GLY A 232 26.99 17.26 -20.99
CA GLY A 232 27.31 16.45 -19.82
C GLY A 232 28.77 16.60 -19.45
N ILE A 233 29.14 17.73 -18.86
CA ILE A 233 30.54 18.04 -18.55
C ILE A 233 30.76 17.98 -17.05
N ASN A 234 31.87 17.36 -16.64
CA ASN A 234 32.27 17.39 -15.24
C ASN A 234 32.94 18.74 -15.04
N ILE A 235 32.28 19.64 -14.30
CA ILE A 235 32.78 20.99 -14.06
C ILE A 235 33.09 21.16 -12.59
N THR A 236 34.35 21.46 -12.29
CA THR A 236 34.81 21.70 -10.94
C THR A 236 35.61 22.99 -10.82
N ARG A 237 35.99 23.61 -11.94
CA ARG A 237 36.83 24.79 -11.95
C ARG A 237 36.35 25.71 -13.07
N PHE A 238 36.53 27.02 -12.88
CA PHE A 238 36.20 27.95 -13.96
C PHE A 238 37.11 29.17 -13.90
N GLN A 239 37.18 29.87 -15.03
CA GLN A 239 38.01 31.08 -15.17
C GLN A 239 37.26 32.13 -15.98
N THR A 240 37.48 33.40 -15.66
CA THR A 240 36.79 34.51 -16.31
C THR A 240 37.67 35.11 -17.41
N LEU A 241 37.10 35.36 -18.59
CA LEU A 241 37.78 36.03 -19.69
C LEU A 241 37.42 37.50 -19.68
N LEU A 242 38.44 38.35 -19.72
CA LEU A 242 38.36 39.80 -19.70
C LEU A 242 39.07 40.42 -20.90
N ALA A 243 38.62 41.60 -21.31
CA ALA A 243 39.31 42.35 -22.36
C ALA A 243 39.84 43.66 -21.80
N TRP A 258 49.79 46.99 -22.82
CA TRP A 258 48.36 46.86 -22.55
C TRP A 258 47.96 47.64 -21.31
N THR A 259 46.67 47.92 -21.18
CA THR A 259 46.14 48.72 -20.09
C THR A 259 44.92 48.03 -19.50
N ALA A 260 44.51 48.48 -18.32
CA ALA A 260 43.32 47.97 -17.67
C ALA A 260 42.13 48.91 -17.86
N GLY A 261 40.94 48.33 -17.97
CA GLY A 261 39.71 49.08 -18.04
C GLY A 261 39.02 49.20 -16.69
N ALA A 262 37.86 49.86 -16.71
CA ALA A 262 37.04 50.06 -15.52
C ALA A 262 35.95 49.00 -15.47
N ALA A 263 36.11 48.02 -14.57
CA ALA A 263 35.18 46.91 -14.44
C ALA A 263 35.45 46.19 -13.14
N ALA A 264 34.40 45.59 -12.58
CA ALA A 264 34.56 44.76 -11.39
C ALA A 264 33.61 43.57 -11.49
N TYR A 265 33.95 42.46 -10.81
CA TYR A 265 33.03 41.35 -10.79
C TYR A 265 33.01 40.66 -9.43
N TYR A 266 31.91 39.96 -9.18
CA TYR A 266 31.61 39.31 -7.93
C TYR A 266 31.30 37.85 -8.22
N VAL A 267 31.77 36.95 -7.36
CA VAL A 267 31.51 35.52 -7.48
C VAL A 267 30.96 35.00 -6.16
N GLY A 268 29.79 34.36 -6.22
CA GLY A 268 29.19 33.72 -5.07
C GLY A 268 28.96 32.25 -5.40
N TYR A 269 28.52 31.49 -4.41
CA TYR A 269 28.29 30.06 -4.59
C TYR A 269 26.86 29.67 -4.19
N LEU A 270 26.30 28.74 -4.95
CA LEU A 270 24.95 28.26 -4.73
C LEU A 270 24.97 27.14 -3.69
N GLN A 271 23.88 27.02 -2.95
CA GLN A 271 23.69 25.97 -1.97
C GLN A 271 22.29 25.40 -2.12
N PRO A 272 22.07 24.14 -1.70
CA PRO A 272 20.69 23.62 -1.67
C PRO A 272 19.86 24.37 -0.65
N ARG A 273 18.86 25.12 -1.12
CA ARG A 273 18.00 25.90 -0.24
C ARG A 273 16.57 25.86 -0.74
N THR A 274 15.65 26.10 0.18
CA THR A 274 14.24 26.24 -0.15
C THR A 274 13.92 27.73 -0.16
N PHE A 275 13.34 28.20 -1.25
CA PHE A 275 12.92 29.59 -1.39
C PHE A 275 11.42 29.69 -1.62
N LEU A 276 10.82 30.69 -1.00
CA LEU A 276 9.42 31.04 -1.24
C LEU A 276 9.42 32.21 -2.22
N LEU A 277 8.87 31.99 -3.41
CA LEU A 277 8.90 32.99 -4.48
C LEU A 277 7.51 33.61 -4.63
N LYS A 278 7.47 34.95 -4.71
CA LYS A 278 6.21 35.65 -4.85
C LYS A 278 5.98 36.05 -6.30
N TYR A 279 4.95 35.51 -6.93
CA TYR A 279 4.59 35.83 -8.30
C TYR A 279 3.43 36.81 -8.28
N ASN A 280 3.57 37.90 -9.03
CA ASN A 280 2.58 38.96 -9.12
C ASN A 280 1.52 38.61 -10.17
N GLU A 281 0.65 39.57 -10.49
CA GLU A 281 -0.43 39.34 -11.45
C GLU A 281 0.08 38.97 -12.84
N ASN A 282 1.23 39.51 -13.22
CA ASN A 282 1.82 39.25 -14.53
C ASN A 282 2.81 38.09 -14.51
N GLY A 283 2.90 37.38 -13.39
CA GLY A 283 3.78 36.24 -13.28
C GLY A 283 5.24 36.58 -13.09
N THR A 284 5.54 37.80 -12.70
CA THR A 284 6.90 38.23 -12.45
C THR A 284 7.22 38.00 -10.98
N ILE A 285 8.42 37.47 -10.71
CA ILE A 285 8.84 37.29 -9.33
C ILE A 285 9.24 38.66 -8.78
N THR A 286 8.56 39.09 -7.72
CA THR A 286 8.82 40.41 -7.16
C THR A 286 9.44 40.35 -5.77
N ASP A 287 9.36 39.21 -5.09
CA ASP A 287 9.99 39.05 -3.80
C ASP A 287 10.30 37.57 -3.60
N ALA A 288 11.01 37.29 -2.52
CA ALA A 288 11.37 35.92 -2.17
C ALA A 288 11.79 35.88 -0.72
N VAL A 289 11.64 34.70 -0.13
CA VAL A 289 12.08 34.41 1.23
C VAL A 289 13.05 33.24 1.17
N ASP A 290 14.25 33.44 1.73
CA ASP A 290 15.22 32.36 1.87
C ASP A 290 14.86 31.65 3.18
N CYS A 291 14.27 30.45 3.08
CA CYS A 291 13.69 29.75 4.22
C CYS A 291 14.69 29.31 5.29
N ALA A 292 15.99 29.60 5.16
CA ALA A 292 16.94 29.29 6.22
C ALA A 292 17.78 30.48 6.63
N LEU A 293 17.44 31.69 6.16
CA LEU A 293 18.23 32.87 6.50
C LEU A 293 18.17 33.18 7.99
N ASP A 294 16.97 33.18 8.56
CA ASP A 294 16.77 33.60 9.93
C ASP A 294 15.45 32.97 10.41
N PRO A 295 15.14 33.03 11.72
CA PRO A 295 13.88 32.44 12.20
C PRO A 295 12.60 33.04 11.61
N LEU A 296 12.58 34.36 11.33
CA LEU A 296 11.41 34.95 10.70
C LEU A 296 11.20 34.42 9.29
N SER A 297 12.29 34.25 8.52
CA SER A 297 12.14 33.77 7.14
C SER A 297 11.58 32.36 7.13
N GLU A 298 12.03 31.55 8.09
CA GLU A 298 11.56 30.18 8.25
C GLU A 298 10.08 30.19 8.59
N THR A 299 9.66 31.13 9.46
CA THR A 299 8.26 31.26 9.82
C THR A 299 7.42 31.63 8.61
N LYS A 300 7.93 32.56 7.80
CA LYS A 300 7.24 33.01 6.59
C LYS A 300 7.03 31.85 5.63
N CYS A 301 8.08 31.01 5.48
CA CYS A 301 7.97 29.84 4.61
C CYS A 301 7.00 28.82 5.17
N THR A 302 7.01 28.61 6.49
CA THR A 302 6.15 27.63 7.12
C THR A 302 4.67 27.99 6.95
N LEU A 303 4.34 29.26 7.07
CA LEU A 303 2.96 29.70 6.96
C LEU A 303 2.57 30.01 5.52
N LYS A 304 3.50 29.89 4.58
CA LYS A 304 3.32 30.20 3.15
C LYS A 304 2.77 31.60 2.94
N SER A 305 3.36 32.57 3.63
CA SER A 305 2.93 33.95 3.51
C SER A 305 4.09 34.88 3.79
N PHE A 306 4.04 36.07 3.21
CA PHE A 306 5.05 37.08 3.46
C PHE A 306 4.66 37.99 4.62
N THR A 307 3.47 37.76 5.18
CA THR A 307 2.96 38.52 6.32
C THR A 307 2.71 37.49 7.41
N VAL A 308 3.22 37.77 8.62
CA VAL A 308 3.04 36.89 9.77
C VAL A 308 2.30 37.66 10.84
N GLU A 309 1.23 37.06 11.37
CA GLU A 309 0.48 37.69 12.43
C GLU A 309 1.17 37.45 13.77
N LYS A 310 0.78 38.23 14.78
CA LYS A 310 1.31 38.05 16.13
C LYS A 310 0.93 36.68 16.66
N GLY A 311 1.89 35.97 17.22
CA GLY A 311 1.61 34.68 17.79
C GLY A 311 2.88 33.84 17.88
N ILE A 312 2.68 32.57 18.21
CA ILE A 312 3.76 31.61 18.31
C ILE A 312 3.47 30.50 17.31
N TYR A 313 4.46 30.20 16.48
CA TYR A 313 4.32 29.22 15.42
C TYR A 313 5.43 28.20 15.56
N GLN A 314 5.10 26.93 15.40
CA GLN A 314 6.12 25.87 15.42
C GLN A 314 6.62 25.72 14.00
N THR A 315 7.89 26.08 13.78
CA THR A 315 8.42 26.15 12.43
C THR A 315 9.48 25.12 12.09
N SER A 316 10.16 24.51 13.05
CA SER A 316 11.25 23.61 12.65
C SER A 316 11.54 22.63 13.77
N ASN A 317 12.62 21.86 13.61
CA ASN A 317 13.06 20.93 14.63
C ASN A 317 14.56 21.05 14.83
N PHE A 318 14.98 21.22 16.08
CA PHE A 318 16.38 21.33 16.43
C PHE A 318 16.91 19.93 16.68
N ARG A 319 18.11 19.66 16.22
CA ARG A 319 18.79 18.39 16.47
C ARG A 319 20.29 18.61 16.47
N VAL A 320 20.97 18.07 17.48
CA VAL A 320 22.42 18.16 17.57
C VAL A 320 23.01 17.18 16.56
N GLN A 321 23.94 17.67 15.75
CA GLN A 321 24.47 16.75 14.77
C GLN A 321 25.71 16.03 15.30
N PRO A 322 25.89 14.76 14.93
CA PRO A 322 27.08 14.03 15.37
C PRO A 322 28.35 14.55 14.71
N THR A 323 29.44 14.53 15.46
CA THR A 323 30.72 15.00 14.97
C THR A 323 31.75 13.90 14.76
N GLU A 324 31.53 12.71 15.31
CA GLU A 324 32.49 11.62 15.20
C GLU A 324 31.76 10.33 14.86
N SER A 325 32.50 9.41 14.25
CA SER A 325 32.03 8.07 13.93
C SER A 325 32.78 7.07 14.80
N ILE A 326 32.04 6.37 15.66
CA ILE A 326 32.61 5.44 16.63
C ILE A 326 32.28 4.04 16.14
N VAL A 327 33.32 3.29 15.80
CA VAL A 327 33.18 1.96 15.24
C VAL A 327 33.84 0.97 16.19
N ARG A 328 33.09 -0.02 16.65
CA ARG A 328 33.62 -1.02 17.58
C ARG A 328 33.27 -2.42 17.08
N PHE A 329 34.28 -3.25 16.86
CA PHE A 329 34.08 -4.63 16.47
C PHE A 329 35.00 -5.50 17.33
N PRO A 330 34.67 -6.81 17.50
CA PRO A 330 35.56 -7.70 18.27
C PRO A 330 36.99 -7.75 17.75
N ASN A 331 37.96 -7.81 18.67
CA ASN A 331 39.37 -7.73 18.31
C ASN A 331 39.91 -9.11 17.89
N ILE A 332 39.35 -9.61 16.80
CA ILE A 332 39.74 -10.90 16.24
C ILE A 332 40.47 -10.66 14.94
N THR A 333 41.47 -11.50 14.65
CA THR A 333 42.29 -11.32 13.47
C THR A 333 42.26 -12.48 12.50
N ASN A 334 41.74 -13.64 12.89
CA ASN A 334 41.76 -14.82 12.02
C ASN A 334 40.78 -14.63 10.87
N LEU A 335 41.20 -15.02 9.67
CA LEU A 335 40.35 -14.88 8.51
C LEU A 335 39.41 -16.07 8.36
N CYS A 336 38.22 -15.80 7.82
CA CYS A 336 37.24 -16.84 7.59
C CYS A 336 37.71 -17.79 6.49
N PRO A 337 37.47 -19.09 6.64
CA PRO A 337 37.92 -20.07 5.65
C PRO A 337 37.03 -20.13 4.40
N PHE A 338 36.95 -19.00 3.70
CA PHE A 338 36.20 -18.94 2.45
C PHE A 338 36.97 -19.61 1.34
N GLY A 339 38.27 -19.27 1.26
CA GLY A 339 39.20 -19.89 0.32
C GLY A 339 39.14 -21.40 0.26
N GLU A 340 39.09 -22.05 1.42
CA GLU A 340 38.96 -23.51 1.52
C GLU A 340 37.65 -24.03 0.93
N VAL A 341 36.60 -23.22 0.92
CA VAL A 341 35.36 -23.66 0.27
C VAL A 341 35.50 -23.56 -1.24
N PHE A 342 36.03 -22.44 -1.72
CA PHE A 342 36.10 -22.17 -3.16
C PHE A 342 37.13 -23.03 -3.88
N ASN A 343 38.26 -23.35 -3.24
CA ASN A 343 39.33 -24.05 -3.94
C ASN A 343 39.47 -25.52 -3.59
N ALA A 344 38.44 -26.11 -2.97
CA ALA A 344 38.43 -27.54 -2.68
C ALA A 344 38.57 -28.34 -3.97
N THR A 345 39.33 -29.44 -3.89
CA THR A 345 39.59 -30.25 -5.08
C THR A 345 38.33 -30.94 -5.57
N ARG A 346 37.51 -31.46 -4.66
CA ARG A 346 36.28 -32.14 -5.01
C ARG A 346 35.11 -31.35 -4.47
N PHE A 347 34.11 -31.12 -5.33
CA PHE A 347 32.87 -30.52 -4.91
C PHE A 347 31.80 -31.61 -4.78
N ALA A 348 30.86 -31.38 -3.89
CA ALA A 348 29.72 -32.26 -3.73
C ALA A 348 28.74 -32.18 -4.90
N SER A 349 27.98 -33.26 -5.04
CA SER A 349 26.81 -33.27 -5.91
C SER A 349 25.75 -32.38 -5.28
N VAL A 350 24.91 -31.77 -6.13
CA VAL A 350 23.83 -30.92 -5.63
C VAL A 350 22.84 -31.68 -4.75
N TYR A 351 22.58 -32.96 -5.01
CA TYR A 351 21.64 -33.69 -4.17
C TYR A 351 22.19 -33.89 -2.77
N ALA A 352 23.51 -33.88 -2.61
CA ALA A 352 24.21 -34.12 -1.35
C ALA A 352 25.22 -32.99 -1.15
N TRP A 353 24.72 -31.76 -1.19
CA TRP A 353 25.57 -30.57 -1.14
C TRP A 353 26.29 -30.41 0.21
N ASN A 354 27.50 -29.84 0.16
CA ASN A 354 28.29 -29.65 1.36
C ASN A 354 27.95 -28.33 2.03
N ARG A 355 27.95 -28.33 3.36
CA ARG A 355 27.80 -27.11 4.14
C ARG A 355 29.00 -26.95 5.08
N LYS A 356 29.71 -25.84 4.93
CA LYS A 356 30.81 -25.43 5.81
C LYS A 356 30.36 -24.25 6.68
N ARG A 357 29.91 -24.56 7.89
CA ARG A 357 29.60 -23.50 8.85
C ARG A 357 30.84 -22.64 9.12
N ILE A 358 30.68 -21.32 8.96
CA ILE A 358 31.72 -20.33 9.19
C ILE A 358 31.35 -19.47 10.38
N SER A 359 32.24 -19.40 11.37
CA SER A 359 32.01 -18.62 12.58
C SER A 359 33.34 -18.19 13.19
N ASN A 360 33.25 -17.17 14.07
CA ASN A 360 34.37 -16.66 14.88
C ASN A 360 35.60 -16.26 14.07
N CYS A 361 35.38 -15.41 13.07
CA CYS A 361 36.45 -15.02 12.16
C CYS A 361 36.11 -13.69 11.48
N VAL A 362 37.11 -13.15 10.78
CA VAL A 362 36.96 -11.92 10.01
C VAL A 362 36.73 -12.30 8.56
N ALA A 363 35.64 -11.80 7.99
CA ALA A 363 35.20 -12.15 6.64
C ALA A 363 35.47 -10.97 5.72
N ASP A 364 36.47 -11.11 4.86
CA ASP A 364 36.76 -10.08 3.87
C ASP A 364 36.04 -10.48 2.60
N TYR A 365 34.96 -9.76 2.27
CA TYR A 365 34.12 -10.10 1.14
C TYR A 365 34.51 -9.33 -0.10
N SER A 366 35.49 -8.44 0.00
CA SER A 366 35.88 -7.66 -1.17
C SER A 366 36.69 -8.52 -2.12
N VAL A 367 37.37 -9.53 -1.58
CA VAL A 367 38.18 -10.44 -2.38
C VAL A 367 37.28 -11.27 -3.30
N LEU A 368 36.17 -11.76 -2.75
CA LEU A 368 35.24 -12.57 -3.52
C LEU A 368 34.47 -11.74 -4.54
N TYR A 369 34.04 -10.54 -4.16
CA TYR A 369 33.21 -9.74 -5.07
C TYR A 369 34.04 -9.16 -6.20
N ASN A 370 35.26 -8.72 -5.92
CA ASN A 370 36.04 -8.05 -6.94
C ASN A 370 36.86 -9.04 -7.77
N SER A 371 36.69 -10.33 -7.52
CA SER A 371 37.37 -11.35 -8.31
C SER A 371 36.80 -11.40 -9.72
N ALA A 372 37.67 -11.73 -10.67
CA ALA A 372 37.27 -11.88 -12.06
C ALA A 372 36.83 -13.30 -12.39
N SER A 373 37.22 -14.27 -11.57
CA SER A 373 36.97 -15.68 -11.80
C SER A 373 35.51 -16.09 -11.67
N PHE A 374 34.63 -15.23 -11.19
CA PHE A 374 33.23 -15.57 -10.95
C PHE A 374 32.37 -14.93 -12.02
N SER A 375 31.48 -15.72 -12.59
CA SER A 375 30.48 -15.25 -13.56
C SER A 375 29.20 -14.80 -12.89
N THR A 376 28.61 -15.64 -12.05
CA THR A 376 27.44 -15.23 -11.28
C THR A 376 27.85 -14.81 -9.88
N PHE A 377 27.36 -13.65 -9.43
CA PHE A 377 27.56 -13.23 -8.04
C PHE A 377 26.32 -12.42 -7.69
N LYS A 378 25.25 -13.11 -7.27
CA LYS A 378 23.99 -12.43 -7.01
C LYS A 378 23.68 -12.47 -5.53
N CYS A 379 23.44 -11.31 -4.92
CA CYS A 379 23.15 -11.24 -3.50
C CYS A 379 21.66 -10.90 -3.29
N TYR A 380 21.07 -11.56 -2.31
CA TYR A 380 19.66 -11.39 -1.95
C TYR A 380 19.62 -11.05 -0.47
N GLY A 381 18.96 -9.94 -0.13
CA GLY A 381 18.77 -9.54 1.25
C GLY A 381 19.81 -8.56 1.72
N VAL A 382 20.97 -8.53 1.07
CA VAL A 382 22.06 -7.60 1.34
C VAL A 382 22.64 -7.17 0.00
N SER A 383 23.30 -6.06 0.01
CA SER A 383 24.00 -5.68 -1.20
C SER A 383 25.46 -6.16 -1.15
N PRO A 384 26.02 -6.55 -2.30
CA PRO A 384 27.41 -7.04 -2.31
C PRO A 384 28.47 -6.02 -1.93
N THR A 385 28.20 -4.72 -2.03
CA THR A 385 29.23 -3.73 -1.75
C THR A 385 29.17 -3.21 -0.32
N LYS A 386 28.21 -3.68 0.47
CA LYS A 386 28.08 -3.30 1.87
C LYS A 386 28.41 -4.46 2.80
N LEU A 387 28.84 -5.59 2.24
CA LEU A 387 29.08 -6.81 3.00
C LEU A 387 30.19 -6.61 4.03
N ASN A 388 31.21 -5.84 3.70
CA ASN A 388 32.33 -5.67 4.62
C ASN A 388 31.99 -4.77 5.80
N ASP A 389 30.84 -4.09 5.77
CA ASP A 389 30.43 -3.24 6.88
C ASP A 389 29.46 -3.96 7.82
N LEU A 390 29.12 -5.21 7.54
CA LEU A 390 28.12 -5.94 8.28
C LEU A 390 28.73 -7.00 9.18
N CYS A 391 27.96 -7.40 10.19
CA CYS A 391 28.31 -8.52 11.04
C CYS A 391 27.17 -9.51 11.09
N PHE A 392 27.51 -10.78 11.07
CA PHE A 392 26.52 -11.84 11.09
C PHE A 392 26.87 -12.78 12.22
N THR A 393 25.85 -13.45 12.76
CA THR A 393 26.12 -14.43 13.80
C THR A 393 26.78 -15.68 13.22
N ASN A 394 26.40 -16.06 12.00
CA ASN A 394 26.88 -17.30 11.40
C ASN A 394 26.74 -17.20 9.89
N VAL A 395 27.68 -17.82 9.17
CA VAL A 395 27.65 -17.91 7.72
C VAL A 395 27.64 -19.38 7.33
N TYR A 396 26.70 -19.78 6.49
CA TYR A 396 26.65 -21.15 5.97
C TYR A 396 27.16 -21.16 4.53
N ALA A 397 28.41 -21.60 4.33
CA ALA A 397 28.99 -21.80 2.99
C ALA A 397 28.56 -23.11 2.36
N ASP A 398 27.62 -23.08 1.43
CA ASP A 398 27.07 -24.28 0.82
C ASP A 398 27.71 -24.43 -0.56
N SER A 399 28.11 -25.64 -0.92
CA SER A 399 28.83 -25.83 -2.17
C SER A 399 28.37 -27.08 -2.91
N PHE A 400 28.26 -26.94 -4.24
CA PHE A 400 27.82 -28.02 -5.13
C PHE A 400 28.13 -27.67 -6.59
N VAL A 401 28.03 -28.68 -7.45
CA VAL A 401 28.17 -28.57 -8.90
C VAL A 401 26.81 -28.74 -9.56
N ILE A 402 26.43 -27.79 -10.44
CA ILE A 402 25.21 -27.92 -11.23
C ILE A 402 25.50 -27.60 -12.69
N ARG A 403 24.50 -27.87 -13.53
CA ARG A 403 24.52 -27.54 -14.94
C ARG A 403 24.26 -26.04 -15.12
N GLY A 404 24.88 -25.46 -16.15
CA GLY A 404 24.81 -24.02 -16.38
C GLY A 404 23.41 -23.45 -16.51
N ASP A 405 22.50 -24.18 -17.18
CA ASP A 405 21.13 -23.72 -17.32
C ASP A 405 20.40 -23.69 -15.99
N GLU A 406 20.91 -24.41 -15.00
CA GLU A 406 20.26 -24.55 -13.71
C GLU A 406 20.79 -23.51 -12.74
N VAL A 407 21.78 -22.70 -13.16
CA VAL A 407 22.37 -21.68 -12.28
C VAL A 407 21.30 -20.67 -11.85
N ARG A 408 20.39 -20.34 -12.75
CA ARG A 408 19.26 -19.46 -12.44
C ARG A 408 18.34 -20.03 -11.36
N GLN A 409 18.30 -21.35 -11.19
CA GLN A 409 17.42 -21.93 -10.18
C GLN A 409 17.91 -21.70 -8.76
N ILE A 410 19.19 -21.34 -8.56
CA ILE A 410 19.71 -21.13 -7.21
C ILE A 410 19.33 -19.74 -6.74
N ALA A 411 18.03 -19.50 -6.56
CA ALA A 411 17.54 -18.18 -6.17
C ALA A 411 16.26 -18.38 -5.37
N PRO A 412 15.86 -17.41 -4.56
CA PRO A 412 14.55 -17.51 -3.89
C PRO A 412 13.41 -17.50 -4.89
N GLY A 413 12.37 -18.29 -4.60
CA GLY A 413 11.19 -18.25 -5.44
C GLY A 413 11.29 -18.96 -6.77
N GLN A 414 12.20 -19.91 -6.92
CA GLN A 414 12.40 -20.59 -8.19
C GLN A 414 11.78 -21.99 -8.14
N THR A 415 11.48 -22.51 -9.33
CA THR A 415 10.94 -23.84 -9.51
C THR A 415 11.77 -24.60 -10.54
N GLY A 416 11.67 -25.92 -10.47
CA GLY A 416 12.40 -26.80 -11.36
C GLY A 416 12.83 -28.06 -10.65
N LYS A 417 13.97 -28.62 -11.01
CA LYS A 417 14.44 -29.88 -10.47
C LYS A 417 15.46 -29.69 -9.35
N ILE A 418 16.37 -28.77 -9.56
CA ILE A 418 17.35 -28.38 -8.54
C ILE A 418 16.71 -27.59 -7.41
N ALA A 419 15.83 -26.65 -7.72
CA ALA A 419 15.11 -25.97 -6.65
C ALA A 419 14.13 -26.89 -5.92
N ASP A 420 13.17 -27.48 -6.63
CA ASP A 420 12.19 -28.28 -5.90
C ASP A 420 12.70 -29.61 -5.36
N TYR A 421 13.90 -30.07 -5.73
CA TYR A 421 14.36 -31.42 -5.36
C TYR A 421 15.82 -31.50 -4.95
N ASN A 422 16.68 -30.52 -5.23
CA ASN A 422 18.07 -30.65 -4.81
C ASN A 422 18.51 -29.57 -3.82
N TYR A 423 18.38 -28.27 -4.15
CA TYR A 423 18.83 -27.21 -3.26
C TYR A 423 17.81 -26.06 -3.20
N LYS A 424 16.78 -26.21 -2.37
CA LYS A 424 15.76 -25.19 -2.22
C LYS A 424 16.23 -24.06 -1.31
N LEU A 425 16.09 -22.81 -1.78
CA LEU A 425 16.37 -21.63 -0.96
C LEU A 425 15.08 -21.00 -0.44
N PRO A 426 15.10 -20.52 0.80
CA PRO A 426 13.92 -19.83 1.36
C PRO A 426 13.71 -18.47 0.72
N ASP A 427 12.48 -18.00 0.80
CA ASP A 427 12.13 -16.73 0.15
C ASP A 427 12.69 -15.51 0.89
N ASP A 428 12.99 -15.65 2.18
CA ASP A 428 13.58 -14.58 2.97
C ASP A 428 15.09 -14.76 3.11
N PHE A 429 15.70 -15.45 2.15
CA PHE A 429 17.11 -15.76 2.14
C PHE A 429 17.97 -14.49 2.14
N THR A 430 18.97 -14.47 3.01
CA THR A 430 19.97 -13.42 3.04
C THR A 430 21.30 -14.08 2.75
N GLY A 431 21.97 -13.63 1.70
CA GLY A 431 23.19 -14.29 1.30
C GLY A 431 23.51 -13.98 -0.14
N CYS A 432 24.56 -14.63 -0.62
CA CYS A 432 25.05 -14.44 -1.98
C CYS A 432 25.25 -15.78 -2.67
N VAL A 433 24.81 -15.85 -3.93
CA VAL A 433 24.95 -17.03 -4.77
C VAL A 433 26.07 -16.76 -5.78
N ILE A 434 27.27 -17.16 -5.40
CA ILE A 434 28.47 -17.04 -6.23
C ILE A 434 28.63 -18.32 -7.06
N ALA A 435 28.86 -18.17 -8.36
CA ALA A 435 28.94 -19.34 -9.23
C ALA A 435 29.94 -19.04 -10.33
N TRP A 436 30.60 -20.10 -10.80
CA TRP A 436 31.56 -19.95 -11.89
C TRP A 436 31.62 -21.20 -12.76
N ASN A 437 31.96 -21.00 -14.02
CA ASN A 437 32.14 -22.10 -14.96
C ASN A 437 33.38 -22.88 -14.57
N SER A 438 33.22 -24.20 -14.44
CA SER A 438 34.31 -25.09 -14.04
C SER A 438 34.57 -26.19 -15.04
N ASN A 439 34.33 -25.92 -16.33
CA ASN A 439 34.51 -26.92 -17.40
C ASN A 439 35.94 -27.46 -17.43
N ASN A 440 36.92 -26.60 -17.15
CA ASN A 440 38.31 -27.02 -17.15
C ASN A 440 38.66 -27.89 -15.93
N LEU A 441 37.78 -27.98 -14.93
CA LEU A 441 38.05 -28.82 -13.77
C LEU A 441 37.15 -30.04 -13.67
N ASP A 442 35.90 -29.93 -14.09
CA ASP A 442 34.90 -30.96 -13.83
C ASP A 442 34.57 -31.81 -15.06
N SER A 443 35.04 -31.44 -16.24
CA SER A 443 34.72 -32.19 -17.45
C SER A 443 35.76 -33.26 -17.76
N LYS A 444 35.28 -34.36 -18.33
CA LYS A 444 36.08 -35.47 -18.82
C LYS A 444 35.59 -35.79 -20.21
N VAL A 445 36.44 -36.46 -21.01
CA VAL A 445 36.12 -36.72 -22.41
C VAL A 445 34.89 -37.62 -22.54
N GLY A 446 34.82 -38.68 -21.74
CA GLY A 446 33.71 -39.59 -21.91
C GLY A 446 32.49 -39.15 -21.13
N GLY A 447 32.68 -38.12 -20.31
CA GLY A 447 31.68 -37.58 -19.42
C GLY A 447 32.10 -37.89 -18.01
N ASN A 448 32.07 -36.89 -17.13
CA ASN A 448 32.32 -37.08 -15.72
C ASN A 448 30.98 -37.43 -15.07
N TYR A 449 30.82 -38.66 -14.61
CA TYR A 449 29.56 -39.14 -14.08
C TYR A 449 29.53 -39.17 -12.56
N ASN A 450 30.48 -38.51 -11.92
CA ASN A 450 30.54 -38.43 -10.46
C ASN A 450 29.54 -37.44 -9.89
N TYR A 451 29.35 -36.30 -10.55
CA TYR A 451 28.32 -35.35 -10.14
C TYR A 451 26.93 -35.84 -10.53
N ARG A 452 26.05 -35.89 -9.54
CA ARG A 452 24.69 -36.38 -9.66
C ARG A 452 23.70 -35.34 -9.15
N TYR A 453 22.44 -35.52 -9.50
CA TYR A 453 21.36 -34.68 -9.02
C TYR A 453 20.13 -35.55 -8.81
N ARG A 454 19.28 -35.16 -7.87
CA ARG A 454 18.00 -35.83 -7.69
C ARG A 454 17.00 -35.35 -8.72
N LEU A 455 16.44 -36.30 -9.47
CA LEU A 455 15.46 -36.01 -10.48
C LEU A 455 14.01 -36.20 -10.01
N PHE A 456 13.77 -37.12 -9.07
CA PHE A 456 12.42 -37.44 -8.62
C PHE A 456 12.32 -37.34 -7.10
N ARG A 457 11.11 -37.07 -6.61
CA ARG A 457 10.81 -37.02 -5.18
C ARG A 457 9.30 -36.83 -5.03
N LYS A 458 8.77 -37.43 -3.94
CA LYS A 458 7.34 -37.36 -3.64
C LYS A 458 6.84 -35.95 -3.40
N SER A 459 7.66 -35.11 -2.77
CA SER A 459 7.26 -33.74 -2.49
C SER A 459 8.48 -32.83 -2.60
N ASN A 460 8.22 -31.53 -2.64
CA ASN A 460 9.33 -30.59 -2.71
C ASN A 460 10.11 -30.50 -1.41
N LEU A 461 11.42 -30.28 -1.56
CA LEU A 461 12.35 -30.07 -0.47
C LEU A 461 12.14 -28.74 0.24
N LYS A 462 11.85 -28.79 1.55
CA LYS A 462 11.77 -27.58 2.36
C LYS A 462 13.14 -26.87 2.31
N PRO A 463 13.22 -25.56 2.60
CA PRO A 463 14.52 -24.86 2.57
C PRO A 463 15.62 -25.48 3.44
N PHE A 464 16.79 -25.66 2.81
CA PHE A 464 18.03 -26.21 3.39
C PHE A 464 17.89 -27.67 3.84
N GLU A 465 16.91 -28.39 3.29
CA GLU A 465 16.70 -29.80 3.58
C GLU A 465 17.51 -30.70 2.63
N ARG A 466 18.56 -31.32 3.15
CA ARG A 466 19.32 -32.27 2.34
C ARG A 466 18.57 -33.61 2.28
N ASP A 467 18.66 -34.26 1.12
CA ASP A 467 18.02 -35.56 0.90
C ASP A 467 19.07 -36.37 0.14
N ILE A 468 19.57 -37.42 0.78
CA ILE A 468 20.60 -38.29 0.22
C ILE A 468 20.11 -39.72 0.06
N SER A 469 18.81 -39.95 0.06
CA SER A 469 18.32 -41.31 -0.12
C SER A 469 18.36 -41.72 -1.60
N THR A 470 18.22 -43.03 -1.82
CA THR A 470 18.14 -43.61 -3.15
C THR A 470 16.91 -44.53 -3.26
N GLU A 471 15.83 -44.15 -2.59
CA GLU A 471 14.63 -44.96 -2.60
C GLU A 471 13.94 -44.81 -3.95
N ILE A 472 13.48 -45.94 -4.51
CA ILE A 472 12.84 -45.96 -5.81
C ILE A 472 11.58 -45.10 -5.78
N TYR A 473 11.42 -44.26 -6.79
CA TYR A 473 10.29 -43.32 -6.86
C TYR A 473 9.11 -44.01 -7.53
N GLN A 474 7.95 -43.93 -6.87
CA GLN A 474 6.73 -44.54 -7.40
C GLN A 474 5.97 -43.49 -8.18
N ALA A 475 5.91 -43.65 -9.50
CA ALA A 475 5.24 -42.68 -10.35
C ALA A 475 3.75 -42.95 -10.48
N GLY A 476 3.35 -44.22 -10.35
CA GLY A 476 1.96 -44.58 -10.54
C GLY A 476 1.28 -44.94 -9.23
N SER A 477 0.24 -45.76 -9.32
CA SER A 477 -0.54 -46.18 -8.16
C SER A 477 -0.09 -47.52 -7.61
N THR A 478 0.78 -48.22 -8.33
CA THR A 478 1.26 -49.56 -8.01
C THR A 478 2.55 -49.47 -7.19
N PRO A 479 2.59 -50.11 -6.02
CA PRO A 479 3.83 -50.14 -5.20
C PRO A 479 5.01 -50.73 -5.96
N CYS A 480 6.18 -50.15 -5.76
CA CYS A 480 7.37 -50.59 -6.49
C CYS A 480 8.11 -51.72 -5.81
N ASN A 481 8.08 -51.76 -4.46
CA ASN A 481 8.76 -52.77 -3.64
C ASN A 481 10.26 -52.85 -3.94
N GLY A 482 10.88 -51.72 -4.23
CA GLY A 482 12.31 -51.72 -4.43
C GLY A 482 12.82 -52.17 -5.78
N VAL A 483 11.95 -52.40 -6.77
CA VAL A 483 12.36 -52.94 -8.05
C VAL A 483 12.14 -51.90 -9.14
N GLU A 484 13.23 -51.60 -9.86
CA GLU A 484 13.24 -50.70 -11.01
C GLU A 484 12.47 -51.26 -12.21
N GLY A 485 11.53 -50.49 -12.73
CA GLY A 485 10.65 -50.99 -13.77
C GLY A 485 9.65 -49.94 -14.17
N PHE A 486 8.52 -50.38 -14.73
CA PHE A 486 7.51 -49.44 -15.22
C PHE A 486 6.90 -48.67 -14.06
N ASN A 487 6.92 -47.33 -14.17
CA ASN A 487 6.43 -46.38 -13.16
C ASN A 487 7.22 -46.46 -11.86
N CYS A 488 8.41 -47.05 -11.89
CA CYS A 488 9.28 -47.16 -10.73
C CYS A 488 10.66 -46.73 -11.18
N TYR A 489 11.10 -45.55 -10.75
CA TYR A 489 12.29 -44.94 -11.32
C TYR A 489 13.38 -44.83 -10.25
N PHE A 490 14.62 -44.69 -10.72
CA PHE A 490 15.73 -44.37 -9.84
C PHE A 490 15.86 -42.87 -9.69
N PRO A 491 15.74 -42.33 -8.46
CA PRO A 491 15.57 -40.88 -8.27
C PRO A 491 16.75 -40.02 -8.70
N LEU A 492 17.95 -40.57 -8.76
CA LEU A 492 19.13 -39.77 -9.06
C LEU A 492 19.60 -40.02 -10.49
N GLN A 493 20.21 -38.99 -11.07
CA GLN A 493 20.68 -39.00 -12.44
C GLN A 493 21.98 -38.22 -12.50
N SER A 494 22.87 -38.61 -13.41
CA SER A 494 24.13 -37.92 -13.54
C SER A 494 24.15 -36.92 -14.70
N TYR A 495 24.98 -35.90 -14.55
CA TYR A 495 25.26 -34.94 -15.61
C TYR A 495 26.46 -35.43 -16.40
N GLY A 496 26.32 -35.59 -17.71
CA GLY A 496 27.43 -36.12 -18.47
C GLY A 496 28.28 -34.95 -18.94
N PHE A 497 29.19 -34.49 -18.07
CA PHE A 497 29.96 -33.29 -18.36
C PHE A 497 31.10 -33.58 -19.32
N GLN A 498 31.03 -33.00 -20.52
CA GLN A 498 31.98 -33.23 -21.60
C GLN A 498 32.53 -31.89 -22.04
N PRO A 499 33.82 -31.82 -22.43
CA PRO A 499 34.40 -30.53 -22.84
C PRO A 499 33.80 -29.95 -24.12
N THR A 500 33.09 -30.74 -24.90
CA THR A 500 32.52 -30.28 -26.17
C THR A 500 31.09 -29.82 -26.02
N ASN A 501 30.54 -29.88 -24.81
CA ASN A 501 29.16 -29.49 -24.54
C ASN A 501 29.02 -27.98 -24.69
N GLY A 502 27.79 -27.55 -24.96
CA GLY A 502 27.51 -26.13 -25.00
C GLY A 502 27.56 -25.53 -23.60
N VAL A 503 27.58 -24.18 -23.58
CA VAL A 503 27.81 -23.42 -22.34
C VAL A 503 26.74 -23.74 -21.30
N GLY A 504 25.49 -23.87 -21.74
CA GLY A 504 24.39 -24.20 -20.83
C GLY A 504 24.48 -25.59 -20.23
N TYR A 505 25.29 -26.46 -20.82
CA TYR A 505 25.52 -27.82 -20.34
C TYR A 505 26.90 -28.01 -19.75
N GLN A 506 27.70 -26.96 -19.63
CA GLN A 506 28.98 -27.10 -18.97
C GLN A 506 28.81 -27.05 -17.45
N PRO A 507 29.72 -27.65 -16.69
CA PRO A 507 29.58 -27.62 -15.24
C PRO A 507 29.90 -26.27 -14.64
N TYR A 508 29.09 -25.88 -13.66
CA TYR A 508 29.34 -24.66 -12.91
C TYR A 508 29.40 -25.04 -11.44
N ARG A 509 30.42 -24.56 -10.76
CA ARG A 509 30.55 -24.74 -9.33
C ARG A 509 29.88 -23.56 -8.64
N VAL A 510 29.03 -23.87 -7.66
CA VAL A 510 28.21 -22.88 -7.00
C VAL A 510 28.53 -22.93 -5.52
N VAL A 511 28.79 -21.75 -4.95
CA VAL A 511 28.97 -21.55 -3.53
C VAL A 511 27.93 -20.52 -3.12
N VAL A 512 27.10 -20.89 -2.17
CA VAL A 512 26.02 -20.05 -1.66
C VAL A 512 26.45 -19.69 -0.25
N LEU A 513 26.15 -18.47 0.16
CA LEU A 513 26.58 -18.01 1.47
C LEU A 513 25.34 -17.46 2.13
N SER A 514 24.89 -18.17 3.17
CA SER A 514 23.72 -17.80 3.92
C SER A 514 24.14 -17.05 5.17
N PHE A 515 23.60 -15.86 5.35
CA PHE A 515 23.97 -14.97 6.44
C PHE A 515 22.82 -15.00 7.44
N GLU A 516 23.05 -15.54 8.63
CA GLU A 516 21.97 -15.65 9.60
C GLU A 516 21.93 -14.41 10.47
N LEU A 517 20.74 -13.82 10.61
CA LEU A 517 20.56 -12.62 11.43
C LEU A 517 19.49 -12.87 12.48
N LEU A 518 19.90 -13.27 13.67
CA LEU A 518 19.00 -13.42 14.81
C LEU A 518 19.60 -12.64 15.96
N HIS A 519 18.78 -12.34 16.96
CA HIS A 519 19.22 -11.50 18.08
C HIS A 519 20.13 -12.32 19.00
N ALA A 520 21.39 -12.42 18.59
CA ALA A 520 22.39 -13.21 19.28
C ALA A 520 23.74 -12.57 19.00
N PRO A 521 24.80 -12.95 19.73
CA PRO A 521 26.13 -12.35 19.45
C PRO A 521 26.60 -12.63 18.03
N ALA A 522 27.11 -11.58 17.37
CA ALA A 522 27.67 -11.79 16.04
C ALA A 522 29.10 -12.32 16.15
N THR A 523 29.44 -13.26 15.27
CA THR A 523 30.75 -13.89 15.27
C THR A 523 31.51 -13.71 13.98
N VAL A 524 30.85 -13.32 12.89
CA VAL A 524 31.47 -13.11 11.60
C VAL A 524 31.30 -11.65 11.22
N CYS A 525 32.41 -10.94 11.10
CA CYS A 525 32.40 -9.51 10.82
C CYS A 525 33.36 -9.18 9.69
N GLY A 526 33.04 -8.12 8.94
CA GLY A 526 33.90 -7.66 7.89
C GLY A 526 35.20 -7.04 8.38
N PRO A 527 36.14 -6.77 7.46
CA PRO A 527 37.46 -6.26 7.87
C PRO A 527 37.46 -4.76 8.17
N LYS A 528 36.68 -4.36 9.17
CA LYS A 528 36.63 -2.97 9.58
C LYS A 528 37.61 -2.70 10.71
N LYS A 529 38.16 -1.49 10.71
CA LYS A 529 39.03 -1.08 11.80
C LYS A 529 38.18 -0.47 12.90
N SER A 530 38.54 -0.74 14.15
CA SER A 530 37.85 -0.15 15.27
C SER A 530 38.48 1.18 15.66
N THR A 531 37.67 2.04 16.25
CA THR A 531 38.12 3.35 16.72
C THR A 531 38.03 3.39 18.24
N ASN A 532 38.57 4.47 18.81
CA ASN A 532 38.48 4.65 20.26
C ASN A 532 37.04 4.97 20.65
N LEU A 533 36.64 4.49 21.82
CA LEU A 533 35.30 4.78 22.31
C LEU A 533 35.23 6.21 22.84
N VAL A 534 34.21 6.95 22.40
CA VAL A 534 34.00 8.33 22.82
C VAL A 534 32.68 8.40 23.57
N LYS A 535 32.71 8.94 24.77
CA LYS A 535 31.52 9.04 25.61
C LYS A 535 31.13 10.50 25.83
N ASN A 536 29.84 10.68 26.16
CA ASN A 536 29.23 11.97 26.50
C ASN A 536 29.24 12.95 25.33
N LYS A 537 29.18 12.43 24.10
CA LYS A 537 29.10 13.28 22.91
C LYS A 537 28.17 12.62 21.91
N CYS A 538 27.55 13.43 21.05
CA CYS A 538 26.72 12.91 19.98
C CYS A 538 27.61 12.35 18.88
N VAL A 539 27.48 11.04 18.61
CA VAL A 539 28.29 10.35 17.62
C VAL A 539 27.42 9.40 16.81
N ASN A 540 27.92 9.03 15.63
CA ASN A 540 27.34 7.95 14.85
C ASN A 540 28.09 6.68 15.25
N PHE A 541 27.39 5.69 15.78
CA PHE A 541 28.07 4.51 16.27
C PHE A 541 27.67 3.26 15.48
N ASN A 542 28.60 2.30 15.50
CA ASN A 542 28.40 0.97 14.93
C ASN A 542 29.02 -0.01 15.92
N PHE A 543 28.17 -0.68 16.69
CA PHE A 543 28.56 -1.67 17.69
C PHE A 543 28.18 -3.06 17.18
N ASN A 544 29.18 -3.77 16.62
CA ASN A 544 29.06 -5.15 16.13
C ASN A 544 27.91 -5.31 15.13
N GLY A 545 27.76 -4.33 14.26
CA GLY A 545 26.75 -4.33 13.24
C GLY A 545 25.53 -3.49 13.57
N LEU A 546 25.36 -3.13 14.84
CA LEU A 546 24.24 -2.29 15.27
C LEU A 546 24.62 -0.83 15.03
N THR A 547 23.84 -0.13 14.23
CA THR A 547 24.20 1.23 13.86
C THR A 547 23.14 2.23 14.27
N GLY A 548 23.58 3.44 14.56
CA GLY A 548 22.67 4.50 14.95
C GLY A 548 23.42 5.73 15.38
N THR A 549 22.65 6.73 15.79
CA THR A 549 23.20 8.00 16.23
C THR A 549 22.77 8.27 17.66
N GLY A 550 23.70 8.67 18.51
CA GLY A 550 23.35 8.95 19.89
C GLY A 550 24.54 9.33 20.74
N VAL A 551 24.27 9.44 22.03
CA VAL A 551 25.24 9.82 23.05
C VAL A 551 25.48 8.60 23.93
N LEU A 552 26.74 8.22 24.06
CA LEU A 552 27.14 7.04 24.82
C LEU A 552 27.57 7.46 26.21
N THR A 553 26.97 6.86 27.24
CA THR A 553 27.31 7.17 28.62
C THR A 553 27.57 5.88 29.36
N GLU A 554 28.25 5.96 30.50
CA GLU A 554 28.45 4.77 31.31
C GLU A 554 27.12 4.36 31.92
N SER A 555 26.85 3.07 31.88
CA SER A 555 25.56 2.57 32.36
C SER A 555 25.66 2.00 33.77
N ASN A 556 24.54 2.05 34.48
CA ASN A 556 24.40 1.45 35.80
C ASN A 556 23.48 0.24 35.75
N LYS A 557 23.21 -0.27 34.55
CA LYS A 557 22.37 -1.45 34.37
C LYS A 557 23.16 -2.71 34.68
N LYS A 558 22.50 -3.66 35.34
CA LYS A 558 23.13 -4.92 35.70
C LYS A 558 22.83 -5.94 34.61
N PHE A 559 23.64 -5.89 33.54
CA PHE A 559 23.47 -6.86 32.47
C PHE A 559 23.92 -8.24 32.92
N LEU A 560 23.18 -9.26 32.49
CA LEU A 560 23.57 -10.63 32.74
C LEU A 560 24.72 -10.98 31.78
N PRO A 561 25.54 -11.99 32.12
CA PRO A 561 26.71 -12.31 31.28
C PRO A 561 26.44 -12.62 29.81
N PHE A 562 25.22 -13.02 29.45
CA PHE A 562 24.88 -13.38 28.08
C PHE A 562 24.24 -12.24 27.29
N GLN A 563 23.88 -11.14 27.95
CA GLN A 563 23.16 -10.07 27.27
C GLN A 563 24.13 -9.14 26.55
N GLN A 564 23.83 -8.84 25.29
CA GLN A 564 24.73 -8.06 24.45
C GLN A 564 24.27 -6.63 24.27
N PHE A 565 22.98 -6.36 24.44
CA PHE A 565 22.43 -5.01 24.29
C PHE A 565 21.14 -4.97 25.09
N GLY A 566 20.62 -3.76 25.28
CA GLY A 566 19.38 -3.60 26.00
C GLY A 566 18.35 -2.80 25.22
N ARG A 567 17.11 -2.91 25.69
CA ARG A 567 16.01 -2.17 25.13
C ARG A 567 15.16 -1.52 26.21
N ASP A 568 14.51 -0.43 25.83
CA ASP A 568 13.66 0.38 26.67
C ASP A 568 12.25 -0.18 26.67
N ILE A 569 11.34 0.53 27.37
CA ILE A 569 9.92 0.19 27.45
C ILE A 569 9.33 0.18 26.05
N ALA A 570 9.82 1.07 25.19
CA ALA A 570 9.45 1.30 23.80
C ALA A 570 9.93 0.22 22.85
N ASP A 571 10.73 -0.74 23.34
CA ASP A 571 11.31 -1.85 22.58
C ASP A 571 12.29 -1.33 21.52
N THR A 572 13.00 -0.25 21.85
CA THR A 572 14.05 0.30 21.01
C THR A 572 15.35 0.18 21.78
N THR A 573 16.46 0.09 21.04
CA THR A 573 17.76 -0.13 21.68
C THR A 573 18.15 1.08 22.54
N ASP A 574 18.53 0.81 23.79
CA ASP A 574 18.97 1.86 24.70
C ASP A 574 20.25 1.58 25.46
N ALA A 575 20.90 0.44 25.21
CA ALA A 575 22.13 0.10 25.88
C ALA A 575 22.83 -0.94 25.04
N VAL A 576 24.15 -0.93 25.09
CA VAL A 576 24.94 -1.89 24.33
C VAL A 576 26.17 -2.31 25.12
N ARG A 577 26.56 -3.57 24.98
CA ARG A 577 27.81 -4.07 25.55
C ARG A 577 28.88 -3.92 24.48
N ASP A 578 29.97 -3.24 24.83
CA ASP A 578 31.06 -3.02 23.88
C ASP A 578 31.70 -4.36 23.51
N PRO A 579 31.96 -4.61 22.22
CA PRO A 579 32.53 -5.90 21.81
C PRO A 579 33.98 -6.15 22.21
N GLN A 580 34.74 -5.15 22.64
CA GLN A 580 36.12 -5.40 23.01
C GLN A 580 36.34 -5.42 24.52
N THR A 581 35.74 -4.49 25.25
CA THR A 581 35.78 -4.47 26.70
C THR A 581 34.34 -4.65 27.17
N LEU A 582 34.11 -5.52 28.15
CA LEU A 582 32.71 -5.84 28.48
C LEU A 582 32.10 -4.80 29.40
N GLU A 583 32.03 -3.58 28.88
CA GLU A 583 31.49 -2.41 29.55
C GLU A 583 30.06 -2.25 29.06
N ILE A 584 29.16 -1.86 29.95
CA ILE A 584 27.78 -1.61 29.54
C ILE A 584 27.62 -0.12 29.33
N LEU A 585 27.18 0.28 28.15
CA LEU A 585 26.96 1.67 27.81
C LEU A 585 25.48 1.95 27.62
N ASP A 586 25.05 3.12 28.05
CA ASP A 586 23.70 3.59 27.77
C ASP A 586 23.76 4.45 26.52
N ILE A 587 22.74 4.31 25.69
CA ILE A 587 22.63 5.09 24.47
C ILE A 587 21.42 6.00 24.64
N THR A 588 21.66 7.30 24.55
CA THR A 588 20.55 8.23 24.56
C THR A 588 20.52 8.91 23.21
N PRO A 589 19.36 9.35 22.72
CA PRO A 589 19.35 10.08 21.46
C PRO A 589 20.05 11.42 21.60
N CYS A 590 20.54 11.92 20.47
CA CYS A 590 21.13 13.24 20.46
C CYS A 590 20.00 14.25 20.67
N SER A 591 20.32 15.35 21.35
CA SER A 591 19.31 16.32 21.76
C SER A 591 18.51 16.81 20.56
N PHE A 592 17.19 16.86 20.74
CA PHE A 592 16.29 17.34 19.72
C PHE A 592 15.07 17.94 20.37
N GLY A 593 14.33 18.70 19.59
CA GLY A 593 13.10 19.28 20.09
C GLY A 593 12.50 20.19 19.05
N GLY A 594 11.27 20.60 19.29
CA GLY A 594 10.61 21.49 18.35
C GLY A 594 11.22 22.87 18.43
N VAL A 595 11.13 23.61 17.32
CA VAL A 595 11.59 24.99 17.28
C VAL A 595 10.39 25.84 16.96
N SER A 596 10.05 26.73 17.88
CA SER A 596 8.94 27.64 17.75
C SER A 596 9.45 29.07 17.68
N VAL A 597 8.86 29.87 16.80
CA VAL A 597 9.27 31.26 16.66
C VAL A 597 8.20 32.14 17.25
N ILE A 598 8.61 32.99 18.20
CA ILE A 598 7.72 33.91 18.88
C ILE A 598 7.89 35.24 18.19
N THR A 599 6.79 35.80 17.70
CA THR A 599 6.95 37.03 17.00
C THR A 599 5.76 37.99 17.08
N PRO A 600 6.02 39.29 17.17
CA PRO A 600 4.95 40.26 16.94
C PRO A 600 4.74 40.27 15.44
N GLY A 601 3.59 40.78 15.00
CA GLY A 601 3.30 40.76 13.59
C GLY A 601 4.27 41.59 12.77
N THR A 602 4.31 41.30 11.47
CA THR A 602 5.18 42.04 10.57
C THR A 602 4.74 43.48 10.37
N ASN A 603 3.53 43.83 10.80
CA ASN A 603 3.07 45.20 10.78
C ASN A 603 3.77 46.04 11.84
N THR A 604 4.33 45.41 12.86
CA THR A 604 4.98 46.11 13.97
C THR A 604 6.50 45.96 13.98
N SER A 605 7.02 44.75 13.84
CA SER A 605 8.46 44.53 13.96
C SER A 605 8.86 43.23 13.30
N ASN A 606 10.12 43.17 12.85
CA ASN A 606 10.71 41.96 12.31
C ASN A 606 11.59 41.24 13.31
N GLN A 607 11.56 41.65 14.58
CA GLN A 607 12.32 41.00 15.64
C GLN A 607 11.58 39.75 16.11
N VAL A 608 12.33 38.68 16.35
CA VAL A 608 11.74 37.42 16.78
C VAL A 608 12.54 36.85 17.95
N ALA A 609 11.89 35.91 18.66
CA ALA A 609 12.48 35.12 19.72
C ALA A 609 12.27 33.65 19.38
N VAL A 610 13.17 32.77 19.80
CA VAL A 610 13.07 31.37 19.43
C VAL A 610 13.00 30.51 20.68
N LEU A 611 12.02 29.61 20.72
CA LEU A 611 11.86 28.66 21.81
C LEU A 611 12.31 27.29 21.32
N TYR A 612 13.29 26.71 22.00
CA TYR A 612 13.71 25.34 21.74
C TYR A 612 12.96 24.51 22.75
N GLN A 613 11.95 23.77 22.30
CA GLN A 613 11.01 23.12 23.18
C GLN A 613 11.63 21.89 23.83
N GLY A 614 11.59 21.86 25.16
CA GLY A 614 12.14 20.77 25.96
C GLY A 614 13.61 20.52 25.71
N VAL A 615 14.40 21.59 25.56
CA VAL A 615 15.82 21.51 25.31
C VAL A 615 16.51 22.39 26.34
N ASN A 616 17.68 21.95 26.80
CA ASN A 616 18.49 22.73 27.73
C ASN A 616 19.26 23.82 26.97
N CYS A 617 19.53 24.93 27.66
CA CYS A 617 20.26 26.05 27.06
C CYS A 617 21.74 25.78 26.88
N THR A 618 22.25 24.65 27.37
CA THR A 618 23.64 24.26 27.23
C THR A 618 23.86 23.40 26.00
N GLU A 619 22.78 22.96 25.35
CA GLU A 619 22.82 22.06 24.21
C GLU A 619 22.59 22.76 22.89
N VAL A 620 21.88 23.90 22.91
CA VAL A 620 21.52 24.59 21.65
C VAL A 620 22.72 25.02 20.83
N PRO A 621 23.80 25.63 21.38
CA PRO A 621 24.81 26.01 20.37
C PRO A 621 25.83 24.90 20.11
N ASN A 641 20.46 37.26 25.87
CA ASN A 641 19.09 36.99 26.28
C ASN A 641 18.74 35.52 26.13
N VAL A 642 19.35 34.68 26.96
CA VAL A 642 19.10 33.24 26.95
C VAL A 642 18.43 32.90 28.29
N PHE A 643 17.16 32.49 28.24
CA PHE A 643 16.36 32.22 29.43
C PHE A 643 15.86 30.78 29.43
N GLN A 644 16.25 30.01 30.45
CA GLN A 644 15.83 28.63 30.57
C GLN A 644 14.53 28.54 31.37
N THR A 645 13.49 27.96 30.76
CA THR A 645 12.23 27.76 31.43
C THR A 645 11.80 26.32 31.23
N ARG A 646 10.71 25.95 31.90
CA ARG A 646 10.19 24.58 31.84
C ARG A 646 9.79 24.20 30.42
N ALA A 647 9.32 25.18 29.64
CA ALA A 647 8.91 24.91 28.27
C ALA A 647 10.11 24.64 27.37
N GLY A 648 11.30 25.07 27.76
CA GLY A 648 12.46 24.95 26.90
C GLY A 648 13.39 26.14 27.05
N CYS A 649 14.32 26.25 26.12
CA CYS A 649 15.29 27.33 26.14
C CYS A 649 14.81 28.45 25.22
N LEU A 650 14.54 29.63 25.79
CA LEU A 650 14.02 30.76 25.04
C LEU A 650 15.16 31.75 24.78
N ILE A 651 15.47 32.00 23.52
CA ILE A 651 16.59 32.86 23.13
C ILE A 651 16.04 34.05 22.36
N GLY A 652 16.45 35.25 22.77
CA GLY A 652 16.03 36.48 22.13
C GLY A 652 15.02 37.29 22.90
N ALA A 653 14.42 36.74 23.95
CA ALA A 653 13.46 37.45 24.79
C ALA A 653 14.15 37.80 26.11
N GLU A 654 13.97 39.04 26.55
CA GLU A 654 14.54 39.47 27.82
C GLU A 654 13.60 39.11 28.96
N HIS A 655 14.12 38.36 29.94
CA HIS A 655 13.31 37.96 31.08
C HIS A 655 13.21 39.12 32.06
N VAL A 656 11.99 39.44 32.49
CA VAL A 656 11.77 40.52 33.44
C VAL A 656 11.03 39.98 34.66
N ASN A 657 11.13 40.72 35.77
CA ASN A 657 10.46 40.34 37.00
C ASN A 657 9.07 40.98 37.14
N ASN A 658 8.63 41.72 36.13
CA ASN A 658 7.33 42.38 36.13
C ASN A 658 6.32 41.50 35.42
N SER A 659 5.25 41.14 36.11
CA SER A 659 4.22 40.33 35.49
C SER A 659 3.24 41.23 34.73
N TYR A 660 2.65 40.65 33.68
CA TYR A 660 1.65 41.34 32.87
C TYR A 660 0.64 40.30 32.42
N GLU A 661 -0.41 40.75 31.74
CA GLU A 661 -1.35 39.82 31.14
C GLU A 661 -0.67 39.05 30.01
N CYS A 662 -1.11 37.82 29.80
CA CYS A 662 -0.53 36.99 28.75
C CYS A 662 -0.84 37.56 27.37
N ASP A 663 0.19 37.63 26.53
CA ASP A 663 0.02 38.10 25.15
C ASP A 663 0.29 36.92 24.22
N ILE A 664 1.54 36.56 24.04
CA ILE A 664 1.93 35.38 23.26
C ILE A 664 2.30 34.30 24.25
N PRO A 665 1.56 33.19 24.32
CA PRO A 665 1.88 32.14 25.30
C PRO A 665 3.15 31.39 24.96
N ILE A 666 3.97 31.14 25.97
CA ILE A 666 5.17 30.33 25.83
C ILE A 666 4.95 28.96 26.44
N GLY A 667 4.42 28.93 27.65
CA GLY A 667 4.15 27.69 28.34
C GLY A 667 4.64 27.75 29.76
N ALA A 668 4.07 26.90 30.64
CA ALA A 668 4.46 26.75 32.05
C ALA A 668 4.39 28.08 32.79
N GLY A 669 3.39 28.88 32.48
CA GLY A 669 3.19 30.12 33.17
C GLY A 669 3.90 31.29 32.54
N ILE A 670 4.71 31.03 31.51
CA ILE A 670 5.52 32.05 30.86
C ILE A 670 4.82 32.49 29.59
N CYS A 671 4.72 33.81 29.40
CA CYS A 671 4.16 34.45 28.22
C CYS A 671 5.18 35.47 27.72
N ALA A 672 5.06 35.83 26.45
CA ALA A 672 5.95 36.82 25.87
C ALA A 672 5.15 37.91 25.16
N SER A 673 5.77 39.10 25.08
CA SER A 673 5.12 40.22 24.42
C SER A 673 6.18 41.17 23.87
N TYR A 674 5.75 42.04 22.97
CA TYR A 674 6.61 43.05 22.38
C TYR A 674 6.32 44.40 23.04
N GLN A 675 7.30 44.94 23.76
CA GLN A 675 7.12 46.20 24.48
C GLN A 675 8.37 47.06 24.37
N GLN A 690 12.10 49.35 21.62
CA GLN A 690 11.25 48.25 22.07
C GLN A 690 11.89 46.90 21.76
N SER A 691 11.50 45.88 22.53
CA SER A 691 12.02 44.54 22.33
C SER A 691 11.00 43.52 22.82
N ILE A 692 11.29 42.25 22.54
CA ILE A 692 10.45 41.16 23.00
C ILE A 692 10.90 40.76 24.40
N ILE A 693 9.94 40.63 25.30
CA ILE A 693 10.22 40.25 26.67
C ILE A 693 9.41 39.00 27.01
N ALA A 694 9.88 38.29 28.03
CA ALA A 694 9.23 37.11 28.57
C ALA A 694 8.98 37.35 30.05
N TYR A 695 7.86 36.86 30.54
CA TYR A 695 7.49 37.10 31.93
C TYR A 695 6.54 36.00 32.39
N THR A 696 6.43 35.88 33.71
CA THR A 696 5.40 35.01 34.26
C THR A 696 4.11 35.79 34.15
N MET A 697 3.07 35.18 33.58
CA MET A 697 1.85 35.94 33.34
C MET A 697 1.10 36.23 34.63
N SER A 698 0.44 37.38 34.64
CA SER A 698 -0.43 37.75 35.75
C SER A 698 -1.79 37.13 35.54
N LEU A 699 -2.42 36.76 36.65
CA LEU A 699 -3.77 36.20 36.58
C LEU A 699 -4.83 37.25 36.84
N GLY A 700 -4.43 38.49 37.04
CA GLY A 700 -5.33 39.60 37.28
C GLY A 700 -4.88 40.42 38.47
N ALA A 701 -5.49 41.58 38.60
CA ALA A 701 -5.17 42.45 39.73
C ALA A 701 -5.70 41.83 41.01
N GLU A 702 -5.01 42.08 42.11
CA GLU A 702 -5.52 41.59 43.39
C GLU A 702 -6.57 42.54 43.91
N ASN A 703 -7.59 41.97 44.56
CA ASN A 703 -8.63 42.79 45.18
C ASN A 703 -9.06 42.06 46.46
N SER A 704 -8.61 42.55 47.61
CA SER A 704 -9.06 41.99 48.87
C SER A 704 -10.44 42.59 49.16
N VAL A 705 -11.44 41.74 49.33
CA VAL A 705 -12.78 42.23 49.61
C VAL A 705 -12.88 42.50 51.11
N ALA A 706 -13.48 43.65 51.45
CA ALA A 706 -13.56 44.10 52.84
C ALA A 706 -14.71 43.38 53.56
N TYR A 707 -14.51 42.09 53.79
CA TYR A 707 -15.52 41.28 54.44
C TYR A 707 -15.55 41.52 55.94
N SER A 708 -16.77 41.61 56.48
CA SER A 708 -17.00 41.67 57.91
C SER A 708 -18.39 41.09 58.14
N ASN A 709 -18.70 40.80 59.39
CA ASN A 709 -19.98 40.18 59.72
C ASN A 709 -21.16 41.16 59.66
N ASN A 710 -20.92 42.47 59.56
CA ASN A 710 -22.06 43.39 59.57
C ASN A 710 -21.95 44.51 58.51
N SER A 711 -21.27 44.26 57.39
CA SER A 711 -21.13 45.26 56.35
C SER A 711 -21.55 44.69 55.01
N ILE A 712 -22.42 45.41 54.31
CA ILE A 712 -22.90 45.01 53.00
C ILE A 712 -22.68 46.16 52.02
N ALA A 713 -22.22 45.84 50.81
CA ALA A 713 -22.15 46.85 49.78
C ALA A 713 -23.40 46.74 48.92
N ILE A 714 -23.97 47.88 48.55
CA ILE A 714 -25.15 47.94 47.69
C ILE A 714 -24.97 49.01 46.62
N PRO A 715 -25.14 48.66 45.35
CA PRO A 715 -24.98 49.61 44.26
C PRO A 715 -25.96 50.77 44.34
N THR A 716 -25.47 51.96 44.06
CA THR A 716 -26.28 53.17 44.09
C THR A 716 -26.54 53.67 42.68
N ASN A 717 -25.92 53.04 41.70
CA ASN A 717 -26.02 53.42 40.30
C ASN A 717 -25.75 52.14 39.51
N PHE A 718 -25.92 52.22 38.21
CA PHE A 718 -25.68 51.08 37.35
C PHE A 718 -25.36 51.56 35.94
N THR A 719 -24.83 50.64 35.15
CA THR A 719 -24.57 50.89 33.75
C THR A 719 -25.24 49.80 32.93
N ILE A 720 -25.52 50.13 31.68
CA ILE A 720 -26.05 49.17 30.72
C ILE A 720 -24.91 48.78 29.81
N SER A 721 -24.60 47.49 29.75
CA SER A 721 -23.47 47.01 28.97
C SER A 721 -23.95 46.14 27.83
N VAL A 722 -23.30 46.28 26.68
CA VAL A 722 -23.58 45.42 25.54
C VAL A 722 -22.31 44.63 25.26
N THR A 723 -22.40 43.32 25.31
CA THR A 723 -21.28 42.41 25.09
C THR A 723 -21.50 41.70 23.76
N THR A 724 -20.44 41.56 22.97
CA THR A 724 -20.53 40.89 21.69
C THR A 724 -20.02 39.45 21.80
N GLU A 725 -20.88 38.50 21.45
CA GLU A 725 -20.50 37.08 21.40
C GLU A 725 -20.65 36.57 19.97
N ILE A 726 -19.60 35.98 19.43
CA ILE A 726 -19.58 35.55 18.03
C ILE A 726 -19.53 34.02 18.01
N LEU A 727 -20.48 33.39 17.33
CA LEU A 727 -20.49 31.94 17.25
C LEU A 727 -20.60 31.46 15.81
N PRO A 728 -19.77 30.49 15.41
CA PRO A 728 -19.97 29.80 14.13
C PRO A 728 -21.29 29.04 14.11
N VAL A 729 -21.96 29.08 12.96
CA VAL A 729 -23.21 28.37 12.76
C VAL A 729 -23.10 27.33 11.67
N SER A 730 -22.36 27.64 10.61
CA SER A 730 -22.31 26.75 9.46
C SER A 730 -20.90 26.74 8.91
N MET A 731 -20.69 25.80 8.01
CA MET A 731 -19.40 25.55 7.37
C MET A 731 -19.67 25.51 5.88
N THR A 732 -18.65 25.85 5.08
CA THR A 732 -18.78 25.80 3.63
C THR A 732 -19.14 24.38 3.20
N LYS A 733 -20.14 24.26 2.35
CA LYS A 733 -20.64 22.94 1.94
C LYS A 733 -19.85 22.45 0.75
N THR A 734 -18.72 21.82 1.02
CA THR A 734 -17.94 21.33 -0.09
C THR A 734 -18.48 19.99 -0.56
N SER A 735 -18.00 19.55 -1.71
CA SER A 735 -18.33 18.23 -2.22
C SER A 735 -17.21 17.84 -3.17
N VAL A 736 -16.91 16.56 -3.19
CA VAL A 736 -15.82 16.03 -4.01
C VAL A 736 -16.36 14.81 -4.73
N ASP A 737 -16.14 14.73 -6.04
CA ASP A 737 -16.46 13.53 -6.77
C ASP A 737 -15.22 12.64 -6.65
N CYS A 738 -15.38 11.51 -5.96
CA CYS A 738 -14.27 10.64 -5.63
C CYS A 738 -13.60 10.04 -6.87
N THR A 739 -14.40 9.64 -7.86
CA THR A 739 -13.82 9.14 -9.10
C THR A 739 -13.19 10.28 -9.90
N MET A 740 -13.77 11.48 -9.87
CA MET A 740 -13.18 12.59 -10.62
C MET A 740 -11.85 12.99 -10.00
N TYR A 741 -11.80 13.05 -8.67
CA TYR A 741 -10.60 13.46 -7.97
C TYR A 741 -9.48 12.45 -8.17
N ILE A 742 -9.79 11.17 -8.00
CA ILE A 742 -8.76 10.15 -8.08
C ILE A 742 -8.43 9.78 -9.53
N CYS A 743 -9.45 9.58 -10.36
CA CYS A 743 -9.25 9.03 -11.69
C CYS A 743 -9.86 9.90 -12.78
N GLY A 744 -9.57 11.20 -12.78
CA GLY A 744 -10.22 12.14 -13.70
C GLY A 744 -10.06 11.80 -15.18
N ASP A 745 -11.20 11.64 -15.87
CA ASP A 745 -11.30 11.40 -17.31
C ASP A 745 -10.50 10.17 -17.76
N SER A 746 -10.44 9.14 -16.93
CA SER A 746 -9.65 7.94 -17.23
C SER A 746 -10.46 6.69 -16.96
N THR A 747 -10.77 5.94 -18.04
CA THR A 747 -11.52 4.71 -17.90
C THR A 747 -10.68 3.64 -17.20
N GLU A 748 -9.39 3.57 -17.53
CA GLU A 748 -8.49 2.56 -16.97
C GLU A 748 -8.33 2.72 -15.47
N CYS A 749 -8.18 3.97 -15.01
CA CYS A 749 -8.04 4.23 -13.59
C CYS A 749 -9.34 3.91 -12.88
N SER A 750 -10.47 4.30 -13.47
CA SER A 750 -11.78 4.07 -12.87
C SER A 750 -12.04 2.58 -12.70
N ASN A 751 -11.65 1.78 -13.71
CA ASN A 751 -11.81 0.34 -13.63
C ASN A 751 -10.92 -0.23 -12.55
N LEU A 752 -9.68 0.27 -12.42
CA LEU A 752 -8.82 -0.18 -11.33
C LEU A 752 -9.44 0.21 -9.99
N LEU A 753 -10.06 1.40 -9.94
CA LEU A 753 -10.69 1.94 -8.73
C LEU A 753 -11.88 1.11 -8.30
N LEU A 754 -12.45 0.33 -9.23
CA LEU A 754 -13.60 -0.50 -8.86
C LEU A 754 -13.21 -1.68 -7.98
N GLN A 755 -11.91 -1.99 -7.89
CA GLN A 755 -11.41 -3.09 -7.08
C GLN A 755 -11.40 -2.75 -5.60
N TYR A 756 -11.66 -1.48 -5.25
CA TYR A 756 -11.69 -0.99 -3.89
C TYR A 756 -13.12 -0.86 -3.39
N GLY A 757 -14.06 -1.41 -4.14
CA GLY A 757 -15.47 -1.46 -3.74
C GLY A 757 -16.18 -0.12 -3.59
N SER A 758 -16.76 0.09 -2.42
CA SER A 758 -17.65 1.21 -2.15
C SER A 758 -17.01 2.42 -1.49
N PHE A 759 -15.67 2.51 -1.44
CA PHE A 759 -14.98 3.61 -0.73
C PHE A 759 -15.45 4.99 -1.20
N CYS A 760 -15.59 5.16 -2.52
CA CYS A 760 -16.03 6.44 -3.07
C CYS A 760 -17.47 6.75 -2.66
N THR A 761 -18.32 5.72 -2.62
CA THR A 761 -19.72 5.91 -2.27
C THR A 761 -19.86 6.41 -0.84
N GLN A 762 -19.13 5.80 0.10
CA GLN A 762 -19.24 6.20 1.49
C GLN A 762 -18.58 7.56 1.73
N LEU A 763 -17.56 7.91 0.94
CA LEU A 763 -16.97 9.24 1.08
C LEU A 763 -17.94 10.31 0.59
N ASN A 764 -18.61 10.04 -0.54
CA ASN A 764 -19.59 10.97 -1.09
C ASN A 764 -20.76 11.12 -0.14
N ARG A 765 -21.16 10.01 0.49
CA ARG A 765 -22.26 10.01 1.44
C ARG A 765 -21.90 10.83 2.67
N ALA A 766 -20.66 10.70 3.15
CA ALA A 766 -20.20 11.44 4.32
C ALA A 766 -20.21 12.95 4.04
N LEU A 767 -19.75 13.34 2.84
CA LEU A 767 -19.73 14.77 2.51
C LEU A 767 -21.14 15.31 2.31
N THR A 768 -22.04 14.48 1.75
CA THR A 768 -23.43 14.88 1.58
C THR A 768 -24.08 15.09 2.95
N GLY A 769 -23.78 14.19 3.89
CA GLY A 769 -24.30 14.29 5.24
C GLY A 769 -23.83 15.55 5.92
N ILE A 770 -22.55 15.93 5.69
CA ILE A 770 -22.02 17.17 6.25
C ILE A 770 -22.78 18.36 5.69
N ALA A 771 -23.01 18.39 4.36
CA ALA A 771 -23.70 19.52 3.73
C ALA A 771 -25.12 19.66 4.27
N VAL A 772 -25.82 18.53 4.44
CA VAL A 772 -27.17 18.53 4.97
C VAL A 772 -27.15 19.05 6.40
N GLU A 773 -26.14 18.62 7.17
CA GLU A 773 -26.01 19.06 8.56
C GLU A 773 -25.80 20.57 8.64
N GLN A 774 -25.05 21.14 7.68
CA GLN A 774 -24.80 22.58 7.70
C GLN A 774 -26.09 23.36 7.44
N ASP A 775 -26.92 22.83 6.56
CA ASP A 775 -28.22 23.46 6.31
C ASP A 775 -29.13 23.33 7.53
N LYS A 776 -29.08 22.17 8.18
CA LYS A 776 -29.87 21.96 9.40
C LYS A 776 -29.42 22.90 10.51
N ASN A 777 -28.10 23.11 10.62
CA ASN A 777 -27.53 24.00 11.65
C ASN A 777 -28.01 25.42 11.44
N THR A 778 -28.02 25.88 10.18
CA THR A 778 -28.47 27.23 9.88
C THR A 778 -29.95 27.37 10.18
N GLN A 779 -30.74 26.35 9.82
CA GLN A 779 -32.18 26.38 10.04
C GLN A 779 -32.51 26.41 11.53
N GLU A 780 -31.79 25.61 12.32
CA GLU A 780 -32.03 25.55 13.77
C GLU A 780 -31.64 26.85 14.46
N VAL A 781 -30.57 27.51 14.01
CA VAL A 781 -30.20 28.77 14.66
C VAL A 781 -31.14 29.91 14.27
N PHE A 782 -31.44 30.06 12.97
CA PHE A 782 -32.17 31.25 12.59
C PHE A 782 -33.68 31.08 12.41
N ALA A 783 -34.15 29.94 11.95
CA ALA A 783 -35.58 29.78 11.67
C ALA A 783 -36.34 29.34 12.92
N GLN A 784 -36.30 30.17 13.95
CA GLN A 784 -36.95 29.89 15.21
C GLN A 784 -38.21 30.71 15.41
N VAL A 785 -38.62 31.49 14.42
CA VAL A 785 -39.78 32.35 14.51
C VAL A 785 -40.80 31.93 13.45
N LYS A 786 -42.04 31.73 13.89
CA LYS A 786 -43.10 31.30 12.97
C LYS A 786 -43.49 32.38 11.97
N GLN A 787 -43.54 33.64 12.40
CA GLN A 787 -43.99 34.73 11.55
C GLN A 787 -42.89 35.75 11.32
N ILE A 788 -42.97 36.47 10.21
CA ILE A 788 -42.01 37.52 9.90
C ILE A 788 -42.55 38.83 10.47
N TYR A 789 -41.97 39.27 11.59
CA TYR A 789 -42.40 40.48 12.27
C TYR A 789 -41.72 41.71 11.68
N LYS A 790 -42.43 42.83 11.70
CA LYS A 790 -41.90 44.10 11.24
C LYS A 790 -42.14 45.19 12.28
N THR A 791 -41.20 46.13 12.35
CA THR A 791 -41.33 47.26 13.25
C THR A 791 -42.27 48.30 12.65
N PRO A 792 -42.87 49.17 13.47
CA PRO A 792 -43.74 50.22 12.90
C PRO A 792 -42.92 51.29 12.19
N PRO A 793 -43.55 52.03 11.26
CA PRO A 793 -42.85 53.16 10.61
C PRO A 793 -42.33 54.23 11.56
N ILE A 794 -43.00 54.46 12.68
CA ILE A 794 -42.57 55.47 13.65
C ILE A 794 -41.84 54.73 14.76
N LYS A 795 -40.52 54.85 14.79
CA LYS A 795 -39.71 54.11 15.74
C LYS A 795 -39.55 54.92 17.04
N ASP A 796 -40.68 55.08 17.73
CA ASP A 796 -40.70 55.77 19.02
C ASP A 796 -40.70 54.67 20.07
N PHE A 797 -39.53 54.40 20.66
CA PHE A 797 -39.39 53.31 21.62
C PHE A 797 -39.02 53.86 22.99
N GLY A 798 -39.54 55.02 23.35
CA GLY A 798 -39.30 55.58 24.66
C GLY A 798 -37.89 56.09 24.85
N GLY A 799 -37.23 56.48 23.76
CA GLY A 799 -35.86 56.97 23.82
C GLY A 799 -34.83 55.95 23.40
N PHE A 800 -35.21 54.69 23.27
CA PHE A 800 -34.27 53.64 22.88
C PHE A 800 -34.12 53.62 21.36
N ASN A 801 -32.89 53.76 20.90
CA ASN A 801 -32.57 53.83 19.48
C ASN A 801 -32.09 52.45 19.04
N PHE A 802 -32.69 51.92 17.97
CA PHE A 802 -32.30 50.61 17.45
C PHE A 802 -31.81 50.67 16.00
N SER A 803 -31.48 51.87 15.50
CA SER A 803 -31.11 52.04 14.10
C SER A 803 -29.84 51.28 13.72
N GLN A 804 -28.98 50.99 14.69
CA GLN A 804 -27.75 50.27 14.44
C GLN A 804 -27.99 48.78 14.25
N ILE A 805 -29.08 48.25 14.78
CA ILE A 805 -29.31 46.82 14.71
C ILE A 805 -30.49 46.48 13.81
N LEU A 806 -31.39 47.49 13.45
CA LEU A 806 -32.49 47.30 12.53
C LEU A 806 -32.04 47.54 11.08
N PRO A 807 -32.70 46.92 10.11
CA PRO A 807 -32.37 47.15 8.70
C PRO A 807 -32.56 48.59 8.26
N ASP A 808 -31.71 49.04 7.34
CA ASP A 808 -31.80 50.38 6.74
C ASP A 808 -32.02 50.27 5.22
N PRO A 809 -33.30 50.25 4.77
CA PRO A 809 -33.64 49.93 3.36
C PRO A 809 -33.09 50.84 2.25
N SER A 810 -32.20 51.78 2.58
CA SER A 810 -31.59 52.67 1.60
C SER A 810 -30.69 51.96 0.60
N LYS A 811 -30.27 50.73 0.87
CA LYS A 811 -29.40 49.97 0.00
C LYS A 811 -30.06 48.66 -0.44
N PRO A 812 -29.63 48.08 -1.58
CA PRO A 812 -30.29 46.87 -2.14
C PRO A 812 -30.44 45.66 -1.23
N SER A 813 -29.44 45.36 -0.40
CA SER A 813 -29.53 44.27 0.56
C SER A 813 -29.98 44.86 1.88
N LYS A 814 -31.09 44.38 2.42
CA LYS A 814 -31.67 45.00 3.61
C LYS A 814 -31.01 44.49 4.88
N ARG A 815 -29.74 44.86 5.04
CA ARG A 815 -28.98 44.51 6.22
C ARG A 815 -28.85 45.76 7.09
N SER A 816 -28.51 45.54 8.35
CA SER A 816 -28.31 46.65 9.26
C SER A 816 -26.86 47.16 9.11
N PRO A 817 -26.49 48.33 9.71
CA PRO A 817 -25.07 48.74 9.60
C PRO A 817 -24.09 47.80 10.31
N ILE A 818 -24.40 47.32 11.52
CA ILE A 818 -23.52 46.40 12.24
C ILE A 818 -23.32 45.14 11.41
N GLU A 819 -24.41 44.63 10.81
CA GLU A 819 -24.31 43.44 9.96
C GLU A 819 -23.41 43.72 8.76
N ASP A 820 -23.51 44.94 8.20
CA ASP A 820 -22.65 45.33 7.10
C ASP A 820 -21.19 45.30 7.53
N LEU A 821 -20.91 45.71 8.77
CA LEU A 821 -19.55 45.67 9.29
C LEU A 821 -19.08 44.22 9.39
N LEU A 822 -19.97 43.35 9.86
CA LEU A 822 -19.62 41.94 10.06
C LEU A 822 -19.32 41.27 8.72
N PHE A 823 -20.11 41.60 7.70
CA PHE A 823 -19.91 41.01 6.38
C PHE A 823 -18.66 41.57 5.70
N ASN A 824 -18.40 42.87 5.87
CA ASN A 824 -17.22 43.47 5.25
C ASN A 824 -15.93 42.96 5.89
N LYS A 825 -15.92 42.74 7.22
CA LYS A 825 -14.71 42.25 7.86
C LYS A 825 -14.40 40.81 7.45
N VAL A 826 -15.43 39.96 7.38
CA VAL A 826 -15.25 38.58 6.99
C VAL A 826 -16.10 38.26 5.76
N LEU A 849 -9.12 31.74 -6.76
CA LEU A 849 -8.88 30.56 -5.93
C LEU A 849 -9.96 29.51 -6.16
N ILE A 850 -11.21 29.97 -6.28
CA ILE A 850 -12.37 29.08 -6.40
C ILE A 850 -12.30 28.24 -7.68
N CYS A 851 -11.76 28.80 -8.77
CA CYS A 851 -11.63 28.05 -10.01
C CYS A 851 -10.58 26.96 -9.88
N ALA A 852 -9.44 27.27 -9.26
CA ALA A 852 -8.35 26.32 -9.11
C ALA A 852 -8.79 25.11 -8.28
N GLN A 853 -9.59 25.34 -7.26
CA GLN A 853 -10.13 24.24 -6.46
C GLN A 853 -11.18 23.49 -7.27
N LYS A 854 -12.10 24.23 -7.90
CA LYS A 854 -13.25 23.64 -8.60
C LYS A 854 -12.82 22.70 -9.72
N PHE A 855 -11.73 23.03 -10.43
CA PHE A 855 -11.31 22.27 -11.61
C PHE A 855 -10.90 20.82 -11.35
N ASN A 856 -10.75 20.39 -10.09
CA ASN A 856 -10.35 19.02 -9.79
C ASN A 856 -11.51 18.16 -9.30
N GLY A 857 -12.75 18.58 -9.55
CA GLY A 857 -13.91 17.85 -9.11
C GLY A 857 -14.35 18.21 -7.71
N LEU A 858 -14.00 19.40 -7.25
CA LEU A 858 -14.27 19.88 -5.89
C LEU A 858 -15.24 21.04 -6.00
N THR A 859 -16.53 20.75 -5.88
CA THR A 859 -17.50 21.81 -6.02
C THR A 859 -17.94 22.32 -4.66
N VAL A 860 -18.54 23.50 -4.64
CA VAL A 860 -19.09 24.09 -3.44
C VAL A 860 -20.58 24.34 -3.67
N LEU A 861 -21.39 23.83 -2.76
CA LEU A 861 -22.83 23.98 -2.89
C LEU A 861 -23.25 25.27 -2.22
N PRO A 862 -24.19 26.02 -2.79
CA PRO A 862 -24.65 27.23 -2.12
C PRO A 862 -25.48 26.88 -0.91
N PRO A 863 -25.44 27.71 0.15
CA PRO A 863 -26.34 27.51 1.29
C PRO A 863 -27.81 27.60 0.89
N LEU A 864 -28.64 26.83 1.58
CA LEU A 864 -30.08 26.87 1.33
C LEU A 864 -30.65 28.23 1.69
N LEU A 865 -30.21 28.81 2.79
CA LEU A 865 -30.71 30.10 3.22
C LEU A 865 -29.69 31.16 2.79
N THR A 866 -30.12 32.08 1.95
CA THR A 866 -29.24 33.13 1.47
C THR A 866 -29.03 34.17 2.56
N ASP A 867 -28.01 35.02 2.34
CA ASP A 867 -27.68 36.07 3.30
C ASP A 867 -28.87 37.00 3.53
N GLU A 868 -29.64 37.26 2.46
CA GLU A 868 -30.83 38.09 2.57
C GLU A 868 -31.87 37.42 3.46
N MET A 869 -31.96 36.08 3.40
CA MET A 869 -32.92 35.35 4.21
C MET A 869 -32.50 35.30 5.66
N ILE A 870 -31.18 35.23 5.91
CA ILE A 870 -30.69 35.26 7.29
C ILE A 870 -30.97 36.64 7.87
N ALA A 871 -30.76 37.69 7.06
CA ALA A 871 -31.04 39.04 7.49
C ALA A 871 -32.53 39.22 7.79
N GLN A 872 -33.40 38.62 6.95
CA GLN A 872 -34.84 38.68 7.19
C GLN A 872 -35.23 37.95 8.47
N TYR A 873 -34.59 36.81 8.75
CA TYR A 873 -34.87 36.09 10.00
C TYR A 873 -34.43 36.91 11.21
N THR A 874 -33.24 37.53 11.14
CA THR A 874 -32.78 38.32 12.27
C THR A 874 -33.66 39.56 12.44
N SER A 875 -34.11 40.13 11.32
CA SER A 875 -35.03 41.27 11.37
C SER A 875 -36.35 40.89 12.01
N ALA A 876 -36.89 39.72 11.68
CA ALA A 876 -38.14 39.24 12.26
C ALA A 876 -37.98 38.99 13.76
N LEU A 877 -36.86 38.37 14.14
CA LEU A 877 -36.60 38.06 15.55
C LEU A 877 -36.43 39.34 16.35
N LEU A 878 -35.75 40.31 15.74
CA LEU A 878 -35.50 41.59 16.38
C LEU A 878 -36.78 42.41 16.51
N ALA A 879 -37.61 42.42 15.46
CA ALA A 879 -38.88 43.13 15.51
C ALA A 879 -39.79 42.52 16.57
N GLY A 880 -39.78 41.19 16.68
CA GLY A 880 -40.56 40.54 17.71
C GLY A 880 -40.07 40.90 19.10
N THR A 881 -38.74 40.86 19.29
CA THR A 881 -38.15 41.17 20.59
C THR A 881 -38.46 42.62 21.01
N ILE A 882 -38.38 43.56 20.07
CA ILE A 882 -38.61 44.97 20.39
C ILE A 882 -40.09 45.26 20.64
N THR A 883 -40.99 44.70 19.83
CA THR A 883 -42.39 45.08 19.95
C THR A 883 -43.21 44.15 20.82
N SER A 884 -42.74 42.94 21.10
CA SER A 884 -43.51 41.98 21.88
C SER A 884 -42.75 41.36 23.04
N GLY A 885 -41.51 41.77 23.28
CA GLY A 885 -40.70 41.16 24.33
C GLY A 885 -40.48 39.68 24.08
N TRP A 886 -40.75 38.87 25.10
CA TRP A 886 -40.54 37.43 24.98
C TRP A 886 -41.81 36.69 24.61
N THR A 887 -42.92 37.40 24.45
CA THR A 887 -44.20 36.73 24.21
C THR A 887 -44.25 36.03 22.86
N PHE A 888 -43.51 36.53 21.87
CA PHE A 888 -43.54 35.94 20.53
C PHE A 888 -42.88 34.58 20.50
N GLY A 889 -42.06 34.25 21.49
CA GLY A 889 -41.34 33.00 21.56
C GLY A 889 -42.10 31.88 22.21
N ALA A 890 -43.25 32.19 22.80
CA ALA A 890 -44.02 31.22 23.56
C ALA A 890 -45.40 31.01 22.99
N GLY A 891 -45.76 31.76 21.94
CA GLY A 891 -47.10 31.81 21.43
C GLY A 891 -47.29 33.04 20.59
N PRO A 892 -48.54 33.52 20.48
CA PRO A 892 -48.82 34.71 19.66
C PRO A 892 -48.12 35.93 20.23
N ALA A 893 -47.55 36.75 19.34
CA ALA A 893 -46.88 37.95 19.82
C ALA A 893 -47.91 38.90 20.40
N LEU A 894 -47.61 39.42 21.59
CA LEU A 894 -48.46 40.37 22.28
C LEU A 894 -47.76 41.71 22.29
N GLN A 895 -48.41 42.76 21.81
CA GLN A 895 -47.72 44.04 21.74
C GLN A 895 -47.52 44.58 23.16
N ILE A 896 -46.40 45.26 23.36
CA ILE A 896 -46.16 45.94 24.62
C ILE A 896 -45.28 47.17 24.39
N PRO A 897 -45.48 48.26 25.12
CA PRO A 897 -44.54 49.38 25.05
C PRO A 897 -43.18 48.96 25.60
N PHE A 898 -42.13 49.36 24.89
CA PHE A 898 -40.77 48.93 25.22
C PHE A 898 -40.30 49.32 26.64
N PRO A 899 -40.55 50.53 27.19
CA PRO A 899 -40.20 50.73 28.61
C PRO A 899 -40.90 49.76 29.55
N MET A 900 -42.13 49.36 29.26
CA MET A 900 -42.81 48.38 30.11
C MET A 900 -42.14 47.01 29.99
N GLN A 901 -41.70 46.65 28.79
CA GLN A 901 -40.96 45.41 28.59
C GLN A 901 -39.65 45.44 29.37
N MET A 902 -38.97 46.60 29.35
CA MET A 902 -37.75 46.77 30.13
C MET A 902 -38.06 46.66 31.62
N ALA A 903 -39.22 47.14 32.05
CA ALA A 903 -39.63 47.03 33.44
C ALA A 903 -39.78 45.57 33.84
N TYR A 904 -40.30 44.75 32.92
CA TYR A 904 -40.42 43.32 33.22
C TYR A 904 -39.04 42.70 33.33
N ARG A 905 -38.13 43.11 32.45
CA ARG A 905 -36.76 42.56 32.48
C ARG A 905 -36.03 42.97 33.75
N PHE A 906 -36.27 44.20 34.22
CA PHE A 906 -35.71 44.66 35.48
C PHE A 906 -36.29 43.85 36.64
N ASN A 907 -37.59 43.56 36.61
CA ASN A 907 -38.19 42.71 37.64
C ASN A 907 -37.55 41.33 37.59
N GLY A 908 -37.28 40.85 36.38
CA GLY A 908 -36.65 39.55 36.19
C GLY A 908 -35.30 39.47 36.86
N ILE A 909 -34.55 40.57 36.85
CA ILE A 909 -33.22 40.56 37.47
C ILE A 909 -33.29 41.01 38.92
N GLY A 910 -34.50 41.19 39.45
CA GLY A 910 -34.63 41.56 40.85
C GLY A 910 -34.55 43.03 41.15
N VAL A 911 -34.86 43.90 40.18
CA VAL A 911 -34.84 45.35 40.37
C VAL A 911 -36.26 45.86 40.13
N THR A 912 -36.74 46.73 41.01
CA THR A 912 -38.12 47.20 40.90
C THR A 912 -38.32 48.12 39.69
N GLN A 913 -39.58 48.25 39.29
CA GLN A 913 -39.95 48.99 38.08
C GLN A 913 -39.62 50.48 38.17
N ASN A 914 -39.74 51.07 39.36
CA ASN A 914 -39.54 52.51 39.48
C ASN A 914 -38.10 52.91 39.25
N VAL A 915 -37.16 51.97 39.41
CA VAL A 915 -35.75 52.28 39.15
C VAL A 915 -35.60 52.57 37.67
N LEU A 916 -36.23 51.75 36.83
CA LEU A 916 -36.20 51.94 35.39
C LEU A 916 -36.93 53.22 34.99
N TYR A 917 -38.15 53.43 35.51
CA TYR A 917 -38.95 54.56 35.05
C TYR A 917 -38.37 55.91 35.47
N GLU A 918 -37.88 56.01 36.71
CA GLU A 918 -37.29 57.26 37.18
C GLU A 918 -36.03 57.62 36.38
N ASN A 919 -35.28 56.61 35.94
CA ASN A 919 -34.04 56.80 35.21
C ASN A 919 -34.14 56.42 33.74
N GLN A 920 -35.34 56.47 33.15
CA GLN A 920 -35.58 56.00 31.77
C GLN A 920 -34.70 56.72 30.75
N LYS A 921 -34.48 58.02 30.93
CA LYS A 921 -33.68 58.79 29.97
C LYS A 921 -32.22 58.38 30.06
N LEU A 922 -31.71 58.21 31.29
CA LEU A 922 -30.34 57.78 31.51
C LEU A 922 -30.11 56.39 30.93
N ILE A 923 -31.05 55.48 31.17
CA ILE A 923 -30.94 54.09 30.71
C ILE A 923 -30.94 54.04 29.19
N ALA A 924 -31.83 54.82 28.56
CA ALA A 924 -31.88 54.89 27.10
C ALA A 924 -30.58 55.43 26.53
N ASN A 925 -30.01 56.44 27.20
CA ASN A 925 -28.75 57.03 26.75
C ASN A 925 -27.60 56.03 26.90
N GLN A 926 -27.57 55.30 28.02
CA GLN A 926 -26.52 54.31 28.26
C GLN A 926 -26.61 53.18 27.25
N PHE A 927 -27.84 52.77 26.91
CA PHE A 927 -28.03 51.71 25.93
C PHE A 927 -27.56 52.16 24.55
N ASN A 928 -27.96 53.38 24.14
CA ASN A 928 -27.59 53.87 22.82
C ASN A 928 -26.09 54.07 22.72
N SER A 929 -25.46 54.54 23.81
CA SER A 929 -24.02 54.72 23.85
C SER A 929 -23.31 53.39 23.75
N ALA A 930 -23.79 52.36 24.48
CA ALA A 930 -23.18 51.04 24.46
C ALA A 930 -23.24 50.44 23.06
N ILE A 931 -24.37 50.63 22.37
CA ILE A 931 -24.50 50.15 20.98
C ILE A 931 -23.49 50.87 20.10
N GLY A 932 -23.34 52.19 20.29
CA GLY A 932 -22.34 52.94 19.54
C GLY A 932 -20.93 52.43 19.81
N LYS A 933 -20.67 52.02 21.07
CA LYS A 933 -19.38 51.46 21.43
C LYS A 933 -19.13 50.17 20.68
N ILE A 934 -20.20 49.37 20.48
CA ILE A 934 -20.07 48.12 19.72
C ILE A 934 -19.72 48.45 18.29
N GLN A 935 -20.38 49.48 17.74
CA GLN A 935 -20.13 49.91 16.36
C GLN A 935 -18.68 50.31 16.17
N ASP A 936 -18.15 51.08 17.13
CA ASP A 936 -16.76 51.54 17.05
C ASP A 936 -15.79 50.38 17.25
N SER A 937 -16.11 49.46 18.17
CA SER A 937 -15.24 48.32 18.44
C SER A 937 -15.11 47.43 17.21
N LEU A 938 -16.23 47.18 16.53
CA LEU A 938 -16.20 46.37 15.32
C LEU A 938 -15.49 47.11 14.20
N SER A 939 -15.74 48.42 14.08
CA SER A 939 -15.11 49.24 13.05
C SER A 939 -13.60 49.32 13.22
N SER A 940 -13.12 49.19 14.45
CA SER A 940 -11.71 49.41 14.77
C SER A 940 -10.91 48.11 14.82
N THR A 941 -11.24 47.23 15.77
CA THR A 941 -10.46 46.02 16.00
C THR A 941 -10.51 45.06 14.80
N PRO A 942 -9.38 44.78 14.17
CA PRO A 942 -9.39 43.85 13.03
C PRO A 942 -9.60 42.39 13.40
N SER A 943 -9.07 41.93 14.53
CA SER A 943 -9.14 40.53 14.92
C SER A 943 -10.38 40.17 15.74
N ALA A 944 -11.45 40.95 15.64
CA ALA A 944 -12.60 40.73 16.51
C ALA A 944 -13.39 39.51 16.07
N LEU A 945 -13.55 39.32 14.75
CA LEU A 945 -14.32 38.24 14.17
C LEU A 945 -13.47 37.02 13.87
N GLY A 946 -12.38 36.81 14.63
CA GLY A 946 -11.48 35.69 14.42
C GLY A 946 -12.11 34.31 14.47
N LYS A 947 -13.18 34.15 15.26
CA LYS A 947 -13.86 32.85 15.35
C LYS A 947 -14.43 32.40 14.01
N LEU A 948 -14.94 33.33 13.21
CA LEU A 948 -15.52 32.95 11.93
C LEU A 948 -14.45 32.83 10.86
N GLN A 949 -13.45 33.73 10.95
CA GLN A 949 -12.37 33.76 9.99
C GLN A 949 -11.53 32.49 10.12
N ASP A 950 -11.36 32.01 11.35
CA ASP A 950 -10.59 30.79 11.59
C ASP A 950 -11.25 29.60 10.92
N VAL A 951 -12.59 29.54 10.95
CA VAL A 951 -13.33 28.45 10.32
C VAL A 951 -13.16 28.50 8.81
N VAL A 952 -13.25 29.73 8.25
CA VAL A 952 -13.07 29.92 6.81
C VAL A 952 -11.65 29.52 6.40
N ASN A 953 -10.66 29.91 7.21
CA ASN A 953 -9.27 29.60 6.92
C ASN A 953 -9.01 28.10 7.00
N GLN A 954 -9.59 27.43 8.00
CA GLN A 954 -9.37 25.99 8.15
C GLN A 954 -9.94 25.23 6.97
N ASN A 955 -11.11 25.67 6.48
CA ASN A 955 -11.70 24.98 5.34
C ASN A 955 -10.91 25.26 4.07
N ALA A 956 -10.42 26.50 3.92
CA ALA A 956 -9.61 26.85 2.76
C ALA A 956 -8.31 26.06 2.76
N GLN A 957 -7.68 25.90 3.94
CA GLN A 957 -6.45 25.12 4.03
C GLN A 957 -6.71 23.65 3.73
N ALA A 958 -7.84 23.13 4.21
CA ALA A 958 -8.18 21.72 3.98
C ALA A 958 -8.35 21.45 2.49
N LEU A 959 -9.03 22.38 1.79
CA LEU A 959 -9.21 22.21 0.35
C LEU A 959 -7.90 22.38 -0.39
N ASN A 960 -7.07 23.34 0.02
CA ASN A 960 -5.79 23.55 -0.65
C ASN A 960 -4.88 22.36 -0.45
N THR A 961 -4.89 21.76 0.74
CA THR A 961 -4.10 20.58 1.03
C THR A 961 -4.55 19.40 0.19
N LEU A 962 -5.87 19.22 0.08
CA LEU A 962 -6.43 18.11 -0.70
C LEU A 962 -6.04 18.24 -2.16
N VAL A 963 -6.15 19.47 -2.70
CA VAL A 963 -5.82 19.69 -4.10
C VAL A 963 -4.32 19.51 -4.35
N LYS A 964 -3.48 20.01 -3.43
CA LYS A 964 -2.03 19.87 -3.57
C LYS A 964 -1.58 18.42 -3.50
N GLN A 965 -2.36 17.54 -2.85
CA GLN A 965 -1.98 16.13 -2.83
C GLN A 965 -1.99 15.49 -4.22
N LEU A 966 -2.67 16.08 -5.20
CA LEU A 966 -2.70 15.55 -6.56
C LEU A 966 -1.37 15.73 -7.27
N SER A 967 -0.46 16.56 -6.75
CA SER A 967 0.84 16.79 -7.34
C SER A 967 1.89 15.85 -6.79
N SER A 968 1.51 14.98 -5.87
CA SER A 968 2.41 14.02 -5.26
C SER A 968 2.48 12.77 -6.13
N ASN A 969 3.68 12.17 -6.19
CA ASN A 969 3.85 10.97 -6.99
C ASN A 969 3.41 9.72 -6.26
N PHE A 970 3.57 9.68 -4.92
CA PHE A 970 3.26 8.52 -4.06
C PHE A 970 4.04 7.27 -4.49
N GLY A 971 5.21 7.47 -5.09
CA GLY A 971 6.06 6.41 -5.55
C GLY A 971 5.92 6.11 -7.03
N ALA A 972 4.95 6.72 -7.70
CA ALA A 972 4.75 6.54 -9.13
C ALA A 972 5.78 7.34 -9.92
N ILE A 973 5.94 6.98 -11.19
CA ILE A 973 6.86 7.69 -12.07
C ILE A 973 6.41 9.13 -12.34
N SER A 974 5.12 9.43 -12.19
CA SER A 974 4.62 10.77 -12.45
C SER A 974 3.32 10.98 -11.68
N SER A 975 3.13 12.22 -11.21
CA SER A 975 1.88 12.60 -10.56
C SER A 975 0.73 12.79 -11.55
N VAL A 976 1.03 12.88 -12.84
CA VAL A 976 0.04 13.14 -13.87
C VAL A 976 -0.41 11.81 -14.46
N LEU A 977 -1.70 11.52 -14.32
CA LEU A 977 -2.26 10.26 -14.77
C LEU A 977 -2.21 10.14 -16.29
N ASN A 978 -2.42 11.27 -16.98
CA ASN A 978 -2.39 11.30 -18.44
C ASN A 978 -1.02 10.97 -18.99
N ASP A 979 0.06 11.38 -18.30
CA ASP A 979 1.40 11.08 -18.79
C ASP A 979 1.69 9.58 -18.66
N ILE A 980 1.23 8.96 -17.57
CA ILE A 980 1.40 7.52 -17.39
C ILE A 980 0.64 6.76 -18.46
N LEU A 981 -0.60 7.18 -18.74
CA LEU A 981 -1.38 6.46 -19.74
C LEU A 981 -0.86 6.73 -21.16
N SER A 982 -0.29 7.91 -21.39
CA SER A 982 0.30 8.22 -22.68
C SER A 982 1.61 7.45 -22.91
N ARG A 983 2.36 7.16 -21.84
CA ARG A 983 3.65 6.52 -22.01
C ARG A 983 3.61 5.01 -21.87
N LEU A 984 2.82 4.48 -20.95
CA LEU A 984 2.84 3.06 -20.64
C LEU A 984 1.62 2.31 -21.16
N ASP A 985 1.81 1.02 -21.37
CA ASP A 985 0.82 0.01 -21.70
C ASP A 985 0.28 -0.55 -20.39
N PRO A 986 -0.92 -1.16 -20.39
CA PRO A 986 -1.58 -1.65 -19.13
C PRO A 986 -0.71 -2.47 -18.16
N PRO A 987 0.18 -3.40 -18.58
CA PRO A 987 0.94 -4.17 -17.56
C PRO A 987 1.79 -3.34 -16.60
N GLU A 988 2.22 -2.14 -17.00
CA GLU A 988 3.02 -1.27 -16.16
C GLU A 988 2.19 -0.10 -15.68
N ALA A 989 1.26 0.33 -16.54
CA ALA A 989 0.40 1.46 -16.21
C ALA A 989 -0.46 1.12 -15.01
N GLU A 990 -0.94 -0.13 -14.90
CA GLU A 990 -1.81 -0.48 -13.78
C GLU A 990 -1.07 -0.37 -12.45
N VAL A 991 0.22 -0.72 -12.45
CA VAL A 991 1.03 -0.61 -11.25
C VAL A 991 1.20 0.86 -10.85
N GLN A 992 1.49 1.71 -11.84
CA GLN A 992 1.69 3.13 -11.55
C GLN A 992 0.38 3.78 -11.11
N ILE A 993 -0.73 3.38 -11.74
CA ILE A 993 -2.03 3.92 -11.40
C ILE A 993 -2.44 3.46 -10.01
N ASP A 994 -2.17 2.18 -9.66
CA ASP A 994 -2.49 1.68 -8.31
C ASP A 994 -1.76 2.48 -7.25
N ARG A 995 -0.51 2.88 -7.53
CA ARG A 995 0.23 3.71 -6.58
C ARG A 995 -0.46 5.07 -6.43
N LEU A 996 -0.90 5.65 -7.55
CA LEU A 996 -1.59 6.93 -7.49
C LEU A 996 -2.94 6.81 -6.80
N ILE A 997 -3.67 5.72 -7.05
CA ILE A 997 -4.98 5.49 -6.43
C ILE A 997 -4.81 5.39 -4.93
N THR A 998 -3.79 4.64 -4.47
CA THR A 998 -3.58 4.44 -3.04
C THR A 998 -3.30 5.78 -2.36
N GLY A 999 -2.41 6.59 -2.95
CA GLY A 999 -2.08 7.87 -2.35
C GLY A 999 -3.22 8.87 -2.37
N ARG A 1000 -3.95 8.94 -3.49
CA ARG A 1000 -5.06 9.89 -3.63
C ARG A 1000 -6.24 9.48 -2.77
N LEU A 1001 -6.50 8.17 -2.66
CA LEU A 1001 -7.57 7.67 -1.81
C LEU A 1001 -7.26 7.94 -0.36
N GLN A 1002 -5.99 7.76 0.06
CA GLN A 1002 -5.61 8.05 1.44
C GLN A 1002 -5.77 9.53 1.73
N SER A 1003 -5.42 10.39 0.77
CA SER A 1003 -5.54 11.83 0.96
C SER A 1003 -7.00 12.25 1.07
N LEU A 1004 -7.86 11.65 0.24
CA LEU A 1004 -9.27 11.98 0.26
C LEU A 1004 -9.94 11.49 1.55
N GLN A 1005 -9.55 10.30 2.03
CA GLN A 1005 -10.09 9.80 3.29
C GLN A 1005 -9.67 10.68 4.45
N THR A 1006 -8.41 11.17 4.41
CA THR A 1006 -7.92 12.06 5.45
C THR A 1006 -8.73 13.36 5.45
N TYR A 1007 -9.00 13.90 4.25
CA TYR A 1007 -9.78 15.12 4.12
C TYR A 1007 -11.19 14.94 4.68
N VAL A 1008 -11.85 13.83 4.32
CA VAL A 1008 -13.23 13.58 4.74
C VAL A 1008 -13.28 13.43 6.26
N THR A 1009 -12.31 12.70 6.84
CA THR A 1009 -12.28 12.50 8.29
C THR A 1009 -12.12 13.84 9.01
N GLN A 1010 -11.23 14.71 8.49
CA GLN A 1010 -11.04 16.03 9.10
C GLN A 1010 -12.31 16.87 8.97
N GLN A 1011 -13.02 16.74 7.85
CA GLN A 1011 -14.26 17.49 7.66
C GLN A 1011 -15.35 16.99 8.59
N LEU A 1012 -15.39 15.69 8.86
CA LEU A 1012 -16.39 15.15 9.78
C LEU A 1012 -16.14 15.62 11.20
N ILE A 1013 -14.87 15.66 11.62
CA ILE A 1013 -14.54 16.13 12.97
C ILE A 1013 -14.82 17.63 13.09
N ARG A 1014 -14.42 18.40 12.07
CA ARG A 1014 -14.66 19.84 12.08
C ARG A 1014 -16.15 20.13 12.03
N ALA A 1015 -16.91 19.34 11.24
CA ALA A 1015 -18.35 19.50 11.16
C ALA A 1015 -19.02 19.23 12.49
N ALA A 1016 -18.52 18.22 13.22
CA ALA A 1016 -19.06 17.93 14.55
C ALA A 1016 -18.83 19.11 15.49
N GLU A 1017 -17.65 19.75 15.38
CA GLU A 1017 -17.37 20.94 16.18
C GLU A 1017 -18.30 22.09 15.81
N ILE A 1018 -18.53 22.27 14.51
CA ILE A 1018 -19.45 23.31 14.03
C ILE A 1018 -20.87 23.02 14.50
N ARG A 1019 -21.27 21.74 14.49
CA ARG A 1019 -22.59 21.34 14.95
C ARG A 1019 -22.78 21.69 16.42
N ALA A 1020 -21.74 21.43 17.24
CA ALA A 1020 -21.80 21.76 18.66
C ALA A 1020 -21.94 23.27 18.85
N SER A 1021 -21.19 24.03 18.06
CA SER A 1021 -21.27 25.50 18.13
C SER A 1021 -22.65 25.99 17.71
N ALA A 1022 -23.19 25.40 16.64
CA ALA A 1022 -24.51 25.76 16.15
C ALA A 1022 -25.60 25.42 17.16
N ASN A 1023 -25.47 24.29 17.86
CA ASN A 1023 -26.42 23.92 18.89
C ASN A 1023 -26.36 24.91 20.04
N LEU A 1024 -25.15 25.38 20.36
CA LEU A 1024 -25.00 26.40 21.39
C LEU A 1024 -25.63 27.71 20.95
N ALA A 1025 -25.42 28.07 19.68
CA ALA A 1025 -25.99 29.31 19.13
C ALA A 1025 -27.51 29.26 19.11
N ALA A 1026 -28.07 28.10 18.77
CA ALA A 1026 -29.52 27.93 18.77
C ALA A 1026 -30.08 28.04 20.18
N THR A 1027 -29.35 27.47 21.15
CA THR A 1027 -29.76 27.54 22.55
C THR A 1027 -29.73 28.98 23.04
N LYS A 1028 -28.67 29.71 22.67
CA LYS A 1028 -28.57 31.12 23.03
C LYS A 1028 -29.65 31.94 22.35
N MET A 1029 -29.99 31.61 21.10
CA MET A 1029 -31.06 32.30 20.39
C MET A 1029 -32.38 32.13 21.14
N SER A 1030 -32.68 30.91 21.56
CA SER A 1030 -33.93 30.65 22.26
C SER A 1030 -33.95 31.30 23.65
N GLU A 1031 -32.87 31.16 24.41
CA GLU A 1031 -32.83 31.59 25.80
C GLU A 1031 -32.40 33.03 26.03
N CYS A 1032 -31.68 33.65 25.09
CA CYS A 1032 -31.17 35.00 25.28
C CYS A 1032 -31.99 36.02 24.50
N VAL A 1033 -32.59 35.62 23.38
CA VAL A 1033 -33.31 36.53 22.51
C VAL A 1033 -34.81 36.38 22.67
N LEU A 1034 -35.29 35.14 22.77
CA LEU A 1034 -36.72 34.88 22.89
C LEU A 1034 -37.15 34.76 24.34
N GLY A 1035 -36.32 35.23 25.26
CA GLY A 1035 -36.62 35.17 26.67
C GLY A 1035 -35.60 35.96 27.45
N GLN A 1036 -35.62 35.77 28.76
CA GLN A 1036 -34.65 36.39 29.64
C GLN A 1036 -34.06 35.30 30.50
N SER A 1037 -32.74 35.17 30.47
CA SER A 1037 -32.05 34.07 31.12
C SER A 1037 -31.59 34.44 32.52
N LYS A 1038 -31.65 33.46 33.42
CA LYS A 1038 -31.11 33.59 34.77
C LYS A 1038 -29.85 32.76 34.93
N ARG A 1039 -29.31 32.26 33.82
CA ARG A 1039 -28.08 31.50 33.82
C ARG A 1039 -26.90 32.46 33.76
N VAL A 1040 -26.03 32.39 34.77
CA VAL A 1040 -24.92 33.33 34.90
C VAL A 1040 -23.92 33.11 33.77
N ASP A 1041 -23.53 34.20 33.10
CA ASP A 1041 -22.53 34.27 32.02
C ASP A 1041 -22.96 33.52 30.76
N PHE A 1042 -24.21 33.08 30.67
CA PHE A 1042 -24.68 32.42 29.46
C PHE A 1042 -25.01 33.43 28.37
N CYS A 1043 -25.65 34.53 28.76
CA CYS A 1043 -26.08 35.56 27.84
C CYS A 1043 -25.36 36.86 28.13
N GLY A 1044 -24.03 36.81 28.25
CA GLY A 1044 -23.23 37.99 28.52
C GLY A 1044 -22.81 38.10 29.98
N LYS A 1045 -21.87 39.02 30.20
CA LYS A 1045 -21.29 39.23 31.53
C LYS A 1045 -22.07 40.33 32.24
N GLY A 1046 -22.79 39.96 33.29
CA GLY A 1046 -23.66 40.82 34.06
C GLY A 1046 -24.98 40.13 34.28
N TYR A 1047 -25.97 40.90 34.73
CA TYR A 1047 -27.30 40.33 34.90
C TYR A 1047 -28.00 40.54 33.56
N HIS A 1048 -28.45 39.45 32.95
CA HIS A 1048 -29.00 39.51 31.60
C HIS A 1048 -30.32 40.25 31.55
N LEU A 1049 -30.43 41.19 30.63
CA LEU A 1049 -31.67 41.90 30.35
C LEU A 1049 -32.29 41.39 29.05
N MET A 1050 -31.53 41.45 27.95
CA MET A 1050 -32.06 41.06 26.64
C MET A 1050 -30.88 40.87 25.69
N SER A 1051 -31.14 40.24 24.56
CA SER A 1051 -30.09 40.09 23.56
C SER A 1051 -30.65 40.35 22.17
N PHE A 1052 -29.77 40.70 21.24
CA PHE A 1052 -30.17 40.95 19.88
C PHE A 1052 -29.31 40.14 18.92
N PRO A 1053 -29.91 39.34 18.03
CA PRO A 1053 -29.12 38.60 17.05
C PRO A 1053 -28.74 39.46 15.86
N GLN A 1054 -27.57 39.16 15.30
CA GLN A 1054 -27.12 39.76 14.05
C GLN A 1054 -26.55 38.68 13.16
N SER A 1055 -26.86 38.76 11.87
CA SER A 1055 -26.32 37.84 10.88
C SER A 1055 -24.83 38.09 10.67
N ALA A 1056 -24.07 37.03 10.46
CA ALA A 1056 -22.66 37.17 10.13
C ALA A 1056 -22.33 36.08 9.14
N PRO A 1057 -21.23 36.23 8.36
CA PRO A 1057 -20.82 35.16 7.43
C PRO A 1057 -20.59 33.85 8.17
N HIS A 1058 -21.38 32.84 7.78
CA HIS A 1058 -21.36 31.50 8.36
C HIS A 1058 -21.54 31.51 9.88
N GLY A 1059 -22.30 32.49 10.40
CA GLY A 1059 -22.39 32.54 11.84
C GLY A 1059 -23.35 33.58 12.35
N VAL A 1060 -23.41 33.70 13.67
CA VAL A 1060 -24.31 34.62 14.33
C VAL A 1060 -23.52 35.41 15.36
N VAL A 1061 -23.87 36.68 15.51
CA VAL A 1061 -23.31 37.54 16.54
C VAL A 1061 -24.44 37.96 17.46
N PHE A 1062 -24.26 37.78 18.75
CA PHE A 1062 -25.26 38.19 19.71
C PHE A 1062 -24.76 39.43 20.44
N LEU A 1063 -25.61 40.44 20.53
CA LEU A 1063 -25.33 41.63 21.31
C LEU A 1063 -26.13 41.47 22.59
N HIS A 1064 -25.45 41.20 23.69
CA HIS A 1064 -26.13 40.94 24.95
C HIS A 1064 -26.20 42.22 25.75
N VAL A 1065 -27.40 42.62 26.13
CA VAL A 1065 -27.64 43.80 26.91
C VAL A 1065 -27.82 43.31 28.34
N THR A 1066 -26.92 43.76 29.20
CA THR A 1066 -26.83 43.35 30.59
C THR A 1066 -26.84 44.57 31.50
N TYR A 1067 -27.30 44.34 32.71
CA TYR A 1067 -27.33 45.33 33.78
C TYR A 1067 -26.08 45.07 34.60
N VAL A 1068 -25.26 46.09 34.80
CA VAL A 1068 -24.03 45.95 35.56
C VAL A 1068 -23.99 46.96 36.69
N PRO A 1069 -23.89 46.51 37.95
CA PRO A 1069 -23.76 47.43 39.08
C PRO A 1069 -22.54 48.33 38.95
N ALA A 1070 -22.70 49.60 39.32
CA ALA A 1070 -21.62 50.55 39.10
C ALA A 1070 -21.14 51.07 40.45
N GLN A 1071 -21.66 52.23 40.90
CA GLN A 1071 -21.11 52.90 42.08
C GLN A 1071 -21.29 52.08 43.35
N GLU A 1072 -20.27 52.11 44.21
CA GLU A 1072 -20.23 51.28 45.40
C GLU A 1072 -20.45 52.16 46.65
N LYS A 1073 -21.14 51.61 47.64
CA LYS A 1073 -21.27 52.26 48.95
C LYS A 1073 -21.33 51.20 50.04
N ASN A 1074 -20.63 51.46 51.13
CA ASN A 1074 -20.66 50.57 52.29
C ASN A 1074 -21.86 50.91 53.16
N PHE A 1075 -22.47 49.88 53.74
CA PHE A 1075 -23.58 50.07 54.66
C PHE A 1075 -23.45 49.06 55.79
N THR A 1076 -24.00 49.38 56.95
CA THR A 1076 -24.01 48.44 58.05
C THR A 1076 -25.29 47.62 57.90
N THR A 1077 -25.23 46.34 58.23
CA THR A 1077 -26.40 45.50 58.03
C THR A 1077 -26.70 44.67 59.27
N ALA A 1078 -27.85 44.02 59.22
CA ALA A 1078 -28.29 43.13 60.29
C ALA A 1078 -29.26 42.12 59.69
N PRO A 1079 -29.27 40.88 60.17
CA PRO A 1079 -30.20 39.88 59.63
C PRO A 1079 -31.65 40.12 60.00
N ALA A 1080 -31.91 40.84 61.09
CA ALA A 1080 -33.27 41.07 61.57
C ALA A 1080 -33.26 42.28 62.48
N ILE A 1081 -34.44 42.85 62.70
CA ILE A 1081 -34.62 43.96 63.62
C ILE A 1081 -35.57 43.56 64.74
N CYS A 1082 -35.18 43.87 65.98
CA CYS A 1082 -35.98 43.60 67.17
C CYS A 1082 -36.79 44.83 67.55
N HIS A 1083 -38.11 44.76 67.39
CA HIS A 1083 -38.92 45.94 67.68
C HIS A 1083 -39.63 45.83 69.03
N ASP A 1084 -40.67 44.99 69.12
CA ASP A 1084 -41.43 44.78 70.35
C ASP A 1084 -41.07 43.46 71.00
N GLY A 1085 -39.91 42.91 70.69
CA GLY A 1085 -39.51 41.61 71.15
C GLY A 1085 -39.68 40.55 70.08
N LYS A 1086 -40.36 40.91 68.99
CA LYS A 1086 -40.56 40.05 67.84
C LYS A 1086 -39.44 40.30 66.83
N ALA A 1087 -39.09 39.27 66.06
CA ALA A 1087 -38.04 39.38 65.07
C ALA A 1087 -38.65 39.73 63.71
N HIS A 1088 -38.24 40.86 63.15
CA HIS A 1088 -38.73 41.30 61.84
C HIS A 1088 -37.67 41.03 60.78
N PHE A 1089 -38.09 40.40 59.69
CA PHE A 1089 -37.20 40.10 58.57
C PHE A 1089 -37.70 40.82 57.33
N PRO A 1090 -36.82 41.21 56.41
CA PRO A 1090 -37.29 41.89 55.19
C PRO A 1090 -37.97 40.92 54.23
N ARG A 1091 -39.02 41.42 53.57
CA ARG A 1091 -39.71 40.56 52.61
C ARG A 1091 -38.97 40.46 51.29
N GLU A 1092 -38.47 41.58 50.77
CA GLU A 1092 -37.85 41.58 49.45
C GLU A 1092 -36.40 42.05 49.44
N GLY A 1093 -36.01 42.92 50.36
CA GLY A 1093 -34.67 43.48 50.32
C GLY A 1093 -33.87 43.11 51.55
N VAL A 1094 -33.00 44.02 51.98
CA VAL A 1094 -32.15 43.86 53.16
C VAL A 1094 -32.28 45.09 54.04
N PHE A 1095 -31.96 44.92 55.31
CA PHE A 1095 -31.90 46.03 56.24
C PHE A 1095 -30.51 46.64 56.17
N VAL A 1096 -30.44 47.96 56.07
CA VAL A 1096 -29.17 48.68 56.01
C VAL A 1096 -29.21 49.86 56.96
N SER A 1097 -28.02 50.34 57.31
CA SER A 1097 -27.85 51.53 58.10
C SER A 1097 -26.73 52.36 57.51
N ASN A 1098 -26.94 53.67 57.52
CA ASN A 1098 -25.95 54.64 57.09
C ASN A 1098 -25.10 55.13 58.25
N GLY A 1099 -25.25 54.49 59.41
CA GLY A 1099 -24.54 54.81 60.63
C GLY A 1099 -25.43 55.39 61.70
N THR A 1100 -26.57 55.97 61.34
CA THR A 1100 -27.49 56.48 62.36
C THR A 1100 -28.91 55.96 62.20
N HIS A 1101 -29.42 55.82 60.98
CA HIS A 1101 -30.80 55.40 60.75
C HIS A 1101 -30.82 54.06 60.02
N TRP A 1102 -31.85 53.27 60.28
CA TRP A 1102 -32.05 51.98 59.60
C TRP A 1102 -33.15 52.08 58.56
N PHE A 1103 -32.88 51.50 57.39
CA PHE A 1103 -33.81 51.49 56.27
C PHE A 1103 -33.84 50.10 55.66
N VAL A 1104 -34.86 49.82 54.86
CA VAL A 1104 -34.93 48.57 54.10
C VAL A 1104 -34.82 48.94 52.62
N THR A 1105 -33.98 48.20 51.88
CA THR A 1105 -33.75 48.52 50.49
C THR A 1105 -33.67 47.26 49.65
N GLN A 1106 -34.05 47.38 48.37
CA GLN A 1106 -33.92 46.28 47.42
C GLN A 1106 -32.44 45.95 47.24
N ARG A 1107 -32.15 44.65 47.10
CA ARG A 1107 -30.79 44.13 47.14
C ARG A 1107 -29.87 44.67 46.03
N ASN A 1108 -30.39 44.88 44.82
CA ASN A 1108 -29.50 45.23 43.73
C ASN A 1108 -29.48 46.71 43.37
N PHE A 1109 -30.11 47.57 44.17
CA PHE A 1109 -30.10 49.00 43.90
C PHE A 1109 -30.41 49.77 45.17
N TYR A 1110 -29.50 50.63 45.61
CA TYR A 1110 -29.72 51.33 46.87
C TYR A 1110 -30.87 52.31 46.74
N GLU A 1111 -31.93 52.06 47.49
CA GLU A 1111 -33.14 52.89 47.47
C GLU A 1111 -33.76 52.75 48.84
N PRO A 1112 -33.28 53.52 49.82
CA PRO A 1112 -33.72 53.33 51.20
C PRO A 1112 -35.17 53.76 51.41
N GLN A 1113 -35.91 52.93 52.13
CA GLN A 1113 -37.29 53.19 52.49
C GLN A 1113 -37.44 53.01 54.00
N ILE A 1114 -38.44 53.70 54.55
CA ILE A 1114 -38.73 53.56 55.98
C ILE A 1114 -39.21 52.13 56.22
N ILE A 1115 -38.73 51.53 57.30
CA ILE A 1115 -39.09 50.14 57.61
C ILE A 1115 -40.46 50.12 58.24
N THR A 1116 -41.39 49.40 57.61
CA THR A 1116 -42.77 49.31 58.05
C THR A 1116 -43.22 47.86 58.06
N THR A 1117 -44.41 47.64 58.60
CA THR A 1117 -45.01 46.30 58.67
C THR A 1117 -45.48 45.81 57.31
N ASP A 1118 -45.46 46.64 56.26
CA ASP A 1118 -45.90 46.23 54.94
C ASP A 1118 -44.77 45.68 54.07
N ASN A 1119 -43.52 45.78 54.52
CA ASN A 1119 -42.39 45.30 53.73
C ASN A 1119 -41.52 44.36 54.56
N THR A 1120 -42.00 43.93 55.72
CA THR A 1120 -41.31 42.98 56.60
C THR A 1120 -42.31 41.92 57.02
N PHE A 1121 -41.78 40.84 57.59
CA PHE A 1121 -42.59 39.78 58.18
C PHE A 1121 -42.01 39.40 59.52
N VAL A 1122 -42.83 38.78 60.36
CA VAL A 1122 -42.45 38.43 61.72
C VAL A 1122 -42.42 36.92 61.87
N SER A 1123 -41.32 36.40 62.44
CA SER A 1123 -41.20 34.98 62.74
C SER A 1123 -40.30 34.82 63.95
N GLY A 1124 -40.87 34.35 65.06
CA GLY A 1124 -40.08 34.10 66.25
C GLY A 1124 -39.79 35.36 67.03
N ASN A 1125 -38.85 35.24 67.96
CA ASN A 1125 -38.51 36.33 68.86
C ASN A 1125 -37.03 36.68 68.72
N CYS A 1126 -36.61 37.70 69.46
CA CYS A 1126 -35.27 38.27 69.33
C CYS A 1126 -34.16 37.42 69.96
N ASP A 1127 -34.50 36.32 70.63
CA ASP A 1127 -33.47 35.54 71.32
C ASP A 1127 -32.79 34.50 70.45
N VAL A 1128 -33.23 34.31 69.21
CA VAL A 1128 -32.68 33.26 68.38
C VAL A 1128 -31.79 33.78 67.25
N VAL A 1129 -32.05 34.96 66.70
CA VAL A 1129 -31.32 35.45 65.54
C VAL A 1129 -30.01 36.08 65.99
N ILE A 1130 -28.91 35.60 65.43
CA ILE A 1130 -27.58 36.10 65.78
C ILE A 1130 -27.32 37.37 64.99
N GLY A 1131 -27.03 38.46 65.69
CA GLY A 1131 -26.80 39.73 65.03
C GLY A 1131 -27.99 40.65 64.90
N ILE A 1132 -29.12 40.30 65.54
CA ILE A 1132 -30.31 41.15 65.49
C ILE A 1132 -30.03 42.49 66.21
N VAL A 1133 -30.56 43.58 65.63
CA VAL A 1133 -30.34 44.89 66.21
C VAL A 1133 -31.67 45.49 66.62
N ASN A 1134 -31.61 46.41 67.58
CA ASN A 1134 -32.78 47.11 68.09
C ASN A 1134 -33.10 48.32 67.22
N ASN A 1135 -34.37 48.45 66.82
CA ASN A 1135 -34.85 49.61 66.08
C ASN A 1135 -36.37 49.63 66.12
N THR A 1136 -36.93 50.63 65.47
CA THR A 1136 -38.36 50.89 65.47
C THR A 1136 -38.97 50.51 64.13
N VAL A 1137 -40.06 49.74 64.17
CA VAL A 1137 -40.83 49.37 63.00
C VAL A 1137 -42.14 50.13 63.07
N TYR A 1138 -42.47 50.84 62.00
CA TYR A 1138 -43.64 51.69 61.98
C TYR A 1138 -44.84 50.95 61.41
N ASP A 1139 -46.03 51.30 61.91
CA ASP A 1139 -47.28 50.64 61.53
C ASP A 1139 -48.35 51.66 61.12
N PRO A 1140 -48.21 52.27 59.90
CA PRO A 1140 -49.12 53.29 59.35
C PRO A 1140 -50.63 52.98 59.42
N CYS B 15 30.51 -52.30 24.73
CA CYS B 15 29.22 -51.94 25.31
C CYS B 15 28.83 -53.02 26.32
N VAL B 16 28.13 -52.63 27.39
CA VAL B 16 27.67 -53.57 28.42
C VAL B 16 26.19 -53.34 28.64
N ASN B 17 25.41 -54.42 28.66
CA ASN B 17 23.97 -54.36 28.89
C ASN B 17 23.67 -54.67 30.35
N LEU B 18 23.10 -53.70 31.06
CA LEU B 18 22.76 -53.87 32.47
C LEU B 18 21.36 -54.44 32.57
N THR B 19 21.22 -55.58 33.25
CA THR B 19 19.93 -56.26 33.31
C THR B 19 19.30 -56.30 34.70
N THR B 20 20.07 -56.01 35.75
CA THR B 20 19.58 -56.10 37.14
C THR B 20 18.82 -54.81 37.46
N ARG B 21 17.66 -54.67 36.82
CA ARG B 21 16.85 -53.47 36.99
C ARG B 21 15.38 -53.84 37.15
N THR B 22 14.73 -53.26 38.15
CA THR B 22 13.31 -53.49 38.37
C THR B 22 12.52 -52.71 37.32
N GLN B 23 11.48 -53.32 36.77
CA GLN B 23 10.69 -52.69 35.71
C GLN B 23 9.37 -52.18 36.29
N LEU B 24 9.30 -50.87 36.50
CA LEU B 24 8.12 -50.21 37.04
C LEU B 24 7.60 -49.21 36.01
N PRO B 25 6.30 -48.86 36.05
CA PRO B 25 5.77 -47.85 35.12
C PRO B 25 6.29 -46.45 35.41
N PRO B 26 6.25 -45.56 34.41
CA PRO B 26 6.67 -44.16 34.59
C PRO B 26 5.82 -43.43 35.62
N ALA B 27 6.45 -42.52 36.38
CA ALA B 27 5.72 -41.71 37.33
C ALA B 27 5.35 -40.38 36.69
N TYR B 28 4.39 -39.67 37.29
CA TYR B 28 4.01 -38.36 36.77
C TYR B 28 3.89 -37.35 37.90
N THR B 29 4.17 -36.08 37.58
CA THR B 29 4.08 -34.99 38.54
C THR B 29 3.54 -33.73 37.89
N ASN B 30 3.47 -32.66 38.69
CA ASN B 30 2.92 -31.36 38.32
C ASN B 30 4.08 -30.38 38.10
N SER B 31 4.11 -29.73 36.93
CA SER B 31 5.16 -28.78 36.59
C SER B 31 5.12 -27.48 37.37
N PHE B 32 3.96 -27.14 37.97
CA PHE B 32 3.73 -25.86 38.67
C PHE B 32 4.05 -24.67 37.76
N THR B 33 4.99 -23.82 38.18
CA THR B 33 5.35 -22.63 37.42
C THR B 33 6.79 -22.69 36.94
N ARG B 34 7.36 -23.88 36.85
CA ARG B 34 8.74 -24.07 36.41
C ARG B 34 8.84 -24.11 34.89
N GLY B 35 10.06 -23.92 34.40
CA GLY B 35 10.32 -24.02 32.98
C GLY B 35 10.38 -22.73 32.21
N VAL B 36 10.38 -21.59 32.90
CA VAL B 36 10.46 -20.30 32.24
C VAL B 36 11.92 -19.92 32.08
N TYR B 37 12.29 -19.48 30.88
CA TYR B 37 13.65 -19.12 30.50
C TYR B 37 13.65 -17.78 29.79
N TYR B 38 14.82 -17.15 29.73
CA TYR B 38 14.97 -15.89 29.02
C TYR B 38 14.85 -16.19 27.52
N PRO B 39 13.84 -15.67 26.82
CA PRO B 39 13.63 -16.06 25.43
C PRO B 39 14.61 -15.45 24.44
N ASP B 40 15.40 -14.47 24.87
CA ASP B 40 16.29 -13.74 23.97
C ASP B 40 17.51 -13.26 24.74
N LYS B 41 18.35 -12.47 24.07
CA LYS B 41 19.60 -11.98 24.64
C LYS B 41 19.61 -10.48 24.86
N VAL B 42 18.44 -9.87 25.08
CA VAL B 42 18.32 -8.42 25.22
C VAL B 42 17.88 -8.10 26.65
N PHE B 43 18.56 -7.14 27.26
CA PHE B 43 18.25 -6.71 28.61
C PHE B 43 17.07 -5.74 28.60
N ARG B 44 16.10 -6.01 29.45
CA ARG B 44 14.99 -5.08 29.64
C ARG B 44 14.68 -5.14 31.13
N SER B 45 14.12 -4.06 31.66
CA SER B 45 13.90 -4.04 33.10
C SER B 45 12.66 -3.24 33.44
N SER B 46 12.01 -3.64 34.56
CA SER B 46 10.79 -3.01 35.09
C SER B 46 9.70 -2.96 34.03
N VAL B 47 9.59 -4.04 33.25
CA VAL B 47 8.61 -4.12 32.18
C VAL B 47 7.93 -5.48 32.12
N LEU B 48 6.79 -5.50 31.46
CA LEU B 48 6.08 -6.74 31.18
C LEU B 48 6.20 -6.97 29.67
N HIS B 49 6.80 -8.09 29.29
CA HIS B 49 7.06 -8.38 27.89
C HIS B 49 6.28 -9.60 27.43
N SER B 50 5.56 -9.47 26.32
CA SER B 50 4.77 -10.56 25.78
C SER B 50 5.57 -11.24 24.69
N THR B 51 5.81 -12.54 24.83
CA THR B 51 6.61 -13.26 23.84
C THR B 51 5.93 -14.56 23.44
N GLN B 52 6.00 -14.87 22.15
CA GLN B 52 5.48 -16.14 21.62
C GLN B 52 6.67 -17.04 21.32
N ASP B 53 6.78 -18.14 22.05
CA ASP B 53 7.93 -19.03 21.93
C ASP B 53 7.53 -20.40 22.46
N LEU B 54 8.46 -21.35 22.41
CA LEU B 54 8.21 -22.69 22.92
C LEU B 54 8.50 -22.70 24.41
N PHE B 55 7.47 -22.89 25.21
CA PHE B 55 7.59 -22.88 26.66
C PHE B 55 6.92 -24.11 27.24
N LEU B 56 7.35 -24.47 28.45
CA LEU B 56 6.68 -25.52 29.19
C LEU B 56 5.38 -24.96 29.74
N PRO B 57 4.21 -25.53 29.41
CA PRO B 57 2.95 -24.98 29.94
C PRO B 57 2.89 -25.07 31.45
N PHE B 58 2.24 -24.10 32.07
CA PHE B 58 2.09 -24.13 33.51
C PHE B 58 1.18 -25.27 33.94
N PHE B 59 1.53 -25.90 35.05
CA PHE B 59 0.79 -27.02 35.66
C PHE B 59 0.61 -28.17 34.69
N SER B 60 1.63 -28.42 33.88
CA SER B 60 1.59 -29.52 32.92
C SER B 60 1.96 -30.84 33.60
N ASN B 61 1.64 -31.92 32.89
CA ASN B 61 1.92 -33.27 33.36
C ASN B 61 3.34 -33.64 32.95
N VAL B 62 4.24 -33.78 33.92
CA VAL B 62 5.65 -34.03 33.67
C VAL B 62 5.96 -35.48 34.00
N THR B 63 6.61 -36.18 33.05
CA THR B 63 6.96 -37.58 33.28
C THR B 63 8.17 -37.64 34.21
N TRP B 64 8.12 -38.52 35.21
CA TRP B 64 9.09 -38.57 36.28
C TRP B 64 9.74 -39.96 36.31
N PHE B 65 11.07 -39.99 36.21
CA PHE B 65 11.88 -41.19 36.16
C PHE B 65 12.86 -41.19 37.33
N HIS B 66 13.19 -42.40 37.78
CA HIS B 66 14.15 -42.57 38.87
C HIS B 66 15.42 -43.24 38.37
N ARG B 78 17.47 -46.22 41.06
CA ARG B 78 17.41 -47.37 40.18
C ARG B 78 18.37 -47.01 39.03
N PHE B 79 17.97 -47.26 37.78
CA PHE B 79 18.74 -46.83 36.62
C PHE B 79 17.76 -46.76 35.45
N ASP B 80 16.84 -45.80 35.53
CA ASP B 80 15.72 -45.69 34.61
C ASP B 80 16.06 -44.63 33.57
N ASN B 81 16.25 -45.07 32.31
CA ASN B 81 16.67 -44.17 31.23
C ASN B 81 16.48 -44.73 29.81
N PRO B 82 15.24 -44.85 29.33
CA PRO B 82 15.03 -45.30 27.95
C PRO B 82 15.15 -44.11 27.01
N VAL B 83 15.02 -44.37 25.72
CA VAL B 83 14.96 -43.28 24.76
C VAL B 83 13.57 -42.66 24.79
N LEU B 84 13.51 -41.34 24.81
CA LEU B 84 12.27 -40.60 24.83
C LEU B 84 12.13 -39.76 23.55
N PRO B 85 10.90 -39.45 23.15
CA PRO B 85 10.72 -38.53 22.02
C PRO B 85 11.17 -37.11 22.34
N PHE B 86 11.63 -36.41 21.30
CA PHE B 86 11.94 -34.99 21.37
C PHE B 86 11.10 -34.35 20.27
N ASN B 87 10.21 -33.40 20.64
CA ASN B 87 9.28 -32.90 19.65
C ASN B 87 9.66 -31.47 19.31
N ASP B 88 9.02 -30.46 19.91
CA ASP B 88 9.44 -29.08 19.68
C ASP B 88 10.63 -28.70 20.54
N GLY B 89 10.76 -29.35 21.69
CA GLY B 89 11.84 -29.14 22.62
C GLY B 89 11.46 -29.83 23.91
N VAL B 90 12.42 -29.92 24.83
CA VAL B 90 12.13 -30.59 26.08
C VAL B 90 12.64 -29.80 27.27
N TYR B 91 11.99 -30.04 28.41
CA TYR B 91 12.37 -29.51 29.71
C TYR B 91 12.90 -30.67 30.52
N PHE B 92 14.04 -30.49 31.15
CA PHE B 92 14.67 -31.58 31.88
C PHE B 92 15.06 -31.03 33.24
N ALA B 93 14.79 -31.79 34.29
CA ALA B 93 15.23 -31.36 35.61
C ALA B 93 15.73 -32.56 36.40
N SER B 94 16.71 -32.32 37.26
CA SER B 94 17.29 -33.38 38.06
C SER B 94 17.43 -32.95 39.51
N THR B 95 17.10 -33.87 40.41
CA THR B 95 17.29 -33.65 41.83
C THR B 95 18.35 -34.67 42.26
N GLU B 96 19.46 -34.16 42.79
CA GLU B 96 20.61 -35.01 43.13
C GLU B 96 21.27 -34.52 44.40
N LYS B 97 21.99 -35.44 45.04
CA LYS B 97 22.86 -35.06 46.15
C LYS B 97 24.31 -35.46 45.92
N SER B 98 24.61 -36.34 44.94
CA SER B 98 25.97 -36.84 44.79
C SER B 98 26.49 -36.89 43.35
N ASN B 99 26.02 -35.99 42.47
CA ASN B 99 26.51 -35.84 41.08
C ASN B 99 26.46 -37.15 40.27
N ILE B 100 25.24 -37.64 40.08
CA ILE B 100 25.02 -38.87 39.30
C ILE B 100 24.84 -38.58 37.80
N ILE B 101 24.27 -37.43 37.44
CA ILE B 101 23.95 -37.11 36.05
C ILE B 101 25.23 -36.94 35.22
N ARG B 102 25.23 -37.49 34.02
CA ARG B 102 26.37 -37.33 33.15
C ARG B 102 26.06 -36.59 31.86
N GLY B 103 24.87 -36.71 31.29
CA GLY B 103 24.71 -36.02 30.02
C GLY B 103 23.54 -36.55 29.22
N TRP B 104 23.56 -36.20 27.93
CA TRP B 104 22.44 -36.53 27.04
C TRP B 104 22.94 -36.90 25.65
N ILE B 105 22.13 -37.72 24.98
CA ILE B 105 22.30 -38.10 23.58
C ILE B 105 21.09 -37.59 22.83
N PHE B 106 21.29 -36.86 21.74
CA PHE B 106 20.18 -36.40 20.90
C PHE B 106 20.41 -36.95 19.50
N GLY B 107 19.33 -37.34 18.83
CA GLY B 107 19.47 -37.78 17.46
C GLY B 107 18.16 -38.27 16.90
N THR B 108 18.28 -38.95 15.75
CA THR B 108 17.15 -39.52 15.04
C THR B 108 17.11 -41.04 15.16
N THR B 109 18.26 -41.72 15.02
CA THR B 109 18.28 -43.17 15.07
C THR B 109 19.30 -43.67 16.10
N LEU B 110 20.37 -42.88 16.30
CA LEU B 110 21.42 -43.10 17.31
C LEU B 110 22.28 -44.33 17.01
N ASP B 111 22.40 -44.73 15.73
CA ASP B 111 23.16 -45.94 15.40
C ASP B 111 24.10 -45.72 14.21
N SER B 112 24.76 -44.57 14.15
CA SER B 112 25.76 -44.15 13.15
C SER B 112 25.19 -43.93 11.76
N LYS B 113 23.89 -44.17 11.54
CA LYS B 113 23.29 -43.93 10.24
C LYS B 113 22.96 -42.46 10.03
N THR B 114 22.78 -41.72 11.12
CA THR B 114 22.43 -40.30 11.06
C THR B 114 23.35 -39.54 12.02
N GLN B 115 23.35 -38.22 11.86
CA GLN B 115 24.12 -37.34 12.73
C GLN B 115 23.49 -37.32 14.12
N SER B 116 24.35 -37.34 15.15
CA SER B 116 23.88 -37.29 16.53
C SER B 116 24.72 -36.34 17.36
N LEU B 117 24.11 -35.84 18.43
CA LEU B 117 24.72 -34.90 19.36
C LEU B 117 24.97 -35.59 20.69
N LEU B 118 26.21 -35.52 21.19
CA LEU B 118 26.57 -36.11 22.47
C LEU B 118 27.06 -35.01 23.41
N ILE B 119 26.41 -34.90 24.58
CA ILE B 119 26.80 -33.95 25.60
C ILE B 119 27.17 -34.74 26.85
N VAL B 120 28.40 -34.60 27.33
CA VAL B 120 28.88 -35.32 28.50
C VAL B 120 29.59 -34.33 29.42
N ASN B 121 29.27 -34.37 30.70
CA ASN B 121 29.93 -33.60 31.73
C ASN B 121 30.79 -34.61 32.49
N ASN B 122 32.09 -34.63 32.21
CA ASN B 122 32.94 -35.59 32.88
C ASN B 122 33.57 -34.91 34.11
N ALA B 123 34.46 -35.65 34.78
CA ALA B 123 35.10 -35.19 36.01
C ALA B 123 35.84 -33.87 35.88
N THR B 124 36.40 -33.57 34.70
CA THR B 124 37.23 -32.38 34.55
C THR B 124 36.60 -31.25 33.77
N ASN B 125 35.71 -31.53 32.81
CA ASN B 125 35.07 -30.48 32.00
C ASN B 125 33.85 -31.05 31.27
N VAL B 126 33.16 -30.17 30.56
CA VAL B 126 32.01 -30.50 29.71
C VAL B 126 32.44 -30.57 28.26
N VAL B 127 32.13 -31.69 27.61
CA VAL B 127 32.49 -31.94 26.22
C VAL B 127 31.20 -32.16 25.43
N ILE B 128 31.10 -31.48 24.31
CA ILE B 128 30.00 -31.57 23.36
C ILE B 128 30.60 -31.99 22.03
N LYS B 129 30.10 -33.08 21.46
CA LYS B 129 30.61 -33.54 20.17
C LYS B 129 29.44 -33.90 19.27
N VAL B 130 29.55 -33.51 18.01
CA VAL B 130 28.50 -33.74 17.04
C VAL B 130 29.13 -34.70 16.01
N CYS B 131 29.88 -35.67 16.52
CA CYS B 131 30.46 -36.64 15.63
C CYS B 131 29.40 -37.69 15.28
N GLU B 132 29.65 -38.49 14.25
CA GLU B 132 28.74 -39.60 13.96
C GLU B 132 29.12 -40.73 14.90
N PHE B 133 28.27 -41.05 15.87
CA PHE B 133 28.61 -42.06 16.84
C PHE B 133 27.77 -43.32 16.63
N GLN B 134 28.39 -44.47 16.89
CA GLN B 134 27.67 -45.74 16.94
C GLN B 134 27.44 -45.96 18.43
N PHE B 135 26.20 -45.71 18.87
CA PHE B 135 25.93 -45.77 20.30
C PHE B 135 25.64 -47.18 20.77
N CYS B 136 25.81 -47.36 22.08
CA CYS B 136 25.48 -48.60 22.76
C CYS B 136 23.97 -48.65 23.00
N ASN B 137 23.46 -49.85 23.21
CA ASN B 137 22.03 -49.98 23.47
C ASN B 137 21.71 -49.78 24.94
N ASP B 138 22.74 -49.59 25.76
CA ASP B 138 22.59 -49.26 27.19
C ASP B 138 23.78 -48.40 27.60
N PRO B 139 23.86 -47.16 27.10
CA PRO B 139 25.04 -46.33 27.43
C PRO B 139 25.02 -45.82 28.86
N PHE B 140 26.20 -45.74 29.46
CA PHE B 140 26.37 -45.21 30.81
C PHE B 140 27.85 -44.96 31.08
N LEU B 141 28.10 -44.30 32.20
CA LEU B 141 29.42 -44.06 32.77
C LEU B 141 29.46 -44.74 34.12
N GLY B 142 30.67 -44.96 34.63
CA GLY B 142 30.83 -45.55 35.94
C GLY B 142 31.76 -44.74 36.83
N VAL B 143 31.58 -44.93 38.13
CA VAL B 143 32.35 -44.21 39.15
C VAL B 143 32.76 -45.19 40.24
N CYS B 152 35.35 -42.11 45.69
CA CYS B 152 34.73 -42.36 44.40
C CYS B 152 35.48 -41.63 43.28
N MET B 153 35.88 -42.37 42.26
CA MET B 153 36.58 -41.81 41.11
C MET B 153 35.98 -42.38 39.83
N GLU B 154 36.02 -41.58 38.77
CA GLU B 154 35.47 -42.02 37.49
C GLU B 154 36.41 -43.05 36.85
N SER B 155 35.82 -44.06 36.22
CA SER B 155 36.62 -45.09 35.56
C SER B 155 36.04 -45.49 34.21
N GLU B 156 34.87 -46.11 34.22
CA GLU B 156 34.29 -46.65 33.00
C GLU B 156 33.69 -45.55 32.13
N PHE B 157 33.85 -45.71 30.82
CA PHE B 157 33.20 -44.86 29.82
C PHE B 157 32.72 -45.81 28.73
N ARG B 158 31.41 -46.08 28.68
CA ARG B 158 30.84 -47.06 27.76
C ARG B 158 29.64 -46.43 27.05
N VAL B 159 29.90 -45.38 26.26
CA VAL B 159 28.84 -44.64 25.60
C VAL B 159 28.73 -45.02 24.13
N TYR B 160 29.87 -45.18 23.46
CA TYR B 160 29.88 -45.46 22.03
C TYR B 160 31.10 -46.29 21.67
N SER B 161 31.06 -46.87 20.47
CA SER B 161 32.19 -47.63 19.95
C SER B 161 32.86 -46.87 18.82
N SER B 162 32.30 -46.97 17.61
CA SER B 162 32.83 -46.27 16.46
C SER B 162 32.50 -44.79 16.53
N ALA B 163 33.43 -43.95 16.07
CA ALA B 163 33.19 -42.51 16.04
C ALA B 163 34.05 -41.84 14.98
N ASN B 164 33.43 -41.39 13.90
CA ASN B 164 34.15 -40.72 12.83
C ASN B 164 33.18 -39.71 12.21
N ASN B 165 33.67 -38.95 11.23
CA ASN B 165 32.90 -37.87 10.57
C ASN B 165 32.49 -36.80 11.59
N CYS B 166 33.46 -36.35 12.38
CA CYS B 166 33.23 -35.31 13.38
C CYS B 166 32.99 -33.97 12.71
N THR B 167 31.92 -33.28 13.11
CA THR B 167 31.57 -32.00 12.54
C THR B 167 31.70 -30.84 13.53
N PHE B 168 31.48 -31.08 14.82
CA PHE B 168 31.55 -29.98 15.77
C PHE B 168 32.02 -30.52 17.12
N GLU B 169 32.85 -29.73 17.79
CA GLU B 169 33.29 -30.04 19.15
C GLU B 169 33.32 -28.75 19.96
N TYR B 170 32.96 -28.86 21.24
CA TYR B 170 33.02 -27.74 22.17
C TYR B 170 33.40 -28.28 23.54
N VAL B 171 34.22 -27.54 24.28
CA VAL B 171 34.59 -27.91 25.65
C VAL B 171 34.46 -26.65 26.50
N SER B 172 34.06 -26.79 27.76
CA SER B 172 33.84 -25.62 28.61
C SER B 172 33.80 -26.01 30.08
N GLN B 173 33.54 -25.00 30.91
CA GLN B 173 33.41 -25.11 32.36
C GLN B 173 32.28 -26.07 32.75
N PRO B 174 32.42 -26.80 33.89
CA PRO B 174 31.40 -27.78 34.30
C PRO B 174 29.97 -27.23 34.38
N PHE B 175 29.03 -28.07 33.93
CA PHE B 175 27.56 -27.91 33.87
C PHE B 175 27.16 -27.03 32.68
N ASN B 185 17.00 -36.84 51.59
CA ASN B 185 16.73 -35.57 50.95
C ASN B 185 17.83 -35.19 49.97
N PHE B 186 17.44 -34.51 48.89
CA PHE B 186 18.40 -34.02 47.91
C PHE B 186 18.84 -32.60 48.27
N LYS B 187 19.92 -32.15 47.64
CA LYS B 187 20.43 -30.81 47.85
C LYS B 187 20.51 -29.96 46.60
N ASN B 188 20.72 -30.56 45.43
CA ASN B 188 20.96 -29.81 44.20
C ASN B 188 19.83 -30.06 43.20
N LEU B 189 19.21 -28.98 42.74
CA LEU B 189 18.21 -29.05 41.68
C LEU B 189 18.80 -28.36 40.46
N ARG B 190 18.79 -29.07 39.34
CA ARG B 190 19.29 -28.53 38.08
C ARG B 190 18.19 -28.57 37.03
N GLU B 191 17.95 -27.44 36.37
CA GLU B 191 16.94 -27.36 35.33
C GLU B 191 17.59 -26.99 34.02
N PHE B 192 17.16 -27.64 32.94
CA PHE B 192 17.65 -27.40 31.60
C PHE B 192 16.50 -27.34 30.62
N VAL B 193 16.63 -26.50 29.61
CA VAL B 193 15.69 -26.44 28.49
C VAL B 193 16.51 -26.69 27.23
N PHE B 194 16.03 -27.63 26.40
CA PHE B 194 16.72 -28.01 25.17
C PHE B 194 15.80 -27.72 23.99
N LYS B 195 16.22 -26.80 23.12
CA LYS B 195 15.46 -26.44 21.93
C LYS B 195 16.30 -26.66 20.68
N ASN B 196 15.64 -26.97 19.56
CA ASN B 196 16.33 -27.20 18.29
C ASN B 196 15.66 -26.36 17.22
N ILE B 197 16.04 -25.08 17.10
CA ILE B 197 15.35 -24.15 16.21
C ILE B 197 16.35 -23.45 15.28
N ASP B 198 16.04 -23.47 13.97
CA ASP B 198 16.76 -22.73 12.92
C ASP B 198 18.26 -23.00 12.90
N GLY B 199 18.63 -24.24 13.14
CA GLY B 199 20.03 -24.60 13.06
C GLY B 199 20.77 -24.48 14.36
N TYR B 200 20.15 -23.91 15.40
CA TYR B 200 20.78 -23.83 16.71
C TYR B 200 20.09 -24.74 17.70
N PHE B 201 20.90 -25.40 18.51
CA PHE B 201 20.45 -26.20 19.63
C PHE B 201 20.71 -25.33 20.84
N LYS B 202 19.65 -24.85 21.46
CA LYS B 202 19.76 -23.91 22.56
C LYS B 202 19.61 -24.63 23.88
N ILE B 203 20.58 -24.44 24.77
CA ILE B 203 20.58 -25.03 26.10
C ILE B 203 20.46 -23.88 27.10
N TYR B 204 19.45 -23.98 27.96
CA TYR B 204 19.20 -23.04 29.04
C TYR B 204 19.34 -23.81 30.34
N SER B 205 19.79 -23.16 31.40
CA SER B 205 19.99 -23.89 32.64
C SER B 205 19.91 -22.99 33.85
N LYS B 206 19.52 -23.61 34.97
CA LYS B 206 19.47 -22.97 36.28
C LYS B 206 19.90 -23.99 37.32
N HIS B 207 20.69 -23.55 38.29
CA HIS B 207 21.08 -24.39 39.42
C HIS B 207 20.55 -23.73 40.68
N THR B 208 19.84 -24.50 41.51
CA THR B 208 19.31 -23.98 42.77
C THR B 208 19.46 -25.03 43.87
N PRO B 209 19.43 -24.62 45.14
CA PRO B 209 19.31 -25.60 46.22
C PRO B 209 17.90 -26.15 46.28
N ILE B 210 17.79 -27.39 46.77
CA ILE B 210 16.49 -28.02 46.97
C ILE B 210 16.50 -28.70 48.33
N ASN B 211 15.30 -28.91 48.89
CA ASN B 211 15.21 -29.57 50.19
C ASN B 211 14.09 -30.59 50.27
N LEU B 212 13.49 -31.02 49.16
CA LEU B 212 12.45 -32.03 49.29
C LEU B 212 13.07 -33.40 49.11
N VAL B 213 12.45 -34.41 49.72
CA VAL B 213 12.88 -35.78 49.46
C VAL B 213 12.35 -36.33 48.15
N ARG B 214 11.06 -36.09 47.84
CA ARG B 214 10.44 -36.82 46.75
C ARG B 214 9.65 -35.90 45.80
N ASP B 215 10.03 -34.63 45.64
CA ASP B 215 9.25 -33.79 44.75
C ASP B 215 10.07 -32.61 44.24
N LEU B 216 9.45 -31.86 43.28
CA LEU B 216 9.80 -30.64 42.57
C LEU B 216 9.27 -29.42 43.32
N PRO B 217 10.08 -28.39 43.52
CA PRO B 217 9.66 -27.25 44.34
C PRO B 217 8.59 -26.41 43.66
N GLN B 218 7.83 -25.69 44.49
CA GLN B 218 6.87 -24.71 44.02
C GLN B 218 7.53 -23.35 44.17
N GLY B 219 7.29 -22.47 43.21
CA GLY B 219 7.92 -21.17 43.25
C GLY B 219 8.35 -20.81 41.86
N PHE B 220 8.99 -19.66 41.67
CA PHE B 220 9.32 -19.22 40.33
C PHE B 220 10.80 -18.83 40.30
N SER B 221 11.46 -19.25 39.22
CA SER B 221 12.82 -18.87 38.89
C SER B 221 12.93 -18.95 37.37
N ALA B 222 13.88 -18.20 36.81
CA ALA B 222 14.08 -18.22 35.38
C ALA B 222 15.40 -18.88 35.04
N LEU B 223 15.40 -19.64 33.95
CA LEU B 223 16.59 -20.35 33.50
C LEU B 223 17.37 -19.47 32.55
N GLU B 224 18.61 -19.20 32.90
CA GLU B 224 19.43 -18.40 32.00
C GLU B 224 19.94 -19.28 30.86
N PRO B 225 20.17 -18.72 29.67
CA PRO B 225 20.76 -19.51 28.59
C PRO B 225 22.18 -19.93 28.92
N LEU B 226 22.50 -21.17 28.60
CA LEU B 226 23.83 -21.69 28.86
C LEU B 226 24.69 -21.69 27.61
N VAL B 227 24.18 -22.23 26.50
CA VAL B 227 24.98 -22.23 25.27
C VAL B 227 24.06 -22.38 24.06
N ASP B 228 24.41 -21.70 22.98
CA ASP B 228 23.73 -21.84 21.69
C ASP B 228 24.67 -22.55 20.73
N LEU B 229 24.35 -23.80 20.38
CA LEU B 229 25.21 -24.60 19.53
C LEU B 229 24.75 -24.49 18.08
N PRO B 230 25.58 -24.02 17.15
CA PRO B 230 25.12 -23.86 15.75
C PRO B 230 25.18 -25.16 14.98
N ILE B 231 24.33 -26.12 15.37
CA ILE B 231 24.35 -27.45 14.79
C ILE B 231 22.99 -27.81 14.20
N GLY B 232 22.97 -28.04 12.88
CA GLY B 232 21.75 -28.31 12.15
C GLY B 232 21.43 -29.79 12.19
N ILE B 233 20.93 -30.28 13.31
CA ILE B 233 20.68 -31.70 13.51
C ILE B 233 19.18 -31.96 13.53
N ASN B 234 18.74 -33.02 12.84
CA ASN B 234 17.36 -33.46 12.94
C ASN B 234 17.28 -34.25 14.25
N ILE B 235 16.60 -33.70 15.25
CA ILE B 235 16.48 -34.33 16.56
C ILE B 235 15.02 -34.70 16.81
N THR B 236 14.78 -35.99 17.01
CA THR B 236 13.45 -36.51 17.31
C THR B 236 13.47 -37.43 18.52
N ARG B 237 14.64 -37.84 18.99
CA ARG B 237 14.76 -38.79 20.10
C ARG B 237 15.94 -38.37 20.97
N PHE B 238 15.87 -38.67 22.27
CA PHE B 238 17.00 -38.39 23.14
C PHE B 238 17.07 -39.42 24.27
N GLN B 239 18.25 -39.53 24.87
CA GLN B 239 18.49 -40.46 25.97
C GLN B 239 19.37 -39.79 27.03
N THR B 240 19.16 -40.14 28.29
CA THR B 240 19.88 -39.56 29.41
C THR B 240 21.04 -40.46 29.84
N LEU B 241 22.22 -39.87 30.06
CA LEU B 241 23.39 -40.59 30.55
C LEU B 241 23.48 -40.37 32.06
N LEU B 242 23.61 -41.48 32.80
CA LEU B 242 23.70 -41.54 34.25
C LEU B 242 24.96 -42.28 34.69
N ALA B 243 25.46 -41.93 35.88
CA ALA B 243 26.57 -42.67 36.48
C ALA B 243 26.13 -43.36 37.76
N TRP B 258 27.61 -53.57 40.09
CA TRP B 258 27.31 -52.14 40.10
C TRP B 258 26.12 -51.86 41.02
N THR B 259 25.99 -50.60 41.42
CA THR B 259 24.94 -50.17 42.35
C THR B 259 24.28 -48.91 41.81
N ALA B 260 23.13 -48.58 42.39
CA ALA B 260 22.42 -47.36 42.04
C ALA B 260 22.65 -46.26 43.07
N GLY B 261 22.68 -45.01 42.59
CA GLY B 261 22.79 -43.86 43.45
C GLY B 261 21.43 -43.21 43.72
N ALA B 262 21.49 -42.14 44.50
CA ALA B 262 20.30 -41.37 44.87
C ALA B 262 20.15 -40.19 43.93
N ALA B 263 19.18 -40.27 43.01
CA ALA B 263 18.95 -39.24 42.00
C ALA B 263 17.59 -39.48 41.36
N ALA B 264 16.97 -38.39 40.90
CA ALA B 264 15.72 -38.49 40.15
C ALA B 264 15.71 -37.44 39.07
N TYR B 265 14.96 -37.68 37.99
CA TYR B 265 14.84 -36.65 36.97
C TYR B 265 13.43 -36.60 36.41
N TYR B 266 13.11 -35.45 35.83
CA TYR B 266 11.79 -35.12 35.31
C TYR B 266 11.96 -34.67 33.87
N VAL B 267 11.04 -35.08 33.00
CA VAL B 267 11.03 -34.68 31.60
C VAL B 267 9.66 -34.11 31.23
N GLY B 268 9.64 -32.88 30.71
CA GLY B 268 8.44 -32.26 30.22
C GLY B 268 8.65 -31.87 28.76
N TYR B 269 7.58 -31.40 28.12
CA TYR B 269 7.63 -31.02 26.73
C TYR B 269 7.18 -29.59 26.51
N LEU B 270 7.84 -28.91 25.58
CA LEU B 270 7.54 -27.53 25.25
C LEU B 270 6.43 -27.47 24.22
N GLN B 271 5.66 -26.39 24.27
CA GLN B 271 4.59 -26.13 23.31
C GLN B 271 4.66 -24.68 22.88
N PRO B 272 4.14 -24.34 21.68
CA PRO B 272 4.04 -22.93 21.29
C PRO B 272 3.07 -22.18 22.20
N ARG B 273 3.58 -21.26 23.01
CA ARG B 273 2.75 -20.50 23.93
C ARG B 273 3.22 -19.05 23.99
N THR B 274 2.30 -18.19 24.39
CA THR B 274 2.60 -16.79 24.65
C THR B 274 2.73 -16.62 26.15
N PHE B 275 3.84 -16.04 26.59
CA PHE B 275 4.08 -15.76 27.99
C PHE B 275 4.28 -14.27 28.22
N LEU B 276 3.73 -13.79 29.33
CA LEU B 276 3.97 -12.42 29.80
C LEU B 276 5.03 -12.50 30.88
N LEU B 277 6.20 -11.92 30.64
CA LEU B 277 7.33 -12.01 31.54
C LEU B 277 7.51 -10.70 32.29
N LYS B 278 7.70 -10.78 33.61
CA LYS B 278 7.87 -9.60 34.43
C LYS B 278 9.34 -9.38 34.75
N TYR B 279 9.90 -8.27 34.26
CA TYR B 279 11.29 -7.92 34.51
C TYR B 279 11.31 -6.87 35.61
N ASN B 280 12.16 -7.09 36.62
CA ASN B 280 12.31 -6.20 37.76
C ASN B 280 13.31 -5.09 37.44
N GLU B 281 13.68 -4.31 38.46
CA GLU B 281 14.59 -3.18 38.27
C GLU B 281 15.96 -3.61 37.74
N ASN B 282 16.42 -4.80 38.13
CA ASN B 282 17.72 -5.31 37.71
C ASN B 282 17.62 -6.18 36.46
N GLY B 283 16.45 -6.24 35.84
CA GLY B 283 16.26 -6.99 34.61
C GLY B 283 16.13 -8.49 34.81
N THR B 284 15.85 -8.92 36.04
CA THR B 284 15.66 -10.33 36.34
C THR B 284 14.19 -10.67 36.19
N ILE B 285 13.89 -11.80 35.56
CA ILE B 285 12.51 -12.24 35.45
C ILE B 285 12.08 -12.81 36.80
N THR B 286 11.05 -12.21 37.39
CA THR B 286 10.59 -12.60 38.72
C THR B 286 9.23 -13.26 38.70
N ASP B 287 8.46 -13.08 37.63
CA ASP B 287 7.16 -13.73 37.51
C ASP B 287 6.86 -13.89 36.02
N ALA B 288 5.77 -14.60 35.74
CA ALA B 288 5.33 -14.83 34.38
C ALA B 288 3.89 -15.29 34.40
N VAL B 289 3.20 -15.02 33.29
CA VAL B 289 1.84 -15.48 33.06
C VAL B 289 1.82 -16.33 31.80
N ASP B 290 1.30 -17.55 31.90
CA ASP B 290 1.10 -18.42 30.76
C ASP B 290 -0.27 -18.03 30.19
N CYS B 291 -0.28 -17.32 29.05
CA CYS B 291 -1.49 -16.71 28.50
C CYS B 291 -2.57 -17.69 28.06
N ALA B 292 -2.39 -19.01 28.19
CA ALA B 292 -3.44 -19.95 27.87
C ALA B 292 -3.73 -20.92 29.01
N LEU B 293 -3.19 -20.69 30.21
CA LEU B 293 -3.40 -21.60 31.33
C LEU B 293 -4.87 -21.61 31.75
N ASP B 294 -5.46 -20.43 31.92
CA ASP B 294 -6.80 -20.31 32.46
C ASP B 294 -7.36 -18.96 32.01
N PRO B 295 -8.67 -18.70 32.20
CA PRO B 295 -9.22 -17.39 31.77
C PRO B 295 -8.61 -16.17 32.45
N LEU B 296 -8.23 -16.28 33.73
CA LEU B 296 -7.58 -15.15 34.40
C LEU B 296 -6.23 -14.84 33.78
N SER B 297 -5.44 -15.88 33.44
CA SER B 297 -4.12 -15.65 32.88
C SER B 297 -4.23 -14.96 31.53
N GLU B 298 -5.24 -15.35 30.75
CA GLU B 298 -5.53 -14.74 29.46
C GLU B 298 -5.90 -13.28 29.65
N THR B 299 -6.69 -12.99 30.69
CA THR B 299 -7.07 -11.61 31.00
C THR B 299 -5.85 -10.78 31.35
N LYS B 300 -4.95 -11.37 32.16
CA LYS B 300 -3.73 -10.68 32.58
C LYS B 300 -2.86 -10.34 31.37
N CYS B 301 -2.76 -11.28 30.43
CA CYS B 301 -1.99 -11.05 29.21
C CYS B 301 -2.65 -9.98 28.34
N THR B 302 -3.98 -10.02 28.24
CA THR B 302 -4.71 -9.08 27.40
C THR B 302 -4.54 -7.64 27.89
N LEU B 303 -4.57 -7.44 29.20
CA LEU B 303 -4.44 -6.11 29.76
C LEU B 303 -3.00 -5.71 30.01
N LYS B 304 -2.04 -6.61 29.72
CA LYS B 304 -0.60 -6.41 29.93
C LYS B 304 -0.29 -6.00 31.36
N SER B 305 -0.89 -6.71 32.31
CA SER B 305 -0.66 -6.42 33.72
C SER B 305 -0.85 -7.67 34.54
N PHE B 306 -0.18 -7.72 35.69
CA PHE B 306 -0.33 -8.84 36.61
C PHE B 306 -1.41 -8.57 37.64
N THR B 307 -2.01 -7.39 37.58
CA THR B 307 -3.10 -6.98 38.46
C THR B 307 -4.28 -6.67 37.56
N VAL B 308 -5.44 -7.22 37.88
CA VAL B 308 -6.65 -7.00 37.12
C VAL B 308 -7.68 -6.36 38.04
N GLU B 309 -8.28 -5.26 37.60
CA GLU B 309 -9.30 -4.60 38.39
C GLU B 309 -10.65 -5.31 38.17
N LYS B 310 -11.60 -5.02 39.07
CA LYS B 310 -12.94 -5.57 38.94
C LYS B 310 -13.60 -5.07 37.67
N GLY B 311 -14.18 -5.97 36.90
CA GLY B 311 -14.87 -5.58 35.69
C GLY B 311 -15.00 -6.76 34.75
N ILE B 312 -15.43 -6.45 33.53
CA ILE B 312 -15.59 -7.43 32.47
C ILE B 312 -14.69 -7.00 31.32
N TYR B 313 -13.87 -7.93 30.85
CA TYR B 313 -12.90 -7.66 29.81
C TYR B 313 -13.11 -8.66 28.69
N GLN B 314 -13.04 -8.21 27.45
CA GLN B 314 -13.13 -9.10 26.31
C GLN B 314 -11.71 -9.55 25.99
N THR B 315 -11.44 -10.84 26.19
CA THR B 315 -10.08 -11.33 26.10
C THR B 315 -9.79 -12.27 24.94
N SER B 316 -10.79 -12.91 24.33
CA SER B 316 -10.45 -13.88 23.30
C SER B 316 -11.63 -14.11 22.38
N ASN B 317 -11.52 -15.11 21.50
CA ASN B 317 -12.60 -15.47 20.60
C ASN B 317 -12.76 -16.98 20.59
N PHE B 318 -13.98 -17.45 20.81
CA PHE B 318 -14.29 -18.87 20.80
C PHE B 318 -14.65 -19.25 19.38
N ARG B 319 -14.18 -20.43 18.96
CA ARG B 319 -14.52 -20.98 17.66
C ARG B 319 -14.47 -22.50 17.73
N VAL B 320 -15.49 -23.14 17.20
CA VAL B 320 -15.55 -24.60 17.15
C VAL B 320 -14.61 -25.06 16.05
N GLN B 321 -13.74 -26.01 16.37
CA GLN B 321 -12.81 -26.42 15.32
C GLN B 321 -13.39 -27.59 14.53
N PRO B 322 -13.11 -27.63 13.23
CA PRO B 322 -13.59 -28.77 12.42
C PRO B 322 -12.85 -30.05 12.76
N THR B 323 -13.58 -31.16 12.68
CA THR B 323 -13.02 -32.47 13.00
C THR B 323 -12.87 -33.37 11.78
N GLU B 324 -13.53 -33.06 10.67
CA GLU B 324 -13.47 -33.90 9.48
C GLU B 324 -13.25 -33.05 8.24
N SER B 325 -12.70 -33.68 7.22
CA SER B 325 -12.52 -33.06 5.91
C SER B 325 -13.45 -33.73 4.91
N ILE B 326 -14.38 -32.96 4.36
CA ILE B 326 -15.40 -33.47 3.46
C ILE B 326 -15.03 -32.98 2.07
N VAL B 327 -14.73 -33.94 1.19
CA VAL B 327 -14.29 -33.65 -0.16
C VAL B 327 -15.29 -34.24 -1.13
N ARG B 328 -15.86 -33.41 -2.01
CA ARG B 328 -16.84 -33.88 -2.98
C ARG B 328 -16.47 -33.38 -4.36
N PHE B 329 -16.30 -34.30 -5.30
CA PHE B 329 -16.03 -33.95 -6.69
C PHE B 329 -16.93 -34.80 -7.58
N PRO B 330 -17.21 -34.37 -8.83
CA PRO B 330 -18.04 -35.18 -9.73
C PRO B 330 -17.48 -36.57 -9.98
N ASN B 331 -18.39 -37.56 -10.05
CA ASN B 331 -17.98 -38.97 -10.14
C ASN B 331 -17.66 -39.36 -11.59
N ILE B 332 -16.62 -38.72 -12.13
CA ILE B 332 -16.19 -38.96 -13.49
C ILE B 332 -14.83 -39.66 -13.42
N THR B 333 -14.60 -40.56 -14.39
CA THR B 333 -13.38 -41.36 -14.38
C THR B 333 -12.50 -41.18 -15.61
N ASN B 334 -13.01 -40.56 -16.68
CA ASN B 334 -12.24 -40.45 -17.91
C ASN B 334 -11.09 -39.45 -17.72
N LEU B 335 -9.92 -39.79 -18.24
CA LEU B 335 -8.76 -38.92 -18.11
C LEU B 335 -8.75 -37.87 -19.21
N CYS B 336 -8.21 -36.71 -18.86
CA CYS B 336 -8.08 -35.62 -19.82
C CYS B 336 -7.06 -35.96 -20.90
N PRO B 337 -7.33 -35.61 -22.15
CA PRO B 337 -6.40 -35.94 -23.26
C PRO B 337 -5.19 -35.01 -23.32
N PHE B 338 -4.40 -35.00 -22.25
CA PHE B 338 -3.17 -34.22 -22.21
C PHE B 338 -2.09 -34.91 -23.04
N GLY B 339 -1.96 -36.22 -22.84
CA GLY B 339 -1.06 -37.06 -23.60
C GLY B 339 -1.11 -36.84 -25.11
N GLU B 340 -2.33 -36.78 -25.66
CA GLU B 340 -2.55 -36.50 -27.08
C GLU B 340 -2.04 -35.12 -27.52
N VAL B 341 -1.98 -34.16 -26.61
CA VAL B 341 -1.41 -32.86 -26.96
C VAL B 341 0.11 -32.96 -27.01
N PHE B 342 0.70 -33.59 -25.99
CA PHE B 342 2.14 -33.63 -25.83
C PHE B 342 2.82 -34.56 -26.85
N ASN B 343 2.19 -35.67 -27.24
CA ASN B 343 2.85 -36.65 -28.09
C ASN B 343 2.38 -36.64 -29.54
N ALA B 344 1.69 -35.59 -29.97
CA ALA B 344 1.30 -35.44 -31.36
C ALA B 344 2.53 -35.46 -32.27
N THR B 345 2.38 -36.11 -33.43
CA THR B 345 3.51 -36.28 -34.35
C THR B 345 3.92 -34.93 -34.94
N ARG B 346 2.95 -34.10 -35.31
CA ARG B 346 3.22 -32.80 -35.88
C ARG B 346 2.72 -31.72 -34.93
N PHE B 347 3.57 -30.73 -34.67
CA PHE B 347 3.17 -29.55 -33.91
C PHE B 347 2.94 -28.40 -34.87
N ALA B 348 2.05 -27.51 -34.47
CA ALA B 348 1.79 -26.29 -35.23
C ALA B 348 2.94 -25.30 -35.13
N SER B 349 2.98 -24.43 -36.13
CA SER B 349 3.82 -23.24 -36.10
C SER B 349 3.24 -22.28 -35.06
N VAL B 350 4.12 -21.49 -34.44
CA VAL B 350 3.67 -20.50 -33.44
C VAL B 350 2.71 -19.47 -34.03
N TYR B 351 2.86 -19.08 -35.31
CA TYR B 351 1.94 -18.09 -35.86
C TYR B 351 0.54 -18.66 -36.01
N ALA B 352 0.41 -19.98 -36.12
CA ALA B 352 -0.85 -20.68 -36.33
C ALA B 352 -0.93 -21.81 -35.31
N TRP B 353 -0.81 -21.44 -34.03
CA TRP B 353 -0.76 -22.41 -32.94
C TRP B 353 -2.07 -23.16 -32.75
N ASN B 354 -1.95 -24.42 -32.31
CA ASN B 354 -3.12 -25.26 -32.12
C ASN B 354 -3.68 -25.08 -30.72
N ARG B 355 -5.01 -25.11 -30.62
CA ARG B 355 -5.69 -25.11 -29.34
C ARG B 355 -6.58 -26.33 -29.23
N LYS B 356 -6.34 -27.15 -28.21
CA LYS B 356 -7.17 -28.30 -27.84
C LYS B 356 -7.95 -27.99 -26.56
N ARG B 357 -9.19 -27.53 -26.72
CA ARG B 357 -10.07 -27.36 -25.57
C ARG B 357 -10.25 -28.67 -24.82
N ILE B 358 -9.99 -28.65 -23.52
CA ILE B 358 -10.11 -29.79 -22.62
C ILE B 358 -11.24 -29.54 -21.62
N SER B 359 -12.19 -30.46 -21.56
CA SER B 359 -13.35 -30.34 -20.68
C SER B 359 -13.88 -31.73 -20.34
N ASN B 360 -14.67 -31.78 -19.26
CA ASN B 360 -15.42 -32.97 -18.80
C ASN B 360 -14.54 -34.21 -18.59
N CYS B 361 -13.48 -34.04 -17.79
CA CYS B 361 -12.52 -35.12 -17.59
C CYS B 361 -11.74 -34.89 -16.30
N VAL B 362 -10.99 -35.92 -15.90
CA VAL B 362 -10.12 -35.87 -14.73
C VAL B 362 -8.71 -35.56 -15.20
N ALA B 363 -8.13 -34.51 -14.63
CA ALA B 363 -6.83 -34.01 -15.04
C ALA B 363 -5.79 -34.37 -13.97
N ASP B 364 -4.93 -35.32 -14.28
CA ASP B 364 -3.86 -35.70 -13.37
C ASP B 364 -2.64 -34.89 -13.79
N TYR B 365 -2.28 -33.89 -13.00
CA TYR B 365 -1.20 -32.99 -13.36
C TYR B 365 0.12 -33.42 -12.74
N SER B 366 0.11 -34.49 -11.94
CA SER B 366 1.34 -34.92 -11.30
C SER B 366 2.23 -35.63 -12.29
N VAL B 367 1.62 -36.22 -13.32
CA VAL B 367 2.38 -36.92 -14.36
C VAL B 367 3.20 -35.93 -15.16
N LEU B 368 2.61 -34.79 -15.52
CA LEU B 368 3.31 -33.78 -16.29
C LEU B 368 4.36 -33.06 -15.46
N TYR B 369 4.04 -32.75 -14.19
CA TYR B 369 4.98 -31.98 -13.38
C TYR B 369 6.18 -32.83 -12.96
N ASN B 370 5.96 -34.08 -12.62
CA ASN B 370 7.04 -34.90 -12.10
C ASN B 370 7.82 -35.58 -13.22
N SER B 371 7.47 -35.30 -14.47
CA SER B 371 8.19 -35.84 -15.60
C SER B 371 9.58 -35.22 -15.69
N ALA B 372 10.53 -36.02 -16.17
CA ALA B 372 11.90 -35.56 -16.36
C ALA B 372 12.11 -34.99 -17.75
N SER B 373 11.24 -35.30 -18.69
CA SER B 373 11.35 -34.93 -20.09
C SER B 373 11.16 -33.43 -20.35
N PHE B 374 10.72 -32.65 -19.37
CA PHE B 374 10.43 -31.24 -19.57
C PHE B 374 11.51 -30.41 -18.92
N SER B 375 12.01 -29.43 -19.66
CA SER B 375 12.98 -28.46 -19.16
C SER B 375 12.32 -27.24 -18.55
N THR B 376 11.41 -26.59 -19.26
CA THR B 376 10.65 -25.49 -18.69
C THR B 376 9.29 -25.98 -18.21
N PHE B 377 8.92 -25.61 -16.98
CA PHE B 377 7.57 -25.88 -16.49
C PHE B 377 7.26 -24.72 -15.53
N LYS B 378 6.76 -23.62 -16.08
CA LYS B 378 6.53 -22.43 -15.25
C LYS B 378 5.05 -22.17 -15.14
N CYS B 379 4.54 -22.07 -13.92
CA CYS B 379 3.13 -21.81 -13.70
C CYS B 379 2.91 -20.39 -13.21
N TYR B 380 1.86 -19.75 -13.71
CA TYR B 380 1.50 -18.38 -13.37
C TYR B 380 0.05 -18.42 -12.92
N GLY B 381 -0.20 -17.88 -11.72
CA GLY B 381 -1.54 -17.77 -11.19
C GLY B 381 -1.93 -18.92 -10.28
N VAL B 382 -1.25 -20.06 -10.42
CA VAL B 382 -1.42 -21.24 -9.59
C VAL B 382 -0.05 -21.84 -9.33
N SER B 383 0.05 -22.59 -8.30
CA SER B 383 1.29 -23.30 -8.10
C SER B 383 1.23 -24.69 -8.72
N PRO B 384 2.35 -25.19 -9.24
CA PRO B 384 2.36 -26.52 -9.88
C PRO B 384 2.09 -27.69 -8.94
N THR B 385 2.29 -27.55 -7.63
CA THR B 385 2.11 -28.66 -6.72
C THR B 385 0.72 -28.70 -6.09
N LYS B 386 -0.12 -27.72 -6.41
CA LYS B 386 -1.48 -27.66 -5.91
C LYS B 386 -2.49 -27.90 -7.02
N LEU B 387 -2.01 -28.21 -8.23
CA LEU B 387 -2.87 -28.35 -9.41
C LEU B 387 -3.87 -29.50 -9.24
N ASN B 388 -3.45 -30.59 -8.60
CA ASN B 388 -4.33 -31.74 -8.47
C ASN B 388 -5.45 -31.52 -7.46
N ASP B 389 -5.39 -30.45 -6.67
CA ASP B 389 -6.44 -30.15 -5.70
C ASP B 389 -7.46 -29.16 -6.23
N LEU B 390 -7.28 -28.69 -7.47
CA LEU B 390 -8.10 -27.62 -8.03
C LEU B 390 -9.07 -28.16 -9.08
N CYS B 391 -10.12 -27.38 -9.32
CA CYS B 391 -11.06 -27.66 -10.40
C CYS B 391 -11.21 -26.43 -11.26
N PHE B 392 -11.29 -26.63 -12.56
CA PHE B 392 -11.40 -25.55 -13.51
C PHE B 392 -12.60 -25.83 -14.38
N THR B 393 -13.21 -24.76 -14.91
CA THR B 393 -14.33 -24.97 -15.82
C THR B 393 -13.83 -25.48 -17.18
N ASN B 394 -12.65 -25.03 -17.61
CA ASN B 394 -12.15 -25.37 -18.93
C ASN B 394 -10.63 -25.19 -18.94
N VAL B 395 -9.95 -26.05 -19.71
CA VAL B 395 -8.51 -25.96 -19.90
C VAL B 395 -8.25 -25.80 -21.39
N TYR B 396 -7.45 -24.80 -21.76
CA TYR B 396 -7.05 -24.61 -23.15
C TYR B 396 -5.60 -25.08 -23.32
N ALA B 397 -5.42 -26.26 -23.90
CA ALA B 397 -4.09 -26.79 -24.26
C ALA B 397 -3.59 -26.21 -25.58
N ASP B 398 -2.67 -25.25 -25.51
CA ASP B 398 -2.17 -24.56 -26.70
C ASP B 398 -0.80 -25.15 -27.02
N SER B 399 -0.54 -25.41 -28.30
CA SER B 399 0.72 -26.07 -28.65
C SER B 399 1.34 -25.47 -29.90
N PHE B 400 2.67 -25.34 -29.85
CA PHE B 400 3.46 -24.77 -30.95
C PHE B 400 4.95 -25.07 -30.75
N VAL B 401 5.73 -24.85 -31.80
CA VAL B 401 7.19 -24.94 -31.81
C VAL B 401 7.82 -23.56 -31.89
N ILE B 402 8.75 -23.26 -30.98
CA ILE B 402 9.51 -22.02 -31.05
C ILE B 402 11.00 -22.30 -30.88
N ARG B 403 11.79 -21.25 -31.11
CA ARG B 403 13.23 -21.26 -30.89
C ARG B 403 13.52 -21.16 -29.40
N GLY B 404 14.62 -21.80 -28.98
CA GLY B 404 14.95 -21.88 -27.55
C GLY B 404 15.09 -20.54 -26.84
N ASP B 405 15.69 -19.54 -27.52
CA ASP B 405 15.84 -18.21 -26.95
C ASP B 405 14.49 -17.53 -26.74
N GLU B 406 13.46 -17.99 -27.42
CA GLU B 406 12.16 -17.38 -27.39
C GLU B 406 11.28 -18.03 -26.34
N VAL B 407 11.79 -19.08 -25.67
CA VAL B 407 11.01 -19.80 -24.65
C VAL B 407 10.65 -18.86 -23.50
N ARG B 408 11.56 -17.95 -23.15
CA ARG B 408 11.30 -16.94 -22.13
C ARG B 408 10.18 -15.98 -22.51
N GLN B 409 9.89 -15.82 -23.81
CA GLN B 409 8.82 -14.92 -24.21
C GLN B 409 7.43 -15.46 -23.92
N ILE B 410 7.28 -16.77 -23.68
CA ILE B 410 5.95 -17.33 -23.43
C ILE B 410 5.59 -17.10 -21.97
N ALA B 411 5.41 -15.85 -21.58
CA ALA B 411 5.12 -15.49 -20.21
C ALA B 411 4.28 -14.21 -20.22
N PRO B 412 3.54 -13.93 -19.15
CA PRO B 412 2.84 -12.64 -19.07
C PRO B 412 3.82 -11.47 -19.03
N GLY B 413 3.45 -10.38 -19.68
CA GLY B 413 4.25 -9.18 -19.60
C GLY B 413 5.52 -9.17 -20.42
N GLN B 414 5.63 -9.98 -21.46
CA GLN B 414 6.84 -10.06 -22.26
C GLN B 414 6.66 -9.32 -23.57
N THR B 415 7.79 -8.94 -24.15
CA THR B 415 7.85 -8.25 -25.44
C THR B 415 8.83 -8.98 -26.36
N GLY B 416 8.64 -8.75 -27.66
CA GLY B 416 9.48 -9.35 -28.67
C GLY B 416 8.67 -9.69 -29.90
N LYS B 417 9.01 -10.76 -30.60
CA LYS B 417 8.37 -11.12 -31.85
C LYS B 417 7.30 -12.19 -31.68
N ILE B 418 7.61 -13.19 -30.85
CA ILE B 418 6.64 -14.22 -30.49
C ILE B 418 5.56 -13.71 -29.57
N ALA B 419 5.93 -12.90 -28.57
CA ALA B 419 4.90 -12.28 -27.74
C ALA B 419 4.08 -11.24 -28.50
N ASP B 420 4.73 -10.20 -29.05
CA ASP B 420 3.91 -9.17 -29.68
C ASP B 420 3.28 -9.57 -31.02
N TYR B 421 3.64 -10.70 -31.62
CA TYR B 421 3.17 -11.05 -32.97
C TYR B 421 2.79 -12.51 -33.17
N ASN B 422 3.16 -13.44 -32.29
CA ASN B 422 2.76 -14.81 -32.54
C ASN B 422 1.87 -15.40 -31.45
N TYR B 423 2.30 -15.40 -30.18
CA TYR B 423 1.50 -15.99 -29.09
C TYR B 423 1.52 -15.09 -27.84
N LYS B 424 0.66 -14.07 -27.83
CA LYS B 424 0.56 -13.16 -26.70
C LYS B 424 -0.24 -13.76 -25.56
N LEU B 425 0.32 -13.74 -24.33
CA LEU B 425 -0.39 -14.15 -23.12
C LEU B 425 -0.90 -12.95 -22.33
N PRO B 426 -2.09 -13.05 -21.75
CA PRO B 426 -2.62 -11.96 -20.93
C PRO B 426 -1.86 -11.87 -19.61
N ASP B 427 -1.93 -10.68 -19.00
CA ASP B 427 -1.19 -10.44 -17.76
C ASP B 427 -1.82 -11.13 -16.56
N ASP B 428 -3.10 -11.46 -16.61
CA ASP B 428 -3.79 -12.17 -15.55
C ASP B 428 -3.92 -13.65 -15.87
N PHE B 429 -3.01 -14.16 -16.69
CA PHE B 429 -2.99 -15.55 -17.13
C PHE B 429 -2.87 -16.52 -15.96
N THR B 430 -3.72 -17.54 -15.96
CA THR B 430 -3.64 -18.63 -15.01
C THR B 430 -3.38 -19.88 -15.82
N GLY B 431 -2.28 -20.57 -15.53
CA GLY B 431 -1.91 -21.71 -16.33
C GLY B 431 -0.44 -22.02 -16.18
N CYS B 432 -0.01 -22.99 -16.97
CA CYS B 432 1.39 -23.45 -16.93
C CYS B 432 1.95 -23.50 -18.34
N VAL B 433 3.19 -23.01 -18.48
CA VAL B 433 3.94 -23.02 -19.74
C VAL B 433 4.99 -24.12 -19.65
N ILE B 434 4.61 -25.30 -20.14
CA ILE B 434 5.46 -26.48 -20.21
C ILE B 434 6.20 -26.49 -21.55
N ALA B 435 7.51 -26.69 -21.54
CA ALA B 435 8.29 -26.63 -22.77
C ALA B 435 9.44 -27.62 -22.66
N TRP B 436 9.84 -28.17 -23.80
CA TRP B 436 10.95 -29.11 -23.85
C TRP B 436 11.72 -29.02 -25.16
N ASN B 437 13.01 -29.34 -25.08
CA ASN B 437 13.84 -29.38 -26.27
C ASN B 437 13.41 -30.54 -27.16
N SER B 438 13.18 -30.26 -28.44
CA SER B 438 12.72 -31.27 -29.39
C SER B 438 13.64 -31.38 -30.59
N ASN B 439 14.95 -31.15 -30.40
CA ASN B 439 15.93 -31.19 -31.49
C ASN B 439 15.94 -32.55 -32.17
N ASN B 440 15.74 -33.63 -31.40
CA ASN B 440 15.72 -34.97 -31.96
C ASN B 440 14.46 -35.26 -32.76
N LEU B 441 13.44 -34.41 -32.68
CA LEU B 441 12.21 -34.61 -33.45
C LEU B 441 12.01 -33.61 -34.56
N ASP B 442 12.41 -32.36 -34.35
CA ASP B 442 12.07 -31.27 -35.26
C ASP B 442 13.21 -30.82 -36.16
N SER B 443 14.42 -31.29 -35.94
CA SER B 443 15.55 -30.86 -36.75
C SER B 443 15.80 -31.79 -37.94
N LYS B 444 16.26 -31.19 -39.03
CA LYS B 444 16.67 -31.87 -40.25
C LYS B 444 18.03 -31.30 -40.64
N VAL B 445 18.77 -32.07 -41.46
CA VAL B 445 20.13 -31.69 -41.81
C VAL B 445 20.15 -30.39 -42.61
N GLY B 446 19.25 -30.24 -43.58
CA GLY B 446 19.32 -29.06 -44.41
C GLY B 446 18.54 -27.92 -43.81
N GLY B 447 17.84 -28.20 -42.72
CA GLY B 447 17.00 -27.27 -42.02
C GLY B 447 15.55 -27.69 -42.21
N ASN B 448 14.78 -27.76 -41.13
CA ASN B 448 13.36 -28.02 -41.22
C ASN B 448 12.65 -26.68 -41.38
N TYR B 449 12.08 -26.43 -42.56
CA TYR B 449 11.49 -25.14 -42.87
C TYR B 449 9.97 -25.17 -42.77
N ASN B 450 9.41 -26.20 -42.14
CA ASN B 450 7.97 -26.30 -41.95
C ASN B 450 7.47 -25.42 -40.81
N TYR B 451 8.23 -25.33 -39.73
CA TYR B 451 7.89 -24.41 -38.64
C TYR B 451 8.20 -22.97 -39.02
N ARG B 452 7.19 -22.11 -38.88
CA ARG B 452 7.25 -20.71 -39.24
C ARG B 452 6.81 -19.85 -38.07
N TYR B 453 7.13 -18.55 -38.15
CA TYR B 453 6.70 -17.57 -37.17
C TYR B 453 6.40 -16.28 -37.91
N ARG B 454 5.48 -15.49 -37.36
CA ARG B 454 5.22 -14.16 -37.89
C ARG B 454 6.27 -13.18 -37.39
N LEU B 455 6.93 -12.52 -38.34
CA LEU B 455 7.95 -11.53 -38.04
C LEU B 455 7.44 -10.09 -38.05
N PHE B 456 6.43 -9.78 -38.86
CA PHE B 456 5.92 -8.42 -39.01
C PHE B 456 4.42 -8.37 -38.80
N ARG B 457 3.92 -7.21 -38.36
CA ARG B 457 2.49 -6.96 -38.17
C ARG B 457 2.31 -5.49 -37.82
N LYS B 458 1.17 -4.93 -38.27
CA LYS B 458 0.85 -3.53 -38.05
C LYS B 458 0.71 -3.18 -36.57
N SER B 459 0.17 -4.09 -35.77
CA SER B 459 -0.01 -3.84 -34.35
C SER B 459 0.20 -5.14 -33.58
N ASN B 460 0.33 -5.01 -32.27
CA ASN B 460 0.50 -6.20 -31.45
C ASN B 460 -0.78 -7.02 -31.35
N LEU B 461 -0.58 -8.33 -31.26
CA LEU B 461 -1.64 -9.31 -31.04
C LEU B 461 -2.25 -9.26 -29.66
N LYS B 462 -3.56 -9.00 -29.57
CA LYS B 462 -4.28 -9.07 -28.31
C LYS B 462 -4.14 -10.51 -27.75
N PRO B 463 -4.32 -10.71 -26.43
CA PRO B 463 -4.22 -12.07 -25.87
C PRO B 463 -5.10 -13.13 -26.52
N PHE B 464 -4.46 -14.26 -26.86
CA PHE B 464 -5.05 -15.46 -27.50
C PHE B 464 -5.62 -15.18 -28.89
N GLU B 465 -5.17 -14.12 -29.55
CA GLU B 465 -5.55 -13.77 -30.92
C GLU B 465 -4.68 -14.47 -31.95
N ARG B 466 -5.22 -15.48 -32.64
CA ARG B 466 -4.47 -16.11 -33.73
C ARG B 466 -4.52 -15.23 -34.97
N ASP B 467 -3.43 -15.22 -35.73
CA ASP B 467 -3.33 -14.45 -36.95
C ASP B 467 -2.61 -15.38 -37.93
N ILE B 468 -3.33 -15.79 -38.97
CA ILE B 468 -2.82 -16.72 -39.98
C ILE B 468 -2.78 -16.08 -41.37
N SER B 469 -2.82 -14.76 -41.47
CA SER B 469 -2.77 -14.15 -42.79
C SER B 469 -1.33 -14.12 -43.31
N THR B 470 -1.20 -13.85 -44.60
CA THR B 470 0.07 -13.67 -45.29
C THR B 470 0.07 -12.38 -46.08
N GLU B 471 -0.61 -11.37 -45.56
CA GLU B 471 -0.69 -10.08 -46.24
C GLU B 471 0.65 -9.38 -46.13
N ILE B 472 1.09 -8.79 -47.25
CA ILE B 472 2.38 -8.10 -47.29
C ILE B 472 2.39 -6.94 -46.32
N TYR B 473 3.46 -6.83 -45.54
CA TYR B 473 3.58 -5.81 -44.52
C TYR B 473 4.17 -4.54 -45.12
N GLN B 474 3.51 -3.41 -44.88
CA GLN B 474 3.95 -2.13 -45.40
C GLN B 474 4.80 -1.44 -44.34
N ALA B 475 6.10 -1.32 -44.60
CA ALA B 475 6.99 -0.72 -43.62
C ALA B 475 7.08 0.79 -43.75
N GLY B 476 6.84 1.31 -44.95
CA GLY B 476 6.96 2.73 -45.20
C GLY B 476 5.63 3.41 -45.38
N SER B 477 5.63 4.52 -46.10
CA SER B 477 4.44 5.29 -46.36
C SER B 477 3.80 4.96 -47.70
N THR B 478 4.49 4.18 -48.54
CA THR B 478 4.08 3.83 -49.89
C THR B 478 3.30 2.51 -49.88
N PRO B 479 2.08 2.50 -50.42
CA PRO B 479 1.30 1.26 -50.51
C PRO B 479 2.04 0.16 -51.28
N CYS B 480 1.90 -1.08 -50.79
CA CYS B 480 2.62 -2.19 -51.41
C CYS B 480 1.88 -2.84 -52.56
N ASN B 481 0.54 -2.85 -52.49
CA ASN B 481 -0.34 -3.44 -53.50
C ASN B 481 -0.03 -4.92 -53.75
N GLY B 482 0.36 -5.65 -52.71
CA GLY B 482 0.58 -7.06 -52.87
C GLY B 482 1.91 -7.48 -53.45
N VAL B 483 2.85 -6.57 -53.67
CA VAL B 483 4.11 -6.90 -54.34
C VAL B 483 5.28 -6.75 -53.36
N GLU B 484 6.04 -7.83 -53.21
CA GLU B 484 7.25 -7.88 -52.41
C GLU B 484 8.38 -7.04 -52.98
N GLY B 485 8.94 -6.16 -52.17
CA GLY B 485 9.92 -5.20 -52.65
C GLY B 485 10.38 -4.29 -51.54
N PHE B 486 10.87 -3.11 -51.91
CA PHE B 486 11.41 -2.18 -50.92
C PHE B 486 10.30 -1.69 -49.99
N ASN B 487 10.52 -1.82 -48.68
CA ASN B 487 9.58 -1.47 -47.61
C ASN B 487 8.29 -2.29 -47.67
N CYS B 488 8.31 -3.41 -48.37
CA CYS B 488 7.16 -4.30 -48.49
C CYS B 488 7.68 -5.71 -48.23
N TYR B 489 7.34 -6.27 -47.08
CA TYR B 489 7.96 -7.50 -46.62
C TYR B 489 6.93 -8.62 -46.55
N PHE B 490 7.44 -9.85 -46.56
CA PHE B 490 6.62 -11.01 -46.29
C PHE B 490 6.56 -11.28 -44.79
N PRO B 491 5.39 -11.25 -44.17
CA PRO B 491 5.29 -11.21 -42.70
C PRO B 491 5.82 -12.45 -41.99
N LEU B 492 5.87 -13.60 -42.66
CA LEU B 492 6.25 -14.84 -42.01
C LEU B 492 7.65 -15.25 -42.41
N GLN B 493 8.33 -15.93 -41.50
CA GLN B 493 9.70 -16.37 -41.69
C GLN B 493 9.85 -17.74 -41.05
N SER B 494 10.74 -18.56 -41.59
CA SER B 494 10.96 -19.89 -41.06
C SER B 494 12.19 -19.97 -40.18
N TYR B 495 12.15 -20.90 -39.23
CA TYR B 495 13.28 -21.23 -38.39
C TYR B 495 14.07 -22.35 -39.06
N GLY B 496 15.35 -22.14 -39.31
CA GLY B 496 16.09 -23.18 -40.00
C GLY B 496 16.68 -24.13 -38.98
N PHE B 497 15.88 -25.11 -38.54
CA PHE B 497 16.27 -25.99 -37.44
C PHE B 497 17.24 -27.06 -37.94
N GLN B 498 18.47 -27.01 -37.45
CA GLN B 498 19.54 -27.91 -37.86
C GLN B 498 20.11 -28.58 -36.62
N PRO B 499 20.52 -29.86 -36.71
CA PRO B 499 21.04 -30.56 -35.50
C PRO B 499 22.34 -29.99 -34.97
N THR B 500 23.06 -29.17 -35.74
CA THR B 500 24.34 -28.63 -35.31
C THR B 500 24.20 -27.24 -34.69
N ASN B 501 22.98 -26.74 -34.60
CA ASN B 501 22.73 -25.41 -34.04
C ASN B 501 23.00 -25.41 -32.55
N GLY B 502 23.28 -24.23 -32.01
CA GLY B 502 23.43 -24.10 -30.58
C GLY B 502 22.09 -24.24 -29.88
N VAL B 503 22.17 -24.39 -28.55
CA VAL B 503 21.01 -24.73 -27.71
C VAL B 503 19.93 -23.66 -27.84
N GLY B 504 20.32 -22.39 -27.88
CA GLY B 504 19.38 -21.30 -28.01
C GLY B 504 18.66 -21.26 -29.36
N TYR B 505 19.19 -21.96 -30.35
CA TYR B 505 18.62 -22.07 -31.69
C TYR B 505 18.04 -23.45 -31.97
N GLN B 506 18.04 -24.34 -30.99
CA GLN B 506 17.40 -25.63 -31.21
C GLN B 506 15.89 -25.49 -31.03
N PRO B 507 15.10 -26.37 -31.67
CA PRO B 507 13.64 -26.26 -31.52
C PRO B 507 13.16 -26.75 -30.16
N TYR B 508 12.21 -26.00 -29.61
CA TYR B 508 11.54 -26.39 -28.37
C TYR B 508 10.05 -26.44 -28.64
N ARG B 509 9.43 -27.53 -28.22
CA ARG B 509 8.00 -27.68 -28.30
C ARG B 509 7.39 -27.16 -27.01
N VAL B 510 6.37 -26.31 -27.15
CA VAL B 510 5.77 -25.62 -26.02
C VAL B 510 4.29 -25.98 -26.00
N VAL B 511 3.83 -26.39 -24.82
CA VAL B 511 2.43 -26.62 -24.52
C VAL B 511 2.07 -25.71 -23.36
N VAL B 512 1.08 -24.88 -23.57
CA VAL B 512 0.62 -23.91 -22.58
C VAL B 512 -0.74 -24.40 -22.16
N LEU B 513 -1.06 -24.25 -20.88
CA LEU B 513 -2.32 -24.76 -20.37
C LEU B 513 -2.95 -23.60 -19.65
N SER B 514 -4.05 -23.11 -20.22
CA SER B 514 -4.79 -21.99 -19.68
C SER B 514 -5.96 -22.51 -18.87
N PHE B 515 -6.06 -22.09 -17.63
CA PHE B 515 -7.07 -22.57 -16.70
C PHE B 515 -8.08 -21.45 -16.53
N GLU B 516 -9.31 -21.67 -17.00
CA GLU B 516 -10.31 -20.61 -16.93
C GLU B 516 -11.10 -20.72 -15.62
N LEU B 517 -11.21 -19.60 -14.90
CA LEU B 517 -11.93 -19.57 -13.63
C LEU B 517 -13.02 -18.50 -13.68
N LEU B 518 -14.24 -18.91 -14.03
CA LEU B 518 -15.40 -18.03 -13.98
C LEU B 518 -16.47 -18.75 -13.18
N HIS B 519 -17.47 -17.99 -12.71
CA HIS B 519 -18.50 -18.55 -11.84
C HIS B 519 -19.46 -19.39 -12.68
N ALA B 520 -19.04 -20.62 -12.95
CA ALA B 520 -19.78 -21.55 -13.78
C ALA B 520 -19.42 -22.95 -13.32
N PRO B 521 -20.15 -23.99 -13.76
CA PRO B 521 -19.80 -25.36 -13.33
C PRO B 521 -18.40 -25.76 -13.76
N ALA B 522 -17.64 -26.36 -12.83
CA ALA B 522 -16.33 -26.85 -13.19
C ALA B 522 -16.44 -28.21 -13.85
N THR B 523 -15.63 -28.43 -14.89
CA THR B 523 -15.65 -29.67 -15.66
C THR B 523 -14.32 -30.40 -15.65
N VAL B 524 -13.23 -29.75 -15.28
CA VAL B 524 -11.92 -30.35 -15.23
C VAL B 524 -11.42 -30.32 -13.79
N CYS B 525 -11.23 -31.50 -13.21
CA CYS B 525 -10.84 -31.62 -11.82
C CYS B 525 -9.66 -32.58 -11.67
N GLY B 526 -8.85 -32.35 -10.64
CA GLY B 526 -7.73 -33.22 -10.36
C GLY B 526 -8.14 -34.59 -9.84
N PRO B 527 -7.19 -35.52 -9.73
CA PRO B 527 -7.51 -36.90 -9.32
C PRO B 527 -7.69 -37.05 -7.82
N LYS B 528 -8.67 -36.35 -7.27
CA LYS B 528 -8.97 -36.44 -5.85
C LYS B 528 -10.04 -37.49 -5.59
N LYS B 529 -9.94 -38.14 -4.44
CA LYS B 529 -10.96 -39.09 -4.02
C LYS B 529 -12.02 -38.32 -3.25
N SER B 530 -13.28 -38.70 -3.46
CA SER B 530 -14.37 -38.10 -2.71
C SER B 530 -14.63 -38.86 -1.41
N THR B 531 -15.17 -38.15 -0.43
CA THR B 531 -15.51 -38.73 0.85
C THR B 531 -17.02 -38.70 1.03
N ASN B 532 -17.49 -39.35 2.09
CA ASN B 532 -18.91 -39.32 2.39
C ASN B 532 -19.31 -37.94 2.88
N LEU B 533 -20.52 -37.53 2.55
CA LEU B 533 -21.02 -36.24 2.99
C LEU B 533 -21.44 -36.33 4.46
N VAL B 534 -20.99 -35.36 5.27
CA VAL B 534 -21.29 -35.30 6.69
C VAL B 534 -22.06 -34.02 6.95
N LYS B 535 -23.22 -34.15 7.57
CA LYS B 535 -24.07 -33.00 7.86
C LYS B 535 -24.19 -32.76 9.35
N ASN B 536 -24.55 -31.50 9.68
CA ASN B 536 -24.79 -31.03 11.06
C ASN B 536 -23.54 -31.09 11.93
N LYS B 537 -22.36 -30.94 11.33
CA LYS B 537 -21.12 -30.91 12.08
C LYS B 537 -20.19 -29.89 11.44
N CYS B 538 -19.27 -29.33 12.24
CA CYS B 538 -18.27 -28.41 11.71
C CYS B 538 -17.19 -29.21 10.98
N VAL B 539 -17.04 -28.96 9.68
CA VAL B 539 -16.09 -29.67 8.83
C VAL B 539 -15.38 -28.69 7.92
N ASN B 540 -14.23 -29.12 7.40
CA ASN B 540 -13.55 -28.42 6.33
C ASN B 540 -14.03 -29.05 5.03
N PHE B 541 -14.66 -28.28 4.16
CA PHE B 541 -15.23 -28.85 2.96
C PHE B 541 -14.56 -28.31 1.70
N ASN B 542 -14.63 -29.14 0.65
CA ASN B 542 -14.16 -28.79 -0.69
C ASN B 542 -15.22 -29.35 -1.65
N PHE B 543 -16.05 -28.45 -2.17
CA PHE B 543 -17.12 -28.77 -3.11
C PHE B 543 -16.72 -28.25 -4.49
N ASN B 544 -16.21 -29.15 -5.34
CA ASN B 544 -15.84 -28.89 -6.73
C ASN B 544 -14.88 -27.71 -6.86
N GLY B 545 -13.93 -27.63 -5.93
CA GLY B 545 -12.92 -26.59 -5.92
C GLY B 545 -13.22 -25.48 -4.94
N LEU B 546 -14.45 -25.38 -4.46
CA LEU B 546 -14.84 -24.36 -3.49
C LEU B 546 -14.47 -24.87 -2.10
N THR B 547 -13.63 -24.13 -1.38
CA THR B 547 -13.15 -24.63 -0.10
C THR B 547 -13.50 -23.66 1.03
N GLY B 548 -13.68 -24.24 2.21
CA GLY B 548 -14.01 -23.43 3.37
C GLY B 548 -14.32 -24.32 4.56
N THR B 549 -14.67 -23.67 5.66
CA THR B 549 -15.00 -24.35 6.90
C THR B 549 -16.41 -23.99 7.32
N GLY B 550 -17.21 -24.98 7.69
CA GLY B 550 -18.57 -24.68 8.10
C GLY B 550 -19.36 -25.93 8.43
N VAL B 551 -20.64 -25.71 8.67
CA VAL B 551 -21.60 -26.75 9.03
C VAL B 551 -22.57 -26.89 7.86
N LEU B 552 -22.70 -28.11 7.36
CA LEU B 552 -23.55 -28.42 6.21
C LEU B 552 -24.89 -28.93 6.70
N THR B 553 -25.98 -28.31 6.25
CA THR B 553 -27.32 -28.73 6.63
C THR B 553 -28.15 -28.88 5.37
N GLU B 554 -29.27 -29.59 5.48
CA GLU B 554 -30.17 -29.71 4.36
C GLU B 554 -30.85 -28.37 4.11
N SER B 555 -30.92 -27.96 2.85
CA SER B 555 -31.46 -26.66 2.52
C SER B 555 -32.90 -26.74 2.06
N ASN B 556 -33.63 -25.65 2.28
CA ASN B 556 -34.99 -25.49 1.79
C ASN B 556 -35.05 -24.45 0.69
N LYS B 557 -33.91 -24.10 0.11
CA LYS B 557 -33.85 -23.14 -0.98
C LYS B 557 -34.23 -23.81 -2.30
N LYS B 558 -34.99 -23.08 -3.11
CA LYS B 558 -35.44 -23.59 -4.41
C LYS B 558 -34.43 -23.16 -5.47
N PHE B 559 -33.35 -23.94 -5.58
CA PHE B 559 -32.37 -23.64 -6.61
C PHE B 559 -32.91 -23.96 -7.99
N LEU B 560 -32.59 -23.10 -8.95
CA LEU B 560 -32.93 -23.37 -10.33
C LEU B 560 -31.99 -24.45 -10.88
N PRO B 561 -32.39 -25.17 -11.93
CA PRO B 561 -31.56 -26.29 -12.44
C PRO B 561 -30.13 -25.94 -12.84
N PHE B 562 -29.83 -24.68 -13.13
CA PHE B 562 -28.51 -24.26 -13.56
C PHE B 562 -27.64 -23.71 -12.44
N GLN B 563 -28.21 -23.48 -11.25
CA GLN B 563 -27.47 -22.85 -10.17
C GLN B 563 -26.66 -23.88 -9.40
N GLN B 564 -25.38 -23.57 -9.18
CA GLN B 564 -24.46 -24.51 -8.55
C GLN B 564 -24.17 -24.20 -7.10
N PHE B 565 -24.34 -22.95 -6.68
CA PHE B 565 -24.09 -22.54 -5.31
C PHE B 565 -24.91 -21.28 -5.07
N GLY B 566 -25.00 -20.89 -3.80
CA GLY B 566 -25.73 -19.69 -3.46
C GLY B 566 -24.92 -18.72 -2.63
N ARG B 567 -25.42 -17.48 -2.57
CA ARG B 567 -24.81 -16.44 -1.77
C ARG B 567 -25.86 -15.70 -0.97
N ASP B 568 -25.42 -15.16 0.15
CA ASP B 568 -26.23 -14.41 1.10
C ASP B 568 -26.29 -12.95 0.68
N ILE B 569 -26.96 -12.14 1.52
CA ILE B 569 -27.09 -10.70 1.33
C ILE B 569 -25.71 -10.07 1.30
N ALA B 570 -24.79 -10.62 2.09
CA ALA B 570 -23.40 -10.25 2.27
C ALA B 570 -22.51 -10.60 1.09
N ASP B 571 -23.04 -11.30 0.09
CA ASP B 571 -22.34 -11.75 -1.13
C ASP B 571 -21.24 -12.75 -0.78
N THR B 572 -21.49 -13.57 0.24
CA THR B 572 -20.58 -14.65 0.62
C THR B 572 -21.32 -15.95 0.41
N THR B 573 -20.57 -17.03 0.14
CA THR B 573 -21.20 -18.32 -0.16
C THR B 573 -21.95 -18.85 1.04
N ASP B 574 -23.21 -19.23 0.83
CA ASP B 574 -24.04 -19.79 1.90
C ASP B 574 -24.78 -21.07 1.55
N ALA B 575 -24.61 -21.59 0.33
CA ALA B 575 -25.29 -22.80 -0.08
C ALA B 575 -24.50 -23.37 -1.25
N VAL B 576 -24.53 -24.70 -1.36
CA VAL B 576 -23.83 -25.36 -2.46
C VAL B 576 -24.63 -26.57 -2.93
N ARG B 577 -24.58 -26.83 -4.23
CA ARG B 577 -25.15 -28.03 -4.82
C ARG B 577 -24.05 -29.08 -4.85
N ASP B 578 -24.32 -30.24 -4.25
CA ASP B 578 -23.35 -31.32 -4.21
C ASP B 578 -23.07 -31.81 -5.63
N PRO B 579 -21.80 -32.02 -6.00
CA PRO B 579 -21.47 -32.44 -7.38
C PRO B 579 -21.85 -33.88 -7.73
N GLN B 580 -22.19 -34.75 -6.78
CA GLN B 580 -22.56 -36.11 -7.14
C GLN B 580 -24.06 -36.36 -7.07
N THR B 581 -24.72 -35.88 -6.04
CA THR B 581 -26.17 -35.95 -5.92
C THR B 581 -26.68 -34.52 -5.91
N LEU B 582 -27.72 -34.22 -6.67
CA LEU B 582 -28.11 -32.81 -6.84
C LEU B 582 -28.96 -32.33 -5.67
N GLU B 583 -28.35 -32.37 -4.49
CA GLU B 583 -28.93 -31.97 -3.23
C GLU B 583 -28.46 -30.54 -2.96
N ILE B 584 -29.33 -29.71 -2.41
CA ILE B 584 -28.95 -28.36 -2.06
C ILE B 584 -28.61 -28.34 -0.57
N LEU B 585 -27.41 -27.90 -0.24
CA LEU B 585 -26.97 -27.82 1.14
C LEU B 585 -26.80 -26.37 1.55
N ASP B 586 -27.14 -26.07 2.80
CA ASP B 586 -26.87 -24.76 3.37
C ASP B 586 -25.55 -24.85 4.13
N ILE B 587 -24.75 -23.81 4.03
CA ILE B 587 -23.48 -23.72 4.72
C ILE B 587 -23.60 -22.63 5.76
N THR B 588 -23.40 -23.00 7.01
CA THR B 588 -23.37 -21.98 8.04
C THR B 588 -21.97 -21.97 8.61
N PRO B 589 -21.49 -20.84 9.13
CA PRO B 589 -20.17 -20.85 9.76
C PRO B 589 -20.18 -21.68 11.03
N CYS B 590 -19.00 -22.18 11.39
CA CYS B 590 -18.85 -22.89 12.64
C CYS B 590 -19.01 -21.87 13.76
N SER B 591 -19.59 -22.32 14.88
CA SER B 591 -19.94 -21.43 15.98
C SER B 591 -18.73 -20.63 16.45
N PHE B 592 -18.94 -19.35 16.65
CA PHE B 592 -17.90 -18.47 17.13
C PHE B 592 -18.54 -17.33 17.91
N GLY B 593 -17.71 -16.65 18.68
CA GLY B 593 -18.17 -15.50 19.43
C GLY B 593 -17.07 -14.98 20.29
N GLY B 594 -17.31 -13.81 20.86
CA GLY B 594 -16.31 -13.21 21.72
C GLY B 594 -16.25 -13.96 23.05
N VAL B 595 -15.09 -13.92 23.69
CA VAL B 595 -14.93 -14.52 25.00
C VAL B 595 -14.57 -13.40 25.95
N SER B 596 -15.43 -13.19 26.95
CA SER B 596 -15.25 -12.16 27.96
C SER B 596 -15.04 -12.82 29.32
N VAL B 597 -14.13 -12.28 30.11
CA VAL B 597 -13.85 -12.83 31.42
C VAL B 597 -14.40 -11.88 32.46
N ILE B 598 -15.27 -12.38 33.33
CA ILE B 598 -15.89 -11.61 34.38
C ILE B 598 -15.09 -11.88 35.64
N THR B 599 -14.58 -10.83 36.27
CA THR B 599 -13.77 -11.08 37.42
C THR B 599 -13.81 -10.01 38.49
N PRO B 600 -13.78 -10.39 39.76
CA PRO B 600 -13.50 -9.43 40.81
C PRO B 600 -12.01 -9.16 40.73
N GLY B 601 -11.56 -8.07 41.32
CA GLY B 601 -10.16 -7.73 41.22
C GLY B 601 -9.26 -8.75 41.89
N THR B 602 -7.97 -8.73 41.50
CA THR B 602 -7.00 -9.64 42.08
C THR B 602 -6.70 -9.33 43.54
N ASN B 603 -7.14 -8.18 44.03
CA ASN B 603 -7.02 -7.85 45.44
C ASN B 603 -7.99 -8.66 46.29
N THR B 604 -9.05 -9.19 45.67
CA THR B 604 -10.09 -9.95 46.38
C THR B 604 -10.09 -11.44 46.08
N SER B 605 -10.02 -11.83 44.81
CA SER B 605 -10.12 -13.25 44.46
C SER B 605 -9.56 -13.50 43.08
N ASN B 606 -9.09 -14.73 42.85
CA ASN B 606 -8.63 -15.17 41.55
C ASN B 606 -9.67 -16.01 40.82
N GLN B 607 -10.89 -16.05 41.34
CA GLN B 607 -12.00 -16.78 40.71
C GLN B 607 -12.58 -15.93 39.58
N VAL B 608 -12.89 -16.58 38.44
CA VAL B 608 -13.43 -15.89 37.28
C VAL B 608 -14.63 -16.65 36.73
N ALA B 609 -15.41 -15.95 35.93
CA ALA B 609 -16.53 -16.50 35.17
C ALA B 609 -16.31 -16.13 33.71
N VAL B 610 -16.78 -16.95 32.78
CA VAL B 610 -16.53 -16.71 31.37
C VAL B 610 -17.85 -16.59 30.62
N LEU B 611 -17.98 -15.53 29.83
CA LEU B 611 -19.15 -15.31 28.99
C LEU B 611 -18.75 -15.60 27.54
N TYR B 612 -19.45 -16.53 26.92
CA TYR B 612 -19.29 -16.81 25.50
C TYR B 612 -20.39 -16.01 24.83
N GLN B 613 -20.01 -14.92 24.17
CA GLN B 613 -20.98 -13.94 23.69
C GLN B 613 -21.71 -14.46 22.46
N GLY B 614 -23.03 -14.45 22.54
CA GLY B 614 -23.91 -14.92 21.47
C GLY B 614 -23.65 -16.35 21.05
N VAL B 615 -23.39 -17.23 22.02
CA VAL B 615 -23.11 -18.63 21.78
C VAL B 615 -24.05 -19.43 22.66
N ASN B 616 -24.53 -20.58 22.15
CA ASN B 616 -25.36 -21.48 22.92
C ASN B 616 -24.49 -22.33 23.85
N CYS B 617 -25.09 -22.74 24.98
CA CYS B 617 -24.39 -23.54 25.97
C CYS B 617 -24.19 -24.99 25.55
N THR B 618 -24.76 -25.39 24.42
CA THR B 618 -24.60 -26.73 23.88
C THR B 618 -23.45 -26.84 22.90
N GLU B 619 -22.86 -25.69 22.52
CA GLU B 619 -21.80 -25.63 21.53
C GLU B 619 -20.42 -25.43 22.16
N VAL B 620 -20.37 -24.82 23.35
CA VAL B 620 -19.07 -24.50 23.97
C VAL B 620 -18.18 -25.71 24.22
N PRO B 621 -18.67 -26.87 24.77
CA PRO B 621 -17.61 -27.88 24.97
C PRO B 621 -17.43 -28.78 23.75
N ASN B 641 -22.30 -24.82 36.98
CA ASN B 641 -22.77 -23.44 36.88
C ASN B 641 -22.73 -22.95 35.44
N VAL B 642 -23.63 -23.49 34.61
CA VAL B 642 -23.74 -23.09 33.21
C VAL B 642 -25.10 -22.45 33.04
N PHE B 643 -25.11 -21.14 32.76
CA PHE B 643 -26.34 -20.35 32.67
C PHE B 643 -26.47 -19.71 31.29
N GLN B 644 -27.54 -20.05 30.58
CA GLN B 644 -27.79 -19.50 29.25
C GLN B 644 -28.60 -18.21 29.36
N THR B 645 -28.07 -17.12 28.84
CA THR B 645 -28.78 -15.85 28.83
C THR B 645 -28.70 -15.28 27.43
N ARG B 646 -29.43 -14.17 27.22
CA ARG B 646 -29.50 -13.52 25.92
C ARG B 646 -28.12 -13.03 25.47
N ALA B 647 -27.27 -12.65 26.42
CA ALA B 647 -25.94 -12.17 26.08
C ALA B 647 -25.03 -13.31 25.63
N GLY B 648 -25.37 -14.56 25.96
CA GLY B 648 -24.50 -15.67 25.66
C GLY B 648 -24.53 -16.71 26.75
N CYS B 649 -23.57 -17.62 26.70
CA CYS B 649 -23.49 -18.70 27.67
C CYS B 649 -22.49 -18.30 28.76
N LEU B 650 -22.96 -18.17 29.99
CA LEU B 650 -22.13 -17.75 31.12
C LEU B 650 -21.78 -18.97 31.97
N ILE B 651 -20.49 -19.27 32.08
CA ILE B 651 -20.01 -20.45 32.79
C ILE B 651 -19.17 -20.00 33.97
N GLY B 652 -19.46 -20.55 35.15
CA GLY B 652 -18.73 -20.24 36.37
C GLY B 652 -19.46 -19.34 37.34
N ALA B 653 -20.56 -18.72 36.93
CA ALA B 653 -21.36 -17.86 37.80
C ALA B 653 -22.62 -18.60 38.17
N GLU B 654 -22.98 -18.56 39.45
CA GLU B 654 -24.20 -19.21 39.93
C GLU B 654 -25.39 -18.27 39.74
N HIS B 655 -26.40 -18.73 39.03
CA HIS B 655 -27.60 -17.92 38.80
C HIS B 655 -28.48 -17.95 40.04
N VAL B 656 -28.91 -16.79 40.51
CA VAL B 656 -29.77 -16.71 41.67
C VAL B 656 -31.04 -15.95 41.32
N ASN B 657 -32.08 -16.15 42.12
CA ASN B 657 -33.35 -15.49 41.92
C ASN B 657 -33.47 -14.18 42.71
N ASN B 658 -32.40 -13.78 43.40
CA ASN B 658 -32.39 -12.55 44.19
C ASN B 658 -31.78 -11.44 43.34
N SER B 659 -32.52 -10.36 43.16
CA SER B 659 -32.00 -9.23 42.40
C SER B 659 -31.19 -8.33 43.32
N TYR B 660 -30.20 -7.65 42.72
CA TYR B 660 -29.37 -6.69 43.44
C TYR B 660 -29.02 -5.58 42.46
N GLU B 661 -28.33 -4.56 42.97
CA GLU B 661 -27.82 -3.51 42.10
C GLU B 661 -26.75 -4.09 41.18
N CYS B 662 -26.64 -3.51 39.99
CA CYS B 662 -25.65 -3.99 39.04
C CYS B 662 -24.22 -3.70 39.52
N ASP B 663 -23.36 -4.70 39.43
CA ASP B 663 -21.95 -4.55 39.80
C ASP B 663 -21.11 -4.66 38.54
N ILE B 664 -20.94 -5.88 38.04
CA ILE B 664 -20.25 -6.12 36.78
C ILE B 664 -21.32 -6.42 35.74
N PRO B 665 -21.49 -5.58 34.72
CA PRO B 665 -22.54 -5.83 33.72
C PRO B 665 -22.24 -7.01 32.81
N ILE B 666 -23.26 -7.82 32.57
CA ILE B 666 -23.16 -8.93 31.65
C ILE B 666 -23.87 -8.60 30.35
N GLY B 667 -25.09 -8.09 30.46
CA GLY B 667 -25.88 -7.73 29.31
C GLY B 667 -27.29 -8.26 29.44
N ALA B 668 -28.23 -7.63 28.72
CA ALA B 668 -29.63 -8.04 28.65
C ALA B 668 -30.28 -8.11 30.03
N GLY B 669 -29.92 -7.18 30.90
CA GLY B 669 -30.51 -7.12 32.21
C GLY B 669 -29.78 -7.94 33.24
N ILE B 670 -28.76 -8.69 32.82
CA ILE B 670 -28.02 -9.57 33.70
C ILE B 670 -26.73 -8.89 34.12
N CYS B 671 -26.44 -8.91 35.42
CA CYS B 671 -25.22 -8.39 36.01
C CYS B 671 -24.62 -9.48 36.88
N ALA B 672 -23.33 -9.37 37.16
CA ALA B 672 -22.64 -10.33 38.00
C ALA B 672 -21.88 -9.63 39.11
N SER B 673 -21.67 -10.35 40.21
CA SER B 673 -20.94 -9.80 41.35
C SER B 673 -20.30 -10.92 42.14
N TYR B 674 -19.34 -10.56 42.97
CA TYR B 674 -18.66 -11.51 43.85
C TYR B 674 -19.21 -11.37 45.25
N GLN B 675 -19.86 -12.42 45.75
CA GLN B 675 -20.48 -12.39 47.08
C GLN B 675 -20.28 -13.72 47.79
N GLN B 690 -17.30 -17.59 49.47
CA GLN B 690 -17.85 -16.65 48.51
C GLN B 690 -17.65 -17.15 47.09
N SER B 691 -18.49 -16.67 46.16
CA SER B 691 -18.39 -17.05 44.77
C SER B 691 -18.97 -15.94 43.90
N ILE B 692 -18.78 -16.09 42.60
CA ILE B 692 -19.34 -15.16 41.62
C ILE B 692 -20.76 -15.61 41.29
N ILE B 693 -21.70 -14.66 41.33
CA ILE B 693 -23.09 -14.94 41.03
C ILE B 693 -23.53 -14.02 39.90
N ALA B 694 -24.60 -14.45 39.23
CA ALA B 694 -25.24 -13.71 38.17
C ALA B 694 -26.70 -13.53 38.54
N TYR B 695 -27.26 -12.37 38.20
CA TYR B 695 -28.64 -12.09 38.57
C TYR B 695 -29.21 -11.05 37.62
N THR B 696 -30.53 -10.96 37.61
CA THR B 696 -31.17 -9.88 36.89
C THR B 696 -31.04 -8.67 37.80
N MET B 697 -30.54 -7.56 37.26
CA MET B 697 -30.28 -6.41 38.12
C MET B 697 -31.56 -5.73 38.59
N SER B 698 -31.50 -5.20 39.80
CA SER B 698 -32.59 -4.41 40.34
C SER B 698 -32.47 -2.99 39.84
N LEU B 699 -33.61 -2.35 39.61
CA LEU B 699 -33.61 -0.95 39.19
C LEU B 699 -33.80 -0.01 40.37
N GLY B 700 -33.90 -0.55 41.58
CA GLY B 700 -34.08 0.24 42.78
C GLY B 700 -35.20 -0.34 43.63
N ALA B 701 -35.25 0.15 44.87
CA ALA B 701 -36.29 -0.29 45.78
C ALA B 701 -37.63 0.27 45.31
N GLU B 702 -38.69 -0.47 45.56
CA GLU B 702 -40.01 0.05 45.22
C GLU B 702 -40.48 0.98 46.31
N ASN B 703 -41.20 2.03 45.90
CA ASN B 703 -41.78 2.97 46.85
C ASN B 703 -43.12 3.43 46.29
N SER B 704 -44.22 2.89 46.81
CA SER B 704 -45.53 3.37 46.40
C SER B 704 -45.79 4.66 47.15
N VAL B 705 -46.05 5.73 46.44
CA VAL B 705 -46.32 7.01 47.08
C VAL B 705 -47.79 7.06 47.49
N ALA B 706 -48.05 7.52 48.71
CA ALA B 706 -49.39 7.53 49.28
C ALA B 706 -50.17 8.73 48.74
N TYR B 707 -50.52 8.65 47.46
CA TYR B 707 -51.24 9.72 46.81
C TYR B 707 -52.72 9.70 47.17
N SER B 708 -53.26 10.90 47.41
CA SER B 708 -54.68 11.09 47.61
C SER B 708 -54.98 12.52 47.19
N ASN B 709 -56.27 12.83 47.04
CA ASN B 709 -56.65 14.15 46.59
C ASN B 709 -56.54 15.23 47.66
N ASN B 710 -56.34 14.87 48.93
CA ASN B 710 -56.29 15.90 49.96
C ASN B 710 -55.15 15.72 50.96
N SER B 711 -54.04 15.10 50.57
CA SER B 711 -52.91 14.89 51.48
C SER B 711 -51.63 15.41 50.86
N ILE B 712 -50.89 16.23 51.60
CA ILE B 712 -49.63 16.77 51.15
C ILE B 712 -48.56 16.48 52.19
N ALA B 713 -47.37 16.07 51.73
CA ALA B 713 -46.27 15.94 52.66
C ALA B 713 -45.45 17.22 52.59
N ILE B 714 -45.00 17.69 53.75
CA ILE B 714 -44.16 18.88 53.86
C ILE B 714 -43.01 18.63 54.83
N PRO B 715 -41.77 18.86 54.38
CA PRO B 715 -40.60 18.64 55.24
C PRO B 715 -40.62 19.51 56.48
N THR B 716 -40.23 18.90 57.60
CA THR B 716 -40.19 19.58 58.87
C THR B 716 -38.76 19.83 59.30
N ASN B 717 -37.81 19.30 58.53
CA ASN B 717 -36.39 19.40 58.81
C ASN B 717 -35.71 19.29 57.46
N PHE B 718 -34.39 19.49 57.45
CA PHE B 718 -33.63 19.39 56.22
C PHE B 718 -32.19 19.05 56.55
N THR B 719 -31.46 18.63 55.51
CA THR B 719 -30.03 18.40 55.63
C THR B 719 -29.33 19.20 54.55
N ILE B 720 -28.05 19.47 54.81
CA ILE B 720 -27.17 20.12 53.85
C ILE B 720 -26.28 19.05 53.27
N SER B 721 -26.32 18.88 51.95
CA SER B 721 -25.57 17.81 51.30
C SER B 721 -24.51 18.42 50.40
N VAL B 722 -23.34 17.79 50.38
CA VAL B 722 -22.27 18.19 49.46
C VAL B 722 -22.02 17.01 48.54
N THR B 723 -22.18 17.24 47.24
CA THR B 723 -22.01 16.22 46.22
C THR B 723 -20.74 16.55 45.44
N THR B 724 -19.94 15.52 45.13
CA THR B 724 -18.72 15.72 44.38
C THR B 724 -18.93 15.36 42.92
N GLU B 725 -18.67 16.32 42.03
CA GLU B 725 -18.72 16.09 40.59
C GLU B 725 -17.34 16.32 39.98
N ILE B 726 -16.83 15.34 39.25
CA ILE B 726 -15.48 15.40 38.70
C ILE B 726 -15.59 15.50 37.19
N LEU B 727 -14.98 16.53 36.60
CA LEU B 727 -15.02 16.70 35.15
C LEU B 727 -13.62 16.89 34.58
N PRO B 728 -13.29 16.17 33.50
CA PRO B 728 -12.08 16.49 32.73
C PRO B 728 -12.14 17.86 32.11
N VAL B 729 -11.01 18.56 32.13
CA VAL B 729 -10.88 19.88 31.56
C VAL B 729 -9.87 19.91 30.42
N SER B 730 -8.78 19.17 30.56
CA SER B 730 -7.71 19.25 29.59
C SER B 730 -7.13 17.87 29.38
N MET B 731 -6.30 17.77 28.36
CA MET B 731 -5.66 16.54 27.94
C MET B 731 -4.18 16.85 27.80
N THR B 732 -3.35 15.83 27.98
CA THR B 732 -1.90 16.00 27.83
C THR B 732 -1.59 16.51 26.43
N LYS B 733 -0.76 17.55 26.34
CA LYS B 733 -0.48 18.19 25.06
C LYS B 733 0.69 17.48 24.39
N THR B 734 0.39 16.42 23.67
CA THR B 734 1.48 15.72 23.02
C THR B 734 1.82 16.42 21.71
N SER B 735 2.94 16.02 21.12
CA SER B 735 3.34 16.49 19.82
C SER B 735 4.27 15.45 19.24
N VAL B 736 4.20 15.28 17.93
CA VAL B 736 4.99 14.28 17.23
C VAL B 736 5.60 14.95 16.02
N ASP B 737 6.91 14.76 15.83
CA ASP B 737 7.54 15.22 14.61
C ASP B 737 7.37 14.06 13.63
N CYS B 738 6.60 14.32 12.57
CA CYS B 738 6.22 13.28 11.60
C CYS B 738 7.42 12.71 10.87
N THR B 739 8.37 13.57 10.47
CA THR B 739 9.58 13.08 9.84
C THR B 739 10.48 12.36 10.83
N MET B 740 10.53 12.82 12.08
CA MET B 740 11.38 12.15 13.07
C MET B 740 10.82 10.77 13.38
N TYR B 741 9.50 10.67 13.54
CA TYR B 741 8.85 9.42 13.87
C TYR B 741 8.98 8.41 12.74
N ILE B 742 8.71 8.84 11.51
CA ILE B 742 8.73 7.92 10.38
C ILE B 742 10.14 7.67 9.88
N CYS B 743 10.94 8.73 9.72
CA CYS B 743 12.23 8.62 9.05
C CYS B 743 13.39 9.16 9.89
N GLY B 744 13.49 8.74 11.15
CA GLY B 744 14.47 9.30 12.08
C GLY B 744 15.92 9.23 11.61
N ASP B 745 16.58 10.38 11.51
CA ASP B 745 18.00 10.54 11.17
C ASP B 745 18.34 9.89 9.83
N SER B 746 17.43 9.91 8.86
CA SER B 746 17.65 9.26 7.58
C SER B 746 17.26 10.18 6.43
N THR B 747 18.26 10.60 5.65
CA THR B 747 18.01 11.47 4.51
C THR B 747 17.24 10.73 3.41
N GLU B 748 17.59 9.46 3.18
CA GLU B 748 16.97 8.64 2.12
C GLU B 748 15.49 8.43 2.39
N CYS B 749 15.14 8.14 3.66
CA CYS B 749 13.74 7.94 4.01
C CYS B 749 12.99 9.24 3.88
N SER B 750 13.59 10.35 4.34
CA SER B 750 12.94 11.67 4.29
C SER B 750 12.65 12.06 2.84
N ASN B 751 13.59 11.78 1.94
CA ASN B 751 13.41 12.08 0.53
C ASN B 751 12.30 11.22 -0.05
N LEU B 752 12.24 9.94 0.33
CA LEU B 752 11.12 9.09 -0.10
C LEU B 752 9.81 9.63 0.46
N LEU B 753 9.84 10.13 1.70
CA LEU B 753 8.68 10.66 2.40
C LEU B 753 8.15 11.92 1.73
N LEU B 754 8.99 12.60 0.93
CA LEU B 754 8.55 13.81 0.26
C LEU B 754 7.58 13.51 -0.87
N GLN B 755 7.49 12.25 -1.31
CA GLN B 755 6.61 11.83 -2.39
C GLN B 755 5.17 11.73 -1.93
N TYR B 756 4.92 11.87 -0.63
CA TYR B 756 3.59 11.80 -0.02
C TYR B 756 3.07 13.20 0.27
N GLY B 757 3.75 14.22 -0.23
CA GLY B 757 3.31 15.60 -0.11
C GLY B 757 3.26 16.18 1.29
N SER B 758 2.10 16.70 1.65
CA SER B 758 1.91 17.48 2.87
C SER B 758 1.35 16.70 4.06
N PHE B 759 1.35 15.35 4.03
CA PHE B 759 0.75 14.55 5.10
C PHE B 759 1.33 14.89 6.47
N CYS B 760 2.65 15.06 6.55
CA CYS B 760 3.29 15.39 7.82
C CYS B 760 2.87 16.78 8.30
N THR B 761 2.71 17.72 7.38
CA THR B 761 2.35 19.08 7.74
C THR B 761 0.96 19.13 8.35
N GLN B 762 -0.01 18.42 7.74
CA GLN B 762 -1.36 18.45 8.27
C GLN B 762 -1.48 17.65 9.56
N LEU B 763 -0.63 16.62 9.75
CA LEU B 763 -0.64 15.90 11.03
C LEU B 763 -0.09 16.78 12.14
N ASN B 764 0.99 17.51 11.85
CA ASN B 764 1.59 18.40 12.84
C ASN B 764 0.63 19.53 13.18
N ARG B 765 -0.10 20.01 12.16
CA ARG B 765 -1.06 21.08 12.35
C ARG B 765 -2.22 20.60 13.24
N ALA B 766 -2.68 19.36 13.00
CA ALA B 766 -3.77 18.80 13.79
C ALA B 766 -3.38 18.66 15.26
N LEU B 767 -2.15 18.19 15.51
CA LEU B 767 -1.70 18.04 16.90
C LEU B 767 -1.49 19.40 17.57
N THR B 768 -1.01 20.39 16.80
CA THR B 768 -0.83 21.74 17.33
C THR B 768 -2.19 22.31 17.71
N GLY B 769 -3.19 22.08 16.84
CA GLY B 769 -4.53 22.56 17.11
C GLY B 769 -5.12 21.95 18.37
N ILE B 770 -4.84 20.66 18.58
CA ILE B 770 -5.28 19.99 19.81
C ILE B 770 -4.65 20.64 21.03
N ALA B 771 -3.32 20.88 20.98
CA ALA B 771 -2.61 21.48 22.12
C ALA B 771 -3.16 22.87 22.45
N VAL B 772 -3.43 23.66 21.41
CA VAL B 772 -3.98 25.00 21.58
C VAL B 772 -5.36 24.89 22.20
N GLU B 773 -6.15 23.92 21.74
CA GLU B 773 -7.49 23.71 22.26
C GLU B 773 -7.45 23.36 23.74
N GLN B 774 -6.44 22.57 24.16
CA GLN B 774 -6.34 22.18 25.56
C GLN B 774 -6.04 23.39 26.45
N ASP B 775 -5.21 24.31 25.93
CA ASP B 775 -4.94 25.53 26.68
C ASP B 775 -6.19 26.42 26.74
N LYS B 776 -6.93 26.47 25.63
CA LYS B 776 -8.17 27.24 25.59
C LYS B 776 -9.19 26.67 26.57
N ASN B 777 -9.27 25.33 26.65
CA ASN B 777 -10.20 24.65 27.54
C ASN B 777 -9.90 24.99 28.99
N THR B 778 -8.61 24.98 29.34
CA THR B 778 -8.21 25.31 30.72
C THR B 778 -8.53 26.76 31.02
N GLN B 779 -8.27 27.66 30.07
CA GLN B 779 -8.51 29.09 30.26
C GLN B 779 -10.01 29.36 30.44
N GLU B 780 -10.84 28.70 29.63
CA GLU B 780 -12.28 28.90 29.71
C GLU B 780 -12.87 28.36 31.00
N VAL B 781 -12.36 27.24 31.52
CA VAL B 781 -12.90 26.73 32.77
C VAL B 781 -12.44 27.56 33.97
N PHE B 782 -11.15 27.88 34.05
CA PHE B 782 -10.68 28.50 35.29
C PHE B 782 -10.55 30.02 35.26
N ALA B 783 -10.18 30.63 34.12
CA ALA B 783 -9.95 32.07 34.10
C ALA B 783 -11.25 32.83 33.83
N GLN B 784 -12.21 32.67 34.72
CA GLN B 784 -13.51 33.31 34.60
C GLN B 784 -13.66 34.49 35.55
N VAL B 785 -12.62 34.85 36.29
CA VAL B 785 -12.67 35.91 37.28
C VAL B 785 -11.67 37.00 36.88
N LYS B 786 -12.14 38.24 36.83
CA LYS B 786 -11.29 39.37 36.44
C LYS B 786 -10.22 39.68 37.48
N GLN B 787 -10.55 39.60 38.76
CA GLN B 787 -9.63 39.98 39.82
C GLN B 787 -9.30 38.79 40.71
N ILE B 788 -8.12 38.82 41.33
CA ILE B 788 -7.71 37.77 42.27
C ILE B 788 -8.19 38.17 43.67
N TYR B 789 -9.25 37.52 44.12
CA TYR B 789 -9.85 37.80 45.41
C TYR B 789 -9.15 37.02 46.53
N LYS B 790 -9.09 37.62 47.71
CA LYS B 790 -8.53 36.97 48.88
C LYS B 790 -9.48 37.06 50.06
N THR B 791 -9.46 36.04 50.91
CA THR B 791 -10.27 36.01 52.12
C THR B 791 -9.60 36.87 53.20
N PRO B 792 -10.36 37.36 54.18
CA PRO B 792 -9.73 38.13 55.26
C PRO B 792 -8.92 37.25 56.19
N PRO B 793 -7.95 37.84 56.91
CA PRO B 793 -7.19 37.06 57.91
C PRO B 793 -8.02 36.41 59.00
N ILE B 794 -9.14 37.01 59.39
CA ILE B 794 -10.02 36.46 60.41
C ILE B 794 -11.17 35.77 59.70
N LYS B 795 -11.15 34.43 59.70
CA LYS B 795 -12.15 33.66 58.97
C LYS B 795 -13.36 33.40 59.85
N ASP B 796 -14.07 34.47 60.17
CA ASP B 796 -15.30 34.39 60.96
C ASP B 796 -16.44 34.46 59.95
N PHE B 797 -17.01 33.30 59.62
CA PHE B 797 -18.06 33.24 58.60
C PHE B 797 -19.36 32.77 59.20
N GLY B 798 -19.63 33.16 60.44
CA GLY B 798 -20.89 32.83 61.09
C GLY B 798 -21.02 31.37 61.46
N GLY B 799 -19.89 30.71 61.69
CA GLY B 799 -19.87 29.31 62.04
C GLY B 799 -19.53 28.38 60.90
N PHE B 800 -19.50 28.90 59.66
CA PHE B 800 -19.18 28.09 58.50
C PHE B 800 -17.66 27.98 58.35
N ASN B 801 -17.16 26.75 58.31
CA ASN B 801 -15.74 26.47 58.24
C ASN B 801 -15.40 26.16 56.79
N PHE B 802 -14.38 26.83 56.25
CA PHE B 802 -13.96 26.60 54.87
C PHE B 802 -12.52 26.15 54.77
N SER B 803 -11.91 25.72 55.89
CA SER B 803 -10.49 25.36 55.90
C SER B 803 -10.15 24.20 54.99
N GLN B 804 -11.13 23.35 54.69
CA GLN B 804 -10.91 22.20 53.82
C GLN B 804 -10.84 22.60 52.36
N ILE B 805 -11.43 23.72 51.99
CA ILE B 805 -11.47 24.11 50.58
C ILE B 805 -10.62 25.34 50.30
N LEU B 806 -10.21 26.13 51.36
CA LEU B 806 -9.32 27.27 51.21
C LEU B 806 -7.86 26.84 51.30
N PRO B 807 -6.95 27.58 50.66
CA PRO B 807 -5.52 27.26 50.75
C PRO B 807 -4.98 27.33 52.18
N ASP B 808 -4.00 26.47 52.46
CA ASP B 808 -3.30 26.45 53.75
C ASP B 808 -1.80 26.72 53.56
N PRO B 809 -1.38 28.01 53.63
CA PRO B 809 -0.01 28.42 53.25
C PRO B 809 1.17 27.81 54.00
N SER B 810 0.95 26.83 54.87
CA SER B 810 2.01 26.17 55.63
C SER B 810 2.97 25.37 54.75
N LYS B 811 2.60 25.06 53.52
CA LYS B 811 3.43 24.29 52.61
C LYS B 811 3.76 25.09 51.35
N PRO B 812 4.86 24.75 50.64
CA PRO B 812 5.31 25.55 49.46
C PRO B 812 4.29 25.77 48.35
N SER B 813 3.47 24.79 48.01
CA SER B 813 2.43 24.96 47.01
C SER B 813 1.15 25.32 47.75
N LYS B 814 0.55 26.45 47.42
CA LYS B 814 -0.60 26.93 48.18
C LYS B 814 -1.90 26.28 47.69
N ARG B 815 -1.99 24.98 47.95
CA ARG B 815 -3.19 24.22 47.61
C ARG B 815 -3.95 23.94 48.89
N SER B 816 -5.21 23.59 48.75
CA SER B 816 -6.04 23.26 49.89
C SER B 816 -5.83 21.77 50.24
N PRO B 817 -6.32 21.26 51.40
CA PRO B 817 -6.15 19.81 51.66
C PRO B 817 -6.90 18.91 50.70
N ILE B 818 -8.17 19.24 50.35
CA ILE B 818 -8.93 18.43 49.41
C ILE B 818 -8.21 18.38 48.06
N GLU B 819 -7.68 19.53 47.62
CA GLU B 819 -6.93 19.57 46.37
C GLU B 819 -5.69 18.69 46.46
N ASP B 820 -5.03 18.69 47.63
CA ASP B 820 -3.88 17.81 47.84
C ASP B 820 -4.28 16.35 47.70
N LEU B 821 -5.48 16.01 48.18
CA LEU B 821 -5.98 14.65 48.04
C LEU B 821 -6.17 14.31 46.57
N LEU B 822 -6.74 15.27 45.83
CA LEU B 822 -7.05 15.05 44.41
C LEU B 822 -5.76 14.86 43.62
N PHE B 823 -4.73 15.65 43.94
CA PHE B 823 -3.46 15.56 43.23
C PHE B 823 -2.71 14.28 43.60
N ASN B 824 -2.76 13.87 44.87
CA ASN B 824 -2.08 12.66 45.29
C ASN B 824 -2.72 11.41 44.71
N LYS B 825 -4.06 11.39 44.60
CA LYS B 825 -4.71 10.21 44.03
C LYS B 825 -4.42 10.07 42.54
N VAL B 826 -4.45 11.17 41.80
CA VAL B 826 -4.16 11.15 40.37
C VAL B 826 -2.98 12.06 40.05
N LEU B 849 9.07 6.09 31.98
CA LEU B 849 8.14 5.94 30.87
C LEU B 849 8.26 7.12 29.90
N ILE B 850 8.41 8.32 30.48
CA ILE B 850 8.43 9.57 29.70
C ILE B 850 9.64 9.62 28.76
N CYS B 851 10.78 9.05 29.18
CA CYS B 851 11.96 9.00 28.32
C CYS B 851 11.75 8.07 27.13
N ALA B 852 11.18 6.88 27.39
CA ALA B 852 10.95 5.89 26.33
C ALA B 852 10.04 6.44 25.25
N GLN B 853 9.01 7.19 25.64
CA GLN B 853 8.14 7.83 24.65
C GLN B 853 8.87 8.96 23.95
N LYS B 854 9.54 9.82 24.74
CA LYS B 854 10.18 11.03 24.22
C LYS B 854 11.24 10.74 23.16
N PHE B 855 11.99 9.63 23.33
CA PHE B 855 13.12 9.31 22.44
C PHE B 855 12.75 9.05 20.98
N ASN B 856 11.47 8.91 20.63
CA ASN B 856 11.07 8.64 19.25
C ASN B 856 10.51 9.87 18.55
N GLY B 857 10.77 11.07 19.07
CA GLY B 857 10.26 12.29 18.49
C GLY B 857 8.89 12.65 18.99
N LEU B 858 8.51 12.19 20.17
CA LEU B 858 7.20 12.38 20.77
C LEU B 858 7.38 13.24 22.01
N THR B 859 7.21 14.54 21.87
CA THR B 859 7.43 15.40 23.02
C THR B 859 6.08 15.75 23.66
N VAL B 860 6.16 16.22 24.89
CA VAL B 860 5.00 16.69 25.64
C VAL B 860 5.21 18.14 26.01
N LEU B 861 4.26 18.98 25.67
CA LEU B 861 4.37 20.40 25.96
C LEU B 861 3.79 20.67 27.33
N PRO B 862 4.40 21.54 28.13
CA PRO B 862 3.83 21.86 29.43
C PRO B 862 2.56 22.68 29.25
N PRO B 863 1.58 22.54 30.14
CA PRO B 863 0.41 23.42 30.12
C PRO B 863 0.80 24.88 30.32
N LEU B 864 0.03 25.77 29.70
CA LEU B 864 0.26 27.20 29.86
C LEU B 864 -0.01 27.63 31.29
N LEU B 865 -1.05 27.10 31.91
CA LEU B 865 -1.39 27.46 33.28
C LEU B 865 -0.85 26.35 34.18
N THR B 866 0.06 26.73 35.08
CA THR B 866 0.64 25.76 36.00
C THR B 866 -0.37 25.41 37.09
N ASP B 867 -0.07 24.32 37.81
CA ASP B 867 -0.93 23.86 38.89
C ASP B 867 -1.10 24.94 39.95
N GLU B 868 -0.03 25.71 40.20
CA GLU B 868 -0.10 26.82 41.14
C GLU B 868 -1.06 27.89 40.64
N MET B 869 -1.11 28.10 39.33
CA MET B 869 -1.99 29.12 38.76
C MET B 869 -3.44 28.66 38.78
N ILE B 870 -3.67 27.35 38.60
CA ILE B 870 -5.02 26.82 38.69
C ILE B 870 -5.51 26.95 40.12
N ALA B 871 -4.62 26.66 41.08
CA ALA B 871 -4.94 26.80 42.49
C ALA B 871 -5.24 28.26 42.83
N GLN B 872 -4.48 29.20 42.27
CA GLN B 872 -4.73 30.62 42.49
C GLN B 872 -6.07 31.04 41.91
N TYR B 873 -6.43 30.53 40.73
CA TYR B 873 -7.74 30.84 40.16
C TYR B 873 -8.87 30.29 41.01
N THR B 874 -8.73 29.05 41.49
CA THR B 874 -9.79 28.47 42.33
C THR B 874 -9.87 29.21 43.65
N SER B 875 -8.73 29.64 44.18
CA SER B 875 -8.69 30.43 45.41
C SER B 875 -9.40 31.77 45.21
N ALA B 876 -9.16 32.43 44.07
CA ALA B 876 -9.82 33.71 43.79
C ALA B 876 -11.32 33.53 43.63
N LEU B 877 -11.73 32.47 42.93
CA LEU B 877 -13.15 32.20 42.70
C LEU B 877 -13.84 31.87 44.02
N LEU B 878 -13.15 31.11 44.86
CA LEU B 878 -13.67 30.72 46.15
C LEU B 878 -13.76 31.90 47.11
N ALA B 879 -12.74 32.76 47.12
CA ALA B 879 -12.76 33.95 47.96
C ALA B 879 -13.87 34.88 47.55
N GLY B 880 -14.10 35.01 46.24
CA GLY B 880 -15.20 35.82 45.76
C GLY B 880 -16.53 35.24 46.17
N THR B 881 -16.71 33.93 45.99
CA THR B 881 -17.96 33.27 46.35
C THR B 881 -18.28 33.40 47.83
N ILE B 882 -17.26 33.26 48.69
CA ILE B 882 -17.47 33.32 50.13
C ILE B 882 -17.73 34.75 50.61
N THR B 883 -16.98 35.73 50.09
CA THR B 883 -17.11 37.08 50.62
C THR B 883 -18.06 37.97 49.85
N SER B 884 -18.43 37.62 48.62
CA SER B 884 -19.29 38.45 47.82
C SER B 884 -20.49 37.74 47.21
N GLY B 885 -20.68 36.45 47.50
CA GLY B 885 -21.75 35.69 46.89
C GLY B 885 -21.62 35.62 45.39
N TRP B 886 -22.70 35.94 44.68
CA TRP B 886 -22.70 35.89 43.23
C TRP B 886 -22.40 37.23 42.60
N THR B 887 -22.20 38.28 43.40
CA THR B 887 -22.04 39.62 42.86
C THR B 887 -20.74 39.78 42.07
N PHE B 888 -19.71 39.01 42.41
CA PHE B 888 -18.41 39.14 41.73
C PHE B 888 -18.47 38.62 40.30
N GLY B 889 -19.48 37.82 39.97
CA GLY B 889 -19.63 37.23 38.66
C GLY B 889 -20.38 38.08 37.67
N ALA B 890 -20.95 39.19 38.12
CA ALA B 890 -21.80 40.02 37.29
C ALA B 890 -21.26 41.43 37.18
N GLY B 891 -20.17 41.75 37.89
CA GLY B 891 -19.69 43.09 38.03
C GLY B 891 -18.75 43.18 39.22
N PRO B 892 -18.64 44.37 39.82
CA PRO B 892 -17.74 44.55 40.97
C PRO B 892 -18.20 43.71 42.15
N ALA B 893 -17.25 43.08 42.84
CA ALA B 893 -17.62 42.28 43.99
C ALA B 893 -18.15 43.19 45.10
N LEU B 894 -19.29 42.80 45.66
CA LEU B 894 -19.92 43.53 46.74
C LEU B 894 -19.83 42.70 48.00
N GLN B 895 -19.27 43.25 49.08
CA GLN B 895 -19.10 42.43 50.28
C GLN B 895 -20.46 42.15 50.90
N ILE B 896 -20.60 40.96 51.47
CA ILE B 896 -21.80 40.61 52.21
C ILE B 896 -21.43 39.63 53.33
N PRO B 897 -22.08 39.69 54.49
CA PRO B 897 -21.90 38.63 55.49
C PRO B 897 -22.45 37.32 54.98
N PHE B 898 -21.69 36.24 55.20
CA PHE B 898 -22.03 34.93 54.66
C PHE B 898 -23.40 34.38 55.09
N PRO B 899 -23.86 34.49 56.37
CA PRO B 899 -25.25 34.09 56.65
C PRO B 899 -26.27 34.86 55.83
N MET B 900 -26.05 36.13 55.53
CA MET B 900 -27.00 36.88 54.69
C MET B 900 -26.98 36.35 53.26
N GLN B 901 -25.80 35.97 52.76
CA GLN B 901 -25.69 35.37 51.44
C GLN B 901 -26.43 34.03 51.41
N MET B 902 -26.30 33.25 52.49
CA MET B 902 -27.04 32.00 52.58
C MET B 902 -28.54 32.26 52.62
N ALA B 903 -28.95 33.37 53.26
CA ALA B 903 -30.36 33.74 53.30
C ALA B 903 -30.88 34.01 51.90
N TYR B 904 -30.04 34.65 51.06
CA TYR B 904 -30.46 34.90 49.69
C TYR B 904 -30.59 33.59 48.94
N ARG B 905 -29.66 32.66 49.17
CA ARG B 905 -29.69 31.37 48.50
C ARG B 905 -30.91 30.55 48.93
N PHE B 906 -31.29 30.66 50.20
CA PHE B 906 -32.49 30.02 50.71
C PHE B 906 -33.72 30.63 50.06
N ASN B 907 -33.73 31.96 49.91
CA ASN B 907 -34.85 32.59 49.20
C ASN B 907 -34.91 32.11 47.77
N GLY B 908 -33.73 31.92 47.16
CA GLY B 908 -33.64 31.43 45.80
C GLY B 908 -34.28 30.07 45.63
N ILE B 909 -34.15 29.21 46.64
CA ILE B 909 -34.74 27.87 46.54
C ILE B 909 -36.15 27.86 47.12
N GLY B 910 -36.70 29.04 47.45
CA GLY B 910 -38.06 29.09 47.95
C GLY B 910 -38.24 28.86 49.43
N VAL B 911 -37.22 29.11 50.24
CA VAL B 911 -37.29 28.95 51.69
C VAL B 911 -37.04 30.32 52.33
N THR B 912 -37.85 30.68 53.31
CA THR B 912 -37.74 32.02 53.90
C THR B 912 -36.47 32.15 54.74
N GLN B 913 -36.08 33.41 54.96
CA GLN B 913 -34.82 33.75 55.65
C GLN B 913 -34.78 33.28 57.09
N ASN B 914 -35.93 33.30 57.79
CA ASN B 914 -35.92 32.95 59.20
C ASN B 914 -35.62 31.49 59.43
N VAL B 915 -35.83 30.64 58.41
CA VAL B 915 -35.52 29.22 58.56
C VAL B 915 -34.01 29.07 58.73
N LEU B 916 -33.26 29.81 57.91
CA LEU B 916 -31.81 29.82 57.99
C LEU B 916 -31.33 30.42 59.30
N TYR B 917 -31.86 31.60 59.67
CA TYR B 917 -31.32 32.31 60.83
C TYR B 917 -31.63 31.59 62.14
N GLU B 918 -32.84 31.05 62.29
CA GLU B 918 -33.19 30.33 63.51
C GLU B 918 -32.35 29.07 63.68
N ASN B 919 -31.97 28.43 62.57
CA ASN B 919 -31.20 27.20 62.58
C ASN B 919 -29.76 27.37 62.09
N GLN B 920 -29.20 28.58 62.21
CA GLN B 920 -27.87 28.90 61.66
C GLN B 920 -26.77 27.99 62.21
N LYS B 921 -26.84 27.64 63.50
CA LYS B 921 -25.82 26.79 64.10
C LYS B 921 -25.91 25.37 63.56
N LEU B 922 -27.14 24.87 63.44
CA LEU B 922 -27.36 23.53 62.89
C LEU B 922 -26.90 23.45 61.45
N ILE B 923 -27.23 24.47 60.65
CA ILE B 923 -26.89 24.49 59.23
C ILE B 923 -25.37 24.55 59.05
N ALA B 924 -24.70 25.38 59.86
CA ALA B 924 -23.24 25.46 59.82
C ALA B 924 -22.60 24.13 60.20
N ASN B 925 -23.17 23.44 61.20
CA ASN B 925 -22.64 22.14 61.60
C ASN B 925 -22.86 21.10 60.51
N GLN B 926 -24.03 21.11 59.88
CA GLN B 926 -24.33 20.15 58.81
C GLN B 926 -23.41 20.38 57.62
N PHE B 927 -23.14 21.65 57.30
CA PHE B 927 -22.24 21.99 56.20
C PHE B 927 -20.83 21.51 56.49
N ASN B 928 -20.33 21.79 57.69
CA ASN B 928 -18.96 21.43 58.06
C ASN B 928 -18.81 19.91 58.08
N SER B 929 -19.84 19.22 58.58
CA SER B 929 -19.85 17.76 58.61
C SER B 929 -19.84 17.18 57.20
N ALA B 930 -20.66 17.75 56.30
CA ALA B 930 -20.73 17.26 54.92
C ALA B 930 -19.38 17.43 54.22
N ILE B 931 -18.70 18.56 54.47
CA ILE B 931 -17.37 18.78 53.89
C ILE B 931 -16.39 17.74 54.45
N GLY B 932 -16.48 17.45 55.75
CA GLY B 932 -15.65 16.40 56.33
C GLY B 932 -15.93 15.05 55.72
N LYS B 933 -17.21 14.79 55.38
CA LYS B 933 -17.59 13.54 54.72
C LYS B 933 -16.93 13.45 53.35
N ILE B 934 -16.82 14.59 52.66
CA ILE B 934 -16.18 14.61 51.35
C ILE B 934 -14.70 14.27 51.52
N GLN B 935 -14.08 14.85 52.57
CA GLN B 935 -12.67 14.61 52.86
C GLN B 935 -12.42 13.13 53.11
N ASP B 936 -13.30 12.50 53.90
CA ASP B 936 -13.16 11.07 54.20
C ASP B 936 -13.42 10.21 52.98
N SER B 937 -14.42 10.59 52.17
CA SER B 937 -14.76 9.83 50.98
C SER B 937 -13.60 9.83 49.98
N LEU B 938 -12.98 10.99 49.79
CA LEU B 938 -11.83 11.07 48.88
C LEU B 938 -10.64 10.32 49.47
N SER B 939 -10.43 10.44 50.78
CA SER B 939 -9.31 9.77 51.45
C SER B 939 -9.45 8.25 51.39
N SER B 940 -10.69 7.75 51.31
CA SER B 940 -10.94 6.32 51.42
C SER B 940 -11.08 5.65 50.06
N THR B 941 -12.11 6.03 49.28
CA THR B 941 -12.42 5.37 48.01
C THR B 941 -11.30 5.55 47.00
N PRO B 942 -10.67 4.46 46.54
CA PRO B 942 -9.61 4.60 45.53
C PRO B 942 -10.09 4.95 44.13
N SER B 943 -11.26 4.43 43.72
CA SER B 943 -11.75 4.63 42.36
C SER B 943 -12.62 5.86 42.20
N ALA B 944 -12.49 6.86 43.07
CA ALA B 944 -13.40 8.00 43.03
C ALA B 944 -13.08 8.92 41.86
N LEU B 945 -11.78 9.13 41.59
CA LEU B 945 -11.30 10.02 40.55
C LEU B 945 -11.08 9.30 39.21
N GLY B 946 -11.83 8.21 38.98
CA GLY B 946 -11.69 7.43 37.76
C GLY B 946 -11.88 8.19 36.46
N LYS B 947 -12.70 9.25 36.47
CA LYS B 947 -12.93 10.04 35.25
C LYS B 947 -11.65 10.69 34.75
N LEU B 948 -10.77 11.13 35.65
CA LEU B 948 -9.54 11.79 35.24
C LEU B 948 -8.46 10.77 34.93
N GLN B 949 -8.45 9.69 35.72
CA GLN B 949 -7.47 8.64 35.56
C GLN B 949 -7.69 7.92 34.24
N ASP B 950 -8.95 7.77 33.83
CA ASP B 950 -9.26 7.12 32.57
C ASP B 950 -8.72 7.91 31.39
N VAL B 951 -8.78 9.26 31.48
CA VAL B 951 -8.26 10.11 30.42
C VAL B 951 -6.74 9.99 30.34
N VAL B 952 -6.09 9.98 31.52
CA VAL B 952 -4.64 9.82 31.58
C VAL B 952 -4.23 8.47 31.01
N ASN B 953 -4.98 7.42 31.35
CA ASN B 953 -4.68 6.07 30.89
C ASN B 953 -4.88 5.95 29.38
N GLN B 954 -5.93 6.58 28.85
CA GLN B 954 -6.21 6.50 27.41
C GLN B 954 -5.10 7.18 26.62
N ASN B 955 -4.60 8.31 27.14
CA ASN B 955 -3.52 9.00 26.42
C ASN B 955 -2.23 8.21 26.53
N ALA B 956 -1.96 7.61 27.69
CA ALA B 956 -0.77 6.80 27.87
C ALA B 956 -0.80 5.59 26.96
N GLN B 957 -1.97 4.95 26.83
CA GLN B 957 -2.10 3.79 25.94
C GLN B 957 -1.93 4.21 24.48
N ALA B 958 -2.47 5.38 24.11
CA ALA B 958 -2.37 5.85 22.74
C ALA B 958 -0.90 6.10 22.38
N LEU B 959 -0.15 6.70 23.30
CA LEU B 959 1.27 6.96 23.04
C LEU B 959 2.06 5.66 23.02
N ASN B 960 1.75 4.73 23.92
CA ASN B 960 2.47 3.46 23.95
C ASN B 960 2.20 2.65 22.70
N THR B 961 0.96 2.70 22.19
CA THR B 961 0.60 1.99 20.97
C THR B 961 1.33 2.59 19.77
N LEU B 962 1.38 3.93 19.72
CA LEU B 962 2.04 4.62 18.61
C LEU B 962 3.52 4.29 18.59
N VAL B 963 4.16 4.30 19.75
CA VAL B 963 5.58 4.02 19.85
C VAL B 963 5.86 2.55 19.51
N LYS B 964 5.02 1.62 20.00
CA LYS B 964 5.18 0.20 19.72
C LYS B 964 5.02 -0.13 18.24
N GLN B 965 4.28 0.71 17.49
CA GLN B 965 4.13 0.45 16.06
C GLN B 965 5.47 0.56 15.30
N LEU B 966 6.48 1.22 15.88
CA LEU B 966 7.78 1.33 15.24
C LEU B 966 8.55 0.01 15.22
N SER B 967 8.11 -0.97 16.00
CA SER B 967 8.75 -2.28 16.06
C SER B 967 8.14 -3.25 15.07
N SER B 968 7.14 -2.81 14.31
CA SER B 968 6.47 -3.63 13.31
C SER B 968 7.23 -3.56 11.99
N ASN B 969 7.26 -4.69 11.29
CA ASN B 969 7.96 -4.73 10.01
C ASN B 969 7.12 -4.18 8.86
N PHE B 970 5.80 -4.38 8.92
CA PHE B 970 4.85 -3.97 7.87
C PHE B 970 5.19 -4.61 6.52
N GLY B 971 5.82 -5.79 6.55
CA GLY B 971 6.21 -6.51 5.36
C GLY B 971 7.65 -6.30 4.97
N ALA B 972 8.35 -5.38 5.62
CA ALA B 972 9.75 -5.12 5.35
C ALA B 972 10.62 -6.21 5.98
N ILE B 973 11.86 -6.30 5.51
CA ILE B 973 12.81 -7.27 6.06
C ILE B 973 13.19 -6.95 7.50
N SER B 974 13.05 -5.70 7.95
CA SER B 974 13.40 -5.34 9.30
C SER B 974 12.63 -4.08 9.70
N SER B 975 12.28 -4.01 10.98
CA SER B 975 11.64 -2.84 11.55
C SER B 975 12.61 -1.70 11.78
N VAL B 976 13.91 -1.96 11.73
CA VAL B 976 14.93 -0.95 12.01
C VAL B 976 15.40 -0.36 10.69
N LEU B 977 15.21 0.95 10.55
CA LEU B 977 15.54 1.65 9.31
C LEU B 977 17.05 1.65 9.07
N ASN B 978 17.82 1.77 10.15
CA ASN B 978 19.27 1.80 10.06
C ASN B 978 19.83 0.47 9.55
N ASP B 979 19.21 -0.65 9.91
CA ASP B 979 19.69 -1.95 9.45
C ASP B 979 19.45 -2.11 7.96
N ILE B 980 18.31 -1.63 7.46
CA ILE B 980 18.00 -1.68 6.04
C ILE B 980 18.99 -0.81 5.27
N LEU B 981 19.28 0.39 5.78
CA LEU B 981 20.21 1.27 5.07
C LEU B 981 21.63 0.76 5.15
N SER B 982 21.99 0.10 6.26
CA SER B 982 23.30 -0.51 6.40
C SER B 982 23.49 -1.71 5.50
N ARG B 983 22.42 -2.45 5.21
CA ARG B 983 22.55 -3.68 4.43
C ARG B 983 22.29 -3.49 2.95
N LEU B 984 21.32 -2.67 2.56
CA LEU B 984 20.89 -2.57 1.18
C LEU B 984 21.33 -1.27 0.52
N ASP B 985 21.45 -1.33 -0.80
CA ASP B 985 21.68 -0.23 -1.73
C ASP B 985 20.32 0.34 -2.12
N PRO B 986 20.25 1.59 -2.62
CA PRO B 986 18.93 2.25 -2.92
C PRO B 986 17.92 1.46 -3.74
N PRO B 987 18.27 0.67 -4.79
CA PRO B 987 17.21 -0.04 -5.55
C PRO B 987 16.35 -1.00 -4.74
N GLU B 988 16.85 -1.53 -3.63
CA GLU B 988 16.11 -2.44 -2.78
C GLU B 988 15.71 -1.76 -1.48
N ALA B 989 16.58 -0.85 -1.03
CA ALA B 989 16.34 -0.13 0.21
C ALA B 989 15.10 0.74 0.07
N GLU B 990 14.88 1.35 -1.11
CA GLU B 990 13.73 2.22 -1.28
C GLU B 990 12.42 1.45 -1.15
N VAL B 991 12.41 0.20 -1.64
CA VAL B 991 11.22 -0.64 -1.53
C VAL B 991 10.94 -0.98 -0.07
N GLN B 992 12.00 -1.34 0.66
CA GLN B 992 11.83 -1.70 2.08
C GLN B 992 11.42 -0.48 2.90
N ILE B 993 12.00 0.69 2.58
CA ILE B 993 11.67 1.92 3.28
C ILE B 993 10.25 2.33 2.97
N ASP B 994 9.80 2.19 1.71
CA ASP B 994 8.43 2.51 1.34
C ASP B 994 7.43 1.68 2.14
N ARG B 995 7.77 0.41 2.39
CA ARG B 995 6.90 -0.44 3.20
C ARG B 995 6.84 0.09 4.63
N LEU B 996 8.00 0.50 5.17
CA LEU B 996 8.03 1.06 6.52
C LEU B 996 7.30 2.41 6.59
N ILE B 997 7.45 3.24 5.56
CA ILE B 997 6.79 4.55 5.52
C ILE B 997 5.29 4.37 5.52
N THR B 998 4.80 3.41 4.70
CA THR B 998 3.36 3.19 4.59
C THR B 998 2.78 2.76 5.94
N GLY B 999 3.46 1.82 6.61
CA GLY B 999 2.97 1.35 7.89
C GLY B 999 3.04 2.39 8.99
N ARG B 1000 4.16 3.14 9.05
CA ARG B 1000 4.34 4.15 10.09
C ARG B 1000 3.43 5.34 9.86
N LEU B 1001 3.22 5.73 8.60
CA LEU B 1001 2.32 6.82 8.28
C LEU B 1001 0.89 6.45 8.63
N GLN B 1002 0.49 5.21 8.36
CA GLN B 1002 -0.86 4.76 8.70
C GLN B 1002 -1.04 4.76 10.21
N SER B 1003 -0.01 4.35 10.96
CA SER B 1003 -0.08 4.31 12.42
C SER B 1003 -0.18 5.72 12.99
N LEU B 1004 0.57 6.66 12.42
CA LEU B 1004 0.55 8.03 12.89
C LEU B 1004 -0.79 8.69 12.58
N GLN B 1005 -1.36 8.41 11.39
CA GLN B 1005 -2.67 8.96 11.05
C GLN B 1005 -3.74 8.41 11.99
N THR B 1006 -3.63 7.11 12.33
CA THR B 1006 -4.57 6.51 13.26
C THR B 1006 -4.49 7.18 14.62
N TYR B 1007 -3.26 7.45 15.08
CA TYR B 1007 -3.04 8.11 16.37
C TYR B 1007 -3.67 9.50 16.37
N VAL B 1008 -3.41 10.28 15.30
CA VAL B 1008 -3.90 11.66 15.23
C VAL B 1008 -5.42 11.67 15.20
N THR B 1009 -6.04 10.76 14.43
CA THR B 1009 -7.50 10.68 14.36
C THR B 1009 -8.10 10.38 15.73
N GLN B 1010 -7.48 9.44 16.46
CA GLN B 1010 -7.95 9.10 17.80
C GLN B 1010 -7.80 10.29 18.75
N GLN B 1011 -6.70 11.05 18.59
CA GLN B 1011 -6.50 12.21 19.44
C GLN B 1011 -7.50 13.32 19.13
N LEU B 1012 -7.88 13.47 17.86
CA LEU B 1012 -8.86 14.48 17.50
C LEU B 1012 -10.24 14.14 18.06
N ILE B 1013 -10.62 12.85 18.01
CA ILE B 1013 -11.91 12.44 18.56
C ILE B 1013 -11.91 12.57 20.08
N ARG B 1014 -10.82 12.13 20.72
CA ARG B 1014 -10.70 12.23 22.17
C ARG B 1014 -10.68 13.69 22.60
N ALA B 1015 -9.98 14.54 21.83
CA ALA B 1015 -9.91 15.97 22.11
C ALA B 1015 -11.29 16.60 22.02
N ALA B 1016 -12.09 16.18 21.04
CA ALA B 1016 -13.45 16.70 20.92
C ALA B 1016 -14.28 16.33 22.14
N GLU B 1017 -14.08 15.11 22.65
CA GLU B 1017 -14.76 14.69 23.88
C GLU B 1017 -14.31 15.51 25.08
N ILE B 1018 -13.01 15.79 25.17
CA ILE B 1018 -12.46 16.61 26.25
C ILE B 1018 -12.99 18.04 26.13
N ARG B 1019 -13.10 18.55 24.90
CA ARG B 1019 -13.62 19.90 24.67
C ARG B 1019 -15.06 19.99 25.16
N ALA B 1020 -15.87 18.96 24.87
CA ALA B 1020 -17.26 18.94 25.32
C ALA B 1020 -17.33 18.93 26.85
N SER B 1021 -16.45 18.13 27.47
CA SER B 1021 -16.41 18.07 28.94
C SER B 1021 -15.97 19.40 29.53
N ALA B 1022 -14.97 20.05 28.91
CA ALA B 1022 -14.48 21.34 29.36
C ALA B 1022 -15.54 22.42 29.21
N ASN B 1023 -16.33 22.36 28.12
CA ASN B 1023 -17.41 23.33 27.94
C ASN B 1023 -18.47 23.13 29.01
N LEU B 1024 -18.74 21.87 29.37
CA LEU B 1024 -19.69 21.59 30.44
C LEU B 1024 -19.14 22.10 31.78
N ALA B 1025 -17.85 21.89 32.02
CA ALA B 1025 -17.22 22.35 33.26
C ALA B 1025 -17.23 23.86 33.35
N ALA B 1026 -17.00 24.55 32.23
CA ALA B 1026 -17.04 26.02 32.22
C ALA B 1026 -18.45 26.51 32.48
N THR B 1027 -19.44 25.82 31.92
CA THR B 1027 -20.85 26.18 32.13
C THR B 1027 -21.20 26.00 33.60
N LYS B 1028 -20.76 24.89 34.20
CA LYS B 1028 -21.01 24.65 35.62
C LYS B 1028 -20.28 25.66 36.47
N MET B 1029 -19.07 26.06 36.09
CA MET B 1029 -18.35 27.09 36.82
C MET B 1029 -19.14 28.39 36.84
N SER B 1030 -19.65 28.79 35.67
CA SER B 1030 -20.40 30.04 35.60
C SER B 1030 -21.73 29.97 36.35
N GLU B 1031 -22.47 28.87 36.17
CA GLU B 1031 -23.83 28.76 36.70
C GLU B 1031 -23.93 28.18 38.12
N CYS B 1032 -22.93 27.43 38.58
CA CYS B 1032 -22.98 26.79 39.88
C CYS B 1032 -22.14 27.52 40.91
N VAL B 1033 -21.08 28.19 40.50
CA VAL B 1033 -20.15 28.84 41.40
C VAL B 1033 -20.36 30.34 41.41
N LEU B 1034 -20.56 30.94 40.24
CA LEU B 1034 -20.73 32.38 40.14
C LEU B 1034 -22.20 32.77 40.17
N GLY B 1035 -23.06 31.88 40.63
CA GLY B 1035 -24.47 32.15 40.71
C GLY B 1035 -25.17 31.04 41.45
N GLN B 1036 -26.49 31.05 41.37
CA GLN B 1036 -27.30 29.99 41.96
C GLN B 1036 -28.22 29.49 40.87
N SER B 1037 -28.19 28.19 40.62
CA SER B 1037 -28.91 27.59 39.52
C SER B 1037 -30.27 27.05 39.94
N LYS B 1038 -31.24 27.19 39.05
CA LYS B 1038 -32.57 26.60 39.22
C LYS B 1038 -32.76 25.42 38.30
N ARG B 1039 -31.68 24.97 37.66
CA ARG B 1039 -31.72 23.80 36.79
C ARG B 1039 -31.55 22.54 37.62
N VAL B 1040 -32.54 21.65 37.54
CA VAL B 1040 -32.57 20.45 38.37
C VAL B 1040 -31.44 19.52 37.96
N ASP B 1041 -30.68 19.05 38.95
CA ASP B 1041 -29.57 18.09 38.83
C ASP B 1041 -28.38 18.62 38.03
N PHE B 1042 -28.35 19.91 37.71
CA PHE B 1042 -27.21 20.47 37.00
C PHE B 1042 -26.05 20.73 37.95
N CYS B 1043 -26.37 21.25 39.14
CA CYS B 1043 -25.37 21.60 40.13
C CYS B 1043 -25.55 20.75 41.38
N GLY B 1044 -25.63 19.44 41.21
CA GLY B 1044 -25.78 18.51 42.31
C GLY B 1044 -27.22 18.05 42.50
N LYS B 1045 -27.35 17.02 43.34
CA LYS B 1045 -28.64 16.38 43.59
C LYS B 1045 -29.30 17.02 44.81
N GLY B 1046 -30.39 17.74 44.58
CA GLY B 1046 -31.10 18.49 45.58
C GLY B 1046 -31.42 19.87 45.05
N TYR B 1047 -31.83 20.77 45.93
CA TYR B 1047 -32.07 22.14 45.52
C TYR B 1047 -30.73 22.84 45.69
N HIS B 1048 -30.22 23.42 44.61
CA HIS B 1048 -28.89 24.00 44.63
C HIS B 1048 -28.80 25.25 45.49
N LEU B 1049 -27.81 25.28 46.37
CA LEU B 1049 -27.50 26.44 47.16
C LEU B 1049 -26.25 27.15 46.64
N MET B 1050 -25.14 26.43 46.51
CA MET B 1050 -23.88 27.03 46.09
C MET B 1050 -22.93 25.91 45.71
N SER B 1051 -21.84 26.26 45.04
CA SER B 1051 -20.84 25.26 44.70
C SER B 1051 -19.45 25.84 44.91
N PHE B 1052 -18.47 24.96 45.10
CA PHE B 1052 -17.10 25.38 45.29
C PHE B 1052 -16.19 24.63 44.31
N PRO B 1053 -15.39 25.33 43.52
CA PRO B 1053 -14.46 24.65 42.63
C PRO B 1053 -13.20 24.20 43.34
N GLN B 1054 -12.64 23.09 42.86
CA GLN B 1054 -11.34 22.61 43.32
C GLN B 1054 -10.52 22.18 42.12
N SER B 1055 -9.24 22.51 42.13
CA SER B 1055 -8.33 22.08 41.08
C SER B 1055 -8.06 20.59 41.17
N ALA B 1056 -7.92 19.94 40.03
CA ALA B 1056 -7.55 18.54 40.00
C ALA B 1056 -6.64 18.33 38.80
N PRO B 1057 -5.84 17.26 38.78
CA PRO B 1057 -4.99 16.98 37.61
C PRO B 1057 -5.83 16.85 36.35
N HIS B 1058 -5.54 17.74 35.40
CA HIS B 1058 -6.21 17.84 34.10
C HIS B 1058 -7.74 17.97 34.26
N GLY B 1059 -8.19 18.62 35.33
CA GLY B 1059 -9.63 18.67 35.52
C GLY B 1059 -10.06 19.52 36.69
N VAL B 1060 -11.37 19.52 36.90
CA VAL B 1060 -11.97 20.31 37.96
C VAL B 1060 -12.92 19.41 38.75
N VAL B 1061 -12.98 19.64 40.05
CA VAL B 1061 -13.91 18.97 40.93
C VAL B 1061 -14.82 20.03 41.54
N PHE B 1062 -16.12 19.83 41.44
CA PHE B 1062 -17.06 20.76 42.02
C PHE B 1062 -17.67 20.11 43.26
N LEU B 1063 -17.71 20.87 44.35
CA LEU B 1063 -18.37 20.45 45.57
C LEU B 1063 -19.68 21.22 45.60
N HIS B 1064 -20.79 20.54 45.35
CA HIS B 1064 -22.08 21.20 45.25
C HIS B 1064 -22.78 21.10 46.60
N VAL B 1065 -23.16 22.25 47.14
CA VAL B 1065 -23.85 22.35 48.40
C VAL B 1065 -25.31 22.53 48.03
N THR B 1066 -26.11 21.56 48.45
CA THR B 1066 -27.53 21.48 48.14
C THR B 1066 -28.33 21.34 49.41
N TYR B 1067 -29.57 21.80 49.33
CA TYR B 1067 -30.54 21.70 50.40
C TYR B 1067 -31.37 20.46 50.08
N VAL B 1068 -31.47 19.53 51.02
CA VAL B 1068 -32.22 18.30 50.80
C VAL B 1068 -33.26 18.14 51.89
N PRO B 1069 -34.55 18.04 51.54
CA PRO B 1069 -35.60 17.79 52.53
C PRO B 1069 -35.37 16.50 53.30
N ALA B 1070 -35.64 16.52 54.60
CA ALA B 1070 -35.32 15.36 55.41
C ALA B 1070 -36.60 14.80 55.98
N GLN B 1071 -36.97 15.17 57.22
CA GLN B 1071 -38.08 14.53 57.92
C GLN B 1071 -39.42 14.75 57.23
N GLU B 1072 -40.25 13.72 57.22
CA GLU B 1072 -41.52 13.72 56.50
C GLU B 1072 -42.67 13.80 57.49
N LYS B 1073 -43.73 14.51 57.11
CA LYS B 1073 -44.99 14.53 57.86
C LYS B 1073 -46.16 14.67 56.89
N ASN B 1074 -47.21 13.91 57.15
CA ASN B 1074 -48.44 13.99 56.37
C ASN B 1074 -49.31 15.13 56.90
N PHE B 1075 -49.98 15.82 55.99
CA PHE B 1075 -50.91 16.88 56.36
C PHE B 1075 -52.11 16.81 55.43
N THR B 1076 -53.24 17.29 55.91
CA THR B 1076 -54.42 17.37 55.06
C THR B 1076 -54.36 18.72 54.36
N THR B 1077 -54.79 18.79 53.11
CA THR B 1077 -54.69 20.03 52.37
C THR B 1077 -56.00 20.37 51.68
N ALA B 1078 -56.05 21.58 51.14
CA ALA B 1078 -57.18 22.07 50.38
C ALA B 1078 -56.68 23.15 49.44
N PRO B 1079 -57.26 23.25 48.23
CA PRO B 1079 -56.82 24.30 47.30
C PRO B 1079 -57.21 25.71 47.71
N ALA B 1080 -58.25 25.87 48.53
CA ALA B 1080 -58.72 27.19 48.92
C ALA B 1080 -59.53 27.04 50.19
N ILE B 1081 -59.73 28.15 50.90
CA ILE B 1081 -60.58 28.20 52.09
C ILE B 1081 -61.73 29.16 51.86
N CYS B 1082 -62.94 28.71 52.24
CA CYS B 1082 -64.16 29.50 52.15
C CYS B 1082 -64.45 30.18 53.48
N HIS B 1083 -64.32 31.51 53.52
CA HIS B 1083 -64.53 32.19 54.80
C HIS B 1083 -65.91 32.87 54.86
N ASP B 1084 -66.08 33.98 54.13
CA ASP B 1084 -67.34 34.71 54.09
C ASP B 1084 -68.08 34.47 52.80
N GLY B 1085 -67.79 33.38 52.11
CA GLY B 1085 -68.36 33.11 50.81
C GLY B 1085 -67.38 33.41 49.71
N LYS B 1086 -66.29 34.08 50.04
CA LYS B 1086 -65.20 34.39 49.12
C LYS B 1086 -64.15 33.29 49.18
N ALA B 1087 -63.46 33.08 48.07
CA ALA B 1087 -62.44 32.03 47.99
C ALA B 1087 -61.07 32.64 48.30
N HIS B 1088 -60.41 32.13 49.34
CA HIS B 1088 -59.10 32.60 49.72
C HIS B 1088 -58.03 31.61 49.26
N PHE B 1089 -57.00 32.11 48.60
CA PHE B 1089 -55.90 31.30 48.13
C PHE B 1089 -54.61 31.77 48.81
N PRO B 1090 -53.64 30.88 49.03
CA PRO B 1090 -52.39 31.32 49.66
C PRO B 1090 -51.53 32.13 48.71
N ARG B 1091 -50.86 33.14 49.24
CA ARG B 1091 -49.98 33.94 48.39
C ARG B 1091 -48.65 33.26 48.11
N GLU B 1092 -48.04 32.66 49.13
CA GLU B 1092 -46.71 32.09 48.97
C GLU B 1092 -46.63 30.60 49.28
N GLY B 1093 -47.46 30.09 50.19
CA GLY B 1093 -47.35 28.72 50.60
C GLY B 1093 -48.59 27.91 50.25
N VAL B 1094 -48.93 26.94 51.10
CA VAL B 1094 -50.10 26.08 50.94
C VAL B 1094 -50.87 26.07 52.25
N PHE B 1095 -52.16 25.71 52.14
CA PHE B 1095 -52.99 25.51 53.31
C PHE B 1095 -52.84 24.08 53.77
N VAL B 1096 -52.62 23.88 55.07
CA VAL B 1096 -52.48 22.55 55.65
C VAL B 1096 -53.34 22.44 56.89
N SER B 1097 -53.61 21.20 57.27
CA SER B 1097 -54.30 20.90 58.49
C SER B 1097 -53.62 19.72 59.17
N ASN B 1098 -53.53 19.80 60.50
CA ASN B 1098 -53.01 18.74 61.33
C ASN B 1098 -54.11 17.81 61.82
N GLY B 1099 -55.32 17.99 61.30
CA GLY B 1099 -56.47 17.21 61.64
C GLY B 1099 -57.53 18.00 62.38
N THR B 1100 -57.16 19.11 63.04
CA THR B 1100 -58.15 19.94 63.71
C THR B 1100 -58.07 21.41 63.31
N HIS B 1101 -56.88 21.96 63.13
CA HIS B 1101 -56.72 23.38 62.82
C HIS B 1101 -56.08 23.55 61.45
N TRP B 1102 -56.44 24.65 60.77
CA TRP B 1102 -55.86 24.98 59.47
C TRP B 1102 -54.84 26.10 59.59
N PHE B 1103 -53.72 25.93 58.91
CA PHE B 1103 -52.62 26.88 58.90
C PHE B 1103 -52.11 27.07 57.47
N VAL B 1104 -51.36 28.13 57.24
CA VAL B 1104 -50.71 28.34 55.96
C VAL B 1104 -49.20 28.24 56.19
N THR B 1105 -48.51 27.50 55.33
CA THR B 1105 -47.08 27.29 55.51
C THR B 1105 -46.34 27.36 54.18
N GLN B 1106 -45.08 27.77 54.24
CA GLN B 1106 -44.22 27.77 53.07
C GLN B 1106 -44.04 26.33 52.57
N ARG B 1107 -43.99 26.18 51.25
CA ARG B 1107 -44.03 24.87 50.59
C ARG B 1107 -42.87 23.94 50.95
N ASN B 1108 -41.66 24.48 51.12
CA ASN B 1108 -40.51 23.60 51.29
C ASN B 1108 -40.05 23.43 52.74
N PHE B 1109 -40.79 23.95 53.71
CA PHE B 1109 -40.40 23.80 55.11
C PHE B 1109 -41.62 23.99 56.00
N TYR B 1110 -41.96 22.98 56.80
CA TYR B 1110 -43.17 23.09 57.61
C TYR B 1110 -42.99 24.14 58.69
N GLU B 1111 -43.79 25.20 58.60
CA GLU B 1111 -43.74 26.32 59.54
C GLU B 1111 -45.12 26.91 59.57
N PRO B 1112 -46.02 26.33 60.36
CA PRO B 1112 -47.43 26.76 60.32
C PRO B 1112 -47.63 28.15 60.91
N GLN B 1113 -48.43 28.94 60.21
CA GLN B 1113 -48.79 30.28 60.64
C GLN B 1113 -50.30 30.41 60.60
N ILE B 1114 -50.84 31.32 61.43
CA ILE B 1114 -52.26 31.58 61.43
C ILE B 1114 -52.62 32.18 60.07
N ILE B 1115 -53.74 31.75 59.52
CA ILE B 1115 -54.17 32.22 58.20
C ILE B 1115 -54.83 33.58 58.37
N THR B 1116 -54.29 34.59 57.69
CA THR B 1116 -54.75 35.96 57.79
C THR B 1116 -54.88 36.55 56.40
N THR B 1117 -55.47 37.75 56.34
CA THR B 1117 -55.64 38.46 55.07
C THR B 1117 -54.33 39.01 54.52
N ASP B 1118 -53.23 38.94 55.27
CA ASP B 1118 -51.95 39.45 54.80
C ASP B 1118 -51.11 38.40 54.09
N ASN B 1119 -51.54 37.13 54.10
CA ASN B 1119 -50.77 36.07 53.47
C ASN B 1119 -51.64 35.27 52.51
N THR B 1120 -52.85 35.76 52.21
CA THR B 1120 -53.77 35.15 51.27
C THR B 1120 -54.30 36.24 50.35
N PHE B 1121 -54.94 35.81 49.26
CA PHE B 1121 -55.62 36.72 48.35
C PHE B 1121 -56.99 36.13 48.00
N VAL B 1122 -57.88 36.99 47.55
CA VAL B 1122 -59.26 36.62 47.27
C VAL B 1122 -59.52 36.72 45.78
N SER B 1123 -60.11 35.68 45.20
CA SER B 1123 -60.52 35.69 43.80
C SER B 1123 -61.73 34.78 43.64
N GLY B 1124 -62.88 35.35 43.31
CA GLY B 1124 -64.07 34.56 43.08
C GLY B 1124 -64.75 34.13 44.36
N ASN B 1125 -65.65 33.18 44.21
CA ASN B 1125 -66.47 32.70 45.33
C ASN B 1125 -66.26 31.19 45.51
N CYS B 1126 -66.91 30.66 46.55
CA CYS B 1126 -66.72 29.28 46.96
C CYS B 1126 -67.39 28.25 46.05
N ASP B 1127 -68.14 28.67 45.04
CA ASP B 1127 -68.87 27.71 44.21
C ASP B 1127 -68.06 27.16 43.04
N VAL B 1128 -66.84 27.65 42.81
CA VAL B 1128 -66.09 27.24 41.64
C VAL B 1128 -64.91 26.31 41.98
N VAL B 1129 -64.29 26.47 43.15
CA VAL B 1129 -63.09 25.72 43.48
C VAL B 1129 -63.47 24.34 44.00
N ILE B 1130 -62.92 23.30 43.37
CA ILE B 1130 -63.21 21.93 43.75
C ILE B 1130 -62.32 21.56 44.93
N GLY B 1131 -62.93 21.15 46.04
CA GLY B 1131 -62.16 20.80 47.22
C GLY B 1131 -61.99 21.90 48.24
N ILE B 1132 -62.66 23.05 48.07
CA ILE B 1132 -62.57 24.14 49.02
C ILE B 1132 -63.17 23.72 50.37
N VAL B 1133 -62.53 24.14 51.45
CA VAL B 1133 -62.98 23.80 52.79
C VAL B 1133 -63.37 25.05 53.55
N ASN B 1134 -64.25 24.87 54.53
CA ASN B 1134 -64.72 25.95 55.39
C ASN B 1134 -63.76 26.18 56.54
N ASN B 1135 -63.39 27.43 56.77
CA ASN B 1135 -62.55 27.82 57.90
C ASN B 1135 -62.62 29.34 58.07
N THR B 1136 -61.90 29.82 59.08
CA THR B 1136 -61.92 31.22 59.48
C THR B 1136 -60.61 31.90 59.05
N VAL B 1137 -60.74 33.06 58.40
CA VAL B 1137 -59.62 33.89 58.01
C VAL B 1137 -59.67 35.12 58.89
N TYR B 1138 -58.55 35.42 59.56
CA TYR B 1138 -58.49 36.51 60.52
C TYR B 1138 -58.01 37.79 59.85
N ASP B 1139 -58.51 38.92 60.35
CA ASP B 1139 -58.22 40.24 59.79
C ASP B 1139 -57.73 41.22 60.87
N PRO B 1140 -56.47 41.06 61.36
CA PRO B 1140 -55.85 41.90 62.41
C PRO B 1140 -55.99 43.41 62.25
N VAL C 21 28.98 -21.58 -45.02
CA VAL C 21 28.02 -21.32 -46.09
C VAL C 21 28.56 -21.84 -47.42
N GLN C 22 27.81 -22.75 -48.04
CA GLN C 22 28.18 -23.29 -49.34
C GLN C 22 27.01 -23.23 -50.30
N LEU C 23 27.29 -22.94 -51.57
CA LEU C 23 26.31 -23.00 -52.65
C LEU C 23 26.91 -23.86 -53.75
N VAL C 24 26.23 -24.95 -54.09
CA VAL C 24 26.75 -25.91 -55.06
C VAL C 24 25.79 -26.00 -56.24
N GLN C 25 26.26 -25.68 -57.43
CA GLN C 25 25.42 -25.68 -58.62
C GLN C 25 25.64 -26.93 -59.45
N SER C 26 24.70 -27.17 -60.37
CA SER C 26 24.77 -28.31 -61.27
C SER C 26 25.88 -28.11 -62.30
N GLY C 27 26.13 -29.16 -63.09
CA GLY C 27 27.16 -29.10 -64.09
C GLY C 27 26.73 -28.34 -65.34
N ALA C 28 27.67 -28.21 -66.27
CA ALA C 28 27.44 -27.46 -67.49
C ALA C 28 26.39 -28.11 -68.38
N GLU C 29 25.66 -27.27 -69.11
CA GLU C 29 24.61 -27.70 -70.01
C GLU C 29 24.85 -27.08 -71.39
N VAL C 30 24.47 -27.83 -72.43
CA VAL C 30 24.53 -27.35 -73.80
C VAL C 30 23.12 -27.49 -74.39
N LYS C 31 22.59 -26.39 -74.91
CA LYS C 31 21.22 -26.36 -75.41
C LYS C 31 21.20 -25.72 -76.81
N LYS C 32 20.18 -26.08 -77.57
CA LYS C 32 19.90 -25.51 -78.87
C LYS C 32 19.07 -24.24 -78.71
N PRO C 33 19.15 -23.30 -79.65
CA PRO C 33 18.29 -22.11 -79.61
C PRO C 33 16.80 -22.48 -79.59
N GLY C 34 16.04 -21.76 -78.77
CA GLY C 34 14.63 -21.99 -78.60
C GLY C 34 14.28 -22.91 -77.44
N ALA C 35 15.26 -23.60 -76.87
CA ALA C 35 15.08 -24.52 -75.76
C ALA C 35 15.01 -23.78 -74.44
N SER C 36 14.87 -24.54 -73.36
CA SER C 36 14.86 -24.01 -72.00
C SER C 36 15.90 -24.77 -71.19
N VAL C 37 16.52 -24.07 -70.24
CA VAL C 37 17.55 -24.67 -69.40
C VAL C 37 17.20 -24.45 -67.94
N LYS C 38 17.48 -25.44 -67.09
CA LYS C 38 17.26 -25.33 -65.66
C LYS C 38 18.58 -25.56 -64.93
N VAL C 39 18.94 -24.59 -64.10
CA VAL C 39 20.18 -24.61 -63.32
C VAL C 39 19.84 -24.61 -61.84
N SER C 40 20.31 -25.61 -61.12
CA SER C 40 20.05 -25.70 -59.69
C SER C 40 21.16 -25.03 -58.89
N CYS C 41 20.82 -24.68 -57.65
CA CYS C 41 21.79 -24.14 -56.68
C CYS C 41 21.39 -24.66 -55.31
N LYS C 42 22.16 -25.59 -54.76
CA LYS C 42 21.88 -26.18 -53.46
C LYS C 42 22.60 -25.37 -52.39
N ALA C 43 21.87 -24.99 -51.35
CA ALA C 43 22.42 -24.18 -50.28
C ALA C 43 22.68 -25.02 -49.04
N SER C 44 23.72 -24.64 -48.29
CA SER C 44 23.98 -25.26 -47.01
C SER C 44 24.74 -24.29 -46.12
N GLY C 45 24.67 -24.53 -44.81
CA GLY C 45 25.40 -23.76 -43.84
C GLY C 45 24.66 -22.56 -43.28
N TYR C 46 23.41 -22.35 -43.68
CA TYR C 46 22.63 -21.21 -43.21
C TYR C 46 21.15 -21.52 -43.37
N THR C 47 20.32 -20.67 -42.78
CA THR C 47 18.87 -20.82 -42.94
C THR C 47 18.48 -20.38 -44.33
N PHE C 48 18.05 -21.35 -45.16
CA PHE C 48 17.78 -21.12 -46.57
C PHE C 48 16.70 -20.06 -46.79
N THR C 49 15.63 -20.10 -45.99
CA THR C 49 14.51 -19.20 -46.21
C THR C 49 14.75 -17.81 -45.65
N GLY C 50 15.86 -17.59 -44.97
CA GLY C 50 16.16 -16.32 -44.36
C GLY C 50 16.85 -15.33 -45.25
N TYR C 51 17.21 -15.74 -46.46
CA TYR C 51 17.94 -14.92 -47.41
C TYR C 51 17.29 -15.03 -48.78
N TYR C 52 17.55 -14.04 -49.62
CA TYR C 52 17.08 -14.07 -50.99
C TYR C 52 18.16 -14.72 -51.85
N MET C 53 17.73 -15.49 -52.83
CA MET C 53 18.64 -16.04 -53.83
C MET C 53 18.53 -15.19 -55.09
N HIS C 54 19.66 -14.71 -55.57
CA HIS C 54 19.73 -13.90 -56.76
C HIS C 54 20.47 -14.67 -57.83
N TRP C 55 20.20 -14.34 -59.09
CA TRP C 55 20.97 -14.93 -60.17
C TRP C 55 21.68 -13.84 -60.95
N VAL C 56 22.93 -14.13 -61.32
CA VAL C 56 23.77 -13.19 -62.04
C VAL C 56 24.33 -13.90 -63.27
N ARG C 57 24.26 -13.24 -64.42
CA ARG C 57 24.73 -13.82 -65.67
C ARG C 57 26.05 -13.15 -66.03
N GLN C 58 27.01 -13.92 -66.57
CA GLN C 58 28.27 -13.37 -67.05
C GLN C 58 28.61 -13.93 -68.42
N ALA C 59 28.35 -13.16 -69.47
CA ALA C 59 28.72 -13.59 -70.82
C ALA C 59 30.24 -13.57 -70.93
N PRO C 60 30.82 -14.47 -71.75
CA PRO C 60 32.30 -14.54 -71.86
C PRO C 60 32.89 -13.21 -72.33
N GLY C 61 33.88 -12.74 -71.58
CA GLY C 61 34.55 -11.50 -71.92
C GLY C 61 33.81 -10.26 -71.49
N GLN C 62 32.65 -10.42 -70.87
CA GLN C 62 31.76 -9.34 -70.45
C GLN C 62 31.71 -9.28 -68.93
N GLY C 63 30.96 -8.28 -68.43
CA GLY C 63 30.76 -8.10 -67.02
C GLY C 63 29.58 -8.90 -66.50
N LEU C 64 29.17 -8.57 -65.28
CA LEU C 64 28.10 -9.29 -64.61
C LEU C 64 26.76 -8.60 -64.85
N GLU C 65 25.72 -9.39 -65.08
CA GLU C 65 24.38 -8.86 -65.28
C GLU C 65 23.41 -9.53 -64.32
N TRP C 66 22.67 -8.72 -63.55
CA TRP C 66 21.67 -9.24 -62.63
C TRP C 66 20.40 -9.67 -63.36
N MET C 67 19.89 -10.85 -63.01
CA MET C 67 18.72 -11.40 -63.67
C MET C 67 17.45 -11.31 -62.84
N GLY C 68 17.54 -11.41 -61.52
CA GLY C 68 16.37 -11.49 -60.68
C GLY C 68 16.67 -12.21 -59.37
N TRP C 69 15.61 -12.34 -58.56
CA TRP C 69 15.71 -13.01 -57.28
C TRP C 69 14.44 -13.78 -56.95
N ILE C 70 14.62 -14.75 -56.05
CA ILE C 70 13.60 -15.61 -55.48
C ILE C 70 13.71 -15.59 -53.95
N ASN C 71 12.56 -15.38 -53.29
CA ASN C 71 12.39 -15.40 -51.85
C ASN C 71 11.78 -16.74 -51.46
N PRO C 72 12.59 -17.67 -50.93
CA PRO C 72 12.15 -19.05 -50.65
C PRO C 72 10.97 -19.20 -49.69
N ILE C 73 10.81 -18.28 -48.73
CA ILE C 73 9.74 -18.35 -47.73
C ILE C 73 8.36 -18.24 -48.38
N SER C 74 8.24 -17.47 -49.45
CA SER C 74 6.96 -17.20 -50.06
C SER C 74 6.97 -17.55 -51.52
N SER C 75 8.14 -17.98 -52.06
CA SER C 75 8.36 -18.24 -53.48
C SER C 75 8.08 -16.96 -54.27
N GLY C 76 8.47 -15.83 -53.69
CA GLY C 76 8.30 -14.56 -54.36
C GLY C 76 9.45 -14.29 -55.32
N THR C 77 9.18 -13.56 -56.39
CA THR C 77 10.23 -13.30 -57.35
C THR C 77 10.19 -11.87 -57.83
N SER C 78 11.32 -11.48 -58.42
CA SER C 78 11.43 -10.21 -59.13
C SER C 78 12.43 -10.46 -60.24
N TYR C 79 12.16 -9.90 -61.41
CA TYR C 79 13.04 -10.11 -62.54
C TYR C 79 13.49 -8.79 -63.13
N ALA C 80 14.69 -8.80 -63.70
CA ALA C 80 15.18 -7.66 -64.44
C ALA C 80 14.35 -7.49 -65.71
N GLN C 81 14.16 -6.22 -66.12
CA GLN C 81 13.35 -5.92 -67.29
C GLN C 81 13.87 -6.60 -68.55
N THR C 82 15.20 -6.78 -68.64
CA THR C 82 15.84 -7.44 -69.76
C THR C 82 15.32 -8.87 -69.94
N PHE C 83 15.05 -9.56 -68.83
CA PHE C 83 14.63 -10.95 -68.82
C PHE C 83 13.17 -11.12 -68.38
N GLN C 84 12.38 -10.06 -68.36
CA GLN C 84 11.01 -10.15 -67.85
C GLN C 84 10.14 -10.86 -68.86
N GLY C 85 9.51 -11.96 -68.44
CA GLY C 85 8.70 -12.76 -69.33
C GLY C 85 9.42 -13.94 -69.95
N ARG C 86 10.74 -14.02 -69.79
CA ARG C 86 11.53 -15.12 -70.32
C ARG C 86 12.06 -16.09 -69.28
N VAL C 87 12.34 -15.64 -68.06
CA VAL C 87 12.95 -16.47 -67.03
C VAL C 87 12.00 -16.68 -65.86
N THR C 88 11.99 -17.91 -65.35
CA THR C 88 11.22 -18.28 -64.17
C THR C 88 12.19 -18.77 -63.08
N MET C 89 12.04 -18.27 -61.86
CA MET C 89 12.87 -18.71 -60.75
C MET C 89 11.97 -19.39 -59.73
N THR C 90 12.41 -20.55 -59.24
CA THR C 90 11.65 -21.33 -58.27
C THR C 90 12.60 -21.79 -57.17
N SER C 91 12.01 -22.38 -56.12
CA SER C 91 12.82 -22.92 -55.05
C SER C 91 12.08 -24.06 -54.38
N ASP C 92 12.84 -24.91 -53.71
CA ASP C 92 12.32 -26.06 -52.96
C ASP C 92 13.04 -26.02 -51.61
N THR C 93 12.30 -25.58 -50.58
CA THR C 93 12.86 -25.45 -49.24
C THR C 93 13.24 -26.81 -48.66
N SER C 94 12.52 -27.86 -49.06
CA SER C 94 12.73 -29.20 -48.50
C SER C 94 14.15 -29.70 -48.75
N ILE C 95 14.67 -29.46 -49.96
CA ILE C 95 16.02 -29.87 -50.30
C ILE C 95 16.99 -28.70 -50.32
N THR C 96 16.56 -27.52 -49.85
CA THR C 96 17.31 -26.25 -49.83
C THR C 96 17.95 -25.96 -51.20
N THR C 97 17.11 -25.91 -52.22
CA THR C 97 17.65 -25.72 -53.56
C THR C 97 16.83 -24.71 -54.34
N ALA C 98 17.52 -23.82 -55.04
CA ALA C 98 16.91 -22.83 -55.92
C ALA C 98 17.06 -23.34 -57.35
N TYR C 99 16.11 -23.00 -58.20
CA TYR C 99 16.17 -23.36 -59.61
C TYR C 99 15.95 -22.15 -60.51
N MET C 100 16.70 -22.18 -61.62
CA MET C 100 16.58 -21.25 -62.73
C MET C 100 16.00 -21.98 -63.93
N GLU C 101 14.97 -21.40 -64.55
CA GLU C 101 14.46 -21.92 -65.82
C GLU C 101 14.48 -20.78 -66.82
N LEU C 102 15.37 -20.85 -67.79
CA LEU C 102 15.50 -19.81 -68.81
C LEU C 102 14.95 -20.35 -70.12
N SER C 103 13.90 -19.71 -70.63
CA SER C 103 13.23 -20.16 -71.84
C SER C 103 13.62 -19.27 -73.01
N ARG C 104 13.21 -19.70 -74.21
CA ARG C 104 13.40 -18.97 -75.48
C ARG C 104 14.84 -18.56 -75.71
N LEU C 105 15.75 -19.53 -75.58
CA LEU C 105 17.17 -19.27 -75.70
C LEU C 105 17.56 -18.82 -77.11
N ARG C 106 18.56 -17.93 -77.14
CA ARG C 106 19.18 -17.42 -78.34
C ARG C 106 20.68 -17.52 -78.16
N SER C 107 21.44 -17.35 -79.25
CA SER C 107 22.89 -17.51 -79.21
C SER C 107 23.57 -16.53 -78.26
N ASP C 108 22.93 -15.39 -77.98
CA ASP C 108 23.48 -14.37 -77.10
C ASP C 108 23.42 -14.75 -75.63
N ASP C 109 22.77 -15.86 -75.28
CA ASP C 109 22.64 -16.27 -73.90
C ASP C 109 23.73 -17.23 -73.42
N THR C 110 24.71 -17.57 -74.26
CA THR C 110 25.81 -18.41 -73.79
C THR C 110 26.56 -17.62 -72.73
N ALA C 111 26.65 -18.18 -71.52
CA ALA C 111 27.23 -17.46 -70.39
C ALA C 111 27.43 -18.38 -69.21
N VAL C 112 28.18 -17.88 -68.22
CA VAL C 112 28.32 -18.56 -66.94
C VAL C 112 27.28 -17.94 -66.00
N TYR C 113 26.46 -18.80 -65.40
CA TYR C 113 25.37 -18.39 -64.53
C TYR C 113 25.73 -18.66 -63.07
N TYR C 114 25.71 -17.62 -62.24
CA TYR C 114 26.02 -17.73 -60.83
C TYR C 114 24.78 -17.53 -59.98
N CYS C 115 24.70 -18.28 -58.88
CA CYS C 115 23.69 -18.06 -57.85
C CYS C 115 24.38 -17.29 -56.72
N ALA C 116 23.65 -16.37 -56.10
CA ALA C 116 24.23 -15.53 -55.07
C ALA C 116 23.26 -15.34 -53.92
N ARG C 117 23.82 -15.26 -52.71
CA ARG C 117 23.05 -15.12 -51.49
C ARG C 117 23.06 -13.65 -51.09
N ALA C 118 21.89 -13.10 -50.78
CA ALA C 118 21.80 -11.74 -50.31
C ALA C 118 20.75 -11.65 -49.22
N ALA C 119 20.86 -10.63 -48.38
CA ALA C 119 19.91 -10.49 -47.30
C ALA C 119 18.54 -10.08 -47.86
N PRO C 120 17.46 -10.36 -47.14
CA PRO C 120 16.14 -9.88 -47.57
C PRO C 120 16.00 -8.37 -47.38
N PHE C 121 14.97 -7.81 -48.03
CA PHE C 121 14.76 -6.36 -48.01
C PHE C 121 14.42 -5.81 -46.63
N TYR C 122 14.16 -6.64 -45.62
CA TYR C 122 13.85 -6.13 -44.30
C TYR C 122 15.07 -5.96 -43.41
N ASP C 123 16.26 -6.28 -43.91
CA ASP C 123 17.49 -6.12 -43.15
C ASP C 123 17.68 -4.63 -42.86
N PHE C 124 17.89 -4.30 -41.58
CA PHE C 124 18.02 -2.89 -41.18
C PHE C 124 19.24 -2.25 -41.85
N TRP C 125 20.32 -3.01 -41.97
CA TRP C 125 21.51 -2.57 -42.68
C TRP C 125 21.31 -3.03 -44.11
N SER C 126 21.90 -2.32 -45.07
CA SER C 126 21.57 -2.59 -46.48
C SER C 126 22.25 -3.86 -46.98
N GLY C 127 21.85 -4.99 -46.38
CA GLY C 127 22.43 -6.27 -46.73
C GLY C 127 21.90 -6.82 -48.02
N TYR C 128 20.84 -6.22 -48.54
CA TYR C 128 20.22 -6.63 -49.79
C TYR C 128 20.88 -5.98 -50.97
N SER C 129 21.78 -5.03 -50.73
CA SER C 129 22.42 -4.27 -51.78
C SER C 129 23.63 -5.00 -52.35
N TYR C 130 24.05 -6.08 -51.71
CA TYR C 130 25.26 -6.79 -52.12
C TYR C 130 25.07 -8.27 -51.88
N PHE C 131 25.94 -9.06 -52.51
CA PHE C 131 25.91 -10.51 -52.48
C PHE C 131 27.09 -10.99 -51.66
N ASP C 132 26.83 -11.68 -50.56
CA ASP C 132 27.96 -12.06 -49.69
C ASP C 132 28.53 -13.44 -49.96
N TYR C 133 27.77 -14.35 -50.56
CA TYR C 133 28.28 -15.67 -50.92
C TYR C 133 27.87 -16.02 -52.34
N TRP C 134 28.78 -16.65 -53.08
CA TRP C 134 28.51 -17.05 -54.45
C TRP C 134 28.81 -18.54 -54.60
N GLY C 135 28.03 -19.21 -55.46
CA GLY C 135 28.31 -20.58 -55.81
C GLY C 135 29.26 -20.66 -57.00
N GLN C 136 29.64 -21.88 -57.34
CA GLN C 136 30.47 -22.06 -58.54
C GLN C 136 29.56 -21.88 -59.76
N GLY C 137 30.09 -21.25 -60.79
CA GLY C 137 29.28 -20.96 -61.96
C GLY C 137 28.94 -22.18 -62.79
N THR C 138 27.78 -22.11 -63.45
CA THR C 138 27.33 -23.13 -64.38
C THR C 138 27.42 -22.58 -65.79
N LEU C 139 28.19 -23.26 -66.65
CA LEU C 139 28.35 -22.79 -68.02
C LEU C 139 27.18 -23.26 -68.87
N VAL C 140 26.50 -22.34 -69.56
CA VAL C 140 25.43 -22.69 -70.47
C VAL C 140 25.83 -22.21 -71.87
N THR C 141 25.87 -23.13 -72.82
CA THR C 141 26.22 -22.85 -74.21
C THR C 141 24.97 -22.96 -75.06
N VAL C 142 24.73 -21.98 -75.92
CA VAL C 142 23.55 -22.01 -76.78
C VAL C 142 23.99 -21.87 -78.23
N GLU D 21 18.07 3.88 -67.36
CA GLU D 21 18.63 3.47 -66.09
C GLU D 21 19.99 4.12 -65.86
N ILE D 22 20.60 3.81 -64.72
CA ILE D 22 21.89 4.37 -64.35
C ILE D 22 23.01 3.63 -65.09
N VAL D 23 23.97 4.39 -65.60
CA VAL D 23 25.14 3.82 -66.27
C VAL D 23 26.27 3.75 -65.27
N MET D 24 26.89 2.58 -65.14
CA MET D 24 27.98 2.35 -64.22
C MET D 24 29.29 2.27 -64.99
N MET D 25 30.22 3.20 -64.72
CA MET D 25 31.45 3.30 -65.50
C MET D 25 32.65 3.16 -64.57
N GLN D 26 33.52 2.21 -64.88
CA GLN D 26 34.74 2.00 -64.11
C GLN D 26 35.96 2.53 -64.84
N SER D 27 37.01 2.84 -64.07
CA SER D 27 38.24 3.34 -64.69
C SER D 27 39.47 3.02 -63.84
N PRO D 28 40.62 2.70 -64.46
CA PRO D 28 40.85 2.49 -65.90
C PRO D 28 40.32 1.13 -66.36
N GLY D 29 40.06 0.95 -67.66
CA GLY D 29 39.60 -0.35 -68.14
C GLY D 29 40.58 -1.48 -67.88
N THR D 30 41.87 -1.20 -68.01
CA THR D 30 42.91 -2.17 -67.69
C THR D 30 43.95 -1.48 -66.82
N LEU D 31 44.36 -2.13 -65.73
CA LEU D 31 45.43 -1.62 -64.89
C LEU D 31 46.65 -2.51 -65.02
N SER D 32 47.83 -1.90 -65.06
CA SER D 32 49.08 -2.63 -65.16
C SER D 32 50.05 -2.13 -64.10
N LEU D 33 50.49 -3.03 -63.22
CA LEU D 33 51.39 -2.64 -62.14
C LEU D 33 52.13 -3.89 -61.67
N SER D 34 53.10 -3.68 -60.78
CA SER D 34 53.95 -4.74 -60.27
C SER D 34 53.51 -5.16 -58.87
N PRO D 35 53.81 -6.41 -58.48
CA PRO D 35 53.58 -6.83 -57.09
C PRO D 35 54.33 -5.96 -56.09
N GLY D 36 53.69 -5.68 -54.96
CA GLY D 36 54.28 -4.83 -53.94
C GLY D 36 53.86 -3.38 -53.99
N GLU D 37 53.24 -2.94 -55.07
CA GLU D 37 52.83 -1.54 -55.20
C GLU D 37 51.36 -1.38 -54.79
N ARG D 38 50.93 -0.12 -54.77
CA ARG D 38 49.57 0.26 -54.41
C ARG D 38 48.75 0.44 -55.69
N ALA D 39 47.46 0.10 -55.62
CA ALA D 39 46.56 0.28 -56.74
C ALA D 39 45.30 1.02 -56.31
N THR D 40 44.81 1.89 -57.18
CA THR D 40 43.53 2.55 -56.97
C THR D 40 42.66 2.40 -58.22
N LEU D 41 41.44 1.91 -58.03
CA LEU D 41 40.44 1.77 -59.07
C LEU D 41 39.26 2.68 -58.76
N SER D 42 38.60 3.21 -59.78
CA SER D 42 37.49 4.12 -59.54
C SER D 42 36.23 3.59 -60.20
N CYS D 43 35.09 3.98 -59.61
CA CYS D 43 33.75 3.66 -60.10
C CYS D 43 32.92 4.93 -60.08
N ARG D 44 32.37 5.28 -61.24
CA ARG D 44 31.53 6.46 -61.43
C ARG D 44 30.11 6.03 -61.73
N ALA D 45 29.16 6.89 -61.35
CA ALA D 45 27.74 6.65 -61.59
C ALA D 45 27.11 7.86 -62.23
N SER D 46 26.09 7.60 -63.07
CA SER D 46 25.30 8.67 -63.67
C SER D 46 24.56 9.49 -62.62
N GLN D 47 24.01 8.83 -61.61
CA GLN D 47 23.19 9.47 -60.58
C GLN D 47 23.82 9.24 -59.23
N SER D 48 23.47 10.11 -58.27
CA SER D 48 24.00 10.02 -56.91
C SER D 48 23.63 8.69 -56.28
N VAL D 49 24.59 8.11 -55.56
CA VAL D 49 24.41 6.81 -54.94
C VAL D 49 24.71 6.89 -53.46
N SER D 50 23.77 6.39 -52.65
CA SER D 50 23.97 6.30 -51.20
C SER D 50 25.14 5.35 -50.92
N SER D 51 25.96 5.70 -49.92
CA SER D 51 27.14 4.92 -49.61
C SER D 51 26.79 3.49 -49.18
N SER D 52 25.60 3.32 -48.59
CA SER D 52 25.16 2.02 -48.08
C SER D 52 24.91 0.99 -49.18
N TYR D 53 24.76 1.42 -50.42
CA TYR D 53 24.42 0.53 -51.53
C TYR D 53 25.57 0.24 -52.49
N LEU D 54 26.81 0.60 -52.15
CA LEU D 54 27.93 0.39 -53.06
C LEU D 54 28.80 -0.76 -52.54
N ALA D 55 29.19 -1.67 -53.44
CA ALA D 55 30.02 -2.81 -53.07
C ALA D 55 31.06 -3.09 -54.13
N TRP D 56 32.14 -3.75 -53.72
CA TRP D 56 33.21 -4.19 -54.61
C TRP D 56 33.37 -5.70 -54.49
N TYR D 57 33.60 -6.34 -55.65
CA TYR D 57 33.81 -7.78 -55.77
C TYR D 57 35.10 -8.10 -56.53
N GLN D 58 35.75 -9.19 -56.12
CA GLN D 58 36.94 -9.70 -56.81
C GLN D 58 36.60 -11.02 -57.48
N GLN D 59 36.87 -11.13 -58.78
CA GLN D 59 36.66 -12.34 -59.54
C GLN D 59 38.01 -12.79 -60.11
N LYS D 60 38.54 -13.89 -59.58
CA LYS D 60 39.77 -14.43 -60.13
C LYS D 60 39.44 -15.26 -61.37
N PRO D 61 40.35 -15.33 -62.35
CA PRO D 61 40.09 -16.12 -63.57
C PRO D 61 39.77 -17.57 -63.25
N GLY D 62 38.69 -18.07 -63.83
CA GLY D 62 38.27 -19.43 -63.64
C GLY D 62 37.51 -19.67 -62.36
N GLN D 63 37.29 -18.63 -61.55
CA GLN D 63 36.65 -18.73 -60.25
C GLN D 63 35.43 -17.83 -60.19
N ALA D 64 34.55 -18.13 -59.24
CA ALA D 64 33.39 -17.29 -59.01
C ALA D 64 33.79 -15.98 -58.35
N PRO D 65 33.03 -14.90 -58.56
CA PRO D 65 33.30 -13.65 -57.84
C PRO D 65 33.11 -13.82 -56.34
N ARG D 66 33.90 -13.08 -55.57
CA ARG D 66 33.75 -13.06 -54.12
C ARG D 66 33.70 -11.63 -53.62
N LEU D 67 32.92 -11.42 -52.57
CA LEU D 67 32.73 -10.08 -52.01
C LEU D 67 33.99 -9.60 -51.30
N LEU D 68 34.36 -8.35 -51.57
CA LEU D 68 35.44 -7.71 -50.85
C LEU D 68 34.95 -6.59 -49.95
N ILE D 69 34.23 -5.62 -50.52
CA ILE D 69 33.83 -4.42 -49.78
C ILE D 69 32.33 -4.25 -49.94
N TYR D 70 31.64 -3.90 -48.85
CA TYR D 70 30.23 -3.56 -48.89
C TYR D 70 30.01 -2.30 -48.07
N GLY D 71 28.92 -1.60 -48.37
CA GLY D 71 28.61 -0.36 -47.68
C GLY D 71 29.62 0.74 -47.95
N ALA D 72 30.23 0.73 -49.13
CA ALA D 72 31.26 1.63 -49.68
C ALA D 72 32.63 1.40 -49.04
N SER D 73 32.69 1.26 -47.71
CA SER D 73 33.98 1.21 -47.03
C SER D 73 34.18 0.02 -46.09
N SER D 74 33.16 -0.80 -45.83
CA SER D 74 33.30 -1.88 -44.87
C SER D 74 33.86 -3.12 -45.54
N ARG D 75 34.86 -3.74 -44.91
CA ARG D 75 35.43 -4.97 -45.42
C ARG D 75 34.52 -6.14 -45.12
N ALA D 76 34.44 -7.08 -46.07
CA ALA D 76 33.70 -8.31 -45.84
C ALA D 76 34.49 -9.23 -44.93
N THR D 77 33.78 -10.15 -44.28
CA THR D 77 34.42 -11.08 -43.34
C THR D 77 35.42 -11.96 -44.09
N GLY D 78 36.62 -12.09 -43.54
CA GLY D 78 37.63 -12.93 -44.14
C GLY D 78 38.55 -12.20 -45.10
N ILE D 79 38.32 -10.91 -45.33
CA ILE D 79 39.10 -10.12 -46.29
C ILE D 79 40.30 -9.46 -45.60
N PRO D 80 41.50 -9.62 -46.17
CA PRO D 80 42.70 -8.99 -45.62
C PRO D 80 42.58 -7.47 -45.57
N ASP D 81 43.29 -6.86 -44.61
CA ASP D 81 43.27 -5.41 -44.38
C ASP D 81 43.93 -4.61 -45.51
N ARG D 82 44.55 -5.28 -46.49
CA ARG D 82 45.15 -4.63 -47.64
C ARG D 82 44.12 -3.95 -48.53
N PHE D 83 42.86 -4.39 -48.46
CA PHE D 83 41.78 -3.85 -49.28
C PHE D 83 41.03 -2.80 -48.49
N SER D 84 40.77 -1.66 -49.12
CA SER D 84 39.98 -0.61 -48.49
C SER D 84 39.18 0.09 -49.56
N GLY D 85 38.10 0.74 -49.14
CA GLY D 85 37.26 1.47 -50.06
C GLY D 85 36.88 2.82 -49.49
N SER D 86 36.44 3.70 -50.37
CA SER D 86 35.99 5.02 -49.96
C SER D 86 35.13 5.60 -51.06
N GLY D 87 34.44 6.68 -50.74
CA GLY D 87 33.68 7.35 -51.77
C GLY D 87 32.31 7.83 -51.32
N SER D 88 31.68 8.66 -52.15
CA SER D 88 30.36 9.20 -51.87
C SER D 88 29.81 9.75 -53.19
N GLY D 89 28.51 10.05 -53.17
CA GLY D 89 27.87 10.68 -54.31
C GLY D 89 27.93 9.74 -55.50
N THR D 90 28.60 10.19 -56.54
CA THR D 90 28.75 9.43 -57.77
C THR D 90 30.16 8.89 -57.93
N ASP D 91 31.06 9.15 -56.97
CA ASP D 91 32.48 8.84 -57.11
C ASP D 91 32.92 7.92 -55.99
N PHE D 92 33.30 6.68 -56.32
CA PHE D 92 33.74 5.71 -55.34
C PHE D 92 35.09 5.15 -55.81
N THR D 93 35.94 4.77 -54.86
CA THR D 93 37.23 4.18 -55.18
C THR D 93 37.50 2.96 -54.31
N LEU D 94 38.31 2.06 -54.88
CA LEU D 94 38.83 0.88 -54.19
C LEU D 94 40.35 0.96 -54.22
N THR D 95 40.99 0.81 -53.07
CA THR D 95 42.44 0.89 -52.98
C THR D 95 43.00 -0.39 -52.39
N ILE D 96 44.05 -0.93 -53.03
CA ILE D 96 44.79 -2.08 -52.52
C ILE D 96 46.17 -1.56 -52.10
N SER D 97 46.47 -1.66 -50.80
CA SER D 97 47.70 -1.09 -50.25
C SER D 97 48.95 -1.77 -50.82
N ARG D 98 48.90 -3.10 -50.95
CA ARG D 98 50.01 -3.86 -51.50
C ARG D 98 49.47 -5.06 -52.24
N LEU D 99 49.96 -5.31 -53.45
CA LEU D 99 49.45 -6.41 -54.26
C LEU D 99 50.32 -7.66 -54.13
N GLU D 100 49.65 -8.80 -54.12
CA GLU D 100 50.22 -10.14 -54.12
C GLU D 100 49.79 -10.79 -55.43
N PRO D 101 50.43 -11.91 -55.85
CA PRO D 101 50.03 -12.56 -57.14
C PRO D 101 48.54 -12.90 -57.25
N GLU D 102 47.88 -13.19 -56.13
CA GLU D 102 46.47 -13.54 -56.10
C GLU D 102 45.56 -12.35 -56.42
N ASP D 103 46.09 -11.13 -56.37
CA ASP D 103 45.31 -9.91 -56.54
C ASP D 103 45.20 -9.47 -58.00
N PHE D 104 45.81 -10.20 -58.92
CA PHE D 104 45.77 -9.87 -60.35
C PHE D 104 44.52 -10.51 -60.97
N ALA D 105 43.38 -9.94 -60.61
CA ALA D 105 42.09 -10.47 -60.99
C ALA D 105 41.20 -9.35 -61.53
N VAL D 106 39.92 -9.64 -61.79
CA VAL D 106 39.00 -8.62 -62.28
C VAL D 106 38.17 -8.10 -61.11
N TYR D 107 38.11 -6.78 -60.96
CA TYR D 107 37.37 -6.17 -59.87
C TYR D 107 36.13 -5.47 -60.41
N TYR D 108 34.99 -5.69 -59.74
CA TYR D 108 33.73 -5.08 -60.15
C TYR D 108 33.16 -4.21 -59.06
N CYS D 109 32.51 -3.12 -59.46
CA CYS D 109 31.72 -2.31 -58.55
C CYS D 109 30.25 -2.65 -58.82
N GLN D 110 29.45 -2.70 -57.75
CA GLN D 110 28.02 -3.01 -57.85
C GLN D 110 27.23 -2.02 -57.01
N GLN D 111 26.04 -1.68 -57.49
CA GLN D 111 25.15 -0.75 -56.80
C GLN D 111 23.71 -1.22 -56.86
N TYR D 112 22.95 -0.91 -55.82
CA TYR D 112 21.52 -1.17 -55.79
C TYR D 112 20.80 0.16 -55.85
N GLY D 113 19.70 0.20 -56.58
CA GLY D 113 18.86 1.39 -56.61
C GLY D 113 17.57 0.90 -57.22
N SER D 114 16.51 1.74 -57.12
CA SER D 114 15.19 1.40 -57.67
C SER D 114 14.86 0.02 -57.11
N SER D 115 14.64 -0.93 -57.99
CA SER D 115 14.38 -2.31 -57.59
C SER D 115 15.33 -3.22 -58.37
N ALA D 116 16.55 -2.73 -58.63
CA ALA D 116 17.52 -3.45 -59.44
C ALA D 116 18.95 -3.27 -58.93
N TRP D 117 19.78 -4.27 -59.28
CA TRP D 117 21.20 -4.35 -58.96
C TRP D 117 22.00 -4.19 -60.25
N THR D 118 22.85 -3.17 -60.31
CA THR D 118 23.61 -2.84 -61.51
C THR D 118 25.09 -3.06 -61.24
N PHE D 119 25.77 -3.73 -62.17
CA PHE D 119 27.20 -3.97 -62.11
C PHE D 119 27.94 -3.11 -63.14
N GLY D 120 29.19 -2.81 -62.83
CA GLY D 120 30.06 -2.12 -63.77
C GLY D 120 30.65 -3.08 -64.79
N GLN D 121 31.44 -2.52 -65.71
CA GLN D 121 31.99 -3.31 -66.79
C GLN D 121 33.18 -4.17 -66.35
N GLY D 122 33.77 -3.89 -65.20
CA GLY D 122 34.93 -4.65 -64.75
C GLY D 122 36.26 -4.03 -65.11
N THR D 123 37.24 -4.15 -64.23
CA THR D 123 38.59 -3.68 -64.47
C THR D 123 39.56 -4.84 -64.26
N LYS D 124 40.51 -4.99 -65.18
CA LYS D 124 41.47 -6.08 -65.13
C LYS D 124 42.75 -5.60 -64.45
N VAL D 125 43.26 -6.39 -63.52
CA VAL D 125 44.50 -6.06 -62.84
C VAL D 125 45.58 -7.08 -63.17
N CYS E 15 -28.33 -25.62 -53.37
CA CYS E 15 -28.91 -24.39 -52.84
C CYS E 15 -30.01 -23.91 -53.78
N VAL E 16 -31.06 -23.29 -53.25
CA VAL E 16 -32.17 -22.77 -54.05
C VAL E 16 -32.41 -21.33 -53.65
N ASN E 17 -32.53 -20.45 -54.64
CA ASN E 17 -32.78 -19.03 -54.42
C ASN E 17 -34.27 -18.74 -54.58
N LEU E 18 -34.92 -18.30 -53.50
CA LEU E 18 -36.35 -18.00 -53.53
C LEU E 18 -36.53 -16.54 -53.95
N THR E 19 -37.30 -16.31 -55.02
CA THR E 19 -37.46 -14.96 -55.55
C THR E 19 -38.86 -14.39 -55.42
N THR E 20 -39.87 -15.22 -55.14
CA THR E 20 -41.27 -14.77 -55.07
C THR E 20 -41.51 -14.13 -53.69
N ARG E 21 -40.90 -12.97 -53.48
CA ARG E 21 -40.99 -12.30 -52.19
C ARG E 21 -41.21 -10.81 -52.39
N THR E 22 -42.19 -10.25 -51.67
CA THR E 22 -42.45 -8.83 -51.73
C THR E 22 -41.37 -8.10 -50.93
N GLN E 23 -40.89 -6.97 -51.45
CA GLN E 23 -39.80 -6.23 -50.81
C GLN E 23 -40.36 -5.00 -50.10
N LEU E 24 -40.46 -5.10 -48.78
CA LEU E 24 -40.95 -4.02 -47.94
C LEU E 24 -39.86 -3.60 -46.96
N PRO E 25 -39.89 -2.37 -46.45
CA PRO E 25 -38.87 -1.95 -45.47
C PRO E 25 -39.03 -2.63 -44.11
N PRO E 26 -37.94 -2.67 -43.32
CA PRO E 26 -38.00 -3.26 -41.97
C PRO E 26 -38.95 -2.52 -41.04
N ALA E 27 -39.60 -3.27 -40.15
CA ALA E 27 -40.49 -2.66 -39.16
C ALA E 27 -39.72 -2.41 -37.87
N TYR E 28 -40.27 -1.55 -37.01
CA TYR E 28 -39.66 -1.28 -35.72
C TYR E 28 -40.69 -1.29 -34.60
N THR E 29 -40.26 -1.68 -33.40
CA THR E 29 -41.14 -1.73 -32.23
C THR E 29 -40.39 -1.29 -30.97
N ASN E 30 -41.10 -1.34 -29.84
CA ASN E 30 -40.63 -0.92 -28.53
C ASN E 30 -40.31 -2.16 -27.68
N SER E 31 -39.09 -2.20 -27.13
CA SER E 31 -38.65 -3.34 -26.33
C SER E 31 -39.32 -3.44 -24.96
N PHE E 32 -39.92 -2.35 -24.45
CA PHE E 32 -40.52 -2.26 -23.12
C PHE E 32 -39.52 -2.66 -22.04
N THR E 33 -39.85 -3.69 -21.24
CA THR E 33 -38.99 -4.14 -20.15
C THR E 33 -38.48 -5.56 -20.37
N ARG E 34 -38.45 -6.02 -21.62
CA ARG E 34 -38.01 -7.36 -21.95
C ARG E 34 -36.49 -7.41 -22.10
N GLY E 35 -35.97 -8.64 -22.07
CA GLY E 35 -34.55 -8.86 -22.30
C GLY E 35 -33.68 -9.02 -21.07
N VAL E 36 -34.28 -9.15 -19.89
CA VAL E 36 -33.53 -9.34 -18.65
C VAL E 36 -33.29 -10.83 -18.45
N TYR E 37 -32.06 -11.19 -18.13
CA TYR E 37 -31.62 -12.57 -17.94
C TYR E 37 -30.81 -12.69 -16.66
N TYR E 38 -30.69 -13.92 -16.17
CA TYR E 38 -29.87 -14.18 -14.99
C TYR E 38 -28.41 -14.00 -15.37
N PRO E 39 -27.70 -13.02 -14.80
CA PRO E 39 -26.33 -12.74 -15.27
C PRO E 39 -25.28 -13.75 -14.84
N ASP E 40 -25.60 -14.64 -13.91
CA ASP E 40 -24.62 -15.56 -13.35
C ASP E 40 -25.32 -16.86 -12.94
N LYS E 41 -24.57 -17.74 -12.29
CA LYS E 41 -25.05 -19.07 -11.89
C LYS E 41 -25.15 -19.22 -10.38
N VAL E 42 -25.35 -18.13 -9.65
CA VAL E 42 -25.37 -18.15 -8.19
C VAL E 42 -26.77 -17.79 -7.72
N PHE E 43 -27.29 -18.58 -6.77
CA PHE E 43 -28.61 -18.34 -6.21
C PHE E 43 -28.55 -17.26 -5.14
N ARG E 44 -29.43 -16.29 -5.25
CA ARG E 44 -29.59 -15.29 -4.21
C ARG E 44 -31.09 -15.01 -4.14
N SER E 45 -31.55 -14.58 -2.97
CA SER E 45 -32.99 -14.41 -2.83
C SER E 45 -33.30 -13.26 -1.90
N SER E 46 -34.45 -12.61 -2.15
CA SER E 46 -34.96 -11.47 -1.35
C SER E 46 -33.92 -10.37 -1.28
N VAL E 47 -33.23 -10.13 -2.41
CA VAL E 47 -32.19 -9.10 -2.47
C VAL E 47 -32.26 -8.29 -3.75
N LEU E 48 -31.62 -7.13 -3.70
CA LEU E 48 -31.45 -6.30 -4.88
C LEU E 48 -29.97 -6.35 -5.23
N HIS E 49 -29.67 -6.81 -6.44
CA HIS E 49 -28.28 -7.00 -6.86
C HIS E 49 -27.94 -6.09 -8.02
N SER E 50 -26.84 -5.35 -7.90
CA SER E 50 -26.40 -4.43 -8.94
C SER E 50 -25.35 -5.13 -9.79
N THR E 51 -25.60 -5.24 -11.09
CA THR E 51 -24.65 -5.94 -11.97
C THR E 51 -24.37 -5.11 -13.21
N GLN E 52 -23.11 -5.11 -13.64
CA GLN E 52 -22.70 -4.46 -14.88
C GLN E 52 -22.46 -5.56 -15.92
N ASP E 53 -23.28 -5.57 -16.96
CA ASP E 53 -23.20 -6.62 -17.97
C ASP E 53 -23.86 -6.11 -19.25
N LEU E 54 -23.86 -6.95 -20.28
CA LEU E 54 -24.48 -6.59 -21.54
C LEU E 54 -25.96 -6.93 -21.47
N PHE E 55 -26.81 -5.90 -21.49
CA PHE E 55 -28.25 -6.07 -21.38
C PHE E 55 -28.94 -5.30 -22.49
N LEU E 56 -30.16 -5.73 -22.80
CA LEU E 56 -30.99 -4.98 -23.73
C LEU E 56 -31.52 -3.75 -23.00
N PRO E 57 -31.25 -2.53 -23.48
CA PRO E 57 -31.75 -1.34 -22.80
C PRO E 57 -33.28 -1.31 -22.77
N PHE E 58 -33.83 -0.76 -21.69
CA PHE E 58 -35.28 -0.65 -21.59
C PHE E 58 -35.80 0.35 -22.62
N PHE E 59 -36.97 0.02 -23.20
CA PHE E 59 -37.67 0.85 -24.18
C PHE E 59 -36.80 1.17 -25.40
N SER E 60 -35.99 0.19 -25.80
CA SER E 60 -35.13 0.38 -26.97
C SER E 60 -35.91 0.12 -28.26
N ASN E 61 -35.31 0.56 -29.37
CA ASN E 61 -35.87 0.41 -30.69
C ASN E 61 -35.47 -0.96 -31.23
N VAL E 62 -36.43 -1.87 -31.37
CA VAL E 62 -36.17 -3.25 -31.78
C VAL E 62 -36.61 -3.43 -33.23
N THR E 63 -35.72 -3.99 -34.06
CA THR E 63 -36.05 -4.21 -35.46
C THR E 63 -36.97 -5.42 -35.57
N TRP E 64 -38.03 -5.29 -36.37
CA TRP E 64 -39.10 -6.29 -36.44
C TRP E 64 -39.21 -6.78 -37.88
N PHE E 65 -39.11 -8.09 -38.06
CA PHE E 65 -39.13 -8.78 -39.34
C PHE E 65 -40.28 -9.78 -39.36
N HIS E 66 -40.81 -10.00 -40.57
CA HIS E 66 -41.91 -10.94 -40.76
C HIS E 66 -41.44 -12.13 -41.59
N ARG E 78 -44.37 -13.76 -44.72
CA ARG E 78 -43.57 -13.56 -45.91
C ARG E 78 -42.38 -14.51 -45.71
N PHE E 79 -41.15 -14.08 -45.99
CA PHE E 79 -39.96 -14.86 -45.70
C PHE E 79 -38.81 -13.88 -45.58
N ASP E 80 -38.83 -13.08 -44.53
CA ASP E 80 -37.91 -11.95 -44.34
C ASP E 80 -36.81 -12.40 -43.39
N ASN E 81 -35.58 -12.51 -43.91
CA ASN E 81 -34.44 -13.02 -43.15
C ASN E 81 -33.06 -12.74 -43.78
N PRO E 82 -32.60 -11.49 -43.79
CA PRO E 82 -31.27 -11.20 -44.31
C PRO E 82 -30.24 -11.43 -43.21
N VAL E 83 -28.98 -11.25 -43.56
CA VAL E 83 -27.93 -11.30 -42.55
C VAL E 83 -27.93 -9.97 -41.78
N LEU E 84 -27.83 -10.06 -40.47
CA LEU E 84 -27.81 -8.89 -39.60
C LEU E 84 -26.48 -8.80 -38.86
N PRO E 85 -26.08 -7.59 -38.45
CA PRO E 85 -24.88 -7.47 -37.62
C PRO E 85 -25.07 -8.07 -36.23
N PHE E 86 -23.97 -8.56 -35.67
CA PHE E 86 -23.91 -9.01 -34.29
C PHE E 86 -22.79 -8.21 -33.65
N ASN E 87 -23.10 -7.43 -32.61
CA ASN E 87 -22.10 -6.51 -32.08
C ASN E 87 -21.63 -7.03 -30.74
N ASP E 88 -22.15 -6.53 -29.61
CA ASP E 88 -21.80 -7.07 -28.31
C ASP E 88 -22.58 -8.32 -27.99
N GLY E 89 -23.78 -8.43 -28.54
CA GLY E 89 -24.66 -9.56 -28.36
C GLY E 89 -26.01 -9.16 -28.89
N VAL E 90 -26.91 -10.14 -29.00
CA VAL E 90 -28.23 -9.82 -29.54
C VAL E 90 -29.33 -10.44 -28.70
N TYR E 91 -30.50 -9.81 -28.79
CA TYR E 91 -31.74 -10.27 -28.19
C TYR E 91 -32.63 -10.70 -29.35
N PHE E 92 -33.22 -11.88 -29.25
CA PHE E 92 -34.01 -12.41 -30.34
C PHE E 92 -35.33 -12.89 -29.75
N ALA E 93 -36.43 -12.57 -30.40
CA ALA E 93 -37.72 -13.09 -29.93
C ALA E 93 -38.57 -13.48 -31.13
N SER E 94 -39.39 -14.50 -30.94
CA SER E 94 -40.25 -14.98 -32.01
C SER E 94 -41.67 -15.18 -31.49
N THR E 95 -42.64 -14.79 -32.32
CA THR E 95 -44.04 -15.02 -32.04
C THR E 95 -44.52 -15.97 -33.13
N GLU E 96 -45.01 -17.15 -32.72
CA GLU E 96 -45.40 -18.18 -33.66
C GLU E 96 -46.63 -18.92 -33.18
N LYS E 97 -47.33 -19.54 -34.12
CA LYS E 97 -48.40 -20.47 -33.78
C LYS E 97 -48.18 -21.86 -34.35
N SER E 98 -47.27 -22.04 -35.31
CA SER E 98 -47.12 -23.33 -35.98
C SER E 98 -45.67 -23.80 -36.18
N ASN E 99 -44.74 -23.43 -35.28
CA ASN E 99 -43.34 -23.90 -35.29
C ASN E 99 -42.62 -23.69 -36.63
N ILE E 100 -42.47 -22.41 -36.99
CA ILE E 100 -41.78 -22.04 -38.23
C ILE E 100 -40.27 -21.86 -38.02
N ILE E 101 -39.84 -21.42 -36.82
CA ILE E 101 -38.44 -21.11 -36.56
C ILE E 101 -37.59 -22.37 -36.61
N ARG E 102 -36.41 -22.26 -37.23
CA ARG E 102 -35.51 -23.40 -37.26
C ARG E 102 -34.18 -23.15 -36.59
N GLY E 103 -33.64 -21.95 -36.59
CA GLY E 103 -32.33 -21.84 -35.99
C GLY E 103 -31.57 -20.60 -36.43
N TRP E 104 -30.26 -20.62 -36.18
CA TRP E 104 -29.41 -19.46 -36.44
C TRP E 104 -28.04 -19.87 -36.97
N ILE E 105 -27.45 -18.96 -37.74
CA ILE E 105 -26.09 -19.06 -38.25
C ILE E 105 -25.33 -17.88 -37.66
N PHE E 106 -24.17 -18.13 -37.05
CA PHE E 106 -23.33 -17.05 -36.55
C PHE E 106 -21.97 -17.16 -37.22
N GLY E 107 -21.37 -16.03 -37.55
CA GLY E 107 -20.04 -16.08 -38.12
C GLY E 107 -19.55 -14.71 -38.52
N THR E 108 -18.47 -14.72 -39.31
CA THR E 108 -17.85 -13.51 -39.81
C THR E 108 -18.10 -13.30 -41.30
N THR E 109 -18.00 -14.37 -42.11
CA THR E 109 -18.19 -14.23 -43.55
C THR E 109 -19.24 -15.20 -44.06
N LEU E 110 -19.34 -16.37 -43.39
CA LEU E 110 -20.35 -17.42 -43.64
C LEU E 110 -20.15 -18.12 -44.99
N ASP E 111 -18.94 -18.16 -45.51
CA ASP E 111 -18.70 -18.76 -46.83
C ASP E 111 -17.47 -19.68 -46.84
N SER E 112 -17.29 -20.47 -45.78
CA SER E 112 -16.24 -21.47 -45.57
C SER E 112 -14.83 -20.88 -45.42
N LYS E 113 -14.67 -19.56 -45.53
CA LYS E 113 -13.37 -18.95 -45.34
C LYS E 113 -13.03 -18.78 -43.87
N THR E 114 -14.05 -18.71 -43.00
CA THR E 114 -13.86 -18.52 -41.58
C THR E 114 -14.72 -19.54 -40.84
N GLN E 115 -14.43 -19.68 -39.55
CA GLN E 115 -15.20 -20.58 -38.69
C GLN E 115 -16.60 -20.00 -38.46
N SER E 116 -17.60 -20.89 -38.47
CA SER E 116 -18.98 -20.47 -38.24
C SER E 116 -19.70 -21.44 -37.31
N LEU E 117 -20.73 -20.93 -36.64
CA LEU E 117 -21.54 -21.68 -35.70
C LEU E 117 -22.93 -21.89 -36.29
N LEU E 118 -23.40 -23.13 -36.32
CA LEU E 118 -24.72 -23.46 -36.83
C LEU E 118 -25.56 -24.09 -35.72
N ILE E 119 -26.72 -23.49 -35.44
CA ILE E 119 -27.65 -24.03 -34.45
C ILE E 119 -28.95 -24.31 -35.17
N VAL E 120 -29.40 -25.57 -35.15
CA VAL E 120 -30.62 -25.98 -35.83
C VAL E 120 -31.45 -26.83 -34.87
N ASN E 121 -32.74 -26.51 -34.78
CA ASN E 121 -33.71 -27.29 -34.02
C ASN E 121 -34.53 -28.01 -35.08
N ASN E 122 -34.23 -29.29 -35.30
CA ASN E 122 -34.97 -30.02 -36.30
C ASN E 122 -36.12 -30.76 -35.62
N ALA E 123 -36.83 -31.57 -36.41
CA ALA E 123 -38.02 -32.28 -35.95
C ALA E 123 -37.76 -33.18 -34.74
N THR E 124 -36.55 -33.74 -34.62
CA THR E 124 -36.30 -34.70 -33.56
C THR E 124 -35.43 -34.20 -32.41
N ASN E 125 -34.51 -33.27 -32.65
CA ASN E 125 -33.63 -32.74 -31.60
C ASN E 125 -32.96 -31.45 -32.06
N VAL E 126 -32.18 -30.86 -31.14
CA VAL E 126 -31.39 -29.66 -31.39
C VAL E 126 -29.93 -30.05 -31.60
N VAL E 127 -29.36 -29.60 -32.72
CA VAL E 127 -28.00 -29.89 -33.11
C VAL E 127 -27.24 -28.57 -33.24
N ILE E 128 -26.07 -28.52 -32.63
CA ILE E 128 -25.14 -27.40 -32.66
C ILE E 128 -23.84 -27.91 -33.25
N LYS E 129 -23.37 -27.28 -34.32
CA LYS E 129 -22.12 -27.68 -34.93
C LYS E 129 -21.28 -26.45 -35.24
N VAL E 130 -19.99 -26.58 -35.00
CA VAL E 130 -19.08 -25.46 -35.19
C VAL E 130 -18.14 -25.94 -36.31
N CYS E 131 -18.73 -26.59 -37.31
CA CYS E 131 -17.92 -27.03 -38.44
C CYS E 131 -17.73 -25.84 -39.38
N GLU E 132 -16.78 -25.97 -40.31
CA GLU E 132 -16.61 -24.95 -41.34
C GLU E 132 -17.64 -25.22 -42.44
N PHE E 133 -18.65 -24.37 -42.57
CA PHE E 133 -19.70 -24.63 -43.55
C PHE E 133 -19.61 -23.65 -44.72
N GLN E 134 -19.94 -24.16 -45.90
CA GLN E 134 -20.10 -23.31 -47.08
C GLN E 134 -21.61 -23.08 -47.17
N PHE E 135 -22.06 -21.91 -46.77
CA PHE E 135 -23.49 -21.67 -46.70
C PHE E 135 -24.07 -21.23 -48.04
N CYS E 136 -25.38 -21.41 -48.15
CA CYS E 136 -26.17 -20.97 -49.29
C CYS E 136 -26.44 -19.47 -49.16
N ASN E 137 -26.75 -18.84 -50.28
CA ASN E 137 -27.04 -17.41 -50.24
C ASN E 137 -28.51 -17.16 -49.91
N ASP E 138 -29.30 -18.23 -49.78
CA ASP E 138 -30.69 -18.14 -49.34
C ASP E 138 -31.02 -19.42 -48.57
N PRO E 139 -30.43 -19.63 -47.39
CA PRO E 139 -30.66 -20.88 -46.66
C PRO E 139 -32.06 -20.96 -46.05
N PHE E 140 -32.63 -22.16 -46.06
CA PHE E 140 -33.92 -22.42 -45.45
C PHE E 140 -34.15 -23.94 -45.35
N LEU E 141 -35.20 -24.28 -44.62
CA LEU E 141 -35.71 -25.64 -44.48
C LEU E 141 -37.12 -25.65 -45.07
N GLY E 142 -37.62 -26.84 -45.37
CA GLY E 142 -38.96 -26.98 -45.89
C GLY E 142 -39.78 -28.01 -45.11
N VAL E 143 -41.09 -27.84 -45.19
CA VAL E 143 -42.03 -28.70 -44.48
C VAL E 143 -43.19 -29.06 -45.41
N CYS E 152 -48.31 -32.16 -42.17
CA CYS E 152 -47.07 -31.47 -42.47
C CYS E 152 -45.87 -32.23 -41.90
N MET E 153 -44.90 -32.52 -42.77
CA MET E 153 -43.69 -33.21 -42.38
C MET E 153 -42.49 -32.52 -42.99
N GLU E 154 -41.36 -32.59 -42.29
CA GLU E 154 -40.13 -31.96 -42.77
C GLU E 154 -39.54 -32.76 -43.93
N SER E 155 -39.03 -32.06 -44.93
CA SER E 155 -38.43 -32.74 -46.08
C SER E 155 -37.13 -32.10 -46.53
N GLU E 156 -37.21 -30.86 -47.03
CA GLU E 156 -36.05 -30.19 -47.60
C GLU E 156 -35.11 -29.69 -46.52
N PHE E 157 -33.82 -29.79 -46.78
CA PHE E 157 -32.78 -29.20 -45.94
C PHE E 157 -31.76 -28.60 -46.91
N ARG E 158 -31.75 -27.28 -47.04
CA ARG E 158 -30.91 -26.59 -48.01
C ARG E 158 -30.19 -25.43 -47.32
N VAL E 159 -29.33 -25.78 -46.36
CA VAL E 159 -28.64 -24.80 -45.55
C VAL E 159 -27.20 -24.60 -46.01
N TYR E 160 -26.51 -25.70 -46.34
CA TYR E 160 -25.11 -25.64 -46.71
C TYR E 160 -24.78 -26.75 -47.69
N SER E 161 -23.62 -26.61 -48.34
CA SER E 161 -23.14 -27.64 -49.25
C SER E 161 -21.94 -28.37 -48.65
N SER E 162 -20.76 -27.76 -48.77
CA SER E 162 -19.54 -28.33 -48.23
C SER E 162 -19.50 -28.17 -46.71
N ALA E 163 -18.96 -29.18 -46.02
CA ALA E 163 -18.82 -29.08 -44.57
C ALA E 163 -17.69 -30.00 -44.09
N ASN E 164 -16.59 -29.40 -43.66
CA ASN E 164 -15.45 -30.15 -43.16
C ASN E 164 -14.78 -29.28 -42.10
N ASN E 165 -13.72 -29.83 -41.49
CA ASN E 165 -12.99 -29.18 -40.38
C ASN E 165 -13.90 -28.93 -39.19
N CYS E 166 -14.64 -29.97 -38.79
CA CYS E 166 -15.55 -29.88 -37.65
C CYS E 166 -14.75 -29.80 -36.35
N THR E 167 -15.10 -28.82 -35.50
CA THR E 167 -14.41 -28.62 -34.24
C THR E 167 -15.28 -28.91 -33.02
N PHE E 168 -16.60 -28.70 -33.10
CA PHE E 168 -17.43 -28.92 -31.93
C PHE E 168 -18.81 -29.35 -32.38
N GLU E 169 -19.40 -30.29 -31.64
CA GLU E 169 -20.78 -30.71 -31.86
C GLU E 169 -21.47 -30.92 -30.52
N TYR E 170 -22.75 -30.58 -30.47
CA TYR E 170 -23.59 -30.79 -29.29
C TYR E 170 -24.99 -31.12 -29.77
N VAL E 171 -25.67 -32.04 -29.08
CA VAL E 171 -27.07 -32.39 -29.38
C VAL E 171 -27.82 -32.43 -28.06
N SER E 172 -29.10 -32.03 -28.06
CA SER E 172 -29.86 -31.95 -26.82
C SER E 172 -31.35 -31.90 -27.09
N GLN E 173 -32.11 -31.77 -26.00
CA GLN E 173 -33.56 -31.66 -25.99
C GLN E 173 -34.04 -30.43 -26.78
N PRO E 174 -35.23 -30.52 -27.42
CA PRO E 174 -35.73 -29.41 -28.24
C PRO E 174 -35.79 -28.05 -27.55
N PHE E 175 -35.41 -27.01 -28.31
CA PHE E 175 -35.37 -25.57 -27.97
C PHE E 175 -34.13 -25.23 -27.16
N ASN E 185 -54.03 -14.64 -34.50
CA ASN E 185 -53.30 -14.47 -33.25
C ASN E 185 -52.27 -15.58 -33.05
N PHE E 186 -51.15 -15.25 -32.43
CA PHE E 186 -50.12 -16.22 -32.12
C PHE E 186 -50.35 -16.81 -30.73
N LYS E 187 -49.66 -17.92 -30.45
CA LYS E 187 -49.77 -18.58 -29.15
C LYS E 187 -48.46 -18.71 -28.41
N ASN E 188 -47.32 -18.82 -29.11
CA ASN E 188 -46.04 -19.11 -28.48
C ASN E 188 -45.08 -17.95 -28.66
N LEU E 189 -44.55 -17.43 -27.55
CA LEU E 189 -43.52 -16.40 -27.56
C LEU E 189 -42.25 -17.04 -27.03
N ARG E 190 -41.17 -16.91 -27.80
CA ARG E 190 -39.87 -17.44 -27.40
C ARG E 190 -38.85 -16.32 -27.38
N GLU E 191 -38.12 -16.19 -26.27
CA GLU E 191 -37.09 -15.17 -26.15
C GLU E 191 -35.75 -15.84 -25.94
N PHE E 192 -34.72 -15.31 -26.60
CA PHE E 192 -33.36 -15.80 -26.51
C PHE E 192 -32.40 -14.62 -26.40
N VAL E 193 -31.32 -14.82 -25.64
CA VAL E 193 -30.23 -13.86 -25.58
C VAL E 193 -28.97 -14.60 -26.01
N PHE E 194 -28.24 -14.01 -26.94
CA PHE E 194 -27.02 -14.61 -27.50
C PHE E 194 -25.85 -13.69 -27.21
N LYS E 195 -24.89 -14.18 -26.42
CA LYS E 195 -23.69 -13.42 -26.07
C LYS E 195 -22.45 -14.18 -26.48
N ASN E 196 -21.38 -13.46 -26.83
CA ASN E 196 -20.12 -14.08 -27.23
C ASN E 196 -19.00 -13.44 -26.41
N ILE E 197 -18.76 -13.95 -25.20
CA ILE E 197 -17.80 -13.32 -24.28
C ILE E 197 -16.80 -14.35 -23.78
N ASP E 198 -15.50 -14.00 -23.87
CA ASP E 198 -14.36 -14.74 -23.30
C ASP E 198 -14.34 -16.21 -23.73
N GLY E 199 -14.68 -16.47 -24.97
CA GLY E 199 -14.59 -17.82 -25.48
C GLY E 199 -15.87 -18.61 -25.32
N TYR E 200 -16.86 -18.09 -24.61
CA TYR E 200 -18.14 -18.77 -24.46
C TYR E 200 -19.23 -18.03 -25.23
N PHE E 201 -20.07 -18.81 -25.88
CA PHE E 201 -21.27 -18.32 -26.53
C PHE E 201 -22.41 -18.70 -25.61
N LYS E 202 -23.02 -17.72 -24.98
CA LYS E 202 -24.02 -17.96 -23.95
C LYS E 202 -25.40 -17.77 -24.55
N ILE E 203 -26.25 -18.79 -24.38
CA ILE E 203 -27.62 -18.78 -24.86
C ILE E 203 -28.53 -18.81 -23.64
N TYR E 204 -29.41 -17.82 -23.57
CA TYR E 204 -30.43 -17.70 -22.52
C TYR E 204 -31.78 -17.79 -23.21
N SER E 205 -32.78 -18.33 -22.52
CA SER E 205 -34.07 -18.50 -23.19
C SER E 205 -35.23 -18.53 -22.20
N LYS E 206 -36.39 -18.11 -22.70
CA LYS E 206 -37.65 -18.14 -21.98
C LYS E 206 -38.75 -18.49 -22.97
N HIS E 207 -39.69 -19.34 -22.56
CA HIS E 207 -40.87 -19.68 -23.36
C HIS E 207 -42.09 -19.23 -22.58
N THR E 208 -42.98 -18.47 -23.23
CA THR E 208 -44.21 -18.01 -22.59
C THR E 208 -45.37 -18.08 -23.58
N PRO E 209 -46.60 -18.12 -23.08
CA PRO E 209 -47.76 -17.93 -23.97
C PRO E 209 -47.90 -16.47 -24.38
N ILE E 210 -48.48 -16.25 -25.56
CA ILE E 210 -48.75 -14.91 -26.05
C ILE E 210 -50.17 -14.92 -26.63
N ASN E 211 -50.78 -13.72 -26.68
CA ASN E 211 -52.11 -13.61 -27.24
C ASN E 211 -52.31 -12.40 -28.14
N LEU E 212 -51.24 -11.72 -28.58
CA LEU E 212 -51.48 -10.59 -29.46
C LEU E 212 -51.39 -11.05 -30.90
N VAL E 213 -52.08 -10.34 -31.79
CA VAL E 213 -51.93 -10.61 -33.21
C VAL E 213 -50.68 -9.97 -33.80
N ARG E 214 -50.39 -8.72 -33.44
CA ARG E 214 -49.37 -7.98 -34.17
C ARG E 214 -48.37 -7.25 -33.25
N ASP E 215 -48.11 -7.77 -32.04
CA ASP E 215 -47.17 -7.06 -31.17
C ASP E 215 -46.55 -7.99 -30.14
N LEU E 216 -45.55 -7.42 -29.41
CA LEU E 216 -44.72 -7.87 -28.28
C LEU E 216 -45.39 -7.50 -26.96
N PRO E 217 -45.46 -8.44 -26.01
CA PRO E 217 -46.19 -8.16 -24.77
C PRO E 217 -45.48 -7.17 -23.86
N GLN E 218 -46.26 -6.53 -23.02
CA GLN E 218 -45.73 -5.66 -21.98
C GLN E 218 -45.74 -6.45 -20.68
N GLY E 219 -44.71 -6.25 -19.86
CA GLY E 219 -44.62 -7.01 -18.63
C GLY E 219 -43.18 -7.43 -18.41
N PHE E 220 -42.91 -8.17 -17.34
CA PHE E 220 -41.55 -8.52 -17.00
C PHE E 220 -41.46 -10.02 -16.76
N SER E 221 -40.39 -10.60 -17.30
CA SER E 221 -40.01 -11.99 -17.07
C SER E 221 -38.50 -12.06 -17.25
N ALA E 222 -37.87 -13.05 -16.63
CA ALA E 222 -36.43 -13.21 -16.76
C ALA E 222 -36.12 -14.47 -17.57
N LEU E 223 -35.09 -14.37 -18.40
CA LEU E 223 -34.65 -15.48 -19.24
C LEU E 223 -33.62 -16.32 -18.51
N GLU E 224 -33.92 -17.59 -18.33
CA GLU E 224 -32.95 -18.45 -17.68
C GLU E 224 -31.88 -18.85 -18.71
N PRO E 225 -30.64 -19.08 -18.27
CA PRO E 225 -29.62 -19.58 -19.20
C PRO E 225 -29.95 -20.96 -19.73
N LEU E 226 -29.72 -21.15 -21.03
CA LEU E 226 -30.00 -22.43 -21.64
C LEU E 226 -28.74 -23.24 -21.84
N VAL E 227 -27.68 -22.65 -22.41
CA VAL E 227 -26.44 -23.40 -22.61
C VAL E 227 -25.27 -22.43 -22.75
N ASP E 228 -24.12 -22.81 -22.21
CA ASP E 228 -22.86 -22.09 -22.38
C ASP E 228 -21.93 -22.91 -23.26
N LEU E 229 -21.71 -22.46 -24.50
CA LEU E 229 -20.90 -23.21 -25.45
C LEU E 229 -19.46 -22.71 -25.40
N PRO E 230 -18.48 -23.54 -25.09
CA PRO E 230 -17.08 -23.05 -25.00
C PRO E 230 -16.41 -22.96 -26.37
N ILE E 231 -16.90 -22.05 -27.21
CA ILE E 231 -16.42 -21.92 -28.57
C ILE E 231 -15.91 -20.49 -28.85
N GLY E 232 -14.62 -20.40 -29.17
CA GLY E 232 -13.93 -19.14 -29.38
C GLY E 232 -14.09 -18.68 -30.81
N ILE E 233 -15.27 -18.16 -31.16
CA ILE E 233 -15.58 -17.77 -32.54
C ILE E 233 -15.66 -16.26 -32.64
N ASN E 234 -15.09 -15.71 -33.71
CA ASN E 234 -15.24 -14.29 -34.01
C ASN E 234 -16.61 -14.18 -34.68
N ILE E 235 -17.57 -13.59 -33.98
CA ILE E 235 -18.92 -13.43 -34.49
C ILE E 235 -19.24 -11.96 -34.68
N THR E 236 -19.55 -11.59 -35.93
CA THR E 236 -19.92 -10.23 -36.27
C THR E 236 -21.21 -10.18 -37.09
N ARG E 237 -21.69 -11.32 -37.58
CA ARG E 237 -22.86 -11.38 -38.43
C ARG E 237 -23.66 -12.63 -38.06
N PHE E 238 -24.98 -12.57 -38.25
CA PHE E 238 -25.80 -13.76 -38.02
C PHE E 238 -27.00 -13.75 -38.94
N GLN E 239 -27.59 -14.94 -39.12
CA GLN E 239 -28.75 -15.11 -39.98
C GLN E 239 -29.73 -16.07 -39.34
N THR E 240 -31.03 -15.85 -39.57
CA THR E 240 -32.09 -16.67 -38.99
C THR E 240 -32.57 -17.72 -39.98
N LEU E 241 -32.72 -18.96 -39.53
CA LEU E 241 -33.24 -20.06 -40.33
C LEU E 241 -34.73 -20.21 -40.03
N LEU E 242 -35.54 -20.24 -41.08
CA LEU E 242 -36.99 -20.36 -41.05
C LEU E 242 -37.46 -21.55 -41.90
N ALA E 243 -38.61 -22.10 -41.53
CA ALA E 243 -39.25 -23.15 -42.33
C ALA E 243 -40.59 -22.66 -42.87
N TRP E 258 -43.90 -23.11 -53.14
CA TRP E 258 -43.78 -22.94 -51.69
C TRP E 258 -44.68 -21.81 -51.19
N THR E 259 -44.97 -21.82 -49.90
CA THR E 259 -45.87 -20.85 -49.29
C THR E 259 -45.22 -20.30 -48.02
N ALA E 260 -45.79 -19.21 -47.52
CA ALA E 260 -45.33 -18.62 -46.27
C ALA E 260 -46.27 -18.98 -45.12
N GLY E 261 -45.68 -19.13 -43.93
CA GLY E 261 -46.44 -19.37 -42.72
C GLY E 261 -46.67 -18.11 -41.92
N ALA E 262 -47.34 -18.28 -40.79
CA ALA E 262 -47.67 -17.19 -39.86
C ALA E 262 -46.63 -17.16 -38.75
N ALA E 263 -45.73 -16.17 -38.78
CA ALA E 263 -44.66 -16.06 -37.81
C ALA E 263 -44.05 -14.67 -37.91
N ALA E 264 -43.52 -14.18 -36.79
CA ALA E 264 -42.79 -12.91 -36.80
C ALA E 264 -41.64 -13.00 -35.81
N TYR E 265 -40.58 -12.22 -36.04
CA TYR E 265 -39.50 -12.19 -35.07
C TYR E 265 -38.95 -10.78 -34.91
N TYR E 266 -38.30 -10.56 -33.77
CA TYR E 266 -37.79 -9.28 -33.34
C TYR E 266 -36.32 -9.45 -33.00
N VAL E 267 -35.49 -8.48 -33.38
CA VAL E 267 -34.06 -8.47 -33.08
C VAL E 267 -33.67 -7.16 -32.40
N GLY E 268 -33.06 -7.25 -31.22
CA GLY E 268 -32.55 -6.10 -30.51
C GLY E 268 -31.06 -6.31 -30.26
N TYR E 269 -30.42 -5.28 -29.73
CA TYR E 269 -28.98 -5.34 -29.46
C TYR E 269 -28.66 -5.01 -28.01
N LEU E 270 -27.66 -5.72 -27.48
CA LEU E 270 -27.23 -5.54 -26.10
C LEU E 270 -26.22 -4.41 -26.02
N GLN E 271 -26.21 -3.74 -24.88
CA GLN E 271 -25.26 -2.67 -24.59
C GLN E 271 -24.71 -2.87 -23.19
N PRO E 272 -23.51 -2.34 -22.90
CA PRO E 272 -23.01 -2.36 -21.52
C PRO E 272 -23.87 -1.49 -20.61
N ARG E 273 -24.58 -2.11 -19.67
CA ARG E 273 -25.46 -1.40 -18.77
C ARG E 273 -25.38 -2.00 -17.38
N THR E 274 -25.72 -1.19 -16.39
CA THR E 274 -25.85 -1.64 -15.02
C THR E 274 -27.33 -1.83 -14.73
N PHE E 275 -27.69 -3.01 -14.23
CA PHE E 275 -29.06 -3.31 -13.86
C PHE E 275 -29.16 -3.67 -12.39
N LEU E 276 -30.24 -3.21 -11.77
CA LEU E 276 -30.59 -3.59 -10.41
C LEU E 276 -31.65 -4.68 -10.50
N LEU E 277 -31.33 -5.88 -10.06
CA LEU E 277 -32.21 -7.04 -10.19
C LEU E 277 -32.85 -7.38 -8.85
N LYS E 278 -34.17 -7.58 -8.86
CA LYS E 278 -34.89 -7.90 -7.63
C LYS E 278 -35.16 -9.40 -7.53
N TYR E 279 -34.58 -10.04 -6.53
CA TYR E 279 -34.76 -11.47 -6.29
C TYR E 279 -35.78 -11.62 -5.17
N ASN E 280 -36.78 -12.48 -5.41
CA ASN E 280 -37.85 -12.75 -4.46
C ASN E 280 -37.42 -13.84 -3.47
N GLU E 281 -38.38 -14.32 -2.66
CA GLU E 281 -38.09 -15.33 -1.64
C GLU E 281 -37.56 -16.63 -2.25
N ASN E 282 -38.03 -16.97 -3.45
CA ASN E 282 -37.62 -18.21 -4.11
C ASN E 282 -36.44 -17.99 -5.06
N GLY E 283 -35.84 -16.81 -5.04
CA GLY E 283 -34.68 -16.51 -5.86
C GLY E 283 -35.00 -16.23 -7.31
N THR E 284 -36.26 -15.94 -7.62
CA THR E 284 -36.68 -15.64 -8.98
C THR E 284 -36.58 -14.13 -9.18
N ILE E 285 -36.04 -13.71 -10.32
CA ILE E 285 -36.01 -12.28 -10.63
C ILE E 285 -37.39 -11.85 -11.05
N THR E 286 -37.97 -10.89 -10.32
CA THR E 286 -39.32 -10.44 -10.58
C THR E 286 -39.40 -9.02 -11.09
N ASP E 287 -38.33 -8.23 -10.91
CA ASP E 287 -38.30 -6.88 -11.42
C ASP E 287 -36.83 -6.52 -11.67
N ALA E 288 -36.64 -5.35 -12.29
CA ALA E 288 -35.31 -4.85 -12.57
C ALA E 288 -35.41 -3.37 -12.88
N VAL E 289 -34.30 -2.68 -12.63
CA VAL E 289 -34.13 -1.27 -12.96
C VAL E 289 -32.95 -1.13 -13.90
N ASP E 290 -33.17 -0.50 -15.05
CA ASP E 290 -32.10 -0.16 -15.98
C ASP E 290 -31.54 1.17 -15.50
N CYS E 291 -30.35 1.14 -14.89
CA CYS E 291 -29.78 2.31 -14.20
C CYS E 291 -29.43 3.49 -15.10
N ALA E 292 -29.67 3.44 -16.41
CA ALA E 292 -29.45 4.59 -17.26
C ALA E 292 -30.67 4.95 -18.10
N LEU E 293 -31.83 4.33 -17.83
CA LEU E 293 -33.02 4.61 -18.63
C LEU E 293 -33.47 6.06 -18.46
N ASP E 294 -33.56 6.52 -17.22
CA ASP E 294 -34.12 7.83 -16.90
C ASP E 294 -33.57 8.25 -15.54
N PRO E 295 -33.76 9.53 -15.13
CA PRO E 295 -33.25 9.96 -13.81
C PRO E 295 -33.81 9.21 -12.60
N LEU E 296 -35.09 8.81 -12.65
CA LEU E 296 -35.65 8.02 -11.55
C LEU E 296 -34.98 6.66 -11.44
N SER E 297 -34.70 6.00 -12.57
CA SER E 297 -34.10 4.67 -12.54
C SER E 297 -32.71 4.76 -11.93
N GLU E 298 -31.98 5.83 -12.28
CA GLU E 298 -30.65 6.08 -11.74
C GLU E 298 -30.73 6.30 -10.24
N THR E 299 -31.76 7.03 -9.79
CA THR E 299 -31.95 7.26 -8.37
C THR E 299 -32.23 5.94 -7.64
N LYS E 300 -33.06 5.09 -8.24
CA LYS E 300 -33.39 3.80 -7.66
C LYS E 300 -32.15 2.94 -7.50
N CYS E 301 -31.28 2.95 -8.52
CA CYS E 301 -30.03 2.20 -8.45
C CYS E 301 -29.09 2.76 -7.40
N THR E 302 -29.01 4.10 -7.31
CA THR E 302 -28.12 4.76 -6.36
C THR E 302 -28.49 4.42 -4.92
N LEU E 303 -29.78 4.40 -4.61
CA LEU E 303 -30.24 4.13 -3.26
C LEU E 303 -30.43 2.65 -2.99
N LYS E 304 -30.19 1.80 -4.00
CA LYS E 304 -30.35 0.34 -3.93
C LYS E 304 -31.76 -0.06 -3.44
N SER E 305 -32.76 0.58 -4.01
CA SER E 305 -34.14 0.30 -3.64
C SER E 305 -35.05 0.59 -4.80
N PHE E 306 -36.19 -0.10 -4.83
CA PHE E 306 -37.20 0.14 -5.86
C PHE E 306 -38.22 1.17 -5.40
N THR E 307 -38.09 1.64 -4.17
CA THR E 307 -38.95 2.67 -3.59
C THR E 307 -38.05 3.83 -3.22
N VAL E 308 -38.42 5.04 -3.64
CA VAL E 308 -37.66 6.23 -3.34
C VAL E 308 -38.54 7.17 -2.53
N GLU E 309 -38.03 7.66 -1.41
CA GLU E 309 -38.77 8.60 -0.59
C GLU E 309 -38.64 10.01 -1.17
N LYS E 310 -39.53 10.90 -0.72
CA LYS E 310 -39.46 12.30 -1.13
C LYS E 310 -38.16 12.92 -0.66
N GLY E 311 -37.48 13.62 -1.55
CA GLY E 311 -36.25 14.29 -1.19
C GLY E 311 -35.41 14.57 -2.42
N ILE E 312 -34.18 14.99 -2.16
CA ILE E 312 -33.21 15.28 -3.21
C ILE E 312 -32.01 14.36 -2.98
N TYR E 313 -31.61 13.65 -4.03
CA TYR E 313 -30.54 12.69 -3.94
C TYR E 313 -29.52 13.03 -5.01
N GLN E 314 -28.24 12.95 -4.66
CA GLN E 314 -27.18 13.17 -5.64
C GLN E 314 -26.86 11.81 -6.26
N THR E 315 -27.17 11.66 -7.55
CA THR E 315 -27.09 10.36 -8.18
C THR E 315 -26.01 10.21 -9.24
N SER E 316 -25.49 11.29 -9.82
CA SER E 316 -24.53 11.07 -10.92
C SER E 316 -23.67 12.31 -11.10
N ASN E 317 -22.88 12.31 -12.17
CA ASN E 317 -22.03 13.45 -12.50
C ASN E 317 -22.15 13.76 -13.98
N PHE E 318 -22.43 15.02 -14.29
CA PHE E 318 -22.55 15.48 -15.66
C PHE E 318 -21.17 15.91 -16.13
N ARG E 319 -20.84 15.57 -17.37
CA ARG E 319 -19.59 16.00 -17.99
C ARG E 319 -19.79 16.10 -19.49
N VAL E 320 -19.33 17.22 -20.06
CA VAL E 320 -19.39 17.43 -21.50
C VAL E 320 -18.32 16.56 -22.15
N GLN E 321 -18.71 15.80 -23.17
CA GLN E 321 -17.68 14.96 -23.75
C GLN E 321 -17.00 15.67 -24.92
N PRO E 322 -15.70 15.43 -25.10
CA PRO E 322 -14.99 16.03 -26.24
C PRO E 322 -15.42 15.43 -27.55
N THR E 323 -15.45 16.28 -28.59
CA THR E 323 -15.85 15.86 -29.92
C THR E 323 -14.71 15.83 -30.92
N GLU E 324 -13.59 16.48 -30.62
CA GLU E 324 -12.47 16.54 -31.56
C GLU E 324 -11.17 16.27 -30.81
N SER E 325 -10.19 15.81 -31.57
CA SER E 325 -8.83 15.58 -31.07
C SER E 325 -7.89 16.60 -31.71
N ILE E 326 -7.31 17.45 -30.88
CA ILE E 326 -6.45 18.54 -31.34
C ILE E 326 -5.03 18.17 -31.01
N VAL E 327 -4.22 17.99 -32.04
CA VAL E 327 -2.85 17.54 -31.90
C VAL E 327 -1.94 18.63 -32.47
N ARG E 328 -1.01 19.13 -31.64
CA ARG E 328 -0.10 20.19 -32.08
C ARG E 328 1.33 19.80 -31.74
N PHE E 329 2.20 19.75 -32.74
CA PHE E 329 3.62 19.49 -32.53
C PHE E 329 4.41 20.50 -33.36
N PRO E 330 5.68 20.77 -33.01
CA PRO E 330 6.49 21.70 -33.80
C PRO E 330 6.62 21.29 -35.27
N ASN E 331 6.59 22.28 -36.15
CA ASN E 331 6.57 22.01 -37.59
C ASN E 331 7.99 21.78 -38.13
N ILE E 332 8.60 20.71 -37.64
CA ILE E 332 9.96 20.34 -38.04
C ILE E 332 9.87 19.07 -38.86
N THR E 333 10.75 18.94 -39.86
CA THR E 333 10.70 17.80 -40.76
C THR E 333 11.96 16.94 -40.77
N ASN E 334 13.07 17.41 -40.20
CA ASN E 334 14.32 16.66 -40.26
C ASN E 334 14.24 15.43 -39.37
N LEU E 335 14.75 14.31 -39.86
CA LEU E 335 14.72 13.07 -39.10
C LEU E 335 15.90 12.98 -38.15
N CYS E 336 15.66 12.33 -37.02
CA CYS E 336 16.70 12.11 -36.03
C CYS E 336 17.77 11.15 -36.55
N PRO E 337 19.04 11.41 -36.27
CA PRO E 337 20.13 10.55 -36.77
C PRO E 337 20.30 9.27 -35.98
N PHE E 338 19.24 8.45 -35.97
CA PHE E 338 19.30 7.15 -35.31
C PHE E 338 20.09 6.17 -36.16
N GLY E 339 19.78 6.15 -37.46
CA GLY E 339 20.51 5.37 -38.45
C GLY E 339 22.01 5.46 -38.36
N GLU E 340 22.54 6.69 -38.21
CA GLU E 340 23.97 6.93 -38.04
C GLU E 340 24.53 6.31 -36.77
N VAL E 341 23.72 6.12 -35.74
CA VAL E 341 24.20 5.43 -34.54
C VAL E 341 24.28 3.94 -34.80
N PHE E 342 23.23 3.39 -35.40
CA PHE E 342 23.11 1.94 -35.59
C PHE E 342 24.06 1.41 -36.66
N ASN E 343 24.34 2.18 -37.72
CA ASN E 343 25.12 1.65 -38.84
C ASN E 343 26.55 2.18 -38.88
N ALA E 344 27.04 2.76 -37.79
CA ALA E 344 28.42 3.19 -37.71
C ALA E 344 29.36 2.00 -37.94
N THR E 345 30.46 2.25 -38.65
CA THR E 345 31.39 1.19 -38.99
C THR E 345 32.10 0.65 -37.75
N ARG E 346 32.49 1.54 -36.85
CA ARG E 346 33.19 1.15 -35.62
C ARG E 346 32.32 1.49 -34.42
N PHE E 347 32.17 0.52 -33.52
CA PHE E 347 31.51 0.77 -32.24
C PHE E 347 32.56 0.91 -31.15
N ALA E 348 32.20 1.68 -30.14
CA ALA E 348 33.04 1.84 -28.97
C ALA E 348 33.06 0.60 -28.09
N SER E 349 34.13 0.51 -27.31
CA SER E 349 34.22 -0.45 -26.21
C SER E 349 33.26 -0.02 -25.12
N VAL E 350 32.72 -1.00 -24.37
CA VAL E 350 31.80 -0.68 -23.29
C VAL E 350 32.43 0.20 -22.21
N TYR E 351 33.73 0.05 -21.93
CA TYR E 351 34.35 0.88 -20.90
C TYR E 351 34.43 2.34 -21.34
N ALA E 352 34.43 2.60 -22.65
CA ALA E 352 34.56 3.93 -23.23
C ALA E 352 33.44 4.10 -24.26
N TRP E 353 32.20 3.91 -23.81
CA TRP E 353 31.03 3.91 -24.69
C TRP E 353 30.76 5.29 -25.28
N ASN E 354 30.22 5.29 -26.51
CA ASN E 354 29.93 6.53 -27.22
C ASN E 354 28.54 7.04 -26.86
N ARG E 355 28.41 8.36 -26.77
CA ARG E 355 27.11 8.99 -26.59
C ARG E 355 26.88 9.99 -27.71
N LYS E 356 25.81 9.80 -28.47
CA LYS E 356 25.33 10.70 -29.50
C LYS E 356 24.06 11.41 -29.03
N ARG E 357 24.23 12.62 -28.46
CA ARG E 357 23.08 13.44 -28.12
C ARG E 357 22.21 13.72 -29.35
N ILE E 358 20.92 13.41 -29.24
CA ILE E 358 19.93 13.62 -30.29
C ILE E 358 18.94 14.69 -29.85
N SER E 359 18.79 15.73 -30.66
CA SER E 359 17.90 16.84 -30.36
C SER E 359 17.44 17.52 -31.65
N ASN E 360 16.34 18.27 -31.53
CA ASN E 360 15.77 19.13 -32.59
C ASN E 360 15.48 18.37 -33.89
N CYS E 361 14.72 17.29 -33.78
CA CYS E 361 14.44 16.43 -34.92
C CYS E 361 13.19 15.59 -34.68
N VAL E 362 12.73 14.93 -35.74
CA VAL E 362 11.58 14.03 -35.69
C VAL E 362 12.11 12.61 -35.56
N ALA E 363 11.65 11.92 -34.53
CA ALA E 363 12.12 10.58 -34.19
C ALA E 363 11.05 9.56 -34.57
N ASP E 364 11.30 8.81 -35.63
CA ASP E 364 10.38 7.74 -36.03
C ASP E 364 10.90 6.46 -35.40
N TYR E 365 10.19 5.99 -34.37
CA TYR E 365 10.64 4.83 -33.61
C TYR E 365 10.01 3.55 -34.12
N SER E 366 9.13 3.63 -35.13
CA SER E 366 8.49 2.44 -35.64
C SER E 366 9.46 1.65 -36.50
N VAL E 367 10.42 2.35 -37.10
CA VAL E 367 11.41 1.70 -37.96
C VAL E 367 12.30 0.80 -37.12
N LEU E 368 12.73 1.29 -35.95
CA LEU E 368 13.60 0.51 -35.08
C LEU E 368 12.85 -0.62 -34.41
N TYR E 369 11.62 -0.38 -33.97
CA TYR E 369 10.88 -1.42 -33.24
C TYR E 369 10.42 -2.53 -34.16
N ASN E 370 9.97 -2.20 -35.37
CA ASN E 370 9.42 -3.21 -36.24
C ASN E 370 10.48 -3.88 -37.09
N SER E 371 11.74 -3.53 -36.88
CA SER E 371 12.85 -4.16 -37.58
C SER E 371 13.03 -5.60 -37.11
N ALA E 372 13.46 -6.45 -38.04
CA ALA E 372 13.75 -7.84 -37.73
C ALA E 372 15.17 -8.06 -37.29
N SER E 373 16.06 -7.12 -37.59
CA SER E 373 17.49 -7.24 -37.32
C SER E 373 17.86 -7.19 -35.84
N PHE E 374 16.93 -6.86 -34.95
CA PHE E 374 17.23 -6.70 -33.54
C PHE E 374 16.67 -7.89 -32.77
N SER E 375 17.51 -8.46 -31.90
CA SER E 375 17.11 -9.53 -31.00
C SER E 375 16.59 -9.02 -29.67
N THR E 376 17.33 -8.16 -28.99
CA THR E 376 16.83 -7.54 -27.78
C THR E 376 16.29 -6.14 -28.08
N PHE E 377 15.08 -5.85 -27.59
CA PHE E 377 14.54 -4.50 -27.66
C PHE E 377 13.67 -4.33 -26.43
N LYS E 378 14.28 -3.94 -25.31
CA LYS E 378 13.56 -3.85 -24.06
C LYS E 378 13.44 -2.40 -23.64
N CYS E 379 12.22 -1.94 -23.38
CA CYS E 379 12.00 -0.56 -22.98
C CYS E 379 11.61 -0.50 -21.50
N TYR E 380 12.14 0.49 -20.80
CA TYR E 380 11.91 0.71 -19.39
C TYR E 380 11.41 2.14 -19.23
N GLY E 381 10.26 2.30 -18.59
CA GLY E 381 9.72 3.60 -18.30
C GLY E 381 8.70 4.07 -19.34
N VAL E 382 8.77 3.51 -20.55
CA VAL E 382 7.84 3.78 -21.63
C VAL E 382 7.58 2.45 -22.35
N SER E 383 6.48 2.40 -23.02
CA SER E 383 6.26 1.23 -23.84
C SER E 383 6.77 1.45 -25.26
N PRO E 384 7.27 0.39 -25.91
CA PRO E 384 7.80 0.54 -27.27
C PRO E 384 6.77 0.91 -28.33
N THR E 385 5.48 0.66 -28.11
CA THR E 385 4.47 0.93 -29.13
C THR E 385 3.82 2.29 -28.97
N LYS E 386 4.19 3.04 -27.93
CA LYS E 386 3.67 4.37 -27.70
C LYS E 386 4.74 5.44 -27.93
N LEU E 387 5.93 5.03 -28.37
CA LEU E 387 7.07 5.94 -28.53
C LEU E 387 6.79 7.03 -29.55
N ASN E 388 6.06 6.70 -30.62
CA ASN E 388 5.83 7.68 -31.66
C ASN E 388 4.80 8.73 -31.26
N ASP E 389 4.11 8.55 -30.14
CA ASP E 389 3.14 9.53 -29.66
C ASP E 389 3.74 10.46 -28.62
N LEU E 390 5.01 10.28 -28.26
CA LEU E 390 5.64 11.00 -27.18
C LEU E 390 6.62 12.05 -27.69
N CYS E 391 6.90 13.04 -26.84
CA CYS E 391 7.93 14.02 -27.10
C CYS E 391 8.88 14.07 -25.93
N PHE E 392 10.16 14.21 -26.23
CA PHE E 392 11.19 14.24 -25.21
C PHE E 392 12.01 15.49 -25.43
N THR E 393 12.60 16.00 -24.36
CA THR E 393 13.48 17.16 -24.52
C THR E 393 14.79 16.76 -25.19
N ASN E 394 15.29 15.56 -24.90
CA ASN E 394 16.59 15.13 -25.38
C ASN E 394 16.64 13.61 -25.36
N VAL E 395 17.35 13.04 -26.35
CA VAL E 395 17.58 11.59 -26.42
C VAL E 395 19.08 11.35 -26.40
N TYR E 396 19.54 10.48 -25.52
CA TYR E 396 20.96 10.09 -25.47
C TYR E 396 21.12 8.71 -26.09
N ALA E 397 21.61 8.66 -27.34
CA ALA E 397 21.96 7.41 -28.02
C ALA E 397 23.33 6.88 -27.59
N ASP E 398 23.36 5.88 -26.72
CA ASP E 398 24.61 5.34 -26.17
C ASP E 398 24.91 4.05 -26.92
N SER E 399 26.17 3.84 -27.29
CA SER E 399 26.50 2.68 -28.10
C SER E 399 27.80 2.03 -27.66
N PHE E 400 27.81 0.69 -27.67
CA PHE E 400 28.95 -0.12 -27.26
C PHE E 400 28.76 -1.57 -27.70
N VAL E 401 29.87 -2.33 -27.64
CA VAL E 401 29.88 -3.77 -27.89
C VAL E 401 30.10 -4.54 -26.59
N ILE E 402 29.23 -5.52 -26.31
CA ILE E 402 29.41 -6.41 -25.16
C ILE E 402 29.26 -7.86 -25.58
N ARG E 403 29.58 -8.74 -24.64
CA ARG E 403 29.40 -10.18 -24.78
C ARG E 403 27.92 -10.53 -24.60
N GLY E 404 27.48 -11.57 -25.31
CA GLY E 404 26.06 -11.93 -25.32
C GLY E 404 25.47 -12.22 -23.95
N ASP E 405 26.23 -12.90 -23.08
CA ASP E 405 25.77 -13.20 -21.73
C ASP E 405 25.58 -11.94 -20.89
N GLU E 406 26.20 -10.85 -21.31
CA GLU E 406 26.19 -9.61 -20.56
C GLU E 406 25.06 -8.71 -21.05
N VAL E 407 24.32 -9.13 -22.08
CA VAL E 407 23.23 -8.31 -22.63
C VAL E 407 22.16 -8.07 -21.58
N ARG E 408 21.90 -9.08 -20.72
CA ARG E 408 20.97 -8.95 -19.62
C ARG E 408 21.41 -7.90 -18.60
N GLN E 409 22.70 -7.60 -18.51
CA GLN E 409 23.15 -6.61 -17.53
C GLN E 409 22.79 -5.18 -17.92
N ILE E 410 22.44 -4.92 -19.17
CA ILE E 410 22.12 -3.55 -19.59
C ILE E 410 20.67 -3.24 -19.22
N ALA E 411 20.38 -3.20 -17.93
CA ALA E 411 19.04 -2.97 -17.43
C ALA E 411 19.13 -2.27 -16.09
N PRO E 412 18.08 -1.59 -15.65
CA PRO E 412 18.09 -1.01 -14.29
C PRO E 412 18.16 -2.11 -13.23
N GLY E 413 18.90 -1.82 -12.16
CA GLY E 413 18.92 -2.74 -11.04
C GLY E 413 19.75 -3.99 -11.22
N GLN E 414 20.73 -3.98 -12.11
CA GLN E 414 21.54 -5.16 -12.38
C GLN E 414 22.91 -5.02 -11.72
N THR E 415 23.54 -6.17 -11.50
CA THR E 415 24.88 -6.26 -10.93
C THR E 415 25.76 -7.14 -11.81
N GLY E 416 27.07 -6.94 -11.67
CA GLY E 416 28.05 -7.67 -12.43
C GLY E 416 29.23 -6.79 -12.76
N LYS E 417 29.85 -7.02 -13.91
CA LYS E 417 31.06 -6.30 -14.29
C LYS E 417 30.78 -5.14 -15.23
N ILE E 418 29.90 -5.37 -16.21
CA ILE E 418 29.44 -4.33 -17.11
C ILE E 418 28.52 -3.33 -16.42
N ALA E 419 27.60 -3.80 -15.59
CA ALA E 419 26.81 -2.86 -14.80
C ALA E 419 27.62 -2.12 -13.76
N ASP E 420 28.26 -2.83 -12.83
CA ASP E 420 28.96 -2.10 -11.78
C ASP E 420 30.24 -1.39 -12.22
N TYR E 421 30.76 -1.63 -13.43
CA TYR E 421 32.07 -1.08 -13.83
C TYR E 421 32.14 -0.56 -15.25
N ASN E 422 31.21 -0.87 -16.15
CA ASN E 422 31.32 -0.32 -17.50
C ASN E 422 30.16 0.57 -17.89
N TYR E 423 28.90 0.11 -17.82
CA TYR E 423 27.75 0.94 -18.23
C TYR E 423 26.58 0.80 -17.25
N LYS E 424 26.64 1.54 -16.15
CA LYS E 424 25.58 1.51 -15.14
C LYS E 424 24.37 2.34 -15.57
N LEU E 425 23.18 1.73 -15.50
CA LEU E 425 21.91 2.43 -15.74
C LEU E 425 21.21 2.80 -14.44
N PRO E 426 20.60 3.98 -14.38
CA PRO E 426 19.85 4.38 -13.18
C PRO E 426 18.57 3.57 -13.05
N ASP E 427 18.06 3.50 -11.82
CA ASP E 427 16.87 2.70 -11.56
C ASP E 427 15.60 3.35 -12.09
N ASP E 428 15.61 4.67 -12.29
CA ASP E 428 14.47 5.39 -12.85
C ASP E 428 14.66 5.67 -14.33
N PHE E 429 15.48 4.83 -14.99
CA PHE E 429 15.80 4.96 -16.40
C PHE E 429 14.56 4.89 -17.28
N THR E 430 14.46 5.84 -18.22
CA THR E 430 13.41 5.85 -19.23
C THR E 430 14.13 5.74 -20.56
N GLY E 431 13.81 4.72 -21.32
CA GLY E 431 14.54 4.49 -22.55
C GLY E 431 14.39 3.05 -23.01
N CYS E 432 15.11 2.74 -24.08
CA CYS E 432 15.07 1.41 -24.67
C CYS E 432 16.48 0.88 -24.88
N VAL E 433 16.66 -0.39 -24.54
CA VAL E 433 17.93 -1.10 -24.72
C VAL E 433 17.78 -2.03 -25.92
N ILE E 434 18.17 -1.52 -27.08
CA ILE E 434 18.17 -2.25 -28.34
C ILE E 434 19.52 -2.94 -28.52
N ALA E 435 19.50 -4.23 -28.86
CA ALA E 435 20.76 -4.97 -28.97
C ALA E 435 20.59 -6.01 -30.07
N TRP E 436 21.71 -6.32 -30.73
CA TRP E 436 21.69 -7.33 -31.79
C TRP E 436 23.02 -8.06 -31.87
N ASN E 437 22.95 -9.31 -32.32
CA ASN E 437 24.14 -10.12 -32.54
C ASN E 437 24.92 -9.53 -33.72
N SER E 438 26.21 -9.29 -33.52
CA SER E 438 27.06 -8.72 -34.54
C SER E 438 28.28 -9.58 -34.85
N ASN E 439 28.13 -10.91 -34.73
CA ASN E 439 29.23 -11.84 -34.97
C ASN E 439 29.80 -11.70 -36.37
N ASN E 440 28.94 -11.41 -37.36
CA ASN E 440 29.39 -11.24 -38.73
C ASN E 440 30.14 -9.93 -38.95
N LEU E 441 30.11 -9.00 -37.99
CA LEU E 441 30.84 -7.75 -38.13
C LEU E 441 32.02 -7.61 -37.20
N ASP E 442 31.93 -8.14 -35.98
CA ASP E 442 32.90 -7.88 -34.94
C ASP E 442 33.86 -9.03 -34.69
N SER E 443 33.63 -10.21 -35.26
CA SER E 443 34.49 -11.35 -35.03
C SER E 443 35.61 -11.45 -36.05
N LYS E 444 36.75 -11.93 -35.60
CA LYS E 444 37.93 -12.22 -36.41
C LYS E 444 38.39 -13.62 -36.02
N VAL E 445 39.17 -14.25 -36.92
CA VAL E 445 39.58 -15.63 -36.72
C VAL E 445 40.47 -15.77 -35.48
N GLY E 446 41.43 -14.86 -35.32
CA GLY E 446 42.33 -15.03 -34.20
C GLY E 446 41.80 -14.40 -32.94
N GLY E 447 40.68 -13.70 -33.07
CA GLY E 447 40.04 -12.97 -32.00
C GLY E 447 40.18 -11.49 -32.29
N ASN E 448 39.09 -10.75 -32.19
CA ASN E 448 39.13 -9.30 -32.31
C ASN E 448 39.38 -8.73 -30.92
N TYR E 449 40.57 -8.15 -30.71
CA TYR E 449 40.97 -7.67 -29.40
C TYR E 449 40.85 -6.17 -29.26
N ASN E 450 40.11 -5.52 -30.17
CA ASN E 450 39.90 -4.08 -30.11
C ASN E 450 38.83 -3.71 -29.09
N TYR E 451 37.77 -4.51 -28.99
CA TYR E 451 36.75 -4.29 -27.96
C TYR E 451 37.25 -4.74 -26.59
N ARG E 452 37.17 -3.83 -25.63
CA ARG E 452 37.63 -4.01 -24.27
C ARG E 452 36.52 -3.71 -23.27
N TYR E 453 36.72 -4.15 -22.04
CA TYR E 453 35.81 -3.85 -20.94
C TYR E 453 36.64 -3.66 -19.68
N ARG E 454 36.14 -2.84 -18.77
CA ARG E 454 36.76 -2.70 -17.45
C ARG E 454 36.37 -3.86 -16.55
N LEU E 455 37.39 -4.54 -16.02
CA LEU E 455 37.19 -5.66 -15.12
C LEU E 455 37.30 -5.28 -13.65
N PHE E 456 38.11 -4.29 -13.30
CA PHE E 456 38.35 -3.91 -11.91
C PHE E 456 38.11 -2.42 -11.71
N ARG E 457 37.77 -2.04 -10.47
CA ARG E 457 37.57 -0.65 -10.08
C ARG E 457 37.33 -0.62 -8.57
N LYS E 458 37.80 0.47 -7.94
CA LYS E 458 37.68 0.66 -6.50
C LYS E 458 36.23 0.71 -6.03
N SER E 459 35.36 1.31 -6.82
CA SER E 459 33.95 1.42 -6.45
C SER E 459 33.09 1.30 -7.70
N ASN E 460 31.78 1.12 -7.48
CA ASN E 460 30.88 1.03 -8.61
C ASN E 460 30.68 2.38 -9.29
N LEU E 461 30.50 2.31 -10.60
CA LEU E 461 30.19 3.45 -11.45
C LEU E 461 28.79 4.01 -11.23
N LYS E 462 28.71 5.28 -10.82
CA LYS E 462 27.42 5.97 -10.73
C LYS E 462 26.75 5.96 -12.12
N PRO E 463 25.41 6.11 -12.21
CA PRO E 463 24.75 6.13 -13.53
C PRO E 463 25.30 7.13 -14.54
N PHE E 464 25.56 6.62 -15.75
CA PHE E 464 26.08 7.34 -16.92
C PHE E 464 27.48 7.92 -16.70
N GLU E 465 28.23 7.39 -15.75
CA GLU E 465 29.61 7.79 -15.47
C GLU E 465 30.60 7.01 -16.33
N ARG E 466 31.19 7.66 -17.32
CA ARG E 466 32.24 7.02 -18.11
C ARG E 466 33.55 7.03 -17.35
N ASP E 467 34.33 5.95 -17.52
CA ASP E 467 35.62 5.81 -16.86
C ASP E 467 36.52 5.23 -17.94
N ILE E 468 37.51 6.01 -18.37
CA ILE E 468 38.44 5.62 -19.43
C ILE E 468 39.88 5.55 -18.93
N SER E 469 40.09 5.47 -17.61
CA SER E 469 41.46 5.38 -17.13
C SER E 469 42.00 3.96 -17.29
N THR E 470 43.32 3.83 -17.14
CA THR E 470 44.03 2.57 -17.15
C THR E 470 44.94 2.47 -15.93
N GLU E 471 44.49 3.03 -14.81
CA GLU E 471 45.27 3.02 -13.59
C GLU E 471 45.25 1.62 -13.00
N ILE E 472 46.42 1.16 -12.56
CA ILE E 472 46.56 -0.19 -12.00
C ILE E 472 45.69 -0.34 -10.77
N TYR E 473 44.95 -1.44 -10.70
CA TYR E 473 44.03 -1.69 -9.60
C TYR E 473 44.76 -2.37 -8.45
N GLN E 474 44.58 -1.83 -7.25
CA GLN E 474 45.22 -2.36 -6.06
C GLN E 474 44.25 -3.31 -5.37
N ALA E 475 44.55 -4.61 -5.41
CA ALA E 475 43.66 -5.59 -4.82
C ALA E 475 43.92 -5.81 -3.34
N GLY E 476 45.15 -5.58 -2.90
CA GLY E 476 45.54 -5.83 -1.52
C GLY E 476 45.75 -4.54 -0.75
N SER E 477 46.57 -4.62 0.29
CA SER E 477 46.85 -3.47 1.14
C SER E 477 48.14 -2.76 0.74
N THR E 478 48.92 -3.34 -0.16
CA THR E 478 50.22 -2.83 -0.58
C THR E 478 50.05 -1.95 -1.82
N PRO E 479 50.55 -0.70 -1.77
CA PRO E 479 50.50 0.19 -2.95
C PRO E 479 51.19 -0.41 -4.16
N CYS E 480 50.58 -0.20 -5.33
CA CYS E 480 51.13 -0.79 -6.56
C CYS E 480 52.17 0.07 -7.24
N ASN E 481 52.05 1.39 -7.12
CA ASN E 481 52.96 2.37 -7.72
C ASN E 481 53.09 2.21 -9.23
N GLY E 482 52.01 1.82 -9.90
CA GLY E 482 52.05 1.73 -11.35
C GLY E 482 52.66 0.48 -11.93
N VAL E 483 52.99 -0.54 -11.13
CA VAL E 483 53.68 -1.72 -11.63
C VAL E 483 52.76 -2.93 -11.51
N GLU E 484 52.55 -3.60 -12.65
CA GLU E 484 51.78 -4.84 -12.75
C GLU E 484 52.48 -6.02 -12.06
N GLY E 485 51.76 -6.70 -11.18
CA GLY E 485 52.36 -7.74 -10.36
C GLY E 485 51.35 -8.33 -9.42
N PHE E 486 51.84 -8.92 -8.33
CA PHE E 486 50.95 -9.58 -7.37
C PHE E 486 50.04 -8.56 -6.69
N ASN E 487 48.73 -8.81 -6.74
CA ASN E 487 47.66 -7.96 -6.18
C ASN E 487 47.61 -6.60 -6.87
N CYS E 488 48.21 -6.48 -8.05
CA CYS E 488 48.23 -5.24 -8.83
C CYS E 488 47.85 -5.63 -10.25
N TYR E 489 46.65 -5.28 -10.67
CA TYR E 489 46.09 -5.79 -11.91
C TYR E 489 45.91 -4.66 -12.92
N PHE E 490 45.81 -5.05 -14.19
CA PHE E 490 45.41 -4.12 -15.23
C PHE E 490 43.89 -4.11 -15.36
N PRO E 491 43.25 -2.96 -15.14
CA PRO E 491 41.78 -2.93 -14.97
C PRO E 491 40.98 -3.35 -16.19
N LEU E 492 41.55 -3.26 -17.39
CA LEU E 492 40.82 -3.55 -18.60
C LEU E 492 41.23 -4.89 -19.18
N GLN E 493 40.28 -5.53 -19.86
CA GLN E 493 40.46 -6.85 -20.44
C GLN E 493 39.72 -6.87 -21.77
N SER E 494 40.21 -7.65 -22.71
CA SER E 494 39.57 -7.76 -24.01
C SER E 494 38.72 -9.00 -24.14
N TYR E 495 37.69 -8.89 -24.99
CA TYR E 495 36.87 -10.03 -25.36
C TYR E 495 37.46 -10.67 -26.62
N GLY E 496 37.75 -11.96 -26.57
CA GLY E 496 38.37 -12.55 -27.74
C GLY E 496 37.29 -13.08 -28.66
N PHE E 497 36.75 -12.20 -29.50
CA PHE E 497 35.59 -12.53 -30.32
C PHE E 497 36.01 -13.37 -31.53
N GLN E 498 35.56 -14.62 -31.57
CA GLN E 498 35.92 -15.57 -32.61
C GLN E 498 34.64 -16.10 -33.25
N PRO E 499 34.63 -16.38 -34.56
CA PRO E 499 33.39 -16.86 -35.20
C PRO E 499 32.93 -18.23 -34.74
N THR E 500 33.79 -19.01 -34.06
CA THR E 500 33.45 -20.35 -33.63
C THR E 500 32.93 -20.38 -32.20
N ASN E 501 32.86 -19.22 -31.55
CA ASN E 501 32.42 -19.12 -30.16
C ASN E 501 30.93 -19.43 -30.07
N GLY E 502 30.49 -19.84 -28.88
CA GLY E 502 29.09 -20.04 -28.64
C GLY E 502 28.35 -18.72 -28.60
N VAL E 503 27.01 -18.83 -28.65
CA VAL E 503 26.12 -17.66 -28.79
C VAL E 503 26.31 -16.69 -27.62
N GLY E 504 26.47 -17.22 -26.41
CA GLY E 504 26.67 -16.38 -25.25
C GLY E 504 27.99 -15.65 -25.24
N TYR E 505 28.94 -16.07 -26.07
CA TYR E 505 30.26 -15.45 -26.22
C TYR E 505 30.41 -14.73 -27.55
N GLN E 506 29.36 -14.65 -28.36
CA GLN E 506 29.45 -13.89 -29.59
C GLN E 506 29.25 -12.41 -29.27
N PRO E 507 29.79 -11.50 -30.11
CA PRO E 507 29.61 -10.07 -29.85
C PRO E 507 28.22 -9.58 -30.16
N TYR E 508 27.71 -8.73 -29.28
CA TYR E 508 26.43 -8.07 -29.49
C TYR E 508 26.67 -6.57 -29.42
N ARG E 509 26.15 -5.86 -30.39
CA ARG E 509 26.19 -4.41 -30.40
C ARG E 509 24.93 -3.90 -29.72
N VAL E 510 25.11 -2.96 -28.79
CA VAL E 510 24.03 -2.46 -27.95
C VAL E 510 23.95 -0.96 -28.15
N VAL E 511 22.73 -0.49 -28.41
CA VAL E 511 22.38 0.91 -28.48
C VAL E 511 21.29 1.13 -27.44
N VAL E 512 21.54 2.04 -26.53
CA VAL E 512 20.64 2.38 -25.44
C VAL E 512 20.14 3.77 -25.77
N LEU E 513 18.88 4.03 -25.48
CA LEU E 513 18.29 5.32 -25.83
C LEU E 513 17.65 5.83 -24.55
N SER E 514 18.23 6.90 -24.01
CA SER E 514 17.76 7.52 -22.79
C SER E 514 16.90 8.71 -23.13
N PHE E 515 15.69 8.72 -22.62
CA PHE E 515 14.70 9.75 -22.93
C PHE E 515 14.59 10.65 -21.71
N GLU E 516 15.00 11.91 -21.83
CA GLU E 516 14.97 12.80 -20.69
C GLU E 516 13.64 13.53 -20.63
N LEU E 517 13.00 13.52 -19.46
CA LEU E 517 11.70 14.18 -19.27
C LEU E 517 11.80 15.17 -18.10
N LEU E 518 12.09 16.43 -18.41
CA LEU E 518 12.07 17.50 -17.42
C LEU E 518 11.18 18.61 -17.98
N HIS E 519 10.74 19.51 -17.10
CA HIS E 519 9.80 20.56 -17.50
C HIS E 519 10.56 21.64 -18.28
N ALA E 520 10.77 21.35 -19.56
CA ALA E 520 11.51 22.20 -20.46
C ALA E 520 10.97 21.96 -21.86
N PRO E 521 11.32 22.81 -22.85
CA PRO E 521 10.80 22.58 -24.22
C PRO E 521 11.24 21.23 -24.78
N ALA E 522 10.31 20.50 -25.38
CA ALA E 522 10.66 19.26 -26.02
C ALA E 522 11.21 19.51 -27.41
N THR E 523 12.25 18.76 -27.77
CA THR E 523 12.92 18.92 -29.05
C THR E 523 12.90 17.68 -29.91
N VAL E 524 12.58 16.52 -29.34
CA VAL E 524 12.52 15.26 -30.07
C VAL E 524 11.10 14.73 -29.96
N CYS E 525 10.42 14.64 -31.11
CA CYS E 525 9.03 14.22 -31.16
C CYS E 525 8.84 13.13 -32.21
N GLY E 526 7.85 12.28 -31.98
CA GLY E 526 7.50 11.25 -32.93
C GLY E 526 6.87 11.78 -34.20
N PRO E 527 6.70 10.91 -35.21
CA PRO E 527 6.19 11.37 -36.51
C PRO E 527 4.67 11.52 -36.53
N LYS E 528 4.16 12.41 -35.69
CA LYS E 528 2.73 12.68 -35.64
C LYS E 528 2.36 13.85 -36.55
N LYS E 529 1.17 13.78 -37.12
CA LYS E 529 0.65 14.87 -37.92
C LYS E 529 -0.08 15.84 -37.00
N SER E 530 0.08 17.13 -37.26
CA SER E 530 -0.65 18.14 -36.50
C SER E 530 -2.00 18.43 -37.14
N THR E 531 -2.93 18.87 -36.32
CA THR E 531 -4.27 19.23 -36.76
C THR E 531 -4.48 20.73 -36.56
N ASN E 532 -5.59 21.24 -37.09
CA ASN E 532 -5.91 22.64 -36.89
C ASN E 532 -6.29 22.89 -35.44
N LEU E 533 -5.95 24.07 -34.95
CA LEU E 533 -6.31 24.43 -33.58
C LEU E 533 -7.78 24.81 -33.51
N VAL E 534 -8.50 24.24 -32.54
CA VAL E 534 -9.91 24.51 -32.34
C VAL E 534 -10.08 25.14 -30.97
N LYS E 535 -10.73 26.29 -30.92
CA LYS E 535 -10.94 27.02 -29.68
C LYS E 535 -12.41 27.07 -29.32
N ASN E 536 -12.65 27.29 -28.01
CA ASN E 536 -13.99 27.45 -27.41
C ASN E 536 -14.84 26.20 -27.54
N LYS E 537 -14.22 25.02 -27.56
CA LYS E 537 -14.94 23.76 -27.62
C LYS E 537 -14.21 22.75 -26.75
N CYS E 538 -14.95 21.77 -26.22
CA CYS E 538 -14.34 20.68 -25.46
C CYS E 538 -13.66 19.72 -26.41
N VAL E 539 -12.34 19.56 -26.27
CA VAL E 539 -11.54 18.71 -27.13
C VAL E 539 -10.54 17.92 -26.30
N ASN E 540 -10.03 16.84 -26.88
CA ASN E 540 -8.90 16.12 -26.33
C ASN E 540 -7.66 16.69 -26.99
N PHE E 541 -6.74 17.25 -26.22
CA PHE E 541 -5.60 17.91 -26.82
C PHE E 541 -4.29 17.22 -26.45
N ASN E 542 -3.32 17.40 -27.34
CA ASN E 542 -1.94 16.95 -27.14
C ASN E 542 -1.04 18.07 -27.65
N PHE E 543 -0.47 18.83 -26.73
CA PHE E 543 0.43 19.95 -27.00
C PHE E 543 1.84 19.54 -26.63
N ASN E 544 2.62 19.14 -27.64
CA ASN E 544 4.04 18.79 -27.53
C ASN E 544 4.28 17.71 -26.47
N GLY E 545 3.38 16.73 -26.42
CA GLY E 545 3.46 15.62 -25.50
C GLY E 545 2.57 15.78 -24.28
N LEU E 546 2.08 16.99 -24.02
CA LEU E 546 1.18 17.25 -22.89
C LEU E 546 -0.23 16.89 -23.32
N THR E 547 -0.87 15.97 -22.63
CA THR E 547 -2.18 15.50 -23.06
C THR E 547 -3.23 15.73 -22.00
N GLY E 548 -4.46 15.93 -22.45
CA GLY E 548 -5.56 16.14 -21.54
C GLY E 548 -6.81 16.50 -22.29
N THR E 549 -7.87 16.77 -21.53
CA THR E 549 -9.17 17.13 -22.08
C THR E 549 -9.58 18.49 -21.55
N GLY E 550 -10.05 19.37 -22.43
CA GLY E 550 -10.47 20.67 -21.97
C GLY E 550 -10.90 21.57 -23.11
N VAL E 551 -11.15 22.83 -22.75
CA VAL E 551 -11.60 23.87 -23.65
C VAL E 551 -10.48 24.89 -23.79
N LEU E 552 -10.08 25.16 -25.02
CA LEU E 552 -8.97 26.06 -25.32
C LEU E 552 -9.52 27.44 -25.65
N THR E 553 -9.04 28.46 -24.96
CA THR E 553 -9.49 29.83 -25.20
C THR E 553 -8.26 30.71 -25.36
N GLU E 554 -8.46 31.88 -25.95
CA GLU E 554 -7.36 32.83 -26.07
C GLU E 554 -7.03 33.37 -24.69
N SER E 555 -5.74 33.44 -24.37
CA SER E 555 -5.32 33.87 -23.05
C SER E 555 -4.90 35.33 -23.03
N ASN E 556 -5.05 35.94 -21.85
CA ASN E 556 -4.58 37.30 -21.60
C ASN E 556 -3.39 37.30 -20.64
N LYS E 557 -2.77 36.13 -20.45
CA LYS E 557 -1.61 36.02 -19.59
C LYS E 557 -0.37 36.50 -20.30
N LYS E 558 0.49 37.21 -19.57
CA LYS E 558 1.73 37.73 -20.13
C LYS E 558 2.85 36.73 -19.88
N PHE E 559 2.94 35.73 -20.77
CA PHE E 559 4.02 34.76 -20.64
C PHE E 559 5.35 35.37 -21.01
N LEU E 560 6.38 35.00 -20.27
CA LEU E 560 7.73 35.40 -20.60
C LEU E 560 8.19 34.57 -21.81
N PRO E 561 9.18 35.08 -22.58
CA PRO E 561 9.62 34.38 -23.80
C PRO E 561 10.07 32.92 -23.62
N PHE E 562 10.47 32.52 -22.42
CA PHE E 562 10.95 31.16 -22.19
C PHE E 562 9.90 30.22 -21.64
N GLN E 563 8.73 30.73 -21.25
CA GLN E 563 7.72 29.89 -20.62
C GLN E 563 6.89 29.17 -21.66
N GLN E 564 6.72 27.86 -21.48
CA GLN E 564 6.04 27.02 -22.45
C GLN E 564 4.63 26.66 -22.06
N PHE E 565 4.31 26.69 -20.77
CA PHE E 565 2.98 26.35 -20.29
C PHE E 565 2.81 27.02 -18.93
N GLY E 566 1.58 27.04 -18.45
CA GLY E 566 1.31 27.63 -17.16
C GLY E 566 0.56 26.70 -16.22
N ARG E 567 0.58 27.08 -14.94
CA ARG E 567 -0.15 26.34 -13.93
C ARG E 567 -0.92 27.30 -13.02
N ASP E 568 -2.00 26.78 -12.47
CA ASP E 568 -2.91 27.49 -11.59
C ASP E 568 -2.42 27.42 -10.15
N ILE E 569 -3.22 28.00 -9.25
CA ILE E 569 -2.96 28.00 -7.81
C ILE E 569 -2.90 26.56 -7.31
N ALA E 570 -3.72 25.70 -7.91
CA ALA E 570 -3.88 24.27 -7.65
C ALA E 570 -2.72 23.41 -8.14
N ASP E 571 -1.76 24.03 -8.84
CA ASP E 571 -0.56 23.39 -9.41
C ASP E 571 -0.96 22.39 -10.50
N THR E 572 -2.01 22.71 -11.25
CA THR E 572 -2.44 21.92 -12.39
C THR E 572 -2.30 22.79 -13.62
N THR E 573 -2.09 22.16 -14.78
CA THR E 573 -1.85 22.92 -16.01
C THR E 573 -3.09 23.72 -16.39
N ASP E 574 -2.91 25.01 -16.66
CA ASP E 574 -4.01 25.85 -17.06
C ASP E 574 -3.76 26.73 -18.28
N ALA E 575 -2.58 26.64 -18.89
CA ALA E 575 -2.26 27.44 -20.05
C ALA E 575 -1.13 26.74 -20.79
N VAL E 576 -1.11 26.90 -22.10
CA VAL E 576 -0.06 26.29 -22.91
C VAL E 576 0.30 27.22 -24.06
N ARG E 577 1.58 27.23 -24.43
CA ARG E 577 2.05 27.94 -25.60
C ARG E 577 2.02 26.95 -26.76
N ASP E 578 1.33 27.31 -27.83
CA ASP E 578 1.22 26.46 -29.01
C ASP E 578 2.61 26.27 -29.63
N PRO E 579 2.99 25.03 -29.99
CA PRO E 579 4.32 24.80 -30.56
C PRO E 579 4.55 25.33 -31.98
N GLN E 580 3.52 25.72 -32.72
CA GLN E 580 3.74 26.23 -34.07
C GLN E 580 3.62 27.74 -34.16
N THR E 581 2.61 28.31 -33.54
CA THR E 581 2.45 29.76 -33.46
C THR E 581 2.56 30.12 -31.99
N LEU E 582 3.32 31.17 -31.66
CA LEU E 582 3.59 31.42 -30.24
C LEU E 582 2.44 32.18 -29.57
N GLU E 583 1.29 31.53 -29.57
CA GLU E 583 0.06 32.03 -29.01
C GLU E 583 -0.08 31.42 -27.62
N ILE E 584 -0.58 32.19 -26.66
CA ILE E 584 -0.81 31.64 -25.34
C ILE E 584 -2.28 31.28 -25.24
N LEU E 585 -2.56 30.03 -24.90
CA LEU E 585 -3.93 29.55 -24.76
C LEU E 585 -4.21 29.22 -23.31
N ASP E 586 -5.44 29.50 -22.87
CA ASP E 586 -5.91 29.08 -21.56
C ASP E 586 -6.64 27.76 -21.74
N ILE E 587 -6.45 26.86 -20.79
CA ILE E 587 -7.10 25.57 -20.80
C ILE E 587 -8.05 25.55 -19.61
N THR E 588 -9.33 25.34 -19.90
CA THR E 588 -10.26 25.16 -18.81
C THR E 588 -10.80 23.76 -18.91
N PRO E 589 -11.21 23.14 -17.81
CA PRO E 589 -11.81 21.81 -17.92
C PRO E 589 -13.15 21.88 -18.64
N CYS E 590 -13.53 20.75 -19.24
CA CYS E 590 -14.84 20.66 -19.86
C CYS E 590 -15.87 20.67 -18.74
N SER E 591 -17.03 21.27 -19.01
CA SER E 591 -18.05 21.49 -17.99
C SER E 591 -18.43 20.18 -17.31
N PHE E 592 -18.51 20.24 -15.98
CA PHE E 592 -18.90 19.09 -15.19
C PHE E 592 -19.59 19.58 -13.93
N GLY E 593 -20.29 18.68 -13.28
CA GLY E 593 -20.92 19.02 -12.02
C GLY E 593 -21.74 17.84 -11.55
N GLY E 594 -22.20 17.94 -10.31
CA GLY E 594 -23.00 16.87 -9.77
C GLY E 594 -24.38 16.86 -10.40
N VAL E 595 -24.99 15.68 -10.42
CA VAL E 595 -26.36 15.55 -10.91
C VAL E 595 -27.20 15.06 -9.77
N SER E 596 -28.19 15.86 -9.39
CA SER E 596 -29.10 15.53 -8.31
C SER E 596 -30.51 15.36 -8.86
N VAL E 597 -31.23 14.37 -8.37
CA VAL E 597 -32.58 14.11 -8.84
C VAL E 597 -33.54 14.53 -7.74
N ILE E 598 -34.47 15.42 -8.08
CA ILE E 598 -35.47 15.93 -7.17
C ILE E 598 -36.74 15.13 -7.43
N THR E 599 -37.26 14.49 -6.40
CA THR E 599 -38.42 13.69 -6.64
C THR E 599 -39.40 13.59 -5.49
N PRO E 600 -40.70 13.58 -5.79
CA PRO E 600 -41.67 13.17 -4.78
C PRO E 600 -41.55 11.66 -4.68
N GLY E 601 -42.06 11.09 -3.59
CA GLY E 601 -41.92 9.66 -3.42
C GLY E 601 -42.66 8.86 -4.48
N THR E 602 -42.24 7.59 -4.62
CA THR E 602 -42.88 6.70 -5.59
C THR E 602 -44.31 6.35 -5.21
N ASN E 603 -44.74 6.65 -3.99
CA ASN E 603 -46.11 6.47 -3.59
C ASN E 603 -47.03 7.51 -4.25
N THR E 604 -46.47 8.63 -4.70
CA THR E 604 -47.24 9.71 -5.29
C THR E 604 -47.05 9.86 -6.78
N SER E 605 -45.81 9.88 -7.27
CA SER E 605 -45.57 10.12 -8.69
C SER E 605 -44.19 9.63 -9.09
N ASN E 606 -44.06 9.29 -10.37
CA ASN E 606 -42.78 8.90 -10.97
C ASN E 606 -42.14 10.06 -11.73
N GLN E 607 -42.68 11.26 -11.61
CA GLN E 607 -42.12 12.44 -12.25
C GLN E 607 -40.95 12.96 -11.43
N VAL E 608 -39.87 13.36 -12.12
CA VAL E 608 -38.68 13.86 -11.45
C VAL E 608 -38.20 15.14 -12.13
N ALA E 609 -37.37 15.87 -11.40
CA ALA E 609 -36.67 17.06 -11.89
C ALA E 609 -35.18 16.84 -11.66
N VAL E 610 -34.33 17.41 -12.51
CA VAL E 610 -32.90 17.18 -12.40
C VAL E 610 -32.17 18.50 -12.21
N LEU E 611 -31.29 18.54 -11.21
CA LEU E 611 -30.47 19.71 -10.94
C LEU E 611 -29.05 19.39 -11.38
N TYR E 612 -28.52 20.20 -12.29
CA TYR E 612 -27.12 20.11 -12.71
C TYR E 612 -26.41 21.15 -11.86
N GLN E 613 -25.64 20.69 -10.88
CA GLN E 613 -25.11 21.56 -9.85
C GLN E 613 -23.95 22.39 -10.40
N GLY E 614 -24.06 23.70 -10.26
CA GLY E 614 -23.05 24.65 -10.74
C GLY E 614 -22.76 24.54 -12.21
N VAL E 615 -23.79 24.34 -13.03
CA VAL E 615 -23.68 24.21 -14.47
C VAL E 615 -24.65 25.19 -15.10
N ASN E 616 -24.25 25.80 -16.22
CA ASN E 616 -25.13 26.69 -16.96
C ASN E 616 -26.10 25.88 -17.81
N CYS E 617 -27.28 26.47 -18.05
CA CYS E 617 -28.34 25.82 -18.82
C CYS E 617 -28.05 25.79 -20.32
N THR E 618 -26.98 26.43 -20.77
CA THR E 618 -26.56 26.43 -22.16
C THR E 618 -25.57 25.31 -22.47
N GLU E 619 -25.07 24.64 -21.45
CA GLU E 619 -24.06 23.60 -21.59
C GLU E 619 -24.62 22.19 -21.48
N VAL E 620 -25.75 22.02 -20.77
CA VAL E 620 -26.30 20.68 -20.54
C VAL E 620 -26.66 19.93 -21.81
N PRO E 621 -27.32 20.51 -22.84
CA PRO E 621 -27.60 19.57 -23.93
C PRO E 621 -26.48 19.53 -24.98
N ASN E 641 -39.32 23.54 -19.45
CA ASN E 641 -39.13 23.88 -18.05
C ASN E 641 -37.65 23.82 -17.67
N VAL E 642 -36.88 24.79 -18.17
CA VAL E 642 -35.46 24.90 -17.88
C VAL E 642 -35.27 26.20 -17.10
N PHE E 643 -34.88 26.09 -15.83
CA PHE E 643 -34.75 27.23 -14.94
C PHE E 643 -33.33 27.34 -14.40
N GLN E 644 -32.68 28.47 -14.69
CA GLN E 644 -31.31 28.70 -14.21
C GLN E 644 -31.34 29.39 -12.87
N THR E 645 -30.72 28.78 -11.86
CA THR E 645 -30.63 29.37 -10.54
C THR E 645 -29.18 29.29 -10.08
N ARG E 646 -28.90 29.92 -8.93
CA ARG E 646 -27.55 29.96 -8.38
C ARG E 646 -27.03 28.57 -8.07
N ALA E 647 -27.93 27.65 -7.69
CA ALA E 647 -27.52 26.29 -7.38
C ALA E 647 -27.12 25.52 -8.63
N GLY E 648 -27.57 25.95 -9.80
CA GLY E 648 -27.33 25.20 -11.01
C GLY E 648 -28.51 25.29 -11.96
N CYS E 649 -28.50 24.42 -12.97
CA CYS E 649 -29.56 24.40 -13.97
C CYS E 649 -30.59 23.33 -13.58
N LEU E 650 -31.82 23.76 -13.30
CA LEU E 650 -32.89 22.85 -12.89
C LEU E 650 -33.82 22.60 -14.07
N ILE E 651 -33.92 21.34 -14.49
CA ILE E 651 -34.70 20.96 -15.66
C ILE E 651 -35.84 20.04 -15.21
N GLY E 652 -37.06 20.36 -15.63
CA GLY E 652 -38.23 19.57 -15.32
C GLY E 652 -39.14 20.17 -14.27
N ALA E 653 -38.71 21.21 -13.58
CA ALA E 653 -39.53 21.91 -12.59
C ALA E 653 -40.00 23.23 -13.17
N GLU E 654 -41.27 23.55 -13.00
CA GLU E 654 -41.81 24.81 -13.49
C GLU E 654 -41.58 25.90 -12.45
N HIS E 655 -40.92 26.97 -12.86
CA HIS E 655 -40.66 28.09 -11.97
C HIS E 655 -41.92 28.94 -11.82
N VAL E 656 -42.30 29.25 -10.59
CA VAL E 656 -43.49 30.07 -10.33
C VAL E 656 -43.08 31.27 -9.50
N ASN E 657 -43.93 32.30 -9.53
CA ASN E 657 -43.70 33.52 -8.76
C ASN E 657 -44.37 33.47 -7.39
N ASN E 658 -45.01 32.37 -7.04
CA ASN E 658 -45.69 32.20 -5.77
C ASN E 658 -44.76 31.50 -4.79
N SER E 659 -44.50 32.14 -3.65
CA SER E 659 -43.65 31.53 -2.65
C SER E 659 -44.48 30.61 -1.77
N TYR E 660 -43.83 29.57 -1.24
CA TYR E 660 -44.44 28.63 -0.33
C TYR E 660 -43.39 28.19 0.68
N GLU E 661 -43.81 27.39 1.66
CA GLU E 661 -42.86 26.80 2.58
C GLU E 661 -41.96 25.82 1.84
N CYS E 662 -40.73 25.68 2.32
CA CYS E 662 -39.78 24.77 1.69
C CYS E 662 -40.21 23.32 1.87
N ASP E 663 -40.18 22.55 0.78
CA ASP E 663 -40.51 21.14 0.82
C ASP E 663 -39.24 20.34 0.53
N ILE E 664 -38.83 20.31 -0.73
CA ILE E 664 -37.57 19.67 -1.13
C ILE E 664 -36.57 20.80 -1.40
N PRO E 665 -35.49 20.91 -0.62
CA PRO E 665 -34.55 22.00 -0.83
C PRO E 665 -33.72 21.84 -2.11
N ILE E 666 -33.58 22.94 -2.83
CA ILE E 666 -32.73 22.97 -4.01
C ILE E 666 -31.42 23.67 -3.70
N GLY E 667 -31.52 24.84 -3.08
CA GLY E 667 -30.36 25.62 -2.72
C GLY E 667 -30.55 27.08 -3.09
N ALA E 668 -29.80 27.97 -2.43
CA ALA E 668 -29.79 29.41 -2.70
C ALA E 668 -31.19 30.01 -2.60
N GLY E 669 -31.97 29.53 -1.64
CA GLY E 669 -33.27 30.10 -1.42
C GLY E 669 -34.36 29.42 -2.22
N ILE E 670 -33.99 28.49 -3.10
CA ILE E 670 -34.92 27.82 -3.98
C ILE E 670 -35.25 26.45 -3.40
N CYS E 671 -36.54 26.13 -3.36
CA CYS E 671 -37.07 24.85 -2.93
C CYS E 671 -38.02 24.33 -4.00
N ALA E 672 -38.27 23.04 -4.00
CA ALA E 672 -39.18 22.42 -4.96
C ALA E 672 -40.22 21.57 -4.26
N SER E 673 -41.36 21.41 -4.92
CA SER E 673 -42.44 20.60 -4.37
C SER E 673 -43.29 20.05 -5.49
N TYR E 674 -44.09 19.03 -5.16
CA TYR E 674 -45.01 18.43 -6.11
C TYR E 674 -46.42 18.94 -5.83
N GLN E 675 -47.00 19.68 -6.77
CA GLN E 675 -48.32 20.25 -6.59
C GLN E 675 -49.13 20.17 -7.88
N GLN E 690 -51.05 17.58 -11.93
CA GLN E 690 -50.03 18.06 -11.01
C GLN E 690 -48.64 17.94 -11.62
N SER E 691 -47.71 18.75 -11.12
CA SER E 691 -46.34 18.72 -11.59
C SER E 691 -45.40 19.20 -10.49
N ILE E 692 -44.11 19.06 -10.75
CA ILE E 692 -43.08 19.55 -9.83
C ILE E 692 -42.81 21.00 -10.15
N ILE E 693 -42.80 21.84 -9.11
CA ILE E 693 -42.53 23.25 -9.26
C ILE E 693 -41.35 23.64 -8.39
N ALA E 694 -40.73 24.76 -8.76
CA ALA E 694 -39.63 25.36 -8.02
C ALA E 694 -40.02 26.78 -7.67
N TYR E 695 -39.61 27.23 -6.49
CA TYR E 695 -39.98 28.55 -6.03
C TYR E 695 -38.96 29.04 -5.02
N THR E 696 -38.97 30.34 -4.79
CA THR E 696 -38.19 30.89 -3.70
C THR E 696 -38.99 30.60 -2.45
N MET E 697 -38.36 30.01 -1.44
CA MET E 697 -39.11 29.60 -0.26
C MET E 697 -39.55 30.79 0.58
N SER E 698 -40.71 30.64 1.20
CA SER E 698 -41.21 31.64 2.14
C SER E 698 -40.60 31.39 3.50
N LEU E 699 -40.34 32.46 4.22
CA LEU E 699 -39.81 32.33 5.58
C LEU E 699 -40.90 32.40 6.63
N GLY E 700 -42.15 32.51 6.20
CA GLY E 700 -43.29 32.58 7.09
C GLY E 700 -44.21 33.71 6.71
N ALA E 701 -45.40 33.67 7.30
CA ALA E 701 -46.38 34.72 7.05
C ALA E 701 -45.90 36.02 7.69
N GLU E 702 -46.26 37.15 7.08
CA GLU E 702 -45.91 38.41 7.69
C GLU E 702 -46.93 38.75 8.76
N ASN E 703 -46.45 39.38 9.83
CA ASN E 703 -47.34 39.84 10.90
C ASN E 703 -46.76 41.15 11.43
N SER E 704 -47.36 42.27 11.05
CA SER E 704 -46.95 43.54 11.61
C SER E 704 -47.60 43.65 12.99
N VAL E 705 -46.79 43.84 14.01
CA VAL E 705 -47.34 43.95 15.36
C VAL E 705 -47.78 45.40 15.58
N ALA E 706 -48.97 45.58 16.16
CA ALA E 706 -49.56 46.90 16.34
C ALA E 706 -48.94 47.58 17.57
N TYR E 707 -47.68 47.96 17.41
CA TYR E 707 -46.96 48.59 18.50
C TYR E 707 -47.34 50.06 18.65
N SER E 708 -47.50 50.48 19.91
CA SER E 708 -47.71 51.87 20.26
C SER E 708 -47.18 52.03 21.67
N ASN E 709 -47.02 53.29 22.10
CA ASN E 709 -46.47 53.57 23.41
C ASN E 709 -47.44 53.31 24.55
N ASN E 710 -48.73 53.12 24.29
CA ASN E 710 -49.67 52.93 25.39
C ASN E 710 -50.67 51.79 25.17
N SER E 711 -50.31 50.76 24.41
CA SER E 711 -51.21 49.64 24.16
C SER E 711 -50.52 48.33 24.47
N ILE E 712 -51.18 47.49 25.28
CA ILE E 712 -50.65 46.18 25.65
C ILE E 712 -51.70 45.12 25.32
N ALA E 713 -51.26 44.00 24.76
CA ALA E 713 -52.17 42.88 24.59
C ALA E 713 -51.99 41.94 25.77
N ILE E 714 -53.10 41.42 26.29
CA ILE E 714 -53.09 40.46 27.39
C ILE E 714 -54.06 39.32 27.10
N PRO E 715 -53.58 38.08 27.17
CA PRO E 715 -54.41 36.91 26.90
C PRO E 715 -55.60 36.80 27.85
N THR E 716 -56.75 36.43 27.31
CA THR E 716 -57.97 36.27 28.07
C THR E 716 -58.34 34.81 28.21
N ASN E 717 -57.59 33.94 27.54
CA ASN E 717 -57.82 32.51 27.52
C ASN E 717 -56.47 31.88 27.24
N PHE E 718 -56.41 30.57 27.31
CA PHE E 718 -55.18 29.84 27.05
C PHE E 718 -55.50 28.43 26.59
N THR E 719 -54.48 27.78 26.04
CA THR E 719 -54.56 26.38 25.66
C THR E 719 -53.42 25.62 26.31
N ILE E 720 -53.63 24.32 26.47
CA ILE E 720 -52.60 23.42 26.94
C ILE E 720 -52.08 22.65 25.74
N SER E 721 -50.78 22.76 25.48
CA SER E 721 -50.20 22.13 24.30
C SER E 721 -49.23 21.03 24.72
N VAL E 722 -49.23 19.93 23.98
CA VAL E 722 -48.27 18.86 24.18
C VAL E 722 -47.44 18.76 22.91
N THR E 723 -46.13 18.94 23.05
CA THR E 723 -45.19 18.90 21.95
C THR E 723 -44.36 17.64 22.09
N THR E 724 -44.11 16.97 20.96
CA THR E 724 -43.31 15.74 20.97
C THR E 724 -41.89 16.04 20.52
N GLU E 725 -40.93 15.70 21.38
CA GLU E 725 -39.51 15.82 21.06
C GLU E 725 -38.86 14.44 21.10
N ILE E 726 -38.19 14.05 20.02
CA ILE E 726 -37.61 12.72 19.91
C ILE E 726 -36.10 12.86 19.91
N LEU E 727 -35.42 12.17 20.82
CA LEU E 727 -33.97 12.24 20.87
C LEU E 727 -33.35 10.85 20.87
N PRO E 728 -32.33 10.62 20.05
CA PRO E 728 -31.51 9.41 20.17
C PRO E 728 -30.78 9.36 21.50
N VAL E 729 -30.73 8.16 22.08
CA VAL E 729 -30.03 7.93 23.34
C VAL E 729 -28.87 6.96 23.15
N SER E 730 -29.05 5.93 22.33
CA SER E 730 -28.08 4.89 22.22
C SER E 730 -27.97 4.45 20.76
N MET E 731 -26.94 3.66 20.51
CA MET E 731 -26.61 3.15 19.19
C MET E 731 -26.42 1.66 19.34
N THR E 732 -26.67 0.91 18.26
CA THR E 732 -26.47 -0.54 18.28
C THR E 732 -25.02 -0.86 18.64
N LYS E 733 -24.84 -1.77 19.58
CA LYS E 733 -23.51 -2.09 20.09
C LYS E 733 -22.88 -3.16 19.22
N THR E 734 -22.26 -2.74 18.13
CA THR E 734 -21.65 -3.74 17.29
C THR E 734 -20.28 -4.11 17.83
N SER E 735 -19.70 -5.16 17.27
CA SER E 735 -18.35 -5.58 17.60
C SER E 735 -17.84 -6.37 16.42
N VAL E 736 -16.55 -6.24 16.16
CA VAL E 736 -15.91 -6.91 15.03
C VAL E 736 -14.63 -7.54 15.54
N ASP E 737 -14.42 -8.81 15.21
CA ASP E 737 -13.15 -9.43 15.50
C ASP E 737 -12.27 -9.12 14.30
N CYS E 738 -11.21 -8.34 14.55
CA CYS E 738 -10.35 -7.83 13.49
C CYS E 738 -9.62 -8.95 12.74
N THR E 739 -9.13 -9.95 13.48
CA THR E 739 -8.51 -11.09 12.81
C THR E 739 -9.54 -11.94 12.08
N MET E 740 -10.75 -12.07 12.62
CA MET E 740 -11.76 -12.88 11.94
C MET E 740 -12.20 -12.20 10.65
N TYR E 741 -12.39 -10.88 10.71
CA TYR E 741 -12.83 -10.12 9.55
C TYR E 741 -11.78 -10.13 8.45
N ILE E 742 -10.53 -9.86 8.82
CA ILE E 742 -9.47 -9.75 7.82
C ILE E 742 -8.96 -11.12 7.40
N CYS E 743 -8.70 -12.01 8.34
CA CYS E 743 -8.02 -13.27 8.05
C CYS E 743 -8.79 -14.50 8.53
N GLY E 744 -10.08 -14.58 8.22
CA GLY E 744 -10.94 -15.65 8.74
C GLY E 744 -10.46 -17.07 8.48
N ASP E 745 -10.25 -17.83 9.57
CA ASP E 745 -9.87 -19.26 9.54
C ASP E 745 -8.59 -19.51 8.76
N SER E 746 -7.64 -18.57 8.80
CA SER E 746 -6.40 -18.69 8.02
C SER E 746 -5.20 -18.38 8.90
N THR E 747 -4.36 -19.38 9.14
CA THR E 747 -3.16 -19.19 9.95
C THR E 747 -2.15 -18.32 9.22
N GLU E 748 -2.01 -18.53 7.89
CA GLU E 748 -1.03 -17.81 7.08
C GLU E 748 -1.34 -16.32 7.04
N CYS E 749 -2.62 -15.98 6.88
CA CYS E 749 -3.02 -14.57 6.85
C CYS E 749 -2.81 -13.95 8.22
N SER E 750 -3.16 -14.68 9.28
CA SER E 750 -3.02 -14.16 10.64
C SER E 750 -1.55 -13.87 10.95
N ASN E 751 -0.66 -14.76 10.51
CA ASN E 751 0.77 -14.56 10.72
C ASN E 751 1.25 -13.35 9.93
N LEU E 752 0.77 -13.18 8.70
CA LEU E 752 1.13 -11.97 7.95
C LEU E 752 0.58 -10.73 8.65
N LEU E 753 -0.62 -10.85 9.25
CA LEU E 753 -1.29 -9.76 9.94
C LEU E 753 -0.54 -9.35 11.20
N LEU E 754 0.32 -10.23 11.71
CA LEU E 754 1.07 -9.89 12.92
C LEU E 754 2.17 -8.87 12.63
N GLN E 755 2.50 -8.65 11.35
CA GLN E 755 3.52 -7.70 10.95
C GLN E 755 3.04 -6.26 11.04
N TYR E 756 1.75 -6.06 11.29
CA TYR E 756 1.10 -4.76 11.41
C TYR E 756 0.90 -4.38 12.87
N GLY E 757 1.50 -5.15 13.77
CA GLY E 757 1.49 -4.86 15.20
C GLY E 757 0.13 -4.91 15.88
N SER E 758 -0.21 -3.81 16.54
CA SER E 758 -1.37 -3.73 17.42
C SER E 758 -2.64 -3.15 16.80
N PHE E 759 -2.71 -3.00 15.46
CA PHE E 759 -3.85 -2.35 14.81
C PHE E 759 -5.19 -3.00 15.18
N CYS E 760 -5.24 -4.33 15.22
CA CYS E 760 -6.46 -5.04 15.58
C CYS E 760 -6.84 -4.79 17.03
N THR E 761 -5.84 -4.70 17.92
CA THR E 761 -6.10 -4.49 19.33
C THR E 761 -6.74 -3.13 19.57
N GLN E 762 -6.20 -2.09 18.93
CA GLN E 762 -6.74 -0.74 19.14
C GLN E 762 -8.10 -0.58 18.46
N LEU E 763 -8.35 -1.33 17.36
CA LEU E 763 -9.68 -1.27 16.76
C LEU E 763 -10.71 -1.94 17.65
N ASN E 764 -10.35 -3.09 18.24
CA ASN E 764 -11.24 -3.80 19.14
C ASN E 764 -11.51 -2.97 20.39
N ARG E 765 -10.47 -2.26 20.85
CA ARG E 765 -10.60 -1.41 22.03
C ARG E 765 -11.53 -0.25 21.74
N ALA E 766 -11.42 0.35 20.55
CA ALA E 766 -12.26 1.47 20.16
C ALA E 766 -13.74 1.04 20.10
N LEU E 767 -14.00 -0.15 19.54
CA LEU E 767 -15.39 -0.61 19.46
C LEU E 767 -15.92 -0.98 20.84
N THR E 768 -15.07 -1.53 21.71
CA THR E 768 -15.48 -1.86 23.07
C THR E 768 -15.84 -0.57 23.81
N GLY E 769 -15.02 0.47 23.61
CA GLY E 769 -15.27 1.76 24.25
C GLY E 769 -16.59 2.35 23.80
N ILE E 770 -16.91 2.19 22.50
CA ILE E 770 -18.20 2.66 21.98
C ILE E 770 -19.35 1.92 22.66
N ALA E 771 -19.24 0.58 22.77
CA ALA E 771 -20.32 -0.21 23.38
C ALA E 771 -20.55 0.19 24.83
N VAL E 772 -19.45 0.41 25.56
CA VAL E 772 -19.52 0.83 26.96
C VAL E 772 -20.18 2.20 27.04
N GLU E 773 -19.81 3.09 26.10
CA GLU E 773 -20.38 4.44 26.06
C GLU E 773 -21.89 4.38 25.82
N GLN E 774 -22.35 3.43 24.98
CA GLN E 774 -23.78 3.34 24.70
C GLN E 774 -24.55 2.90 25.94
N ASP E 775 -23.95 2.00 26.73
CA ASP E 775 -24.58 1.60 27.98
C ASP E 775 -24.59 2.75 28.98
N LYS E 776 -23.50 3.52 29.02
CA LYS E 776 -23.42 4.68 29.90
C LYS E 776 -24.45 5.73 29.51
N ASN E 777 -24.64 5.93 28.20
CA ASN E 777 -25.62 6.90 27.69
C ASN E 777 -27.02 6.53 28.11
N THR E 778 -27.36 5.23 28.00
CA THR E 778 -28.68 4.77 28.39
C THR E 778 -28.88 4.94 29.89
N GLN E 779 -27.85 4.62 30.68
CA GLN E 779 -27.94 4.71 32.13
C GLN E 779 -28.12 6.16 32.57
N GLU E 780 -27.39 7.08 31.93
CA GLU E 780 -27.47 8.50 32.28
C GLU E 780 -28.83 9.10 31.91
N VAL E 781 -29.42 8.67 30.79
CA VAL E 781 -30.73 9.21 30.43
C VAL E 781 -31.84 8.64 31.31
N PHE E 782 -31.86 7.33 31.51
CA PHE E 782 -33.03 6.75 32.18
C PHE E 782 -32.88 6.47 33.66
N ALA E 783 -31.69 6.09 34.14
CA ALA E 783 -31.55 5.71 35.54
C ALA E 783 -31.26 6.94 36.42
N GLN E 784 -32.21 7.88 36.41
CA GLN E 784 -32.09 9.11 37.17
C GLN E 784 -32.95 9.12 38.41
N VAL E 785 -33.62 8.02 38.71
CA VAL E 785 -34.52 7.92 39.86
C VAL E 785 -34.02 6.84 40.80
N LYS E 786 -33.89 7.19 42.08
CA LYS E 786 -33.39 6.23 43.07
C LYS E 786 -34.38 5.10 43.35
N GLN E 787 -35.67 5.40 43.40
CA GLN E 787 -36.68 4.40 43.75
C GLN E 787 -37.66 4.17 42.60
N ILE E 788 -38.24 2.98 42.57
CA ILE E 788 -39.25 2.66 41.56
C ILE E 788 -40.63 3.05 42.10
N TYR E 789 -41.15 4.17 41.61
CA TYR E 789 -42.43 4.68 42.06
C TYR E 789 -43.58 4.04 41.30
N LYS E 790 -44.71 3.87 41.98
CA LYS E 790 -45.91 3.35 41.36
C LYS E 790 -47.10 4.24 41.66
N THR E 791 -48.03 4.31 40.71
CA THR E 791 -49.25 5.07 40.86
C THR E 791 -50.25 4.29 41.71
N PRO E 792 -51.22 4.95 42.34
CA PRO E 792 -52.23 4.21 43.12
C PRO E 792 -53.20 3.47 42.20
N PRO E 793 -53.88 2.43 42.72
CA PRO E 793 -54.90 1.73 41.92
C PRO E 793 -56.06 2.61 41.44
N ILE E 794 -56.42 3.64 42.19
CA ILE E 794 -57.50 4.54 41.81
C ILE E 794 -56.85 5.78 41.22
N LYS E 795 -56.95 5.91 39.89
CA LYS E 795 -56.29 7.01 39.18
C LYS E 795 -57.22 8.22 39.11
N ASP E 796 -57.47 8.81 40.28
CA ASP E 796 -58.28 10.01 40.40
C ASP E 796 -57.29 11.17 40.50
N PHE E 797 -57.06 11.86 39.40
CA PHE E 797 -56.07 12.94 39.36
C PHE E 797 -56.74 14.27 39.07
N GLY E 798 -57.95 14.45 39.59
CA GLY E 798 -58.66 15.71 39.44
C GLY E 798 -59.15 15.96 38.04
N GLY E 799 -59.42 14.90 37.28
CA GLY E 799 -59.89 15.00 35.92
C GLY E 799 -58.82 14.79 34.88
N PHE E 800 -57.55 14.76 35.28
CA PHE E 800 -56.44 14.57 34.36
C PHE E 800 -56.27 13.08 34.08
N ASN E 801 -56.31 12.70 32.81
CA ASN E 801 -56.23 11.32 32.38
C ASN E 801 -54.80 11.06 31.92
N PHE E 802 -54.19 9.99 32.44
CA PHE E 802 -52.82 9.64 32.07
C PHE E 802 -52.72 8.24 31.46
N SER E 803 -53.85 7.65 31.05
CA SER E 803 -53.87 6.27 30.56
C SER E 803 -53.03 6.07 29.30
N GLN E 804 -52.81 7.14 28.54
CA GLN E 804 -52.02 7.07 27.32
C GLN E 804 -50.54 6.99 27.60
N ILE E 805 -50.10 7.48 28.76
CA ILE E 805 -48.68 7.51 29.04
C ILE E 805 -48.28 6.55 30.16
N LEU E 806 -49.27 6.03 30.96
CA LEU E 806 -49.03 5.03 31.99
C LEU E 806 -49.13 3.63 31.40
N PRO E 807 -48.43 2.65 32.00
CA PRO E 807 -48.53 1.26 31.53
C PRO E 807 -49.94 0.68 31.62
N ASP E 808 -50.27 -0.19 30.66
CA ASP E 808 -51.54 -0.91 30.65
C ASP E 808 -51.32 -2.43 30.72
N PRO E 809 -51.29 -3.00 31.95
CA PRO E 809 -50.87 -4.39 32.18
C PRO E 809 -51.65 -5.52 31.48
N SER E 810 -52.59 -5.19 30.59
CA SER E 810 -53.37 -6.18 29.86
C SER E 810 -52.54 -7.02 28.89
N LYS E 811 -51.33 -6.60 28.55
CA LYS E 811 -50.46 -7.30 27.63
C LYS E 811 -49.15 -7.69 28.31
N PRO E 812 -48.45 -8.73 27.80
CA PRO E 812 -47.22 -9.24 28.45
C PRO E 812 -46.09 -8.25 28.73
N SER E 813 -45.85 -7.30 27.83
CA SER E 813 -44.84 -6.27 28.05
C SER E 813 -45.57 -5.04 28.61
N LYS E 814 -45.16 -4.57 29.79
CA LYS E 814 -45.91 -3.51 30.45
C LYS E 814 -45.50 -2.14 29.92
N ARG E 815 -45.85 -1.89 28.66
CA ARG E 815 -45.58 -0.62 28.01
C ARG E 815 -46.90 0.14 27.92
N SER E 816 -46.80 1.43 27.71
CA SER E 816 -47.98 2.26 27.54
C SER E 816 -48.44 2.20 26.07
N PRO E 817 -49.65 2.70 25.70
CA PRO E 817 -50.02 2.69 24.27
C PRO E 817 -49.13 3.57 23.38
N ILE E 818 -48.80 4.79 23.82
CA ILE E 818 -47.93 5.67 23.03
C ILE E 818 -46.58 4.98 22.80
N GLU E 819 -46.05 4.34 23.84
CA GLU E 819 -44.78 3.62 23.71
C GLU E 819 -44.92 2.47 22.71
N ASP E 820 -46.08 1.80 22.72
CA ASP E 820 -46.35 0.74 21.74
C ASP E 820 -46.32 1.30 20.33
N LEU E 821 -46.85 2.52 20.15
CA LEU E 821 -46.81 3.17 18.84
C LEU E 821 -45.37 3.43 18.43
N LEU E 822 -44.56 3.90 19.39
CA LEU E 822 -43.17 4.25 19.11
C LEU E 822 -42.38 3.01 18.72
N PHE E 823 -42.64 1.89 19.40
CA PHE E 823 -41.93 0.65 19.10
C PHE E 823 -42.39 0.04 17.78
N ASN E 824 -43.69 0.11 17.49
CA ASN E 824 -44.20 -0.44 16.24
C ASN E 824 -43.71 0.35 15.02
N LYS E 825 -43.63 1.68 15.14
CA LYS E 825 -43.16 2.47 14.01
C LYS E 825 -41.68 2.23 13.71
N VAL E 826 -40.86 2.15 14.75
CA VAL E 826 -39.43 1.91 14.59
C VAL E 826 -39.03 0.65 15.34
N LEU E 849 -31.17 -10.45 7.43
CA LEU E 849 -30.09 -9.49 7.32
C LEU E 849 -29.05 -9.73 8.40
N ILE E 850 -29.53 -10.03 9.61
CA ILE E 850 -28.66 -10.18 10.79
C ILE E 850 -27.70 -11.35 10.63
N CYS E 851 -28.13 -12.44 9.97
CA CYS E 851 -27.26 -13.58 9.73
C CYS E 851 -26.13 -13.25 8.76
N ALA E 852 -26.46 -12.55 7.66
CA ALA E 852 -25.47 -12.19 6.64
C ALA E 852 -24.37 -11.32 7.23
N GLN E 853 -24.72 -10.39 8.11
CA GLN E 853 -23.73 -9.58 8.78
C GLN E 853 -22.93 -10.41 9.79
N LYS E 854 -23.66 -11.17 10.61
CA LYS E 854 -23.06 -11.93 11.72
C LYS E 854 -22.00 -12.92 11.24
N PHE E 855 -22.23 -13.56 10.09
CA PHE E 855 -21.35 -14.64 9.59
C PHE E 855 -19.92 -14.20 9.28
N ASN E 856 -19.60 -12.92 9.25
CA ASN E 856 -18.25 -12.45 8.94
C ASN E 856 -17.47 -11.99 10.17
N GLY E 857 -17.90 -12.39 11.36
CA GLY E 857 -17.23 -11.99 12.58
C GLY E 857 -17.73 -10.68 13.14
N LEU E 858 -18.95 -10.29 12.80
CA LEU E 858 -19.56 -9.02 13.17
C LEU E 858 -20.73 -9.32 14.11
N THR E 859 -20.47 -9.29 15.40
CA THR E 859 -21.54 -9.62 16.34
C THR E 859 -22.17 -8.35 16.87
N VAL E 860 -23.36 -8.50 17.43
CA VAL E 860 -24.07 -7.41 18.09
C VAL E 860 -24.32 -7.79 19.53
N LEU E 861 -23.92 -6.91 20.44
CA LEU E 861 -24.08 -7.17 21.86
C LEU E 861 -25.45 -6.64 22.30
N PRO E 862 -26.16 -7.36 23.16
CA PRO E 862 -27.44 -6.84 23.64
C PRO E 862 -27.21 -5.67 24.58
N PRO E 863 -28.13 -4.69 24.60
CA PRO E 863 -28.06 -3.61 25.59
C PRO E 863 -28.14 -4.15 27.01
N LEU E 864 -27.45 -3.46 27.92
CA LEU E 864 -27.51 -3.84 29.33
C LEU E 864 -28.91 -3.66 29.90
N LEU E 865 -29.58 -2.59 29.53
CA LEU E 865 -30.93 -2.32 30.02
C LEU E 865 -31.91 -2.77 28.95
N THR E 866 -32.75 -3.73 29.27
CA THR E 866 -33.73 -4.24 28.33
C THR E 866 -34.86 -3.23 28.17
N ASP E 867 -35.67 -3.44 27.11
CA ASP E 867 -36.80 -2.56 26.84
C ASP E 867 -37.78 -2.54 28.00
N GLU E 868 -37.94 -3.68 28.67
CA GLU E 868 -38.80 -3.76 29.85
C GLU E 868 -38.25 -2.90 30.97
N MET E 869 -36.92 -2.84 31.10
CA MET E 869 -36.30 -2.04 32.15
C MET E 869 -36.38 -0.56 31.84
N ILE E 870 -36.30 -0.19 30.55
CA ILE E 870 -36.46 1.21 30.17
C ILE E 870 -37.89 1.64 30.46
N ALA E 871 -38.85 0.76 30.13
CA ALA E 871 -40.25 1.02 30.42
C ALA E 871 -40.50 1.17 31.92
N GLN E 872 -39.85 0.32 32.73
CA GLN E 872 -39.96 0.43 34.18
C GLN E 872 -39.37 1.74 34.70
N TYR E 873 -38.24 2.19 34.13
CA TYR E 873 -37.67 3.47 34.54
C TYR E 873 -38.59 4.62 34.17
N THR E 874 -39.17 4.60 32.96
CA THR E 874 -40.06 5.68 32.57
C THR E 874 -41.32 5.65 33.41
N SER E 875 -41.79 4.45 33.75
CA SER E 875 -42.95 4.31 34.62
C SER E 875 -42.68 4.88 36.00
N ALA E 876 -41.49 4.61 36.55
CA ALA E 876 -41.11 5.14 37.87
C ALA E 876 -41.00 6.65 37.84
N LEU E 877 -40.40 7.20 36.77
CA LEU E 877 -40.22 8.64 36.62
C LEU E 877 -41.58 9.32 36.47
N LEU E 878 -42.46 8.68 35.72
CA LEU E 878 -43.79 9.21 35.48
C LEU E 878 -44.65 9.15 36.73
N ALA E 879 -44.57 8.04 37.48
CA ALA E 879 -45.31 7.92 38.72
C ALA E 879 -44.85 8.95 39.73
N GLY E 880 -43.53 9.20 39.78
CA GLY E 880 -43.01 10.23 40.65
C GLY E 880 -43.50 11.61 40.24
N THR E 881 -43.44 11.91 38.94
CA THR E 881 -43.89 13.21 38.43
C THR E 881 -45.37 13.46 38.72
N ILE E 882 -46.20 12.44 38.54
CA ILE E 882 -47.65 12.59 38.73
C ILE E 882 -48.01 12.69 40.20
N THR E 883 -47.39 11.88 41.07
CA THR E 883 -47.82 11.84 42.46
C THR E 883 -47.01 12.72 43.38
N SER E 884 -45.82 13.17 42.98
CA SER E 884 -44.97 13.96 43.84
C SER E 884 -44.44 15.23 43.21
N GLY E 885 -44.83 15.56 41.98
CA GLY E 885 -44.30 16.71 41.28
C GLY E 885 -42.80 16.64 41.11
N TRP E 886 -42.10 17.70 41.49
CA TRP E 886 -40.66 17.75 41.32
C TRP E 886 -39.91 17.35 42.58
N THR E 887 -40.62 17.00 43.66
CA THR E 887 -39.97 16.74 44.94
C THR E 887 -39.12 15.47 44.90
N PHE E 888 -39.51 14.49 44.06
CA PHE E 888 -38.78 13.23 44.00
C PHE E 888 -37.40 13.39 43.36
N GLY E 889 -37.17 14.48 42.65
CA GLY E 889 -35.90 14.72 41.97
C GLY E 889 -34.87 15.41 42.81
N ALA E 890 -35.24 15.86 44.00
CA ALA E 890 -34.38 16.64 44.86
C ALA E 890 -34.14 15.96 46.20
N GLY E 891 -34.80 14.83 46.43
CA GLY E 891 -34.84 14.19 47.73
C GLY E 891 -36.00 13.22 47.80
N PRO E 892 -36.50 12.97 49.02
CA PRO E 892 -37.61 12.03 49.19
C PRO E 892 -38.86 12.53 48.50
N ALA E 893 -39.58 11.62 47.84
CA ALA E 893 -40.80 12.03 47.18
C ALA E 893 -41.84 12.43 48.21
N LEU E 894 -42.46 13.58 48.01
CA LEU E 894 -43.48 14.10 48.89
C LEU E 894 -44.81 14.05 48.15
N GLN E 895 -45.83 13.41 48.73
CA GLN E 895 -47.08 13.28 47.99
C GLN E 895 -47.75 14.65 47.89
N ILE E 896 -48.42 14.88 46.77
CA ILE E 896 -49.21 16.09 46.61
C ILE E 896 -50.38 15.80 45.69
N PRO E 897 -51.55 16.41 45.91
CA PRO E 897 -52.63 16.31 44.93
C PRO E 897 -52.25 17.00 43.63
N PHE E 898 -52.56 16.34 42.51
CA PHE E 898 -52.13 16.82 41.19
C PHE E 898 -52.64 18.22 40.83
N PRO E 899 -53.91 18.63 41.09
CA PRO E 899 -54.25 20.06 40.85
C PRO E 899 -53.39 21.02 41.64
N MET E 900 -52.97 20.68 42.87
CA MET E 900 -52.09 21.56 43.63
C MET E 900 -50.70 21.64 42.99
N GLN E 901 -50.22 20.51 42.47
CA GLN E 901 -48.95 20.49 41.74
C GLN E 901 -49.04 21.37 40.49
N MET E 902 -50.18 21.29 39.79
CA MET E 902 -50.40 22.15 38.63
C MET E 902 -50.44 23.61 39.05
N ALA E 903 -50.99 23.88 40.25
CA ALA E 903 -51.04 25.25 40.76
C ALA E 903 -49.64 25.78 40.97
N TYR E 904 -48.72 24.90 41.44
CA TYR E 904 -47.34 25.34 41.62
C TYR E 904 -46.70 25.62 40.27
N ARG E 905 -47.00 24.78 39.28
CA ARG E 905 -46.43 24.96 37.94
C ARG E 905 -46.95 26.25 37.30
N PHE E 906 -48.23 26.57 37.54
CA PHE E 906 -48.80 27.82 37.06
C PHE E 906 -48.13 29.01 37.74
N ASN E 907 -47.87 28.89 39.05
CA ASN E 907 -47.14 29.96 39.74
C ASN E 907 -45.75 30.10 39.14
N GLY E 908 -45.14 28.96 38.80
CA GLY E 908 -43.82 28.96 38.19
C GLY E 908 -43.78 29.74 36.90
N ILE E 909 -44.86 29.69 36.11
CA ILE E 909 -44.87 30.40 34.84
C ILE E 909 -45.46 31.80 35.02
N GLY E 910 -45.71 32.21 36.26
CA GLY E 910 -46.21 33.55 36.50
C GLY E 910 -47.70 33.73 36.41
N VAL E 911 -48.49 32.66 36.60
CA VAL E 911 -49.94 32.71 36.56
C VAL E 911 -50.47 32.30 37.94
N THR E 912 -51.43 33.05 38.47
CA THR E 912 -51.91 32.78 39.82
C THR E 912 -52.71 31.48 39.89
N GLN E 913 -52.82 30.95 41.12
CA GLN E 913 -53.45 29.65 41.37
C GLN E 913 -54.92 29.62 40.99
N ASN E 914 -55.64 30.74 41.19
CA ASN E 914 -57.07 30.74 40.96
C ASN E 914 -57.40 30.58 39.49
N VAL E 915 -56.47 30.89 38.58
CA VAL E 915 -56.71 30.72 37.16
C VAL E 915 -56.86 29.24 36.88
N LEU E 916 -55.97 28.44 37.47
CA LEU E 916 -56.02 26.99 37.34
C LEU E 916 -57.28 26.42 37.99
N TYR E 917 -57.57 26.83 39.23
CA TYR E 917 -58.67 26.20 39.96
C TYR E 917 -60.03 26.54 39.37
N GLU E 918 -60.24 27.80 38.96
CA GLU E 918 -61.51 28.18 38.35
C GLU E 918 -61.74 27.46 37.04
N ASN E 919 -60.68 27.18 36.29
CA ASN E 919 -60.74 26.52 34.99
C ASN E 919 -60.23 25.08 35.00
N GLN E 920 -60.26 24.40 36.16
CA GLN E 920 -59.67 23.06 36.30
C GLN E 920 -60.26 22.05 35.32
N LYS E 921 -61.57 22.12 35.08
CA LYS E 921 -62.22 21.18 34.18
C LYS E 921 -61.79 21.42 32.74
N LEU E 922 -61.74 22.70 32.35
CA LEU E 922 -61.29 23.08 31.01
C LEU E 922 -59.85 22.64 30.77
N ILE E 923 -58.99 22.87 31.77
CA ILE E 923 -57.56 22.55 31.65
C ILE E 923 -57.37 21.04 31.53
N ALA E 924 -58.11 20.27 32.34
CA ALA E 924 -58.05 18.82 32.26
C ALA E 924 -58.51 18.32 30.90
N ASN E 925 -59.57 18.94 30.35
CA ASN E 925 -60.06 18.55 29.03
C ASN E 925 -59.06 18.89 27.94
N GLN E 926 -58.44 20.08 28.03
CA GLN E 926 -57.44 20.50 27.04
C GLN E 926 -56.23 19.59 27.07
N PHE E 927 -55.81 19.19 28.28
CA PHE E 927 -54.68 18.29 28.43
C PHE E 927 -54.98 16.94 27.83
N ASN E 928 -56.15 16.38 28.15
CA ASN E 928 -56.52 15.05 27.66
C ASN E 928 -56.66 15.06 26.14
N SER E 929 -57.22 16.15 25.61
CA SER E 929 -57.36 16.30 24.16
C SER E 929 -56.00 16.39 23.49
N ALA E 930 -55.07 17.16 24.07
CA ALA E 930 -53.74 17.32 23.50
C ALA E 930 -52.99 15.97 23.47
N ILE E 931 -53.16 15.17 24.53
CA ILE E 931 -52.55 13.84 24.57
C ILE E 931 -53.16 12.97 23.47
N GLY E 932 -54.49 13.05 23.29
CA GLY E 932 -55.14 12.33 22.21
C GLY E 932 -54.62 12.76 20.85
N LYS E 933 -54.32 14.07 20.71
CA LYS E 933 -53.77 14.59 19.46
C LYS E 933 -52.40 13.98 19.20
N ILE E 934 -51.63 13.76 20.27
CA ILE E 934 -50.31 13.14 20.12
C ILE E 934 -50.49 11.71 19.64
N GLN E 935 -51.47 11.02 20.22
CA GLN E 935 -51.77 9.63 19.85
C GLN E 935 -52.13 9.53 18.38
N ASP E 936 -52.97 10.46 17.91
CA ASP E 936 -53.40 10.46 16.51
C ASP E 936 -52.26 10.84 15.59
N SER E 937 -51.42 11.81 16.01
CA SER E 937 -50.30 12.25 15.20
C SER E 937 -49.30 11.13 14.98
N LEU E 938 -49.02 10.36 16.05
CA LEU E 938 -48.11 9.24 15.92
C LEU E 938 -48.74 8.12 15.09
N SER E 939 -50.04 7.89 15.29
CA SER E 939 -50.76 6.85 14.54
C SER E 939 -50.81 7.17 13.05
N SER E 940 -50.78 8.45 12.69
CA SER E 940 -50.99 8.86 11.31
C SER E 940 -49.69 9.09 10.57
N THR E 941 -48.90 10.08 10.99
CA THR E 941 -47.69 10.49 10.28
C THR E 941 -46.64 9.37 10.27
N PRO E 942 -46.26 8.86 9.10
CA PRO E 942 -45.22 7.81 9.06
C PRO E 942 -43.81 8.29 9.35
N SER E 943 -43.45 9.50 8.93
CA SER E 943 -42.09 10.01 9.08
C SER E 943 -41.84 10.75 10.38
N ALA E 944 -42.63 10.50 11.42
CA ALA E 944 -42.51 11.30 12.64
C ALA E 944 -41.27 10.91 13.43
N LEU E 945 -40.96 9.61 13.50
CA LEU E 945 -39.84 9.07 14.26
C LEU E 945 -38.57 8.96 13.43
N GLY E 946 -38.42 9.82 12.41
CA GLY E 946 -37.27 9.78 11.52
C GLY E 946 -35.91 9.92 12.19
N LYS E 947 -35.85 10.64 13.32
CA LYS E 947 -34.58 10.82 14.04
C LYS E 947 -34.01 9.49 14.52
N LEU E 948 -34.86 8.55 14.94
CA LEU E 948 -34.36 7.27 15.45
C LEU E 948 -34.12 6.31 14.29
N GLN E 949 -34.99 6.38 13.28
CA GLN E 949 -34.88 5.50 12.13
C GLN E 949 -33.62 5.83 11.35
N ASP E 950 -33.27 7.12 11.28
CA ASP E 950 -32.08 7.53 10.57
C ASP E 950 -30.82 6.95 11.22
N VAL E 951 -30.80 6.89 12.56
CA VAL E 951 -29.66 6.32 13.28
C VAL E 951 -29.56 4.83 13.00
N VAL E 952 -30.72 4.14 13.02
CA VAL E 952 -30.76 2.71 12.72
C VAL E 952 -30.29 2.45 11.29
N ASN E 953 -30.73 3.29 10.36
CA ASN E 953 -30.37 3.14 8.94
C ASN E 953 -28.88 3.39 8.74
N GLN E 954 -28.32 4.41 9.43
CA GLN E 954 -26.90 4.74 9.26
C GLN E 954 -26.04 3.59 9.77
N ASN E 955 -26.45 2.96 10.86
CA ASN E 955 -25.64 1.86 11.39
C ASN E 955 -25.78 0.64 10.49
N ALA E 956 -26.99 0.40 9.97
CA ALA E 956 -27.20 -0.72 9.06
C ALA E 956 -26.39 -0.54 7.78
N GLN E 957 -26.34 0.69 7.25
CA GLN E 957 -25.55 0.96 6.05
C GLN E 957 -24.07 0.79 6.33
N ALA E 958 -23.61 1.23 7.51
CA ALA E 958 -22.20 1.12 7.87
C ALA E 958 -21.79 -0.35 7.93
N LEU E 959 -22.64 -1.19 8.53
CA LEU E 959 -22.34 -2.61 8.62
C LEU E 959 -22.40 -3.26 7.25
N ASN E 960 -23.38 -2.89 6.42
CA ASN E 960 -23.50 -3.47 5.10
C ASN E 960 -22.32 -3.09 4.23
N THR E 961 -21.84 -1.84 4.35
CA THR E 961 -20.68 -1.38 3.60
C THR E 961 -19.43 -2.14 4.02
N LEU E 962 -19.27 -2.33 5.34
CA LEU E 962 -18.09 -3.03 5.87
C LEU E 962 -18.07 -4.47 5.38
N VAL E 963 -19.24 -5.14 5.41
CA VAL E 963 -19.32 -6.52 4.99
C VAL E 963 -19.09 -6.64 3.47
N LYS E 964 -19.67 -5.71 2.69
CA LYS E 964 -19.49 -5.73 1.23
C LYS E 964 -18.05 -5.49 0.83
N GLN E 965 -17.25 -4.82 1.67
CA GLN E 965 -15.84 -4.62 1.33
C GLN E 965 -15.06 -5.93 1.24
N LEU E 966 -15.56 -7.02 1.84
CA LEU E 966 -14.89 -8.32 1.75
C LEU E 966 -14.97 -8.94 0.36
N SER E 967 -15.82 -8.43 -0.51
CA SER E 967 -15.98 -8.93 -1.87
C SER E 967 -15.06 -8.21 -2.84
N SER E 968 -14.30 -7.23 -2.35
CA SER E 968 -13.38 -6.45 -3.17
C SER E 968 -12.05 -7.18 -3.28
N ASN E 969 -11.43 -7.09 -4.45
CA ASN E 969 -10.15 -7.74 -4.66
C ASN E 969 -8.98 -6.93 -4.12
N PHE E 970 -9.07 -5.60 -4.17
CA PHE E 970 -8.01 -4.66 -3.75
C PHE E 970 -6.71 -4.89 -4.53
N GLY E 971 -6.83 -5.41 -5.76
CA GLY E 971 -5.69 -5.70 -6.60
C GLY E 971 -5.26 -7.15 -6.57
N ALA E 972 -5.83 -7.95 -5.68
CA ALA E 972 -5.50 -9.36 -5.59
C ALA E 972 -6.20 -10.12 -6.71
N ILE E 973 -5.70 -11.34 -6.97
CA ILE E 973 -6.31 -12.21 -7.98
C ILE E 973 -7.72 -12.67 -7.60
N SER E 974 -8.07 -12.65 -6.31
CA SER E 974 -9.38 -13.09 -5.88
C SER E 974 -9.69 -12.45 -4.53
N SER E 975 -10.98 -12.14 -4.33
CA SER E 975 -11.45 -11.63 -3.05
C SER E 975 -11.57 -12.72 -2.00
N VAL E 976 -11.51 -13.98 -2.39
CA VAL E 976 -11.69 -15.11 -1.48
C VAL E 976 -10.32 -15.59 -1.05
N LEU E 977 -10.07 -15.52 0.26
CA LEU E 977 -8.78 -15.88 0.83
C LEU E 977 -8.49 -17.38 0.66
N ASN E 978 -9.55 -18.19 0.78
CA ASN E 978 -9.42 -19.64 0.65
C ASN E 978 -9.01 -20.05 -0.76
N ASP E 979 -9.47 -19.31 -1.78
CA ASP E 979 -9.10 -19.65 -3.15
C ASP E 979 -7.62 -19.36 -3.39
N ILE E 980 -7.12 -18.25 -2.83
CA ILE E 980 -5.71 -17.91 -2.95
C ILE E 980 -4.86 -18.97 -2.26
N LEU E 981 -5.26 -19.38 -1.06
CA LEU E 981 -4.46 -20.37 -0.34
C LEU E 981 -4.57 -21.75 -0.98
N SER E 982 -5.70 -22.05 -1.59
CA SER E 982 -5.88 -23.31 -2.30
C SER E 982 -5.07 -23.36 -3.59
N ARG E 983 -4.88 -22.21 -4.25
CA ARG E 983 -4.19 -22.21 -5.53
C ARG E 983 -2.70 -21.93 -5.45
N LEU E 984 -2.29 -21.03 -4.56
CA LEU E 984 -0.89 -20.58 -4.52
C LEU E 984 -0.13 -21.12 -3.32
N ASP E 985 1.18 -21.20 -3.50
CA ASP E 985 2.20 -21.49 -2.51
C ASP E 985 2.61 -20.19 -1.84
N PRO E 986 3.20 -20.22 -0.63
CA PRO E 986 3.54 -18.97 0.13
C PRO E 986 4.27 -17.86 -0.62
N PRO E 987 5.26 -18.11 -1.51
CA PRO E 987 5.95 -16.95 -2.17
C PRO E 987 5.04 -16.02 -2.97
N GLU E 988 3.90 -16.50 -3.45
CA GLU E 988 2.96 -15.69 -4.22
C GLU E 988 1.72 -15.41 -3.39
N ALA E 989 1.36 -16.38 -2.54
CA ALA E 989 0.20 -16.24 -1.70
C ALA E 989 0.38 -15.08 -0.73
N GLU E 990 1.61 -14.89 -0.21
CA GLU E 990 1.82 -13.82 0.76
C GLU E 990 1.59 -12.45 0.13
N VAL E 991 1.96 -12.30 -1.14
CA VAL E 991 1.75 -11.04 -1.86
C VAL E 991 0.27 -10.78 -2.03
N GLN E 992 -0.48 -11.82 -2.44
CA GLN E 992 -1.91 -11.66 -2.66
C GLN E 992 -2.65 -11.40 -1.34
N ILE E 993 -2.21 -12.08 -0.27
CA ILE E 993 -2.81 -11.91 1.04
C ILE E 993 -2.50 -10.51 1.57
N ASP E 994 -1.26 -10.03 1.37
CA ASP E 994 -0.90 -8.67 1.81
C ASP E 994 -1.79 -7.63 1.15
N ARG E 995 -2.13 -7.85 -0.13
CA ARG E 995 -3.04 -6.93 -0.82
C ARG E 995 -4.43 -6.96 -0.18
N LEU E 996 -4.89 -8.17 0.16
CA LEU E 996 -6.20 -8.31 0.82
C LEU E 996 -6.18 -7.72 2.22
N ILE E 997 -5.09 -7.92 2.96
CA ILE E 997 -4.96 -7.40 4.32
C ILE E 997 -5.01 -5.88 4.29
N THR E 998 -4.27 -5.27 3.34
CA THR E 998 -4.21 -3.81 3.26
C THR E 998 -5.60 -3.24 2.98
N GLY E 999 -6.32 -3.84 2.03
CA GLY E 999 -7.65 -3.33 1.70
C GLY E 999 -8.67 -3.55 2.81
N ARG E 1000 -8.64 -4.73 3.45
CA ARG E 1000 -9.60 -5.05 4.50
C ARG E 1000 -9.31 -4.26 5.76
N LEU E 1001 -8.03 -4.05 6.07
CA LEU E 1001 -7.64 -3.24 7.21
C LEU E 1001 -8.05 -1.80 7.02
N GLN E 1002 -7.88 -1.27 5.80
CA GLN E 1002 -8.29 0.10 5.51
C GLN E 1002 -9.80 0.24 5.65
N SER E 1003 -10.55 -0.77 5.19
CA SER E 1003 -12.01 -0.73 5.27
C SER E 1003 -12.47 -0.79 6.74
N LEU E 1004 -11.81 -1.61 7.55
CA LEU E 1004 -12.17 -1.73 8.95
C LEU E 1004 -11.83 -0.46 9.72
N GLN E 1005 -10.68 0.16 9.41
CA GLN E 1005 -10.32 1.43 10.05
C GLN E 1005 -11.31 2.52 9.69
N THR E 1006 -11.76 2.53 8.42
CA THR E 1006 -12.75 3.51 7.98
C THR E 1006 -14.05 3.32 8.76
N TYR E 1007 -14.47 2.06 8.92
CA TYR E 1007 -15.69 1.75 9.66
C TYR E 1007 -15.59 2.22 11.11
N VAL E 1008 -14.47 1.92 11.76
CA VAL E 1008 -14.29 2.26 13.18
C VAL E 1008 -14.29 3.78 13.35
N THR E 1009 -13.61 4.51 12.44
CA THR E 1009 -13.56 5.96 12.53
C THR E 1009 -14.96 6.55 12.39
N GLN E 1010 -15.75 6.02 11.45
CA GLN E 1010 -17.13 6.49 11.28
C GLN E 1010 -17.97 6.19 12.51
N GLN E 1011 -17.73 5.03 13.13
CA GLN E 1011 -18.48 4.68 14.34
C GLN E 1011 -18.10 5.57 15.51
N LEU E 1012 -16.82 5.96 15.61
CA LEU E 1012 -16.40 6.85 16.68
C LEU E 1012 -17.02 8.24 16.53
N ILE E 1013 -17.09 8.74 15.29
CA ILE E 1013 -17.68 10.06 15.06
C ILE E 1013 -19.19 10.00 15.31
N ARG E 1014 -19.84 8.95 14.81
CA ARG E 1014 -21.27 8.78 15.01
C ARG E 1014 -21.59 8.59 16.50
N ALA E 1015 -20.73 7.84 17.20
CA ALA E 1015 -20.90 7.62 18.64
C ALA E 1015 -20.79 8.92 19.40
N ALA E 1016 -19.85 9.79 18.99
CA ALA E 1016 -19.72 11.10 19.63
C ALA E 1016 -20.99 11.92 19.45
N GLU E 1017 -21.59 11.83 18.24
CA GLU E 1017 -22.85 12.53 17.98
C GLU E 1017 -23.97 11.97 18.86
N ILE E 1018 -24.04 10.64 18.98
CA ILE E 1018 -25.03 9.99 19.83
C ILE E 1018 -24.82 10.37 21.29
N ARG E 1019 -23.56 10.46 21.72
CA ARG E 1019 -23.23 10.85 23.09
C ARG E 1019 -23.73 12.25 23.38
N ALA E 1020 -23.55 13.17 22.42
CA ALA E 1020 -24.02 14.55 22.58
C ALA E 1020 -25.54 14.57 22.69
N SER E 1021 -26.21 13.77 21.85
CA SER E 1021 -27.67 13.68 21.89
C SER E 1021 -28.15 13.09 23.22
N ALA E 1022 -27.47 12.06 23.70
CA ALA E 1022 -27.79 11.42 24.97
C ALA E 1022 -27.59 12.37 26.14
N ASN E 1023 -26.53 13.19 26.09
CA ASN E 1023 -26.30 14.18 27.14
C ASN E 1023 -27.40 15.22 27.14
N LEU E 1024 -27.87 15.59 25.95
CA LEU E 1024 -28.99 16.52 25.84
C LEU E 1024 -30.27 15.89 26.38
N ALA E 1025 -30.48 14.61 26.07
CA ALA E 1025 -31.67 13.90 26.55
C ALA E 1025 -31.65 13.77 28.07
N ALA E 1026 -30.47 13.50 28.65
CA ALA E 1026 -30.34 13.40 30.10
C ALA E 1026 -30.60 14.75 30.75
N THR E 1027 -30.12 15.83 30.12
CA THR E 1027 -30.34 17.17 30.64
C THR E 1027 -31.82 17.51 30.60
N LYS E 1028 -32.50 17.15 29.50
CA LYS E 1028 -33.93 17.39 29.39
C LYS E 1028 -34.70 16.54 30.38
N MET E 1029 -34.25 15.31 30.62
CA MET E 1029 -34.89 14.46 31.62
C MET E 1029 -34.83 15.11 32.99
N SER E 1030 -33.66 15.62 33.36
CA SER E 1030 -33.49 16.24 34.67
C SER E 1030 -34.28 17.54 34.78
N GLU E 1031 -34.21 18.40 33.76
CA GLU E 1031 -34.77 19.74 33.82
C GLU E 1031 -36.23 19.86 33.37
N CYS E 1032 -36.73 18.93 32.57
CA CYS E 1032 -38.08 19.01 32.04
C CYS E 1032 -39.04 18.07 32.75
N VAL E 1033 -38.54 16.96 33.28
CA VAL E 1033 -39.38 15.95 33.91
C VAL E 1033 -39.27 16.01 35.43
N LEU E 1034 -38.05 16.19 35.94
CA LEU E 1034 -37.83 16.21 37.38
C LEU E 1034 -37.86 17.64 37.93
N GLY E 1035 -38.41 18.57 37.16
CA GLY E 1035 -38.49 19.95 37.57
C GLY E 1035 -39.33 20.73 36.60
N GLN E 1036 -39.28 22.04 36.72
CA GLN E 1036 -39.97 22.94 35.81
C GLN E 1036 -38.95 23.94 35.31
N SER E 1037 -38.80 24.03 34.01
CA SER E 1037 -37.77 24.84 33.39
C SER E 1037 -38.26 26.23 33.03
N LYS E 1038 -37.38 27.21 33.19
CA LYS E 1038 -37.63 28.58 32.77
C LYS E 1038 -36.80 28.91 31.53
N ARG E 1039 -36.19 27.91 30.93
CA ARG E 1039 -35.40 28.08 29.71
C ARG E 1039 -36.32 28.03 28.50
N VAL E 1040 -36.33 29.10 27.72
CA VAL E 1040 -37.25 29.24 26.59
C VAL E 1040 -36.88 28.21 25.52
N ASP E 1041 -37.90 27.47 25.04
CA ASP E 1041 -37.83 26.47 23.97
C ASP E 1041 -36.97 25.26 24.31
N PHE E 1042 -36.57 25.11 25.57
CA PHE E 1042 -35.79 23.94 25.96
C PHE E 1042 -36.70 22.73 26.18
N CYS E 1043 -37.84 22.96 26.82
CA CYS E 1043 -38.79 21.90 27.15
C CYS E 1043 -40.10 22.13 26.42
N GLY E 1044 -40.03 22.35 25.11
CA GLY E 1044 -41.22 22.56 24.29
C GLY E 1044 -41.46 24.03 23.99
N LYS E 1045 -42.37 24.25 23.05
CA LYS E 1045 -42.70 25.58 22.57
C LYS E 1045 -43.88 26.13 23.37
N GLY E 1046 -43.61 27.15 24.19
CA GLY E 1046 -44.56 27.76 25.08
C GLY E 1046 -43.92 27.94 26.44
N TYR E 1047 -44.74 28.24 27.44
CA TYR E 1047 -44.24 28.35 28.80
C TYR E 1047 -44.33 26.95 29.38
N HIS E 1048 -43.19 26.42 29.82
CA HIS E 1048 -43.14 25.03 30.25
C HIS E 1048 -43.89 24.79 31.55
N LEU E 1049 -44.76 23.78 31.53
CA LEU E 1049 -45.45 23.34 32.73
C LEU E 1049 -44.84 22.05 33.26
N MET E 1050 -44.76 21.01 32.43
CA MET E 1050 -44.25 19.71 32.87
C MET E 1050 -43.95 18.89 31.62
N SER E 1051 -43.22 17.80 31.80
CA SER E 1051 -42.94 16.91 30.67
C SER E 1051 -43.08 15.47 31.12
N PHE E 1052 -43.31 14.59 30.15
CA PHE E 1052 -43.43 13.17 30.44
C PHE E 1052 -42.51 12.36 29.54
N PRO E 1053 -41.64 11.52 30.08
CA PRO E 1053 -40.79 10.67 29.25
C PRO E 1053 -41.52 9.44 28.74
N GLN E 1054 -41.13 8.99 27.55
CA GLN E 1054 -41.59 7.73 26.98
C GLN E 1054 -40.41 7.01 26.38
N SER E 1055 -40.37 5.70 26.59
CA SER E 1055 -39.32 4.87 26.00
C SER E 1055 -39.52 4.74 24.50
N ALA E 1056 -38.43 4.70 23.75
CA ALA E 1056 -38.51 4.47 22.32
C ALA E 1056 -37.30 3.62 21.94
N PRO E 1057 -37.36 2.93 20.79
CA PRO E 1057 -36.18 2.14 20.34
C PRO E 1057 -34.95 3.03 20.21
N HIS E 1058 -33.93 2.69 20.99
CA HIS E 1058 -32.64 3.40 21.05
C HIS E 1058 -32.83 4.87 21.35
N GLY E 1059 -33.86 5.24 22.11
CA GLY E 1059 -34.06 6.66 22.32
C GLY E 1059 -35.18 6.98 23.30
N VAL E 1060 -35.41 8.27 23.45
CA VAL E 1060 -36.42 8.76 24.37
C VAL E 1060 -37.30 9.77 23.63
N VAL E 1061 -38.58 9.77 23.96
CA VAL E 1061 -39.54 10.74 23.45
C VAL E 1061 -40.08 11.52 24.64
N PHE E 1062 -40.02 12.83 24.57
CA PHE E 1062 -40.57 13.67 25.63
C PHE E 1062 -41.85 14.30 25.13
N LEU E 1063 -42.88 14.23 25.96
CA LEU E 1063 -44.15 14.90 25.69
C LEU E 1063 -44.13 16.12 26.61
N HIS E 1064 -43.95 17.30 26.03
CA HIS E 1064 -43.84 18.51 26.82
C HIS E 1064 -45.19 19.18 26.91
N VAL E 1065 -45.65 19.41 28.13
CA VAL E 1065 -46.92 20.06 28.39
C VAL E 1065 -46.57 21.50 28.69
N THR E 1066 -47.08 22.38 27.86
CA THR E 1066 -46.81 23.80 27.90
C THR E 1066 -48.11 24.58 27.94
N TYR E 1067 -48.02 25.77 28.51
CA TYR E 1067 -49.11 26.72 28.58
C TYR E 1067 -48.91 27.67 27.42
N VAL E 1068 -49.92 27.84 26.58
CA VAL E 1068 -49.82 28.70 25.41
C VAL E 1068 -50.94 29.72 25.44
N PRO E 1069 -50.64 31.02 25.45
CA PRO E 1069 -51.66 32.06 25.39
C PRO E 1069 -52.51 31.94 24.14
N ALA E 1070 -53.83 32.17 24.28
CA ALA E 1070 -54.71 31.94 23.15
C ALA E 1070 -55.37 33.26 22.77
N GLN E 1071 -56.57 33.55 23.27
CA GLN E 1071 -57.35 34.69 22.80
C GLN E 1071 -56.68 36.03 23.10
N GLU E 1072 -56.76 36.95 22.15
CA GLU E 1072 -56.07 38.23 22.24
C GLU E 1072 -57.07 39.35 22.52
N LYS E 1073 -56.65 40.34 23.30
CA LYS E 1073 -57.42 41.57 23.52
C LYS E 1073 -56.48 42.75 23.70
N ASN E 1074 -56.82 43.87 23.07
CA ASN E 1074 -56.07 45.10 23.22
C ASN E 1074 -56.52 45.85 24.46
N PHE E 1075 -55.58 46.48 25.15
CA PHE E 1075 -55.87 47.29 26.31
C PHE E 1075 -54.97 48.51 26.29
N THR E 1076 -55.44 49.59 26.92
CA THR E 1076 -54.61 50.78 27.04
C THR E 1076 -53.80 50.60 28.32
N THR E 1077 -52.55 51.07 28.33
CA THR E 1077 -51.72 50.86 29.50
C THR E 1077 -51.03 52.15 29.92
N ALA E 1078 -50.39 52.09 31.08
CA ALA E 1078 -49.62 53.19 31.63
C ALA E 1078 -48.60 52.60 32.58
N PRO E 1079 -47.40 53.19 32.66
CA PRO E 1079 -46.38 52.68 33.58
C PRO E 1079 -46.69 52.91 35.05
N ALA E 1080 -47.51 53.90 35.38
CA ALA E 1080 -47.82 54.23 36.76
C ALA E 1080 -49.12 55.02 36.77
N ILE E 1081 -49.73 55.09 37.95
CA ILE E 1081 -50.93 55.89 38.16
C ILE E 1081 -50.67 56.95 39.21
N CYS E 1082 -51.11 58.18 38.91
CA CYS E 1082 -50.97 59.34 39.79
C CYS E 1082 -52.26 59.52 40.59
N HIS E 1083 -52.21 59.27 41.89
CA HIS E 1083 -53.44 59.39 42.68
C HIS E 1083 -53.49 60.68 43.49
N ASP E 1084 -52.69 60.77 44.56
CA ASP E 1084 -52.62 61.95 45.41
C ASP E 1084 -51.37 62.76 45.16
N GLY E 1085 -50.75 62.59 44.00
CA GLY E 1085 -49.49 63.21 43.69
C GLY E 1085 -48.34 62.24 43.82
N LYS E 1086 -48.60 61.08 44.40
CA LYS E 1086 -47.63 60.01 44.53
C LYS E 1086 -47.75 59.07 43.34
N ALA E 1087 -46.62 58.44 42.98
CA ALA E 1087 -46.59 57.52 41.84
C ALA E 1087 -46.82 56.10 42.33
N HIS E 1088 -47.88 55.47 41.85
CA HIS E 1088 -48.19 54.08 42.20
C HIS E 1088 -47.80 53.13 41.08
N PHE E 1089 -47.06 52.08 41.43
CA PHE E 1089 -46.64 51.07 40.48
C PHE E 1089 -47.24 49.73 40.86
N PRO E 1090 -47.51 48.85 39.90
CA PRO E 1090 -48.07 47.54 40.26
C PRO E 1090 -47.03 46.64 40.88
N ARG E 1091 -47.46 45.84 41.87
CA ARG E 1091 -46.53 44.92 42.50
C ARG E 1091 -46.27 43.69 41.67
N GLU E 1092 -47.31 43.10 41.09
CA GLU E 1092 -47.17 41.85 40.37
C GLU E 1092 -47.60 41.91 38.91
N GLY E 1093 -48.56 42.76 38.57
CA GLY E 1093 -49.08 42.77 37.22
C GLY E 1093 -48.82 44.10 36.52
N VAL E 1094 -49.75 44.50 35.65
CA VAL E 1094 -49.69 45.75 34.91
C VAL E 1094 -51.02 46.49 35.06
N PHE E 1095 -50.97 47.79 34.84
CA PHE E 1095 -52.18 48.60 34.82
C PHE E 1095 -52.75 48.57 33.41
N VAL E 1096 -54.06 48.34 33.30
CA VAL E 1096 -54.74 48.31 32.02
C VAL E 1096 -56.00 49.14 32.09
N SER E 1097 -56.49 49.52 30.93
CA SER E 1097 -57.75 50.21 30.78
C SER E 1097 -58.50 49.62 29.60
N ASN E 1098 -59.81 49.49 29.76
CA ASN E 1098 -60.71 49.04 28.72
C ASN E 1098 -61.28 50.20 27.92
N GLY E 1099 -60.76 51.40 28.18
CA GLY E 1099 -61.18 52.62 27.54
C GLY E 1099 -61.90 53.57 28.47
N THR E 1100 -62.48 53.08 29.57
CA THR E 1100 -63.12 53.97 30.54
C THR E 1100 -62.62 53.77 31.96
N HIS E 1101 -62.37 52.52 32.38
CA HIS E 1101 -61.97 52.24 33.75
C HIS E 1101 -60.57 51.64 33.77
N TRP E 1102 -59.82 51.90 34.85
CA TRP E 1102 -58.49 51.35 35.04
C TRP E 1102 -58.50 50.21 36.06
N PHE E 1103 -57.80 49.13 35.72
CA PHE E 1103 -57.69 47.95 36.55
C PHE E 1103 -56.24 47.49 36.58
N VAL E 1104 -55.90 46.64 37.54
CA VAL E 1104 -54.58 46.01 37.60
C VAL E 1104 -54.78 44.52 37.36
N THR E 1105 -53.94 43.92 36.50
CA THR E 1105 -54.10 42.52 36.15
C THR E 1105 -52.76 41.81 36.05
N GLN E 1106 -52.78 40.51 36.34
CA GLN E 1106 -51.58 39.68 36.17
C GLN E 1106 -51.20 39.65 34.70
N ARG E 1107 -49.89 39.65 34.44
CA ARG E 1107 -49.34 39.84 33.10
C ARG E 1107 -49.74 38.76 32.10
N ASN E 1108 -49.86 37.50 32.51
CA ASN E 1108 -50.08 36.45 31.54
C ASN E 1108 -51.52 35.96 31.44
N PHE E 1109 -52.46 36.62 32.11
CA PHE E 1109 -53.86 36.20 32.02
C PHE E 1109 -54.76 37.37 32.40
N TYR E 1110 -55.65 37.78 31.50
CA TYR E 1110 -56.47 38.95 31.78
C TYR E 1110 -57.46 38.62 32.89
N GLU E 1111 -57.31 39.33 34.00
CA GLU E 1111 -58.15 39.13 35.18
C GLU E 1111 -58.18 40.46 35.92
N PRO E 1112 -59.04 41.38 35.47
CA PRO E 1112 -59.00 42.74 36.04
C PRO E 1112 -59.48 42.78 37.48
N GLN E 1113 -58.75 43.53 38.30
CA GLN E 1113 -59.07 43.75 39.69
C GLN E 1113 -59.06 45.25 39.96
N ILE E 1114 -59.82 45.67 40.97
CA ILE E 1114 -59.84 47.07 41.37
C ILE E 1114 -58.45 47.40 41.90
N ILE E 1115 -57.95 48.58 41.53
CA ILE E 1115 -56.61 48.98 41.95
C ILE E 1115 -56.69 49.50 43.37
N THR E 1116 -55.91 48.88 44.26
CA THR E 1116 -55.91 49.21 45.68
C THR E 1116 -54.47 49.33 46.16
N THR E 1117 -54.33 49.80 47.40
CA THR E 1117 -53.03 49.94 48.04
C THR E 1117 -52.40 48.60 48.42
N ASP E 1118 -53.14 47.49 48.30
CA ASP E 1118 -52.61 46.17 48.64
C ASP E 1118 -51.95 45.46 47.48
N ASN E 1119 -52.07 46.00 46.26
CA ASN E 1119 -51.49 45.36 45.08
C ASN E 1119 -50.60 46.33 44.31
N THR E 1120 -50.30 47.48 44.89
CA THR E 1120 -49.42 48.49 44.31
C THR E 1120 -48.44 48.95 45.38
N PHE E 1121 -47.40 49.65 44.94
CA PHE E 1121 -46.43 50.27 45.84
C PHE E 1121 -46.17 51.69 45.36
N VAL E 1122 -45.66 52.52 46.28
CA VAL E 1122 -45.45 53.93 46.02
C VAL E 1122 -43.96 54.24 46.05
N SER E 1123 -43.49 54.94 45.02
CA SER E 1123 -42.10 55.39 44.97
C SER E 1123 -42.04 56.68 44.17
N GLY E 1124 -41.70 57.79 44.84
CA GLY E 1124 -41.55 59.05 44.15
C GLY E 1124 -42.88 59.72 43.87
N ASN E 1125 -42.82 60.73 43.01
CA ASN E 1125 -43.99 61.54 42.70
C ASN E 1125 -44.29 61.47 41.20
N CYS E 1126 -45.38 62.14 40.81
CA CYS E 1126 -45.89 62.07 39.45
C CYS E 1126 -45.08 62.85 38.42
N ASP E 1127 -44.07 63.62 38.84
CA ASP E 1127 -43.33 64.45 37.89
C ASP E 1127 -42.19 63.74 37.18
N VAL E 1128 -41.88 62.50 37.52
CA VAL E 1128 -40.73 61.82 36.94
C VAL E 1128 -41.12 60.74 35.95
N VAL E 1129 -42.25 60.05 36.14
CA VAL E 1129 -42.60 58.91 35.31
C VAL E 1129 -43.24 59.40 34.01
N ILE E 1130 -42.68 58.98 32.88
CA ILE E 1130 -43.20 59.39 31.57
C ILE E 1130 -44.37 58.49 31.21
N GLY E 1131 -45.52 59.09 30.96
CA GLY E 1131 -46.71 58.32 30.64
C GLY E 1131 -47.64 58.01 31.80
N ILE E 1132 -47.38 58.58 32.98
CA ILE E 1132 -48.25 58.36 34.14
C ILE E 1132 -49.63 58.95 33.87
N VAL E 1133 -50.67 58.24 34.31
CA VAL E 1133 -52.03 58.70 34.10
C VAL E 1133 -52.71 58.95 35.44
N ASN E 1134 -53.72 59.81 35.41
CA ASN E 1134 -54.51 60.16 36.57
C ASN E 1134 -55.62 59.15 36.79
N ASN E 1135 -55.75 58.65 38.02
CA ASN E 1135 -56.84 57.76 38.40
C ASN E 1135 -56.91 57.69 39.93
N THR E 1136 -57.86 56.90 40.40
CA THR E 1136 -58.17 56.77 41.82
C THR E 1136 -57.68 55.42 42.33
N VAL E 1137 -56.96 55.45 43.45
CA VAL E 1137 -56.49 54.25 44.14
C VAL E 1137 -57.30 54.14 45.41
N TYR E 1138 -57.93 52.98 45.62
CA TYR E 1138 -58.81 52.78 46.75
C TYR E 1138 -58.06 52.17 47.92
N ASP E 1139 -58.50 52.53 49.13
CA ASP E 1139 -57.84 52.10 50.37
C ASP E 1139 -58.85 51.49 51.35
N PRO E 1140 -59.35 50.25 51.09
CA PRO E 1140 -60.34 49.52 51.90
C PRO E 1140 -60.08 49.47 53.41
N VAL F 21 43.74 -25.41 -27.92
CA VAL F 21 44.79 -24.45 -27.64
C VAL F 21 46.08 -24.88 -28.31
N GLN F 22 46.60 -24.02 -29.19
CA GLN F 22 47.87 -24.28 -29.86
C GLN F 22 48.80 -23.08 -29.74
N LEU F 23 50.09 -23.36 -29.61
CA LEU F 23 51.13 -22.34 -29.63
C LEU F 23 52.18 -22.80 -30.64
N VAL F 24 52.40 -22.00 -31.67
CA VAL F 24 53.29 -22.38 -32.76
C VAL F 24 54.43 -21.36 -32.85
N GLN F 25 55.66 -21.83 -32.68
CA GLN F 25 56.81 -20.94 -32.68
C GLN F 25 57.54 -20.98 -34.02
N SER F 26 58.40 -19.99 -34.23
CA SER F 26 59.19 -19.90 -35.44
C SER F 26 60.28 -20.98 -35.45
N GLY F 27 60.98 -21.09 -36.58
CA GLY F 27 62.02 -22.09 -36.70
C GLY F 27 63.30 -21.67 -36.02
N ALA F 28 64.28 -22.58 -36.06
CA ALA F 28 65.55 -22.37 -35.40
C ALA F 28 66.34 -21.22 -36.03
N GLU F 29 67.12 -20.55 -35.19
CA GLU F 29 67.95 -19.42 -35.60
C GLU F 29 69.37 -19.65 -35.12
N VAL F 30 70.34 -19.18 -35.90
CA VAL F 30 71.74 -19.23 -35.54
C VAL F 30 72.28 -17.81 -35.60
N LYS F 31 72.87 -17.35 -34.49
CA LYS F 31 73.35 -15.99 -34.37
C LYS F 31 74.78 -15.98 -33.84
N LYS F 32 75.49 -14.92 -34.15
CA LYS F 32 76.83 -14.65 -33.67
C LYS F 32 76.74 -13.95 -32.31
N PRO F 33 77.77 -14.09 -31.46
CA PRO F 33 77.80 -13.31 -30.20
C PRO F 33 77.71 -11.81 -30.42
N GLY F 34 76.92 -11.15 -29.57
CA GLY F 34 76.69 -9.73 -29.65
C GLY F 34 75.46 -9.34 -30.44
N ALA F 35 74.87 -10.28 -31.17
CA ALA F 35 73.69 -10.05 -31.99
C ALA F 35 72.43 -10.12 -31.14
N SER F 36 71.28 -9.96 -31.80
CA SER F 36 69.98 -10.05 -31.15
C SER F 36 69.14 -11.05 -31.94
N VAL F 37 68.28 -11.77 -31.23
CA VAL F 37 67.42 -12.79 -31.85
C VAL F 37 65.97 -12.51 -31.45
N LYS F 38 65.06 -12.74 -32.39
CA LYS F 38 63.63 -12.59 -32.13
C LYS F 38 62.94 -13.91 -32.41
N VAL F 39 62.21 -14.41 -31.41
CA VAL F 39 61.47 -15.67 -31.49
C VAL F 39 59.99 -15.38 -31.32
N SER F 40 59.20 -15.77 -32.31
CA SER F 40 57.76 -15.57 -32.25
C SER F 40 57.06 -16.77 -31.61
N CYS F 41 55.84 -16.52 -31.13
CA CYS F 41 54.95 -17.56 -30.61
C CYS F 41 53.53 -17.16 -30.97
N LYS F 42 52.93 -17.85 -31.94
CA LYS F 42 51.57 -17.55 -32.37
C LYS F 42 50.60 -18.39 -31.57
N ALA F 43 49.58 -17.74 -31.01
CA ALA F 43 48.60 -18.42 -30.18
C ALA F 43 47.29 -18.63 -30.93
N SER F 44 46.61 -19.73 -30.60
CA SER F 44 45.28 -19.96 -31.14
C SER F 44 44.51 -20.85 -30.18
N GLY F 45 43.18 -20.79 -30.30
CA GLY F 45 42.29 -21.63 -29.53
C GLY F 45 41.82 -21.03 -28.22
N TYR F 46 42.22 -19.79 -27.91
CA TYR F 46 41.83 -19.15 -26.66
C TYR F 46 41.94 -17.64 -26.84
N THR F 47 41.42 -16.91 -25.86
CA THR F 47 41.53 -15.45 -25.87
C THR F 47 42.96 -15.07 -25.51
N PHE F 48 43.69 -14.52 -26.50
CA PHE F 48 45.12 -14.25 -26.34
C PHE F 48 45.39 -13.28 -25.20
N THR F 49 44.58 -12.22 -25.08
CA THR F 49 44.85 -11.19 -24.08
C THR F 49 44.40 -11.58 -22.69
N GLY F 50 43.74 -12.72 -22.54
CA GLY F 50 43.22 -13.16 -21.26
C GLY F 50 44.20 -13.92 -20.42
N TYR F 51 45.38 -14.21 -20.95
CA TYR F 51 46.41 -14.99 -20.29
C TYR F 51 47.75 -14.29 -20.43
N TYR F 52 48.67 -14.63 -19.54
CA TYR F 52 50.03 -14.13 -19.64
C TYR F 52 50.85 -15.10 -20.46
N MET F 53 51.76 -14.57 -21.26
CA MET F 53 52.72 -15.38 -21.98
C MET F 53 54.04 -15.31 -21.23
N HIS F 54 54.58 -16.47 -20.91
CA HIS F 54 55.84 -16.58 -20.20
C HIS F 54 56.86 -17.21 -21.15
N TRP F 55 58.13 -16.93 -20.89
CA TRP F 55 59.16 -17.60 -21.65
C TRP F 55 60.07 -18.39 -20.71
N VAL F 56 60.44 -19.59 -21.15
CA VAL F 56 61.26 -20.51 -20.37
C VAL F 56 62.44 -20.93 -21.24
N ARG F 57 63.64 -20.88 -20.69
CA ARG F 57 64.84 -21.24 -21.42
C ARG F 57 65.29 -22.61 -20.93
N GLN F 58 65.79 -23.45 -21.84
CA GLN F 58 66.35 -24.75 -21.48
C GLN F 58 67.67 -24.97 -22.19
N ALA F 59 68.78 -24.75 -21.49
CA ALA F 59 70.09 -25.01 -22.08
C ALA F 59 70.26 -26.52 -22.24
N PRO F 60 71.00 -26.96 -23.28
CA PRO F 60 71.15 -28.41 -23.51
C PRO F 60 71.75 -29.13 -22.31
N GLY F 61 71.08 -30.21 -21.89
CA GLY F 61 71.55 -30.99 -20.77
C GLY F 61 71.21 -30.40 -19.43
N GLN F 62 70.54 -29.25 -19.40
CA GLN F 62 70.19 -28.51 -18.19
C GLN F 62 68.69 -28.52 -17.97
N GLY F 63 68.27 -27.90 -16.87
CA GLY F 63 66.87 -27.79 -16.52
C GLY F 63 66.25 -26.55 -17.13
N LEU F 64 65.05 -26.22 -16.65
CA LEU F 64 64.28 -25.11 -17.18
C LEU F 64 64.55 -23.85 -16.37
N GLU F 65 64.68 -22.72 -17.07
CA GLU F 65 64.88 -21.43 -16.42
C GLU F 65 63.83 -20.43 -16.90
N TRP F 66 63.14 -19.80 -15.96
CA TRP F 66 62.14 -18.79 -16.28
C TRP F 66 62.80 -17.47 -16.64
N MET F 67 62.32 -16.85 -17.74
CA MET F 67 62.90 -15.60 -18.21
C MET F 67 62.05 -14.38 -17.93
N GLY F 68 60.73 -14.51 -17.92
CA GLY F 68 59.86 -13.35 -17.81
C GLY F 68 58.51 -13.62 -18.44
N TRP F 69 57.67 -12.59 -18.40
CA TRP F 69 56.34 -12.66 -18.97
C TRP F 69 55.91 -11.33 -19.58
N ILE F 70 54.94 -11.45 -20.48
CA ILE F 70 54.27 -10.36 -21.20
C ILE F 70 52.75 -10.51 -21.05
N ASN F 71 52.09 -9.41 -20.68
CA ASN F 71 50.65 -9.28 -20.56
C ASN F 71 50.13 -8.55 -21.81
N PRO F 72 49.54 -9.28 -22.76
CA PRO F 72 49.14 -8.71 -24.06
C PRO F 72 48.16 -7.56 -24.02
N ILE F 73 47.28 -7.51 -23.02
CA ILE F 73 46.25 -6.47 -22.90
C ILE F 73 46.87 -5.09 -22.70
N SER F 74 48.00 -5.02 -22.02
CA SER F 74 48.61 -3.75 -21.68
C SER F 74 50.04 -3.67 -22.16
N SER F 75 50.55 -4.77 -22.74
CA SER F 75 51.96 -4.93 -23.13
C SER F 75 52.84 -4.75 -21.92
N GLY F 76 52.36 -5.27 -20.78
CA GLY F 76 53.14 -5.21 -19.57
C GLY F 76 54.13 -6.35 -19.48
N THR F 77 55.25 -6.11 -18.81
CA THR F 77 56.26 -7.16 -18.75
C THR F 77 56.85 -7.25 -17.36
N SER F 78 57.49 -8.38 -17.13
CA SER F 78 58.31 -8.58 -15.95
C SER F 78 59.41 -9.53 -16.39
N TYR F 79 60.62 -9.27 -15.90
CA TYR F 79 61.75 -10.09 -16.31
C TYR F 79 62.48 -10.63 -15.09
N ALA F 80 63.08 -11.81 -15.27
CA ALA F 80 63.93 -12.37 -14.25
C ALA F 80 65.17 -11.50 -14.11
N GLN F 81 65.70 -11.41 -12.88
CA GLN F 81 66.86 -10.57 -12.60
C GLN F 81 68.06 -10.96 -13.44
N THR F 82 68.18 -12.26 -13.74
CA THR F 82 69.27 -12.79 -14.57
C THR F 82 69.30 -12.12 -15.94
N PHE F 83 68.12 -11.83 -16.51
CA PHE F 83 68.00 -11.27 -17.84
C PHE F 83 67.49 -9.84 -17.84
N GLN F 84 67.54 -9.15 -16.70
CA GLN F 84 66.99 -7.80 -16.61
C GLN F 84 67.90 -6.81 -17.30
N GLY F 85 67.37 -6.09 -18.30
CA GLY F 85 68.15 -5.17 -19.08
C GLY F 85 68.70 -5.75 -20.37
N ARG F 86 68.57 -7.06 -20.58
CA ARG F 86 69.04 -7.72 -21.80
C ARG F 86 67.93 -8.17 -22.73
N VAL F 87 66.76 -8.55 -22.20
CA VAL F 87 65.69 -9.12 -23.00
C VAL F 87 64.47 -8.20 -23.02
N THR F 88 63.84 -8.09 -24.19
CA THR F 88 62.61 -7.35 -24.37
C THR F 88 61.52 -8.29 -24.87
N MET F 89 60.35 -8.25 -24.25
CA MET F 89 59.23 -9.06 -24.69
C MET F 89 58.12 -8.14 -25.18
N THR F 90 57.55 -8.48 -26.34
CA THR F 90 56.50 -7.69 -26.95
C THR F 90 55.39 -8.62 -27.42
N SER F 91 54.29 -8.03 -27.86
CA SER F 91 53.19 -8.81 -28.41
C SER F 91 52.42 -7.97 -29.41
N ASP F 92 51.70 -8.67 -30.29
CA ASP F 92 50.85 -8.07 -31.30
C ASP F 92 49.52 -8.82 -31.24
N THR F 93 48.52 -8.17 -30.65
CA THR F 93 47.21 -8.79 -30.49
C THR F 93 46.53 -9.05 -31.83
N SER F 94 46.83 -8.21 -32.83
CA SER F 94 46.17 -8.29 -34.14
C SER F 94 46.43 -9.62 -34.81
N ILE F 95 47.66 -10.14 -34.71
CA ILE F 95 48.00 -11.43 -35.29
C ILE F 95 48.14 -12.51 -34.23
N THR F 96 47.75 -12.21 -32.98
CA THR F 96 47.84 -13.10 -31.80
C THR F 96 49.23 -13.72 -31.67
N THR F 97 50.24 -12.86 -31.62
CA THR F 97 51.60 -13.39 -31.58
C THR F 97 52.44 -12.64 -30.55
N ALA F 98 53.21 -13.40 -29.78
CA ALA F 98 54.16 -12.84 -28.82
C ALA F 98 55.54 -12.91 -29.44
N TYR F 99 56.39 -11.95 -29.08
CA TYR F 99 57.76 -11.93 -29.55
C TYR F 99 58.76 -11.80 -28.41
N MET F 100 59.88 -12.48 -28.59
CA MET F 100 61.05 -12.41 -27.75
C MET F 100 62.17 -11.72 -28.52
N GLU F 101 62.80 -10.72 -27.92
CA GLU F 101 63.99 -10.12 -28.50
C GLU F 101 65.09 -10.20 -27.45
N LEU F 102 66.08 -11.05 -27.69
CA LEU F 102 67.18 -11.21 -26.76
C LEU F 102 68.43 -10.58 -27.36
N SER F 103 68.96 -9.57 -26.67
CA SER F 103 70.10 -8.81 -27.16
C SER F 103 71.35 -9.23 -26.42
N ARG F 104 72.50 -8.75 -26.92
CA ARG F 104 73.83 -8.94 -26.31
C ARG F 104 74.13 -10.42 -26.06
N LEU F 105 73.94 -11.22 -27.10
CA LEU F 105 74.13 -12.66 -27.00
C LEU F 105 75.57 -13.05 -26.70
N ARG F 106 75.70 -14.13 -25.94
CA ARG F 106 76.97 -14.75 -25.58
C ARG F 106 76.81 -16.24 -25.82
N SER F 107 77.92 -16.97 -25.81
CA SER F 107 77.91 -18.40 -26.11
C SER F 107 77.09 -19.22 -25.12
N ASP F 108 76.89 -18.70 -23.91
CA ASP F 108 76.14 -19.39 -22.87
C ASP F 108 74.63 -19.36 -23.12
N ASP F 109 74.15 -18.63 -24.12
CA ASP F 109 72.73 -18.53 -24.39
C ASP F 109 72.21 -19.52 -25.41
N THR F 110 73.05 -20.44 -25.91
CA THR F 110 72.54 -21.48 -26.81
C THR F 110 71.59 -22.35 -26.01
N ALA F 111 70.34 -22.43 -26.45
CA ALA F 111 69.31 -23.14 -25.71
C ALA F 111 68.04 -23.29 -26.54
N VAL F 112 67.13 -24.13 -26.04
CA VAL F 112 65.80 -24.25 -26.63
C VAL F 112 64.89 -23.32 -25.83
N TYR F 113 64.19 -22.43 -26.52
CA TYR F 113 63.33 -21.43 -25.92
C TYR F 113 61.86 -21.81 -26.11
N TYR F 114 61.14 -21.93 -25.00
CA TYR F 114 59.73 -22.28 -25.02
C TYR F 114 58.86 -21.10 -24.61
N CYS F 115 57.70 -20.98 -25.26
CA CYS F 115 56.67 -20.04 -24.85
C CYS F 115 55.63 -20.84 -24.07
N ALA F 116 55.07 -20.24 -23.03
CA ALA F 116 54.13 -20.95 -22.17
C ALA F 116 52.98 -20.05 -21.77
N ARG F 117 51.80 -20.64 -21.65
CA ARG F 117 50.57 -19.94 -21.33
C ARG F 117 50.29 -20.11 -19.85
N ALA F 118 50.01 -19.00 -19.16
CA ALA F 118 49.64 -19.09 -17.76
C ALA F 118 48.54 -18.07 -17.49
N ALA F 119 47.77 -18.31 -16.42
CA ALA F 119 46.70 -17.39 -16.11
C ALA F 119 47.27 -16.07 -15.59
N PRO F 120 46.53 -14.97 -15.69
CA PRO F 120 46.97 -13.71 -15.10
C PRO F 120 46.89 -13.72 -13.59
N PHE F 121 47.56 -12.74 -12.97
CA PHE F 121 47.64 -12.65 -11.51
C PHE F 121 46.31 -12.40 -10.83
N TYR F 122 45.24 -12.09 -11.55
CA TYR F 122 43.96 -11.85 -10.92
C TYR F 122 43.12 -13.11 -10.77
N ASP F 123 43.64 -14.26 -11.20
CA ASP F 123 42.94 -15.53 -11.07
C ASP F 123 42.75 -15.82 -9.58
N PHE F 124 41.50 -16.12 -9.19
CA PHE F 124 41.16 -16.36 -7.79
C PHE F 124 41.91 -17.56 -7.23
N TRP F 125 42.29 -18.49 -8.08
CA TRP F 125 43.00 -19.70 -7.67
C TRP F 125 44.48 -19.36 -7.75
N SER F 126 45.34 -20.31 -8.09
CA SER F 126 46.71 -19.95 -8.40
C SER F 126 47.03 -20.42 -9.81
N GLY F 127 46.30 -19.88 -10.79
CA GLY F 127 46.53 -20.27 -12.16
C GLY F 127 47.75 -19.66 -12.77
N TYR F 128 48.31 -18.66 -12.09
CA TYR F 128 49.50 -17.95 -12.53
C TYR F 128 50.76 -18.65 -12.08
N SER F 129 50.61 -19.66 -11.23
CA SER F 129 51.74 -20.36 -10.64
C SER F 129 52.25 -21.46 -11.54
N TYR F 130 51.44 -21.92 -12.49
CA TYR F 130 51.82 -23.02 -13.36
C TYR F 130 51.44 -22.72 -14.80
N PHE F 131 52.15 -23.37 -15.72
CA PHE F 131 52.00 -23.18 -17.14
C PHE F 131 51.18 -24.34 -17.69
N ASP F 132 50.02 -24.05 -18.27
CA ASP F 132 49.16 -25.15 -18.68
C ASP F 132 49.34 -25.58 -20.14
N TYR F 133 49.83 -24.71 -21.02
CA TYR F 133 50.09 -25.08 -22.40
C TYR F 133 51.45 -24.58 -22.83
N TRP F 134 52.17 -25.40 -23.62
CA TRP F 134 53.49 -25.03 -24.10
C TRP F 134 53.53 -25.16 -25.61
N GLY F 135 54.31 -24.31 -26.26
CA GLY F 135 54.55 -24.42 -27.68
C GLY F 135 55.74 -25.31 -27.96
N GLN F 136 55.99 -25.56 -29.24
CA GLN F 136 57.19 -26.31 -29.59
C GLN F 136 58.40 -25.39 -29.42
N GLY F 137 59.50 -25.94 -28.94
CA GLY F 137 60.66 -25.12 -28.67
C GLY F 137 61.37 -24.62 -29.91
N THR F 138 61.99 -23.45 -29.78
CA THR F 138 62.82 -22.87 -30.83
C THR F 138 64.29 -22.97 -30.41
N LEU F 139 65.10 -23.63 -31.23
CA LEU F 139 66.51 -23.78 -30.90
C LEU F 139 67.28 -22.54 -31.33
N VAL F 140 68.03 -21.94 -30.40
CA VAL F 140 68.88 -20.81 -30.71
C VAL F 140 70.32 -21.20 -30.40
N THR F 141 71.18 -21.10 -31.40
CA THR F 141 72.59 -21.44 -31.28
C THR F 141 73.41 -20.15 -31.35
N VAL F 142 74.35 -19.99 -30.43
CA VAL F 142 75.18 -18.78 -30.42
C VAL F 142 76.65 -19.18 -30.47
N GLU G 21 67.78 -16.23 -3.58
CA GLU G 21 66.48 -16.80 -3.92
C GLU G 21 66.36 -18.22 -3.37
N ILE G 22 65.21 -18.85 -3.64
CA ILE G 22 64.93 -20.19 -3.15
C ILE G 22 65.62 -21.21 -4.05
N VAL G 23 66.22 -22.23 -3.44
CA VAL G 23 66.86 -23.31 -4.17
C VAL G 23 65.88 -24.48 -4.24
N MET G 24 65.66 -24.99 -5.44
CA MET G 24 64.76 -26.10 -5.70
C MET G 24 65.55 -27.37 -5.97
N MET G 25 65.38 -28.38 -5.12
CA MET G 25 66.20 -29.59 -5.22
C MET G 25 65.30 -30.81 -5.40
N GLN G 26 65.54 -31.57 -6.45
CA GLN G 26 64.79 -32.80 -6.73
C GLN G 26 65.61 -34.03 -6.39
N SER G 27 64.89 -35.13 -6.13
CA SER G 27 65.58 -36.38 -5.82
C SER G 27 64.74 -37.60 -6.19
N PRO G 28 65.38 -38.69 -6.68
CA PRO G 28 66.79 -38.85 -7.03
C PRO G 28 67.12 -38.18 -8.36
N GLY G 29 68.40 -37.85 -8.61
CA GLY G 29 68.77 -37.25 -9.88
C GLY G 29 68.45 -38.12 -11.09
N THR G 30 68.63 -39.43 -10.97
CA THR G 30 68.26 -40.35 -12.02
C THR G 30 67.47 -41.50 -11.39
N LEU G 31 66.36 -41.87 -12.00
CA LEU G 31 65.58 -43.01 -11.55
C LEU G 31 65.67 -44.12 -12.58
N SER G 32 65.79 -45.36 -12.13
CA SER G 32 65.83 -46.52 -13.01
C SER G 32 64.84 -47.57 -12.54
N LEU G 33 63.90 -47.94 -13.40
CA LEU G 33 62.89 -48.93 -13.04
C LEU G 33 62.32 -49.52 -14.32
N SER G 34 61.48 -50.56 -14.15
CA SER G 34 60.87 -51.31 -15.24
C SER G 34 59.43 -50.88 -15.47
N PRO G 35 58.92 -51.06 -16.70
CA PRO G 35 57.50 -50.83 -16.96
C PRO G 35 56.60 -51.70 -16.10
N GLY G 36 55.48 -51.14 -15.65
CA GLY G 36 54.56 -51.85 -14.79
C GLY G 36 54.73 -51.59 -13.31
N GLU G 37 55.84 -50.99 -12.89
CA GLU G 37 56.10 -50.72 -11.48
C GLU G 37 55.69 -49.30 -11.11
N ARG G 38 55.77 -49.02 -9.82
CA ARG G 38 55.42 -47.72 -9.26
C ARG G 38 56.70 -46.89 -9.09
N ALA G 39 56.56 -45.57 -9.28
CA ALA G 39 57.68 -44.65 -9.09
C ALA G 39 57.28 -43.50 -8.19
N THR G 40 58.21 -43.07 -7.33
CA THR G 40 58.00 -41.87 -6.52
C THR G 40 59.21 -40.95 -6.67
N LEU G 41 58.93 -39.69 -7.00
CA LEU G 41 59.92 -38.63 -7.10
C LEU G 41 59.64 -37.58 -6.03
N SER G 42 60.70 -36.93 -5.52
CA SER G 42 60.52 -35.94 -4.48
C SER G 42 61.07 -34.59 -4.92
N CYS G 43 60.49 -33.53 -4.35
CA CYS G 43 60.91 -32.16 -4.57
C CYS G 43 61.00 -31.45 -3.23
N ARG G 44 62.17 -30.88 -2.94
CA ARG G 44 62.45 -30.17 -1.71
C ARG G 44 62.68 -28.68 -2.02
N ALA G 45 62.36 -27.84 -1.04
CA ALA G 45 62.53 -26.41 -1.16
C ALA G 45 63.27 -25.85 0.05
N SER G 46 64.05 -24.80 -0.20
CA SER G 46 64.73 -24.08 0.88
C SER G 46 63.74 -23.45 1.87
N GLN G 47 62.65 -22.88 1.36
CA GLN G 47 61.67 -22.17 2.15
C GLN G 47 60.31 -22.84 2.00
N SER G 48 59.44 -22.60 2.99
CA SER G 48 58.10 -23.18 2.98
C SER G 48 57.34 -22.72 1.75
N VAL G 49 56.60 -23.65 1.14
CA VAL G 49 55.85 -23.38 -0.08
C VAL G 49 54.39 -23.73 0.10
N SER G 50 53.50 -22.79 -0.24
CA SER G 50 52.07 -23.02 -0.23
C SER G 50 51.74 -24.10 -1.24
N SER G 51 50.79 -24.98 -0.89
CA SER G 51 50.46 -26.11 -1.77
C SER G 51 49.90 -25.64 -3.11
N SER G 52 49.26 -24.45 -3.14
CA SER G 52 48.64 -23.91 -4.34
C SER G 52 49.65 -23.53 -5.42
N TYR G 53 50.93 -23.38 -5.08
CA TYR G 53 51.94 -22.92 -6.01
C TYR G 53 52.90 -24.00 -6.48
N LEU G 54 52.63 -25.28 -6.23
CA LEU G 54 53.55 -26.34 -6.63
C LEU G 54 52.97 -27.11 -7.81
N ALA G 55 53.80 -27.37 -8.83
CA ALA G 55 53.36 -28.09 -10.02
C ALA G 55 54.43 -29.05 -10.50
N TRP G 56 54.00 -30.07 -11.23
CA TRP G 56 54.87 -31.06 -11.85
C TRP G 56 54.62 -31.06 -13.36
N TYR G 57 55.72 -31.18 -14.12
CA TYR G 57 55.72 -31.23 -15.58
C TYR G 57 56.49 -32.44 -16.11
N GLN G 58 56.01 -32.98 -17.23
CA GLN G 58 56.67 -34.07 -17.93
C GLN G 58 57.21 -33.56 -19.26
N GLN G 59 58.50 -33.77 -19.50
CA GLN G 59 59.15 -33.40 -20.75
C GLN G 59 59.71 -34.66 -21.40
N LYS G 60 59.11 -35.09 -22.50
CA LYS G 60 59.62 -36.22 -23.24
C LYS G 60 60.78 -35.76 -24.12
N PRO G 61 61.76 -36.64 -24.38
CA PRO G 61 62.90 -36.25 -25.23
C PRO G 61 62.45 -35.78 -26.61
N GLY G 62 62.96 -34.62 -27.03
CA GLY G 62 62.65 -34.06 -28.31
C GLY G 62 61.33 -33.32 -28.34
N GLN G 63 60.61 -33.26 -27.22
CA GLN G 63 59.29 -32.66 -27.13
C GLN G 63 59.28 -31.57 -26.07
N ALA G 64 58.28 -30.70 -26.19
CA ALA G 64 58.09 -29.65 -25.19
C ALA G 64 57.54 -30.23 -23.89
N PRO G 65 57.83 -29.59 -22.75
CA PRO G 65 57.22 -30.03 -21.48
C PRO G 65 55.71 -29.86 -21.53
N ARG G 66 55.00 -30.74 -20.82
CA ARG G 66 53.56 -30.63 -20.69
C ARG G 66 53.16 -30.75 -19.22
N LEU G 67 52.11 -30.01 -18.86
CA LEU G 67 51.66 -29.98 -17.48
C LEU G 67 51.02 -31.31 -17.09
N LEU G 68 51.42 -31.82 -15.93
CA LEU G 68 50.81 -33.01 -15.35
C LEU G 68 50.03 -32.70 -14.08
N ILE G 69 50.70 -32.14 -13.08
CA ILE G 69 50.07 -31.85 -11.80
C ILE G 69 50.23 -30.38 -11.47
N TYR G 70 49.17 -29.76 -10.93
CA TYR G 70 49.22 -28.39 -10.47
C TYR G 70 48.52 -28.34 -9.12
N GLY G 71 48.81 -27.29 -8.35
CA GLY G 71 48.08 -27.10 -7.10
C GLY G 71 48.33 -28.14 -6.03
N ALA G 72 49.46 -28.85 -6.12
CA ALA G 72 50.00 -29.92 -5.28
C ALA G 72 49.36 -31.24 -5.70
N SER G 73 48.05 -31.40 -5.49
CA SER G 73 47.44 -32.71 -5.69
C SER G 73 46.47 -32.77 -6.86
N SER G 74 46.25 -31.67 -7.59
CA SER G 74 45.26 -31.65 -8.66
C SER G 74 45.86 -32.10 -9.99
N ARG G 75 45.19 -33.00 -10.68
CA ARG G 75 45.62 -33.45 -12.00
C ARG G 75 45.26 -32.41 -13.06
N ALA G 76 46.13 -32.23 -14.03
CA ALA G 76 45.82 -31.35 -15.15
C ALA G 76 44.81 -32.01 -16.08
N THR G 77 44.15 -31.17 -16.89
CA THR G 77 43.14 -31.64 -17.83
C THR G 77 43.73 -32.65 -18.82
N GLY G 78 43.07 -33.79 -18.97
CA GLY G 78 43.50 -34.77 -19.95
C GLY G 78 44.51 -35.76 -19.43
N ILE G 79 44.85 -35.70 -18.15
CA ILE G 79 45.92 -36.52 -17.58
C ILE G 79 45.35 -37.79 -16.98
N PRO G 80 45.91 -38.96 -17.34
CA PRO G 80 45.46 -40.24 -16.77
C PRO G 80 45.59 -40.29 -15.26
N ASP G 81 44.70 -41.07 -14.64
CA ASP G 81 44.63 -41.24 -13.19
C ASP G 81 45.85 -41.94 -12.60
N ARG G 82 46.75 -42.47 -13.44
CA ARG G 82 47.99 -43.10 -12.98
C ARG G 82 48.90 -42.11 -12.26
N PHE G 83 48.77 -40.81 -12.56
CA PHE G 83 49.65 -39.79 -12.00
C PHE G 83 48.96 -39.16 -10.80
N SER G 84 49.68 -39.04 -9.69
CA SER G 84 49.15 -38.50 -8.46
C SER G 84 50.25 -37.73 -7.77
N GLY G 85 49.88 -36.75 -6.95
CA GLY G 85 50.86 -35.99 -6.22
C GLY G 85 50.38 -35.78 -4.81
N SER G 86 51.19 -35.05 -4.02
CA SER G 86 50.94 -34.77 -2.62
C SER G 86 52.11 -33.97 -2.08
N GLY G 87 51.92 -33.41 -0.89
CA GLY G 87 52.99 -32.71 -0.23
C GLY G 87 52.55 -31.42 0.44
N SER G 88 53.44 -30.87 1.26
CA SER G 88 53.17 -29.63 1.98
C SER G 88 54.51 -29.10 2.47
N GLY G 89 54.49 -27.84 2.92
CA GLY G 89 55.67 -27.23 3.52
C GLY G 89 56.76 -27.15 2.47
N THR G 90 57.86 -27.84 2.75
CA THR G 90 59.01 -27.85 1.88
C THR G 90 59.16 -29.20 1.17
N ASP G 91 58.25 -30.15 1.43
CA ASP G 91 58.40 -31.53 0.96
C ASP G 91 57.20 -31.91 0.10
N PHE G 92 57.43 -32.14 -1.19
CA PHE G 92 56.36 -32.53 -2.11
C PHE G 92 56.79 -33.79 -2.84
N THR G 93 55.82 -34.63 -3.22
CA THR G 93 56.14 -35.83 -3.98
C THR G 93 55.16 -36.02 -5.13
N LEU G 94 55.67 -36.69 -6.16
CA LEU G 94 54.92 -37.14 -7.34
C LEU G 94 55.01 -38.65 -7.45
N THR G 95 53.87 -39.33 -7.59
CA THR G 95 53.85 -40.78 -7.69
C THR G 95 53.19 -41.20 -9.00
N ILE G 96 53.82 -42.13 -9.70
CA ILE G 96 53.28 -42.75 -10.91
C ILE G 96 52.97 -44.19 -10.53
N SER G 97 51.67 -44.50 -10.36
CA SER G 97 51.24 -45.85 -9.97
C SER G 97 51.72 -46.93 -10.95
N ARG G 98 51.62 -46.67 -12.26
CA ARG G 98 52.07 -47.63 -13.26
C ARG G 98 52.72 -46.92 -14.41
N LEU G 99 53.88 -47.39 -14.85
CA LEU G 99 54.62 -46.76 -15.93
C LEU G 99 54.36 -47.44 -17.27
N GLU G 100 54.27 -46.62 -18.31
CA GLU G 100 54.12 -47.04 -19.70
C GLU G 100 55.38 -46.55 -20.41
N PRO G 101 55.70 -47.06 -21.63
CA PRO G 101 56.91 -46.60 -22.34
C PRO G 101 57.02 -45.08 -22.52
N GLU G 102 55.88 -44.40 -22.63
CA GLU G 102 55.82 -42.95 -22.81
C GLU G 102 56.23 -42.20 -21.55
N ASP G 103 56.26 -42.87 -20.40
CA ASP G 103 56.53 -42.25 -19.11
C ASP G 103 58.01 -42.16 -18.78
N PHE G 104 58.89 -42.66 -19.64
CA PHE G 104 60.34 -42.62 -19.42
C PHE G 104 60.87 -41.29 -19.94
N ALA G 105 60.53 -40.24 -19.21
CA ALA G 105 60.85 -38.88 -19.60
C ALA G 105 61.46 -38.12 -18.44
N VAL G 106 61.67 -36.81 -18.60
CA VAL G 106 62.24 -35.99 -17.52
C VAL G 106 61.09 -35.27 -16.81
N TYR G 107 61.06 -35.36 -15.48
CA TYR G 107 60.01 -34.73 -14.69
C TYR G 107 60.59 -33.55 -13.91
N TYR G 108 59.88 -32.42 -13.95
CA TYR G 108 60.31 -31.22 -13.24
C TYR G 108 59.27 -30.79 -12.22
N CYS G 109 59.74 -30.24 -11.10
CA CYS G 109 58.87 -29.57 -10.15
C CYS G 109 59.07 -28.07 -10.34
N GLN G 110 57.99 -27.31 -10.23
CA GLN G 110 58.02 -25.86 -10.38
C GLN G 110 57.24 -25.20 -9.27
N GLN G 111 57.71 -24.02 -8.83
CA GLN G 111 57.09 -23.26 -7.77
C GLN G 111 57.08 -21.77 -8.08
N TYR G 112 56.05 -21.08 -7.61
CA TYR G 112 55.97 -19.64 -7.70
C TYR G 112 56.12 -19.05 -6.31
N GLY G 113 56.84 -17.95 -6.21
CA GLY G 113 56.95 -17.23 -4.95
C GLY G 113 57.50 -15.89 -5.34
N SER G 114 57.45 -14.92 -4.40
CA SER G 114 57.94 -13.56 -4.65
C SER G 114 57.26 -13.11 -5.93
N SER G 115 58.05 -12.76 -6.93
CA SER G 115 57.52 -12.37 -8.23
C SER G 115 58.23 -13.20 -9.30
N ALA G 116 58.57 -14.45 -8.96
CA ALA G 116 59.33 -15.33 -9.84
C ALA G 116 58.86 -16.78 -9.77
N TRP G 117 59.14 -17.49 -10.87
CA TRP G 117 58.85 -18.90 -11.06
C TRP G 117 60.17 -19.67 -11.10
N THR G 118 60.34 -20.62 -10.19
CA THR G 118 61.59 -21.37 -10.05
C THR G 118 61.33 -22.83 -10.40
N PHE G 119 62.22 -23.40 -11.21
CA PHE G 119 62.17 -24.81 -11.60
C PHE G 119 63.29 -25.58 -10.93
N GLY G 120 63.04 -26.88 -10.73
CA GLY G 120 64.06 -27.77 -10.23
C GLY G 120 65.00 -28.22 -11.33
N GLN G 121 65.98 -29.04 -10.94
CA GLN G 121 67.02 -29.47 -11.87
C GLN G 121 66.54 -30.56 -12.82
N GLY G 122 65.42 -31.22 -12.52
CA GLY G 122 64.94 -32.30 -13.36
C GLY G 122 65.38 -33.67 -12.92
N THR G 123 64.50 -34.66 -13.08
CA THR G 123 64.82 -36.06 -12.79
C THR G 123 64.54 -36.90 -14.01
N LYS G 124 65.47 -37.79 -14.35
CA LYS G 124 65.33 -38.62 -15.54
C LYS G 124 64.74 -39.97 -15.15
N VAL G 125 63.74 -40.42 -15.91
CA VAL G 125 63.13 -41.71 -15.66
C VAL G 125 63.39 -42.65 -16.84
N VAL H 21 26.93 -39.86 -31.85
CA VAL H 21 26.75 -41.00 -30.97
C VAL H 21 27.39 -42.22 -31.60
N GLN H 22 28.11 -43.02 -30.81
CA GLN H 22 28.73 -44.24 -31.30
C GLN H 22 28.74 -45.27 -30.18
N LEU H 23 28.72 -46.54 -30.58
CA LEU H 23 28.83 -47.68 -29.68
C LEU H 23 29.84 -48.64 -30.29
N VAL H 24 31.05 -48.71 -29.74
CA VAL H 24 32.10 -49.54 -30.30
C VAL H 24 32.29 -50.77 -29.43
N GLN H 25 32.11 -51.95 -29.99
CA GLN H 25 32.20 -53.20 -29.25
C GLN H 25 33.53 -53.87 -29.50
N SER H 26 33.85 -54.84 -28.63
CA SER H 26 35.08 -55.60 -28.75
C SER H 26 35.00 -56.56 -29.94
N GLY H 27 36.13 -57.21 -30.23
CA GLY H 27 36.18 -58.13 -31.35
C GLY H 27 35.56 -59.47 -31.03
N ALA H 28 35.55 -60.33 -32.05
CA ALA H 28 34.92 -61.64 -31.94
C ALA H 28 35.65 -62.53 -30.95
N GLU H 29 34.88 -63.40 -30.30
CA GLU H 29 35.39 -64.33 -29.31
C GLU H 29 34.93 -65.74 -29.65
N VAL H 30 35.78 -66.72 -29.36
CA VAL H 30 35.45 -68.13 -29.53
C VAL H 30 35.65 -68.80 -28.18
N LYS H 31 34.60 -69.49 -27.70
CA LYS H 31 34.62 -70.11 -26.38
C LYS H 31 34.15 -71.55 -26.48
N LYS H 32 34.59 -72.35 -25.52
CA LYS H 32 34.14 -73.73 -25.38
C LYS H 32 32.84 -73.78 -24.57
N PRO H 33 32.01 -74.81 -24.78
CA PRO H 33 30.82 -74.98 -23.95
C PRO H 33 31.14 -75.07 -22.45
N GLY H 34 30.31 -74.42 -21.64
CA GLY H 34 30.50 -74.36 -20.21
C GLY H 34 31.26 -73.15 -19.72
N ALA H 35 31.91 -72.43 -20.62
CA ALA H 35 32.71 -71.26 -20.30
C ALA H 35 31.81 -70.03 -20.15
N SER H 36 32.45 -68.89 -19.90
CA SER H 36 31.76 -67.61 -19.79
C SER H 36 32.45 -66.63 -20.73
N VAL H 37 31.67 -65.72 -21.29
CA VAL H 37 32.22 -64.73 -22.23
C VAL H 37 31.81 -63.33 -21.77
N LYS H 38 32.72 -62.37 -21.93
CA LYS H 38 32.44 -60.98 -21.60
C LYS H 38 32.63 -60.13 -22.84
N VAL H 39 31.60 -59.37 -23.19
CA VAL H 39 31.60 -58.50 -24.36
C VAL H 39 31.42 -57.06 -23.89
N SER H 40 32.38 -56.20 -24.24
CA SER H 40 32.34 -54.80 -23.88
C SER H 40 31.65 -53.98 -24.97
N CYS H 41 30.94 -52.95 -24.56
CA CYS H 41 30.32 -51.97 -25.46
C CYS H 41 30.67 -50.58 -24.95
N LYS H 42 31.55 -49.87 -25.66
CA LYS H 42 31.95 -48.54 -25.24
C LYS H 42 31.05 -47.51 -25.89
N ALA H 43 30.52 -46.59 -25.08
CA ALA H 43 29.60 -45.58 -25.56
C ALA H 43 30.29 -44.22 -25.69
N SER H 44 29.89 -43.45 -26.71
CA SER H 44 30.39 -42.10 -26.82
C SER H 44 29.35 -41.24 -27.51
N GLY H 45 29.44 -39.93 -27.26
CA GLY H 45 28.61 -38.95 -27.91
C GLY H 45 27.35 -38.57 -27.17
N TYR H 46 27.14 -39.11 -25.96
CA TYR H 46 25.93 -38.87 -25.21
C TYR H 46 26.22 -39.14 -23.74
N THR H 47 25.27 -38.76 -22.89
CA THR H 47 25.37 -39.01 -21.45
C THR H 47 25.06 -40.49 -21.26
N PHE H 48 26.12 -41.27 -21.00
CA PHE H 48 26.00 -42.73 -20.83
C PHE H 48 25.00 -43.12 -19.75
N THR H 49 25.03 -42.43 -18.60
CA THR H 49 24.15 -42.82 -17.50
C THR H 49 22.69 -42.47 -17.76
N GLY H 50 22.40 -41.68 -18.79
CA GLY H 50 21.08 -41.14 -19.03
C GLY H 50 20.15 -42.06 -19.77
N TYR H 51 20.65 -43.23 -20.19
CA TYR H 51 19.91 -44.15 -21.03
C TYR H 51 20.15 -45.56 -20.50
N TYR H 52 19.22 -46.46 -20.81
CA TYR H 52 19.41 -47.87 -20.50
C TYR H 52 20.15 -48.55 -21.64
N MET H 53 21.08 -49.43 -21.27
CA MET H 53 21.81 -50.22 -22.25
C MET H 53 21.13 -51.58 -22.31
N HIS H 54 20.79 -52.02 -23.51
CA HIS H 54 20.12 -53.29 -23.74
C HIS H 54 21.02 -54.18 -24.55
N TRP H 55 20.83 -55.49 -24.41
CA TRP H 55 21.54 -56.42 -25.26
C TRP H 55 20.56 -57.25 -26.07
N VAL H 56 20.90 -57.45 -27.34
CA VAL H 56 20.06 -58.19 -28.29
C VAL H 56 20.91 -59.28 -28.93
N ARG H 57 20.38 -60.50 -28.97
CA ARG H 57 21.11 -61.62 -29.54
C ARG H 57 20.51 -61.93 -30.92
N GLN H 58 21.37 -62.28 -31.87
CA GLN H 58 20.91 -62.70 -33.19
C GLN H 58 21.63 -63.97 -33.64
N ALA H 59 20.98 -65.12 -33.49
CA ALA H 59 21.57 -66.35 -33.95
C ALA H 59 21.61 -66.35 -35.48
N PRO H 60 22.62 -66.99 -36.10
CA PRO H 60 22.75 -66.95 -37.57
C PRO H 60 21.51 -67.50 -38.26
N GLY H 61 20.98 -66.73 -39.21
CA GLY H 61 19.82 -67.13 -39.96
C GLY H 61 18.52 -66.90 -39.24
N GLN H 62 18.56 -66.38 -38.01
CA GLN H 62 17.42 -66.16 -37.14
C GLN H 62 17.17 -64.67 -36.94
N GLY H 63 16.12 -64.36 -36.20
CA GLY H 63 15.77 -63.00 -35.88
C GLY H 63 16.46 -62.51 -34.61
N LEU H 64 15.98 -61.38 -34.11
CA LEU H 64 16.59 -60.74 -32.95
C LEU H 64 15.88 -61.18 -31.68
N GLU H 65 16.67 -61.43 -30.63
CA GLU H 65 16.13 -61.80 -29.33
C GLU H 65 16.66 -60.87 -28.26
N TRP H 66 15.76 -60.29 -27.46
CA TRP H 66 16.15 -59.41 -26.37
C TRP H 66 16.62 -60.21 -25.16
N MET H 67 17.75 -59.79 -24.58
CA MET H 67 18.34 -60.49 -23.45
C MET H 67 18.12 -59.79 -22.11
N GLY H 68 18.07 -58.47 -22.09
CA GLY H 68 18.01 -57.74 -20.84
C GLY H 68 18.60 -56.35 -20.99
N TRP H 69 18.58 -55.63 -19.87
CA TRP H 69 19.12 -54.27 -19.82
C TRP H 69 19.77 -53.96 -18.48
N ILE H 70 20.63 -52.94 -18.54
CA ILE H 70 21.37 -52.39 -17.41
C ILE H 70 21.16 -50.87 -17.38
N ASN H 71 20.82 -50.35 -16.20
CA ASN H 71 20.75 -48.93 -15.87
C ASN H 71 22.06 -48.52 -15.20
N PRO H 72 22.94 -47.83 -15.96
CA PRO H 72 24.27 -47.42 -15.46
C PRO H 72 24.28 -46.58 -14.19
N ILE H 73 23.28 -45.72 -14.00
CA ILE H 73 23.24 -44.80 -12.85
C ILE H 73 23.10 -45.54 -11.53
N SER H 74 22.43 -46.69 -11.52
CA SER H 74 22.20 -47.42 -10.30
C SER H 74 22.70 -48.84 -10.40
N SER H 75 23.25 -49.23 -11.57
CA SER H 75 23.74 -50.57 -11.86
C SER H 75 22.61 -51.57 -11.70
N GLY H 76 21.41 -51.13 -12.04
CA GLY H 76 20.23 -51.97 -11.96
C GLY H 76 20.00 -52.76 -13.24
N THR H 77 19.51 -53.97 -13.10
CA THR H 77 19.38 -54.83 -14.26
C THR H 77 18.01 -55.47 -14.32
N SER H 78 17.69 -55.96 -15.50
CA SER H 78 16.53 -56.79 -15.72
C SER H 78 16.89 -57.75 -16.83
N TYR H 79 16.48 -58.99 -16.71
CA TYR H 79 16.82 -59.99 -17.69
C TYR H 79 15.59 -60.69 -18.22
N ALA H 80 15.67 -61.12 -19.48
CA ALA H 80 14.62 -61.93 -20.07
C ALA H 80 14.58 -63.28 -19.37
N GLN H 81 13.38 -63.85 -19.25
CA GLN H 81 13.19 -65.11 -18.54
C GLN H 81 14.02 -66.24 -19.16
N THR H 82 14.22 -66.18 -20.49
CA THR H 82 15.03 -67.17 -21.21
C THR H 82 16.46 -67.23 -20.65
N PHE H 83 17.00 -66.06 -20.28
CA PHE H 83 18.37 -65.95 -19.80
C PHE H 83 18.46 -65.61 -18.32
N GLN H 84 17.38 -65.78 -17.57
CA GLN H 84 17.38 -65.38 -16.16
C GLN H 84 18.17 -66.38 -15.34
N GLY H 85 19.19 -65.89 -14.64
CA GLY H 85 20.08 -66.75 -13.87
C GLY H 85 21.33 -67.19 -14.59
N ARG H 86 21.44 -66.91 -15.89
CA ARG H 86 22.61 -67.26 -16.67
C ARG H 86 23.49 -66.08 -17.06
N VAL H 87 22.91 -64.90 -17.28
CA VAL H 87 23.65 -63.75 -17.78
C VAL H 87 23.70 -62.64 -16.74
N THR H 88 24.86 -61.99 -16.63
CA THR H 88 25.06 -60.84 -15.77
C THR H 88 25.47 -59.65 -16.63
N MET H 89 24.82 -58.51 -16.42
CA MET H 89 25.16 -57.29 -17.15
C MET H 89 25.67 -56.25 -16.17
N THR H 90 26.78 -55.60 -16.53
CA THR H 90 27.43 -54.64 -15.64
C THR H 90 27.80 -53.40 -16.44
N SER H 91 28.26 -52.37 -15.74
CA SER H 91 28.74 -51.18 -16.43
C SER H 91 29.81 -50.50 -15.59
N ASP H 92 30.60 -49.66 -16.25
CA ASP H 92 31.62 -48.84 -15.62
C ASP H 92 31.47 -47.44 -16.21
N THR H 93 30.98 -46.51 -15.37
CA THR H 93 30.78 -45.14 -15.83
C THR H 93 32.09 -44.43 -16.12
N SER H 94 33.18 -44.81 -15.42
CA SER H 94 34.45 -44.13 -15.55
C SER H 94 35.01 -44.20 -16.96
N ILE H 95 34.86 -45.36 -17.61
CA ILE H 95 35.34 -45.55 -18.97
C ILE H 95 34.19 -45.59 -19.97
N THR H 96 32.97 -45.26 -19.52
CA THR H 96 31.73 -45.24 -20.32
C THR H 96 31.53 -46.55 -21.08
N THR H 97 31.60 -47.67 -20.36
CA THR H 97 31.54 -48.95 -21.03
C THR H 97 30.61 -49.90 -20.30
N ALA H 98 29.82 -50.66 -21.06
CA ALA H 98 28.92 -51.66 -20.53
C ALA H 98 29.52 -53.02 -20.84
N TYR H 99 29.23 -54.00 -19.98
CA TYR H 99 29.75 -55.34 -20.16
C TYR H 99 28.66 -56.40 -20.05
N MET H 100 28.85 -57.44 -20.85
CA MET H 100 28.03 -58.64 -20.87
C MET H 100 28.88 -59.79 -20.37
N GLU H 101 28.36 -60.56 -19.41
CA GLU H 101 29.00 -61.81 -18.99
C GLU H 101 27.97 -62.91 -19.13
N LEU H 102 28.18 -63.80 -20.09
CA LEU H 102 27.25 -64.90 -20.33
C LEU H 102 27.92 -66.19 -19.88
N SER H 103 27.31 -66.85 -18.90
CA SER H 103 27.87 -68.06 -18.31
C SER H 103 27.13 -69.28 -18.84
N ARG H 104 27.68 -70.46 -18.53
CA ARG H 104 27.09 -71.78 -18.83
C ARG H 104 26.74 -71.91 -20.31
N LEU H 105 27.72 -71.60 -21.16
CA LEU H 105 27.51 -71.62 -22.61
C LEU H 105 27.21 -73.02 -23.14
N ARG H 106 26.36 -73.05 -24.16
CA ARG H 106 25.98 -74.24 -24.90
C ARG H 106 26.11 -73.90 -26.39
N SER H 107 26.07 -74.94 -27.23
CA SER H 107 26.25 -74.75 -28.66
C SER H 107 25.19 -73.86 -29.30
N ASP H 108 24.02 -73.75 -28.68
CA ASP H 108 22.92 -72.94 -29.20
C ASP H 108 23.15 -71.45 -29.00
N ASP H 109 24.20 -71.04 -28.29
CA ASP H 109 24.45 -69.62 -28.04
C ASP H 109 25.39 -68.97 -29.05
N THR H 110 25.84 -69.68 -30.09
CA THR H 110 26.64 -69.04 -31.13
C THR H 110 25.76 -68.02 -31.81
N ALA H 111 26.17 -66.75 -31.78
CA ALA H 111 25.33 -65.67 -32.30
C ALA H 111 26.12 -64.38 -32.38
N VAL H 112 25.53 -63.40 -33.07
CA VAL H 112 26.07 -62.04 -33.08
C VAL H 112 25.32 -61.27 -32.00
N TYR H 113 26.07 -60.66 -31.09
CA TYR H 113 25.54 -59.93 -29.95
C TYR H 113 25.65 -58.43 -30.18
N TYR H 114 24.52 -57.73 -30.12
CA TYR H 114 24.49 -56.28 -30.31
C TYR H 114 24.16 -55.58 -29.00
N CYS H 115 24.79 -54.43 -28.77
CA CYS H 115 24.42 -53.55 -27.69
C CYS H 115 23.57 -52.44 -28.29
N ALA H 116 22.56 -52.00 -27.55
CA ALA H 116 21.65 -51.00 -28.06
C ALA H 116 21.30 -50.02 -26.96
N ARG H 117 20.88 -48.82 -27.35
CA ARG H 117 20.54 -47.77 -26.41
C ARG H 117 19.05 -47.55 -26.48
N ALA H 118 18.40 -47.52 -25.31
CA ALA H 118 16.99 -47.16 -25.18
C ALA H 118 16.85 -46.12 -24.08
N ALA H 119 15.97 -45.13 -24.29
CA ALA H 119 15.65 -44.17 -23.24
C ALA H 119 15.23 -44.89 -21.95
N PRO H 120 15.36 -44.27 -20.77
CA PRO H 120 14.84 -44.90 -19.55
C PRO H 120 13.33 -44.93 -19.49
N PHE H 121 12.82 -45.60 -18.45
CA PHE H 121 11.39 -45.76 -18.27
C PHE H 121 10.73 -44.45 -17.83
N TYR H 122 11.50 -43.57 -17.16
CA TYR H 122 11.01 -42.24 -16.82
C TYR H 122 10.60 -41.37 -18.01
N ASP H 123 11.08 -41.68 -19.22
CA ASP H 123 10.87 -40.83 -20.40
C ASP H 123 9.36 -40.68 -20.64
N PHE H 124 8.90 -39.43 -20.77
CA PHE H 124 7.47 -39.17 -20.95
C PHE H 124 6.96 -39.79 -22.25
N TRP H 125 7.76 -39.74 -23.31
CA TRP H 125 7.41 -40.39 -24.56
C TRP H 125 8.04 -41.77 -24.49
N SER H 126 7.43 -42.73 -25.17
CA SER H 126 7.82 -44.14 -24.98
C SER H 126 9.14 -44.45 -25.68
N GLY H 127 10.20 -43.80 -25.20
CA GLY H 127 11.53 -43.95 -25.75
C GLY H 127 12.19 -45.23 -25.35
N TYR H 128 11.61 -45.91 -24.36
CA TYR H 128 12.12 -47.17 -23.85
C TYR H 128 11.60 -48.35 -24.65
N SER H 129 10.66 -48.10 -25.55
CA SER H 129 10.04 -49.16 -26.33
C SER H 129 10.84 -49.51 -27.56
N TYR H 130 11.87 -48.72 -27.89
CA TYR H 130 12.63 -48.94 -29.10
C TYR H 130 14.08 -48.56 -28.86
N PHE H 131 14.94 -49.03 -29.76
CA PHE H 131 16.38 -48.84 -29.67
C PHE H 131 16.79 -47.86 -30.77
N ASP H 132 17.34 -46.72 -30.40
CA ASP H 132 17.64 -45.73 -31.43
C ASP H 132 19.05 -45.79 -31.98
N TYR H 133 20.01 -46.35 -31.25
CA TYR H 133 21.37 -46.51 -31.75
C TYR H 133 21.86 -47.91 -31.45
N TRP H 134 22.59 -48.50 -32.39
CA TRP H 134 23.12 -49.85 -32.23
C TRP H 134 24.62 -49.82 -32.49
N GLY H 135 25.36 -50.67 -31.77
CA GLY H 135 26.77 -50.85 -32.04
C GLY H 135 27.01 -51.92 -33.08
N GLN H 136 28.28 -52.08 -33.46
CA GLN H 136 28.61 -53.17 -34.37
C GLN H 136 28.55 -54.47 -33.58
N GLY H 137 28.06 -55.53 -34.21
CA GLY H 137 27.90 -56.79 -33.51
C GLY H 137 29.20 -57.49 -33.17
N THR H 138 29.17 -58.25 -32.09
CA THR H 138 30.29 -59.08 -31.67
C THR H 138 29.91 -60.53 -31.90
N LEU H 139 30.70 -61.24 -32.70
CA LEU H 139 30.41 -62.63 -33.00
C LEU H 139 30.94 -63.52 -31.88
N VAL H 140 30.07 -64.36 -31.31
CA VAL H 140 30.49 -65.32 -30.30
C VAL H 140 30.18 -66.72 -30.84
N THR H 141 31.21 -67.56 -30.92
CA THR H 141 31.11 -68.93 -31.39
C THR H 141 31.28 -69.87 -30.22
N VAL H 142 30.40 -70.85 -30.09
CA VAL H 142 30.50 -71.80 -28.99
C VAL H 142 30.55 -73.22 -29.55
N GLU I 21 3.61 -65.60 -23.59
CA GLU I 21 3.87 -64.24 -24.04
C GLU I 21 3.23 -63.98 -25.40
N ILE I 22 3.42 -62.76 -25.90
CA ILE I 22 2.84 -62.36 -27.18
C ILE I 22 3.69 -62.90 -28.32
N VAL I 23 3.02 -63.41 -29.36
CA VAL I 23 3.68 -63.91 -30.55
C VAL I 23 3.65 -62.81 -31.61
N MET I 24 4.82 -62.51 -32.16
CA MET I 24 4.98 -61.48 -33.18
C MET I 24 5.16 -62.13 -34.55
N MET I 25 4.23 -61.88 -35.47
CA MET I 25 4.26 -62.55 -36.77
C MET I 25 4.33 -61.53 -37.89
N GLN I 26 5.34 -61.66 -38.75
CA GLN I 26 5.50 -60.77 -39.90
C GLN I 26 5.08 -61.47 -41.20
N SER I 27 4.73 -60.64 -42.19
CA SER I 27 4.33 -61.18 -43.48
C SER I 27 4.59 -60.20 -44.62
N PRO I 28 5.01 -60.69 -45.81
CA PRO I 28 5.36 -62.07 -46.18
C PRO I 28 6.75 -62.43 -45.65
N GLY I 29 7.06 -63.73 -45.50
CA GLY I 29 8.38 -64.13 -45.06
C GLY I 29 9.50 -63.66 -45.96
N THR I 30 9.27 -63.69 -47.29
CA THR I 30 10.24 -63.18 -48.25
C THR I 30 9.49 -62.29 -49.23
N LEU I 31 10.04 -61.11 -49.51
CA LEU I 31 9.48 -60.22 -50.51
C LEU I 31 10.42 -60.15 -51.71
N SER I 32 9.84 -60.13 -52.91
CA SER I 32 10.63 -60.04 -54.14
C SER I 32 10.05 -58.95 -55.03
N LEU I 33 10.87 -57.94 -55.36
CA LEU I 33 10.41 -56.83 -56.18
C LEU I 33 11.62 -56.18 -56.83
N SER I 34 11.35 -55.23 -57.73
CA SER I 34 12.36 -54.53 -58.49
C SER I 34 12.62 -53.14 -57.92
N PRO I 35 13.84 -52.60 -58.14
CA PRO I 35 14.11 -51.20 -57.77
C PRO I 35 13.16 -50.23 -58.46
N GLY I 36 12.75 -49.20 -57.73
CA GLY I 36 11.81 -48.22 -58.25
C GLY I 36 10.36 -48.45 -57.90
N GLU I 37 10.01 -49.62 -57.39
CA GLU I 37 8.63 -49.94 -57.03
C GLU I 37 8.37 -49.68 -55.55
N ARG I 38 7.11 -49.83 -55.17
CA ARG I 38 6.66 -49.64 -53.80
C ARG I 38 6.57 -51.00 -53.11
N ALA I 39 6.86 -51.02 -51.80
CA ALA I 39 6.77 -52.24 -51.01
C ALA I 39 5.95 -52.00 -49.75
N THR I 40 5.16 -53.00 -49.37
CA THR I 40 4.44 -52.96 -48.10
C THR I 40 4.68 -54.27 -47.35
N LEU I 41 5.11 -54.15 -46.10
CA LEU I 41 5.33 -55.26 -45.18
C LEU I 41 4.35 -55.14 -44.01
N SER I 42 3.91 -56.27 -43.47
CA SER I 42 2.96 -56.23 -42.37
C SER I 42 3.51 -56.94 -41.14
N CYS I 43 3.03 -56.49 -39.99
CA CYS I 43 3.36 -57.06 -38.69
C CYS I 43 2.07 -57.24 -37.89
N ARG I 44 1.82 -58.47 -37.44
CA ARG I 44 0.65 -58.85 -36.68
C ARG I 44 1.07 -59.23 -35.27
N ALA I 45 0.16 -59.03 -34.32
CA ALA I 45 0.39 -59.35 -32.91
C ALA I 45 -0.76 -60.17 -32.37
N SER I 46 -0.43 -61.06 -31.43
CA SER I 46 -1.44 -61.84 -30.70
C SER I 46 -2.39 -60.96 -29.91
N GLN I 47 -1.86 -59.93 -29.26
CA GLN I 47 -2.63 -59.07 -28.38
C GLN I 47 -2.54 -57.63 -28.88
N SER I 48 -3.53 -56.82 -28.48
CA SER I 48 -3.58 -55.42 -28.89
C SER I 48 -2.33 -54.69 -28.43
N VAL I 49 -1.79 -53.83 -29.29
CA VAL I 49 -0.57 -53.10 -29.01
C VAL I 49 -0.79 -51.61 -29.19
N SER I 50 -0.41 -50.83 -28.17
CA SER I 50 -0.46 -49.38 -28.24
C SER I 50 0.48 -48.90 -29.34
N SER I 51 0.05 -47.87 -30.08
CA SER I 51 0.85 -47.38 -31.20
C SER I 51 2.21 -46.85 -30.75
N SER I 52 2.30 -46.37 -29.51
CA SER I 52 3.52 -45.80 -28.97
C SER I 52 4.64 -46.82 -28.78
N TYR I 53 4.32 -48.11 -28.77
CA TYR I 53 5.31 -49.15 -28.49
C TYR I 53 5.71 -49.96 -29.72
N LEU I 54 5.37 -49.54 -30.93
CA LEU I 54 5.70 -50.32 -32.13
C LEU I 54 6.82 -49.61 -32.90
N ALA I 55 7.82 -50.38 -33.33
CA ALA I 55 8.95 -49.83 -34.07
C ALA I 55 9.37 -50.76 -35.20
N TRP I 56 10.02 -50.17 -36.21
CA TRP I 56 10.58 -50.90 -37.34
C TRP I 56 12.07 -50.63 -37.43
N TYR I 57 12.83 -51.68 -37.75
CA TYR I 57 14.28 -51.64 -37.91
C TYR I 57 14.71 -52.22 -39.25
N GLN I 58 15.77 -51.65 -39.82
CA GLN I 58 16.38 -52.15 -41.05
C GLN I 58 17.75 -52.72 -40.73
N GLN I 59 17.99 -53.98 -41.12
CA GLN I 59 19.29 -54.62 -40.95
C GLN I 59 19.83 -55.01 -42.32
N LYS I 60 20.88 -54.33 -42.76
CA LYS I 60 21.50 -54.69 -44.02
C LYS I 60 22.45 -55.87 -43.78
N PRO I 61 22.64 -56.73 -44.79
CA PRO I 61 23.54 -57.88 -44.61
C PRO I 61 24.95 -57.44 -44.22
N GLY I 62 25.49 -58.08 -43.19
CA GLY I 62 26.82 -57.78 -42.72
C GLY I 62 26.90 -56.55 -41.83
N GLN I 63 25.77 -55.89 -41.58
CA GLN I 63 25.71 -54.65 -40.82
C GLN I 63 24.77 -54.80 -39.63
N ALA I 64 24.95 -53.92 -38.65
CA ALA I 64 24.07 -53.89 -37.51
C ALA I 64 22.70 -53.33 -37.89
N PRO I 65 21.64 -53.74 -37.18
CA PRO I 65 20.32 -53.13 -37.42
C PRO I 65 20.32 -51.65 -37.09
N ARG I 66 19.52 -50.89 -37.83
CA ARG I 66 19.34 -49.48 -37.54
C ARG I 66 17.86 -49.13 -37.50
N LEU I 67 17.52 -48.20 -36.62
CA LEU I 67 16.13 -47.80 -36.44
C LEU I 67 15.59 -47.03 -37.63
N LEU I 68 14.39 -47.38 -38.08
CA LEU I 68 13.71 -46.63 -39.11
C LEU I 68 12.50 -45.90 -38.57
N ILE I 69 11.57 -46.62 -37.94
CA ILE I 69 10.30 -46.05 -37.51
C ILE I 69 10.10 -46.35 -36.04
N TYR I 70 9.64 -45.36 -35.29
CA TYR I 70 9.27 -45.56 -33.89
C TYR I 70 7.93 -44.88 -33.65
N GLY I 71 7.23 -45.33 -32.61
CA GLY I 71 5.92 -44.79 -32.29
C GLY I 71 4.89 -45.04 -33.36
N ALA I 72 5.01 -46.17 -34.07
CA ALA I 72 4.20 -46.71 -35.17
C ALA I 72 4.41 -45.93 -36.47
N SER I 73 4.44 -44.59 -36.42
CA SER I 73 4.48 -43.81 -37.64
C SER I 73 5.58 -42.76 -37.73
N SER I 74 6.35 -42.51 -36.67
CA SER I 74 7.33 -41.44 -36.69
C SER I 74 8.65 -41.94 -37.26
N ARG I 75 9.22 -41.18 -38.18
CA ARG I 75 10.52 -41.51 -38.75
C ARG I 75 11.64 -41.18 -37.77
N ALA I 76 12.66 -42.03 -37.74
CA ALA I 76 13.84 -41.75 -36.94
C ALA I 76 14.69 -40.67 -37.62
N THR I 77 15.52 -40.00 -36.83
CA THR I 77 16.36 -38.92 -37.35
C THR I 77 17.33 -39.48 -38.38
N GLY I 78 17.44 -38.81 -39.53
CA GLY I 78 18.36 -39.25 -40.56
C GLY I 78 17.75 -40.18 -41.58
N ILE I 79 16.48 -40.55 -41.42
CA ILE I 79 15.81 -41.50 -42.30
C ILE I 79 15.13 -40.79 -43.46
N PRO I 80 15.38 -41.22 -44.70
CA PRO I 80 14.73 -40.62 -45.87
C PRO I 80 13.21 -40.74 -45.82
N ASP I 81 12.53 -39.78 -46.45
CA ASP I 81 11.08 -39.69 -46.47
C ASP I 81 10.41 -40.82 -47.26
N ARG I 82 11.19 -41.67 -47.94
CA ARG I 82 10.68 -42.83 -48.67
C ARG I 82 10.06 -43.86 -47.73
N PHE I 83 10.44 -43.87 -46.46
CA PHE I 83 9.97 -44.83 -45.48
C PHE I 83 8.82 -44.23 -44.69
N SER I 84 7.73 -44.99 -44.54
CA SER I 84 6.61 -44.54 -43.74
C SER I 84 6.00 -45.76 -43.07
N GLY I 85 5.28 -45.51 -41.98
CA GLY I 85 4.63 -46.58 -41.25
C GLY I 85 3.22 -46.16 -40.87
N SER I 86 2.42 -47.18 -40.55
CA SER I 86 1.05 -46.94 -40.11
C SER I 86 0.57 -48.17 -39.37
N GLY I 87 -0.57 -48.02 -38.69
CA GLY I 87 -1.16 -49.17 -38.05
C GLY I 87 -1.71 -48.88 -36.67
N SER I 88 -2.47 -49.85 -36.15
CA SER I 88 -3.08 -49.74 -34.84
C SER I 88 -3.51 -51.14 -34.42
N GLY I 89 -3.86 -51.27 -33.13
CA GLY I 89 -4.39 -52.52 -32.61
C GLY I 89 -3.32 -53.59 -32.73
N THR I 90 -3.66 -54.61 -33.50
CA THR I 90 -2.78 -55.75 -33.72
C THR I 90 -2.18 -55.73 -35.11
N ASP I 91 -2.51 -54.73 -35.94
CA ASP I 91 -2.14 -54.71 -37.36
C ASP I 91 -1.32 -53.47 -37.67
N PHE I 92 -0.05 -53.65 -38.02
CA PHE I 92 0.83 -52.55 -38.35
C PHE I 92 1.47 -52.83 -39.70
N THR I 93 1.78 -51.78 -40.46
CA THR I 93 2.44 -51.94 -41.75
C THR I 93 3.57 -50.93 -41.89
N LEU I 94 4.56 -51.32 -42.70
CA LEU I 94 5.67 -50.48 -43.12
C LEU I 94 5.64 -50.37 -44.64
N THR I 95 5.69 -49.15 -45.17
CA THR I 95 5.65 -48.95 -46.61
C THR I 95 6.89 -48.18 -47.07
N ILE I 96 7.50 -48.66 -48.14
CA ILE I 96 8.62 -47.97 -48.79
C ILE I 96 8.11 -47.49 -50.14
N SER I 97 8.07 -46.15 -50.32
CA SER I 97 7.48 -45.56 -51.52
C SER I 97 8.26 -45.94 -52.78
N ARG I 98 9.59 -45.93 -52.70
CA ARG I 98 10.43 -46.31 -53.84
C ARG I 98 11.70 -46.96 -53.30
N LEU I 99 12.09 -48.08 -53.89
CA LEU I 99 13.25 -48.82 -53.41
C LEU I 99 14.50 -48.50 -54.22
N GLU I 100 15.62 -48.43 -53.51
CA GLU I 100 16.95 -48.23 -54.03
C GLU I 100 17.74 -49.50 -53.69
N PRO I 101 18.90 -49.75 -54.33
CA PRO I 101 19.67 -50.99 -54.02
C PRO I 101 19.99 -51.21 -52.54
N GLU I 102 20.13 -50.12 -51.78
CA GLU I 102 20.44 -50.19 -50.35
C GLU I 102 19.26 -50.70 -49.52
N ASP I 103 18.05 -50.71 -50.09
CA ASP I 103 16.84 -51.08 -49.39
C ASP I 103 16.54 -52.57 -49.41
N PHE I 104 17.37 -53.36 -50.07
CA PHE I 104 17.18 -54.82 -50.16
C PHE I 104 17.83 -55.48 -48.96
N ALA I 105 17.18 -55.29 -47.81
CA ALA I 105 17.71 -55.74 -46.53
C ALA I 105 16.63 -56.47 -45.73
N VAL I 106 16.91 -56.81 -44.48
CA VAL I 106 15.93 -57.49 -43.63
C VAL I 106 15.26 -56.47 -42.73
N TYR I 107 13.93 -56.46 -42.70
CA TYR I 107 13.19 -55.51 -41.89
C TYR I 107 12.51 -56.23 -40.73
N TYR I 108 12.63 -55.66 -39.53
CA TYR I 108 12.04 -56.25 -38.33
C TYR I 108 11.04 -55.30 -37.68
N CYS I 109 9.98 -55.87 -37.11
CA CYS I 109 9.06 -55.12 -36.26
C CYS I 109 9.39 -55.50 -34.81
N GLN I 110 9.31 -54.52 -33.91
CA GLN I 110 9.58 -54.72 -32.51
C GLN I 110 8.50 -54.05 -31.66
N GLN I 111 8.18 -54.67 -30.53
CA GLN I 111 7.17 -54.16 -29.62
C GLN I 111 7.59 -54.32 -28.17
N TYR I 112 7.16 -53.39 -27.33
CA TYR I 112 7.36 -53.47 -25.90
C TYR I 112 6.01 -53.71 -25.23
N GLY I 113 6.01 -54.56 -24.21
CA GLY I 113 4.80 -54.76 -23.43
C GLY I 113 5.31 -55.45 -22.18
N SER I 114 4.43 -55.53 -21.15
CA SER I 114 4.78 -56.16 -19.87
C SER I 114 6.09 -55.50 -19.43
N SER I 115 7.12 -56.31 -19.25
CA SER I 115 8.43 -55.81 -18.90
C SER I 115 9.45 -56.39 -19.87
N ALA I 116 9.04 -56.58 -21.13
CA ALA I 116 9.87 -57.23 -22.13
C ALA I 116 9.69 -56.61 -23.52
N TRP I 117 10.74 -56.78 -24.33
CA TRP I 117 10.83 -56.31 -25.71
C TRP I 117 10.84 -57.53 -26.63
N THR I 118 9.86 -57.62 -27.52
CA THR I 118 9.69 -58.77 -28.40
C THR I 118 9.93 -58.34 -29.84
N PHE I 119 10.70 -59.13 -30.59
CA PHE I 119 10.98 -58.91 -32.00
C PHE I 119 10.26 -59.94 -32.85
N GLY I 120 9.95 -59.55 -34.09
CA GLY I 120 9.40 -60.48 -35.05
C GLY I 120 10.48 -61.32 -35.69
N GLN I 121 10.03 -62.22 -36.58
CA GLN I 121 10.95 -63.17 -37.20
C GLN I 121 11.79 -62.54 -38.31
N GLY I 122 11.41 -61.37 -38.83
CA GLY I 122 12.14 -60.75 -39.91
C GLY I 122 11.59 -61.05 -41.29
N THR I 123 11.66 -60.06 -42.19
CA THR I 123 11.26 -60.23 -43.58
C THR I 123 12.41 -59.82 -44.48
N LYS I 124 12.69 -60.63 -45.49
CA LYS I 124 13.80 -60.38 -46.40
C LYS I 124 13.28 -59.64 -47.64
N VAL I 125 13.98 -58.59 -48.03
CA VAL I 125 13.62 -57.84 -49.24
C VAL I 125 14.71 -57.97 -50.29
C1 NAG J . 53.03 31.13 -18.65
C2 NAG J . 53.88 30.41 -19.71
C3 NAG J . 53.75 28.89 -19.56
C4 NAG J . 54.10 28.46 -18.14
C5 NAG J . 53.23 29.23 -17.13
C6 NAG J . 53.60 28.96 -15.70
C7 NAG J . 54.39 31.41 -21.90
C8 NAG J . 53.83 31.77 -23.24
N2 NAG J . 53.52 30.84 -21.05
O3 NAG J . 54.63 28.27 -20.50
O4 NAG J . 53.87 27.06 -17.99
O5 NAG J . 53.36 30.64 -17.33
O6 NAG J . 52.64 29.48 -14.80
O7 NAG J . 55.55 31.62 -21.58
C1 NAG J . 55.13 26.36 -17.86
C2 NAG J . 54.86 24.93 -17.37
C3 NAG J . 56.17 24.13 -17.30
C4 NAG J . 56.90 24.19 -18.63
C5 NAG J . 57.11 25.62 -19.08
C6 NAG J . 57.70 25.73 -20.47
C7 NAG J . 52.87 24.75 -15.94
C8 NAG J . 52.35 24.79 -14.54
N2 NAG J . 54.19 24.93 -16.08
O3 NAG J . 55.87 22.78 -16.96
O4 NAG J . 58.17 23.55 -18.51
O5 NAG J . 55.86 26.33 -19.12
O6 NAG J . 58.45 26.93 -20.63
O7 NAG J . 52.14 24.58 -16.91
C1 NAG K . 32.69 35.61 -33.24
C2 NAG K . 33.54 36.01 -34.45
C3 NAG K . 32.97 35.42 -35.74
C4 NAG K . 32.79 33.92 -35.62
C5 NAG K . 31.96 33.58 -34.39
C6 NAG K . 31.86 32.10 -34.11
C7 NAG K . 34.81 38.09 -34.26
C8 NAG K . 34.78 39.59 -34.42
N2 NAG K . 33.67 37.44 -34.56
O3 NAG K . 33.84 35.73 -36.82
O4 NAG K . 32.13 33.42 -36.78
O5 NAG K . 32.53 34.17 -33.21
O6 NAG K . 33.09 31.43 -34.35
O7 NAG K . 35.81 37.51 -33.87
C1 NAG K . 33.01 32.59 -37.57
C2 NAG K . 32.25 32.10 -38.81
C3 NAG K . 33.16 31.26 -39.71
C4 NAG K . 34.42 32.04 -40.06
C5 NAG K . 35.13 32.53 -38.80
C6 NAG K . 36.30 33.44 -39.10
C7 NAG K . 29.85 31.88 -38.35
C8 NAG K . 28.75 30.95 -37.95
N2 NAG K . 31.07 31.34 -38.43
O3 NAG K . 32.46 30.92 -40.91
O4 NAG K . 35.31 31.21 -40.80
O5 NAG K . 34.22 33.29 -37.99
O6 NAG K . 36.13 34.12 -40.33
O7 NAG K . 29.65 33.06 -38.58
C1 NAG L . 43.09 -22.81 -0.90
C2 NAG L . 44.63 -22.89 -1.04
C3 NAG L . 45.28 -22.64 0.32
C4 NAG L . 44.79 -21.31 0.91
C5 NAG L . 43.26 -21.30 1.00
C6 NAG L . 42.68 -19.98 1.45
C7 NAG L . 45.00 -24.51 -2.85
C8 NAG L . 45.45 -25.90 -3.20
N2 NAG L . 45.03 -24.19 -1.56
O3 NAG L . 46.69 -22.60 0.18
O4 NAG L . 45.39 -21.16 2.19
O5 NAG L . 42.71 -21.57 -0.29
O6 NAG L . 42.46 -19.11 0.34
O7 NAG L . 44.59 -23.73 -3.71
C1 NAG L . 46.13 -19.91 2.36
C2 NAG L . 46.92 -19.98 3.67
C3 NAG L . 47.69 -18.68 3.90
C4 NAG L . 48.58 -18.38 2.70
C5 NAG L . 47.74 -18.35 1.42
C6 NAG L . 48.56 -18.16 0.17
C7 NAG L . 45.85 -21.49 5.28
C8 NAG L . 44.92 -21.60 6.45
N2 NAG L . 46.05 -20.26 4.80
O3 NAG L . 48.45 -18.80 5.09
O4 NAG L . 49.19 -17.11 2.85
O5 NAG L . 47.03 -19.60 1.26
O6 NAG L . 49.75 -18.93 0.22
O7 NAG L . 46.40 -22.47 4.80
C1 BMA L . 50.60 -17.20 3.14
C2 BMA L . 51.24 -15.83 2.82
C3 BMA L . 52.72 -15.86 3.17
C4 BMA L . 52.93 -16.31 4.64
C5 BMA L . 52.23 -17.68 4.89
C6 BMA L . 52.34 -18.16 6.33
O2 BMA L . 50.65 -14.80 3.60
O3 BMA L . 53.34 -14.60 2.96
O4 BMA L . 54.31 -16.37 4.97
O5 BMA L . 50.82 -17.60 4.51
O6 BMA L . 52.22 -19.58 6.32
C1 FUC L . 42.98 -17.80 0.64
C2 FUC L . 43.89 -17.35 -0.53
C3 FUC L . 43.02 -17.15 -1.81
C4 FUC L . 41.90 -16.15 -1.54
C5 FUC L . 41.08 -16.64 -0.33
C6 FUC L . 39.96 -15.67 0.06
O2 FUC L . 44.97 -18.23 -0.78
O3 FUC L . 43.80 -16.75 -2.94
O4 FUC L . 42.44 -14.86 -1.27
O5 FUC L . 41.94 -16.86 0.83
C1 NAG M . -25.15 57.29 37.36
C2 NAG M . -25.15 58.77 37.77
C3 NAG M . -25.34 59.64 36.54
C4 NAG M . -24.27 59.34 35.50
C5 NAG M . -24.31 57.85 35.15
C6 NAG M . -23.21 57.42 34.20
C7 NAG M . -25.97 59.04 40.07
C8 NAG M . -27.16 59.33 40.93
N2 NAG M . -26.19 59.03 38.75
O3 NAG M . -25.26 61.01 36.94
O4 NAG M . -24.49 60.13 34.33
O5 NAG M . -24.15 57.06 36.34
O6 NAG M . -23.25 56.01 33.98
O7 NAG M . -24.86 58.82 40.54
C1 NAG M . -23.39 61.06 34.16
C2 NAG M . -23.45 61.65 32.75
C3 NAG M . -22.32 62.67 32.55
C4 NAG M . -22.38 63.73 33.63
C5 NAG M . -22.36 63.10 35.02
C6 NAG M . -22.55 64.10 36.13
C7 NAG M . -24.45 60.03 31.20
C8 NAG M . -24.19 58.97 30.18
N2 NAG M . -23.37 60.61 31.74
O3 NAG M . -22.44 63.27 31.26
O4 NAG M . -21.27 64.62 33.51
O5 NAG M . -23.42 62.14 35.15
O6 NAG M . -21.40 64.20 36.95
O7 NAG M . -25.58 60.36 31.52
C1 NAG N . -30.44 56.91 16.23
C2 NAG N . -30.66 58.42 16.14
C3 NAG N . -30.08 58.95 14.83
C4 NAG N . -28.61 58.55 14.70
C5 NAG N . -28.47 57.04 14.81
C6 NAG N . -27.03 56.56 14.82
C7 NAG N . -32.57 59.52 17.21
C8 NAG N . -34.05 59.75 17.17
N2 NAG N . -32.07 58.75 16.24
O3 NAG N . -30.21 60.37 14.80
O4 NAG N . -28.11 59.00 13.44
O5 NAG N . -29.05 56.60 16.06
O6 NAG N . -26.80 55.64 15.88
O7 NAG N . -31.87 59.99 18.10
C1 NAG N . -27.09 60.00 13.64
C2 NAG N . -26.18 60.05 12.40
C3 NAG N . -25.10 61.12 12.56
C4 NAG N . -25.75 62.47 12.87
C5 NAG N . -26.66 62.36 14.09
C6 NAG N . -27.41 63.63 14.39
C7 NAG N . -26.12 57.82 11.35
C8 NAG N . -25.36 56.54 11.20
N2 NAG N . -25.58 58.75 12.15
O3 NAG N . -24.34 61.20 11.36
O4 NAG N . -24.73 63.43 13.13
O5 NAG N . -27.63 61.32 13.90
O6 NAG N . -26.86 64.32 15.50
O7 NAG N . -27.18 58.02 10.75
C1 NAG O . -28.95 58.65 57.32
C2 NAG O . -28.19 59.94 57.64
C3 NAG O . -29.11 60.92 58.37
C4 NAG O . -30.37 61.18 57.56
C5 NAG O . -31.06 59.85 57.24
C6 NAG O . -32.27 60.00 56.34
C7 NAG O . -25.77 59.63 57.89
C8 NAG O . -24.65 59.33 58.85
N2 NAG O . -27.00 59.66 58.42
O3 NAG O . -28.40 62.14 58.58
O4 NAG O . -31.25 62.01 58.31
O5 NAG O . -30.15 58.96 56.57
O6 NAG O . -32.01 60.92 55.29
O7 NAG O . -25.57 59.80 56.70
C1 NAG O . -31.39 63.30 57.68
C2 NAG O . -32.46 64.09 58.42
C3 NAG O . -32.63 65.48 57.80
C4 NAG O . -31.29 66.20 57.80
C5 NAG O . -30.23 65.36 57.09
C6 NAG O . -28.85 65.97 57.15
C7 NAG O . -34.21 62.71 59.46
C8 NAG O . -35.54 62.03 59.27
N2 NAG O . -33.74 63.38 58.40
O3 NAG O . -33.58 66.23 58.56
O4 NAG O . -31.41 67.46 57.13
O5 NAG O . -30.13 64.06 57.68
O6 NAG O . -28.37 66.30 55.86
O7 NAG O . -33.59 62.66 60.52
C1 NAG P . -32.05 45.30 72.48
C2 NAG P . -30.68 45.08 73.12
C3 NAG P . -30.79 44.18 74.35
C4 NAG P . -31.81 44.73 75.34
C5 NAG P . -33.16 44.97 74.64
C6 NAG P . -34.18 45.66 75.51
C7 NAG P . -28.76 45.24 71.62
C8 NAG P . -27.86 44.51 70.65
N2 NAG P . -29.74 44.52 72.17
O3 NAG P . -29.51 44.06 74.95
O4 NAG P . -32.01 43.85 76.43
O5 NAG P . -32.99 45.78 73.47
O6 NAG P . -35.32 46.04 74.76
O7 NAG P . -28.59 46.42 71.89
C1 NAG P . -31.34 44.36 77.62
C2 NAG P . -32.22 44.20 78.86
C3 NAG P . -31.47 44.64 80.12
C4 NAG P . -30.14 43.89 80.24
C5 NAG P . -29.31 44.07 78.96
C6 NAG P . -28.06 43.22 78.95
C7 NAG P . -34.64 44.50 79.14
C8 NAG P . -35.81 45.41 78.91
N2 NAG P . -33.45 44.95 78.73
O3 NAG P . -32.27 44.38 81.26
O4 NAG P . -29.40 44.39 81.34
O5 NAG P . -30.08 43.66 77.81
O6 NAG P . -28.36 41.85 79.18
O7 NAG P . -34.76 43.40 79.66
C1 NAG Q . 22.28 -55.34 24.32
C2 NAG Q . 23.29 -56.08 23.45
C3 NAG Q . 23.03 -55.82 21.97
C4 NAG Q . 21.59 -56.15 21.60
C5 NAG Q . 20.63 -55.40 22.53
C6 NAG Q . 19.18 -55.78 22.32
C7 NAG Q . 25.56 -56.63 24.21
C8 NAG Q . 26.92 -56.08 24.53
N2 NAG Q . 24.65 -55.73 23.80
O3 NAG Q . 23.94 -56.59 21.19
O4 NAG Q . 21.32 -55.79 20.25
O5 NAG Q . 20.93 -55.66 23.91
O6 NAG Q . 18.30 -54.87 22.97
O7 NAG Q . 25.30 -57.82 24.31
C1 NAG Q . 21.17 -56.99 19.44
C2 NAG Q . 20.57 -56.59 18.08
C3 NAG Q . 20.46 -57.82 17.17
C4 NAG Q . 21.81 -58.51 17.04
C5 NAG Q . 22.38 -58.85 18.42
C6 NAG Q . 23.78 -59.40 18.36
C7 NAG Q . 19.08 -54.65 18.23
C8 NAG Q . 17.67 -54.17 18.42
N2 NAG Q . 19.27 -55.97 18.25
O3 NAG Q . 20.00 -57.41 15.88
O4 NAG Q . 21.66 -59.72 16.30
O5 NAG Q . 22.44 -57.67 19.24
O6 NAG Q . 24.02 -60.32 19.40
O7 NAG Q . 20.02 -53.87 18.08
C1 NAG R . 36.76 -35.11 29.67
C2 NAG R . 38.00 -35.99 29.87
C3 NAG R . 39.23 -35.32 29.25
C4 NAG R . 38.99 -34.98 27.79
C5 NAG R . 37.72 -34.14 27.64
C6 NAG R . 37.33 -33.88 26.21
C7 NAG R . 37.97 -37.47 31.82
C8 NAG R . 38.25 -37.60 33.28
N2 NAG R . 38.21 -36.27 31.27
O3 NAG R . 40.34 -36.21 29.39
O4 NAG R . 40.10 -34.26 27.28
O5 NAG R . 36.60 -34.80 28.26
O6 NAG R . 37.52 -35.04 25.40
O7 NAG R . 37.53 -38.40 31.15
C1 NAG R . 40.83 -35.03 26.29
C2 NAG R . 42.00 -34.19 25.77
C3 NAG R . 42.84 -35.00 24.78
C4 NAG R . 43.27 -36.32 25.39
C5 NAG R . 42.07 -37.11 25.92
C6 NAG R . 42.46 -38.35 26.66
C7 NAG R . 41.49 -31.80 25.84
C8 NAG R . 40.99 -30.61 25.07
N2 NAG R . 41.54 -32.95 25.17
O3 NAG R . 43.98 -34.24 24.39
O4 NAG R . 43.94 -37.12 24.41
O5 NAG R . 41.32 -36.30 26.83
O6 NAG R . 43.64 -38.15 27.43
O7 NAG R . 41.83 -31.70 27.02
C1 NAG S . 0.02 -40.61 -26.98
C2 NAG S . 0.21 -42.11 -27.22
C3 NAG S . -1.08 -42.85 -26.91
C4 NAG S . -1.56 -42.51 -25.50
C5 NAG S . -1.72 -41.00 -25.33
C6 NAG S . -2.05 -40.57 -23.91
C7 NAG S . 1.86 -42.23 -29.04
C8 NAG S . 2.08 -42.52 -30.49
N2 NAG S . 0.60 -42.36 -28.59
O3 NAG S . -0.89 -44.25 -27.04
O4 NAG S . -2.80 -43.19 -25.29
O5 NAG S . -0.47 -40.36 -25.66
O6 NAG S . -0.89 -40.44 -23.12
O7 NAG S . 2.78 -41.89 -28.30
C1 NAG S . -2.80 -44.06 -24.11
C2 NAG S . -4.12 -44.85 -24.10
C3 NAG S . -4.18 -45.74 -22.87
C4 NAG S . -2.96 -46.66 -22.82
C5 NAG S . -1.68 -45.83 -22.88
C6 NAG S . -0.43 -46.66 -22.93
C7 NAG S . -5.92 -43.64 -25.25
C8 NAG S . -7.07 -42.70 -25.10
N2 NAG S . -5.27 -43.96 -24.13
O3 NAG S . -5.38 -46.51 -22.90
O4 NAG S . -2.96 -47.40 -21.59
O5 NAG S . -1.67 -44.99 -24.04
O6 NAG S . -0.61 -47.80 -23.76
O7 NAG S . -5.59 -44.11 -26.34
C1 BMA S . -3.26 -48.79 -21.81
C2 BMA S . -2.82 -49.56 -20.54
C3 BMA S . -3.19 -51.04 -20.68
C4 BMA S . -4.69 -51.19 -21.00
C5 BMA S . -5.06 -50.38 -22.27
C6 BMA S . -6.54 -50.45 -22.62
O2 BMA S . -3.49 -49.07 -19.41
O3 BMA S . -2.87 -51.76 -19.50
O4 BMA S . -5.03 -52.57 -21.17
O5 BMA S . -4.66 -48.98 -22.10
O6 BMA S . -6.67 -50.20 -24.02
C1 FUC S . -1.10 -41.06 -21.83
C2 FUC S . 0.11 -41.97 -21.52
C3 FUC S . 1.38 -41.10 -21.34
C4 FUC S . 1.17 -40.06 -20.24
C5 FUC S . -0.07 -39.22 -20.61
C6 FUC S . -0.42 -38.19 -19.54
O2 FUC S . 0.32 -42.99 -22.49
O3 FUC S . 2.54 -41.90 -21.06
O4 FUC S . 0.99 -40.70 -18.99
O5 FUC S . -1.24 -40.08 -20.82
C1 NAG T . -33.13 18.23 62.32
C2 NAG T . -33.42 18.09 63.82
C3 NAG T . -32.12 18.22 64.62
C4 NAG T . -31.09 17.22 64.13
C5 NAG T . -30.87 17.40 62.62
C6 NAG T . -29.94 16.36 62.02
C7 NAG T . -35.70 18.83 64.34
C8 NAG T . -36.56 19.96 64.81
N2 NAG T . -34.39 19.07 64.25
O3 NAG T . -32.40 18.00 66.00
O4 NAG T . -29.87 17.39 64.83
O5 NAG T . -32.12 17.28 61.93
O6 NAG T . -29.68 16.65 60.64
O7 NAG T . -36.17 17.73 64.05
C1 NAG T . -29.60 16.22 65.65
C2 NAG T . -28.14 16.26 66.13
C3 NAG T . -27.84 15.06 67.02
C4 NAG T . -28.83 14.99 68.17
C5 NAG T . -30.26 14.98 67.65
C6 NAG T . -31.30 15.05 68.75
C7 NAG T . -26.74 17.46 64.50
C8 NAG T . -25.81 17.32 63.34
N2 NAG T . -27.22 16.31 65.00
O3 NAG T . -26.51 15.17 67.53
O4 NAG T . -28.62 13.81 68.93
O5 NAG T . -30.50 16.13 66.79
O6 NAG T . -32.08 13.87 68.78
O7 NAG T . -27.04 18.55 64.98
C1 NAG U . -12.22 24.17 60.84
C2 NAG U . -12.01 24.24 62.36
C3 NAG U . -10.65 23.65 62.73
C4 NAG U . -10.50 22.25 62.19
C5 NAG U . -10.73 22.23 60.68
C6 NAG U . -10.74 20.85 60.07
C7 NAG U . -13.06 26.00 63.71
C8 NAG U . -13.03 27.45 64.08
N2 NAG U . -12.12 25.61 62.83
O3 NAG U . -10.51 23.66 64.15
O4 NAG U . -9.20 21.74 62.49
O5 NAG U . -12.02 22.81 60.38
O6 NAG U . -11.90 20.63 59.29
O7 NAG U . -13.87 25.21 64.19
C1 NAG U . -9.32 20.61 63.40
C2 NAG U . -8.06 19.75 63.26
C3 NAG U . -8.12 18.56 64.23
C4 NAG U . -8.34 19.07 65.65
C5 NAG U . -9.58 19.95 65.73
C6 NAG U . -9.78 20.57 67.09
C7 NAG U . -7.17 19.92 60.97
C8 NAG U . -7.12 19.30 59.62
N2 NAG U . -7.90 19.28 61.89
O3 NAG U . -6.90 17.82 64.15
O4 NAG U . -8.50 17.96 66.53
O5 NAG U . -9.48 21.03 64.78
O6 NAG U . -10.78 19.88 67.83
O7 NAG U . -6.59 20.97 61.23
C1 NAG V . -52.97 21.34 65.62
C2 NAG V . -53.18 20.46 66.85
C3 NAG V . -53.84 21.26 67.97
C4 NAG V . -53.05 22.51 68.28
C5 NAG V . -52.86 23.34 67.00
C6 NAG V . -51.97 24.54 67.21
C7 NAG V . -53.40 18.07 66.32
C8 NAG V . -54.35 16.96 66.00
N2 NAG V . -53.95 19.28 66.53
O3 NAG V . -53.94 20.43 69.13
O4 NAG V . -53.74 23.29 69.25
O5 NAG V . -52.24 22.53 65.98
O6 NAG V . -50.84 24.22 68.01
O7 NAG V . -52.19 17.89 66.39
C1 NAG V . -53.02 23.32 70.50
C2 NAG V . -53.72 24.31 71.44
C3 NAG V . -53.00 24.35 72.79
C4 NAG V . -52.90 22.95 73.37
C5 NAG V . -52.23 22.01 72.38
C6 NAG V . -52.21 20.58 72.86
C7 NAG V . -54.93 26.13 70.32
C8 NAG V . -54.83 27.52 69.76
N2 NAG V . -53.81 25.64 70.85
O3 NAG V . -53.72 25.20 73.68
O4 NAG V . -52.14 22.98 74.58
O5 NAG V . -52.92 22.02 71.12
O6 NAG V . -50.87 20.10 72.99
O7 NAG V . -55.98 25.49 70.30
C1 NAG W . -69.23 25.29 53.87
C2 NAG W . -69.86 23.93 53.54
C3 NAG W . -71.16 24.11 52.76
C4 NAG W . -72.11 25.04 53.49
C5 NAG W . -71.43 26.36 53.81
C6 NAG W . -72.26 27.28 54.68
C7 NAG W . -68.28 22.06 53.38
C8 NAG W . -67.36 21.29 52.49
N2 NAG W . -68.93 23.08 52.82
O3 NAG W . -71.74 22.82 52.54
O4 NAG W . -73.28 25.29 52.72
O5 NAG W . -70.20 26.14 54.52
O6 NAG W . -71.53 28.42 55.06
O7 NAG W . -68.44 21.77 54.57
C1 NAG W . -74.41 24.54 53.22
C2 NAG W . -75.68 25.41 53.25
C3 NAG W . -76.88 24.58 53.69
C4 NAG W . -77.03 23.34 52.82
C5 NAG W . -75.73 22.52 52.81
C6 NAG W . -75.77 21.37 51.84
C7 NAG W . -75.96 27.77 53.82
C8 NAG W . -75.70 28.84 54.83
N2 NAG W . -75.50 26.55 54.12
O3 NAG W . -78.06 25.37 53.60
O4 NAG W . -78.09 22.52 53.30
O5 NAG W . -74.63 23.36 52.41
O6 NAG W . -76.06 21.81 50.51
O7 NAG W . -76.56 28.00 52.78
C1 NAG X . -28.37 -17.10 -55.57
C2 NAG X . -27.54 -18.01 -56.49
C3 NAG X . -26.04 -17.73 -56.32
C4 NAG X . -25.74 -16.25 -56.53
C5 NAG X . -26.61 -15.40 -55.61
C6 NAG X . -26.47 -13.91 -55.85
C7 NAG X . -28.30 -20.23 -57.20
C8 NAG X . -28.54 -21.64 -56.78
N2 NAG X . -27.83 -19.41 -56.25
O3 NAG X . -25.31 -18.53 -57.25
O4 NAG X . -24.36 -15.99 -56.26
O5 NAG X . -28.00 -15.71 -55.79
O6 NAG X . -27.13 -13.16 -54.85
O7 NAG X . -28.51 -19.84 -58.35
C1 NAG X . -23.66 -15.69 -57.49
C2 NAG X . -22.28 -15.10 -57.14
C3 NAG X . -21.47 -14.84 -58.42
C4 NAG X . -21.39 -16.10 -59.27
C5 NAG X . -22.78 -16.66 -59.56
C6 NAG X . -22.74 -18.00 -60.26
C7 NAG X . -22.24 -13.84 -55.04
C8 NAG X . -22.42 -12.49 -54.41
N2 NAG X . -22.41 -13.88 -56.37
O3 NAG X . -20.16 -14.41 -58.07
O4 NAG X . -20.74 -15.81 -60.50
O5 NAG X . -23.50 -16.86 -58.33
O6 NAG X . -23.76 -18.09 -61.25
O7 NAG X . -21.96 -14.83 -54.39
C1 NAG Y . -31.67 -33.77 -36.59
C2 NAG Y . -31.93 -34.90 -37.59
C3 NAG Y . -31.25 -36.20 -37.13
C4 NAG Y . -29.76 -35.97 -36.89
C5 NAG Y . -29.56 -34.81 -35.91
C6 NAG Y . -28.11 -34.42 -35.73
C7 NAG Y . -33.99 -34.78 -38.91
C8 NAG Y . -35.45 -35.07 -38.95
N2 NAG Y . -33.36 -35.13 -37.79
O3 NAG Y . -31.44 -37.20 -38.14
O4 NAG Y . -29.19 -37.15 -36.35
O5 NAG Y . -30.25 -33.63 -36.37
O6 NAG Y . -27.45 -34.29 -36.99
O7 NAG Y . -33.40 -34.28 -39.86
C1 NAG Y . -28.26 -37.77 -37.28
C2 NAG Y . -27.64 -39.00 -36.61
C3 NAG Y . -26.70 -39.71 -37.59
C4 NAG Y . -27.42 -40.04 -38.88
C5 NAG Y . -28.06 -38.80 -39.49
C6 NAG Y . -28.91 -39.09 -40.70
C7 NAG Y . -27.49 -38.69 -34.18
C8 NAG Y . -26.62 -38.28 -33.04
N2 NAG Y . -26.94 -38.63 -35.39
O3 NAG Y . -26.21 -40.91 -36.98
O4 NAG Y . -26.51 -40.60 -39.82
O5 NAG Y . -28.91 -38.15 -38.53
O6 NAG Y . -29.39 -40.43 -40.68
O7 NAG Y . -28.65 -39.05 -34.02
C1 NAG Z . 23.61 4.85 -42.37
C2 NAG Z . 23.72 4.84 -43.90
C3 NAG Z . 23.30 6.20 -44.46
C4 NAG Z . 21.91 6.57 -43.96
C5 NAG Z . 21.87 6.56 -42.43
C6 NAG Z . 20.49 6.79 -41.85
C7 NAG Z . 25.56 3.27 -44.37
C8 NAG Z . 26.98 3.14 -44.82
N2 NAG Z . 25.07 4.51 -44.33
O3 NAG Z . 23.30 6.15 -45.89
O4 NAG Z . 21.60 7.87 -44.47
O5 NAG Z . 22.29 5.27 -41.96
O6 NAG Z . 19.72 5.59 -41.87
O7 NAG Z . 24.88 2.30 -44.07
C1 NAG Z . 20.38 7.93 -45.25
C2 NAG Z . 20.27 9.33 -45.89
C3 NAG Z . 18.98 9.45 -46.68
C4 NAG Z . 18.89 8.34 -47.72
C5 NAG Z . 19.04 6.98 -47.04
C6 NAG Z . 19.06 5.82 -48.02
C7 NAG Z . 21.47 11.00 -44.55
C8 NAG Z . 21.36 12.04 -43.47
N2 NAG Z . 20.34 10.37 -44.87
O3 NAG Z . 18.93 10.74 -47.30
O4 NAG Z . 17.64 8.39 -48.38
O5 NAG Z . 20.26 6.91 -46.30
O6 NAG Z . 19.67 6.20 -49.25
O7 NAG Z . 22.53 10.75 -45.11
C1 BMA Z . 17.76 8.85 -49.74
C2 BMA Z . 16.45 8.45 -50.49
C3 BMA Z . 16.50 8.98 -51.92
C4 BMA Z . 16.77 10.51 -51.92
C5 BMA Z . 18.07 10.84 -51.14
C6 BMA Z . 18.36 12.32 -51.06
O2 BMA Z . 15.33 9.03 -49.86
O3 BMA Z . 15.29 8.70 -52.61
O4 BMA Z . 16.83 11.00 -53.25
O5 BMA Z . 17.99 10.28 -49.80
O6 BMA Z . 19.77 12.47 -50.88
C1 FUC Z . 18.38 5.90 -42.29
C2 FUC Z . 17.94 4.85 -43.33
C3 FUC Z . 17.84 3.45 -42.66
C4 FUC Z . 16.88 3.51 -41.47
C5 FUC Z . 17.36 4.60 -40.50
C6 FUC Z . 16.44 4.78 -39.30
O2 FUC Z . 18.78 4.79 -44.47
O3 FUC Z . 17.44 2.44 -43.59
O4 FUC Z . 15.57 3.77 -41.92
O5 FUC Z . 17.49 5.89 -41.19
C1 NAG AA . -61.36 29.27 26.30
C2 NAG AA . -62.86 29.58 26.28
C3 NAG AA . -63.66 28.29 26.35
C4 NAG AA . -63.24 27.34 25.22
C5 NAG AA . -61.73 27.10 25.29
C6 NAG AA . -61.19 26.26 24.16
C7 NAG AA . -63.42 31.78 27.20
C8 NAG AA . -63.79 32.55 28.43
N2 NAG AA . -63.22 30.47 27.37
O3 NAG AA . -65.05 28.58 26.24
O4 NAG AA . -63.96 26.11 25.32
O5 NAG AA . -61.03 28.35 25.24
O6 NAG AA . -59.77 26.33 24.08
O7 NAG AA . -63.28 32.33 26.11
C1 NAG AA . -64.83 25.98 24.17
C2 NAG AA . -65.26 24.50 24.03
C3 NAG AA . -66.20 24.34 22.83
C4 NAG AA . -67.38 25.30 22.96
C5 NAG AA . -66.90 26.74 23.13
C6 NAG AA . -68.02 27.71 23.38
C7 NAG AA . -63.52 23.05 24.95
C8 NAG AA . -62.34 22.18 24.64
N2 NAG AA . -64.11 23.63 23.90
O3 NAG AA . -66.67 23.00 22.77
O4 NAG AA . -68.19 25.22 21.79
O5 NAG AA . -66.00 26.84 24.24
O6 NAG AA . -68.40 28.39 22.19
O7 NAG AA . -63.91 23.22 26.10
C1 NAG BA . -58.94 7.98 29.91
C2 NAG BA . -60.46 7.77 30.03
C3 NAG BA . -60.86 6.47 29.35
C4 NAG BA . -60.40 6.45 27.90
C5 NAG BA . -58.88 6.68 27.84
C6 NAG BA . -58.34 6.80 26.44
C7 NAG BA . -61.83 8.56 31.90
C8 NAG BA . -62.12 8.44 33.37
N2 NAG BA . -60.87 7.77 31.43
O3 NAG BA . -62.29 6.34 29.41
O4 NAG BA . -60.73 5.21 27.29
O5 NAG BA . -58.56 7.90 28.52
O6 NAG BA . -57.72 8.07 26.24
O7 NAG BA . -62.44 9.35 31.18
C1 NAG BA . -61.71 5.42 26.26
C2 NAG BA . -61.63 4.28 25.24
C3 NAG BA . -62.68 4.45 24.15
C4 NAG BA . -64.07 4.61 24.77
C5 NAG BA . -64.08 5.74 25.79
C6 NAG BA . -65.39 5.87 26.52
C7 NAG BA . -59.32 3.42 25.18
C8 NAG BA . -58.02 3.45 24.44
N2 NAG BA . -60.30 4.17 24.66
O3 NAG BA . -62.65 3.33 23.27
O4 NAG BA . -65.02 4.88 23.74
O5 NAG BA . -63.06 5.54 26.78
O6 NAG BA . -66.28 6.73 25.84
O7 NAG BA . -59.48 2.76 26.19
C1 NAG CA . -64.82 48.67 31.55
C2 NAG CA . -66.11 48.90 30.75
C3 NAG CA . -67.20 49.45 31.65
C4 NAG CA . -67.42 48.53 32.86
C5 NAG CA . -66.10 48.31 33.59
C6 NAG CA . -66.19 47.32 34.72
C7 NAG CA . -65.75 49.37 28.37
C8 NAG CA . -65.51 50.42 27.34
N2 NAG CA . -65.88 49.79 29.63
O3 NAG CA . -68.40 49.57 30.91
O4 NAG CA . -68.37 49.11 33.74
O5 NAG CA . -65.09 47.81 32.68
O6 NAG CA . -66.97 46.20 34.35
O7 NAG CA . -65.82 48.17 28.07
C1 NAG CA . -69.60 48.35 33.76
C2 NAG CA . -70.47 48.89 34.90
C3 NAG CA . -71.80 48.12 34.95
C4 NAG CA . -72.48 48.17 33.60
C5 NAG CA . -71.55 47.66 32.50
C6 NAG CA . -72.14 47.80 31.11
C7 NAG CA . -69.26 49.89 36.77
C8 NAG CA . -68.58 49.64 38.09
N2 NAG CA . -69.79 48.81 36.17
O3 NAG CA . -72.63 48.69 35.95
O4 NAG CA . -73.66 47.37 33.63
O5 NAG CA . -70.32 48.40 32.50
O6 NAG CA . -72.47 46.53 30.56
O7 NAG CA . -69.32 51.01 36.28
C1 NAG DA . -53.16 64.75 36.19
C2 NAG DA . -53.02 65.54 34.87
C3 NAG DA . -52.28 66.85 35.09
C4 NAG DA . -52.94 67.67 36.19
C5 NAG DA . -53.07 66.84 37.46
C6 NAG DA . -53.86 67.53 38.56
C7 NAG DA . -53.02 64.22 32.81
C8 NAG DA . -52.18 63.42 31.85
N2 NAG DA . -52.36 64.73 33.85
O3 NAG DA . -52.24 67.56 33.85
O4 NAG DA . -52.19 68.85 36.49
O5 NAG DA . -53.75 65.60 37.19
O6 NAG DA . -54.14 66.64 39.63
O7 NAG DA . -54.21 64.37 32.65
C1 NAG DA . -52.81 70.02 35.90
C2 NAG DA . -52.81 71.19 36.90
C3 NAG DA . -53.37 72.44 36.24
C4 NAG DA . -52.62 72.77 34.95
C5 NAG DA . -52.62 71.55 34.01
C6 NAG DA . -51.76 71.76 32.79
C7 NAG DA . -53.19 71.20 39.32
C8 NAG DA . -54.10 70.78 40.44
N2 NAG DA . -53.57 70.86 38.09
O3 NAG DA . -53.27 73.54 37.14
O4 NAG DA . -53.22 73.87 34.30
O5 NAG DA . -52.11 70.39 34.69
O6 NAG DA . -50.41 72.04 33.15
O7 NAG DA . -52.16 71.84 39.53
C1 NAG EA . 34.09 36.78 4.09
C2 NAG EA . 34.03 37.87 5.17
C3 NAG EA . 35.42 38.43 5.45
C4 NAG EA . 36.38 37.30 5.81
C5 NAG EA . 36.39 36.24 4.71
C6 NAG EA . 37.22 35.03 5.06
C7 NAG EA . 31.86 39.03 5.23
C8 NAG EA . 31.07 40.19 4.73
N2 NAG EA . 33.12 38.93 4.79
O3 NAG EA . 35.35 39.37 6.51
O4 NAG EA . 37.70 37.82 5.98
O5 NAG EA . 35.05 35.77 4.48
O6 NAG EA . 36.81 34.45 6.28
O7 NAG EA . 31.39 38.21 6.01
C1 NAG FA . 35.04 15.10 -11.82
C2 NAG FA . 34.48 13.79 -11.25
C3 NAG FA . 35.05 13.53 -9.84
C4 NAG FA . 36.58 13.58 -9.86
C5 NAG FA . 37.07 14.88 -10.47
C6 NAG FA . 38.58 14.91 -10.66
C7 NAG FA . 32.27 13.13 -12.08
C8 NAG FA . 30.79 13.25 -11.89
N2 NAG FA . 33.03 13.80 -11.20
O3 NAG FA . 34.61 12.26 -9.39
O4 NAG FA . 37.08 13.45 -8.54
O5 NAG FA . 36.48 15.10 -11.76
O6 NAG FA . 39.05 16.24 -10.80
O7 NAG FA . 32.76 12.46 -12.98
C1 NAG GA . 39.84 12.60 -29.62
C2 NAG GA . 41.36 12.68 -29.91
C3 NAG GA . 41.95 11.30 -30.20
C4 NAG GA . 41.60 10.31 -29.09
C5 NAG GA . 40.09 10.28 -28.82
C6 NAG GA . 39.72 9.46 -27.62
C7 NAG GA . 42.73 14.31 -31.14
C8 NAG GA . 42.84 15.17 -32.35
N2 NAG GA . 41.62 13.58 -31.03
O3 NAG GA . 43.36 11.38 -30.33
O4 NAG GA . 42.02 9.00 -29.46
O5 NAG GA . 39.60 11.61 -28.59
O6 NAG GA . 38.57 8.67 -27.87
O7 NAG GA . 43.62 14.27 -30.29
C1 NAG HA . 1.29 44.04 -15.44
C2 NAG HA . 1.59 45.13 -14.40
C3 NAG HA . 0.82 46.41 -14.71
C4 NAG HA . 1.05 46.87 -16.14
C5 NAG HA . 0.77 45.75 -17.13
C6 NAG HA . 1.16 46.09 -18.55
C7 NAG HA . 2.22 44.61 -12.09
C8 NAG HA . 1.74 44.11 -10.76
N2 NAG HA . 1.30 44.66 -13.06
O3 NAG HA . 1.21 47.43 -13.80
O4 NAG HA . 0.21 47.98 -16.45
O5 NAG HA . 1.50 44.56 -16.79
O6 NAG HA . 0.78 45.07 -19.46
O7 NAG HA . 3.38 44.95 -12.27
C1 NAG IA . 39.16 -8.65 22.74
C2 NAG IA . 39.72 -7.92 23.97
C3 NAG IA . 39.70 -8.85 25.18
C4 NAG IA . 38.30 -9.40 25.42
C5 NAG IA . 37.78 -10.07 24.15
C6 NAG IA . 36.35 -10.53 24.27
C7 NAG IA . 41.34 -6.14 23.46
C8 NAG IA . 42.78 -5.81 23.23
N2 NAG IA . 41.07 -7.42 23.74
O3 NAG IA . 40.15 -8.14 26.33
O4 NAG IA . 38.31 -10.33 26.48
O5 NAG IA . 37.84 -9.16 23.04
O6 NAG IA . 36.19 -11.48 25.31
O7 NAG IA . 40.46 -5.29 23.40
C1 NAG JA . -0.37 48.25 9.89
C2 NAG JA . -1.02 49.33 10.75
C3 NAG JA . -1.76 50.36 9.89
C4 NAG JA . -0.84 50.93 8.82
C5 NAG JA . -0.18 49.82 8.00
C6 NAG JA . 0.87 50.34 7.04
C7 NAG JA . -1.58 48.46 12.98
C8 NAG JA . -2.63 47.85 13.84
N2 NAG JA . -1.93 48.74 11.72
O3 NAG JA . -2.27 51.40 10.71
O4 NAG JA . -1.58 51.77 7.94
O5 NAG JA . 0.47 48.88 8.87
O6 NAG JA . 1.32 49.31 6.18
O7 NAG JA . -0.45 48.69 13.41
C1 NAG KA . 20.72 21.90 32.03
C2 NAG KA . 19.77 21.45 33.14
C3 NAG KA . 20.31 21.83 34.52
C4 NAG KA . 21.72 21.31 34.71
C5 NAG KA . 22.64 21.77 33.57
C6 NAG KA . 24.00 21.14 33.62
C7 NAG KA . 17.41 21.29 32.46
C8 NAG KA . 16.12 22.03 32.31
N2 NAG KA . 18.44 22.01 32.95
O3 NAG KA . 19.46 21.30 35.52
O4 NAG KA . 22.26 21.80 35.94
O5 NAG KA . 22.07 21.41 32.30
O6 NAG KA . 24.93 21.82 32.81
O7 NAG KA . 17.54 20.11 32.15
C1 NAG LA . 14.26 39.15 39.97
C2 NAG LA . 15.55 39.14 39.12
C3 NAG LA . 16.64 38.31 39.77
C4 NAG LA . 16.88 38.74 41.22
C5 NAG LA . 15.58 38.75 42.01
C6 NAG LA . 15.73 39.34 43.39
C7 NAG LA . 15.37 39.42 36.69
C8 NAG LA . 15.06 38.76 35.38
N2 NAG LA . 15.28 38.66 37.78
O3 NAG LA . 17.85 38.43 39.03
O4 NAG LA . 17.79 37.84 41.84
O5 NAG LA . 14.58 39.53 41.34
O6 NAG LA . 14.86 38.72 44.32
O7 NAG LA . 15.70 40.61 36.75
C1 NAG MA . -19.00 40.94 64.48
C2 NAG MA . -19.48 40.44 65.85
C3 NAG MA . -18.85 41.24 66.97
C4 NAG MA . -17.33 41.26 66.84
C5 NAG MA . -16.90 41.74 65.46
C6 NAG MA . -15.42 41.62 65.23
C7 NAG MA . -21.69 39.39 66.04
C8 NAG MA . -23.16 39.62 66.13
N2 NAG MA . -20.93 40.48 65.94
O3 NAG MA . -19.22 40.68 68.22
O4 NAG MA . -16.77 42.12 67.83
O5 NAG MA . -17.55 40.97 64.44
O6 NAG MA . -14.99 42.47 64.17
O7 NAG MA . -21.21 38.26 66.06
C1 NAG NA . -15.74 49.88 52.54
C2 NAG NA . -15.14 50.74 51.42
C3 NAG NA . -13.76 50.21 51.01
C4 NAG NA . -12.85 50.12 52.23
C5 NAG NA . -13.51 49.29 53.32
C6 NAG NA . -12.72 49.27 54.61
C7 NAG NA . -16.58 51.95 49.85
C8 NAG NA . -17.46 51.85 48.64
N2 NAG NA . -16.02 50.81 50.26
O3 NAG NA . -13.19 51.08 50.04
O4 NAG NA . -11.62 49.50 51.86
O5 NAG NA . -14.82 49.81 53.64
O6 NAG NA . -12.74 47.99 55.21
O7 NAG NA . -16.38 53.01 50.42
C1 NAG OA . -0.34 -37.70 33.53
C2 NAG OA . -1.34 -37.77 34.69
C3 NAG OA . -1.53 -39.21 35.13
C4 NAG OA . -1.96 -40.08 33.96
C5 NAG OA . -0.95 -39.95 32.82
C6 NAG OA . -1.38 -40.68 31.57
C7 NAG OA . -1.36 -35.72 36.06
C8 NAG OA . -0.77 -35.03 37.25
N2 NAG OA . -0.88 -36.95 35.79
O3 NAG OA . -2.52 -39.26 36.16
O4 NAG OA . -2.06 -41.44 34.36
O5 NAG OA . -0.79 -38.58 32.45
O6 NAG OA . -2.63 -40.22 31.09
O7 NAG OA . -2.23 -35.21 35.36
C1 NAG PA . 13.83 -36.09 10.68
C2 NAG PA . 13.13 -35.42 9.48
C3 NAG PA . 11.73 -36.00 9.28
C4 NAG PA . 11.77 -37.52 9.17
C5 NAG PA . 12.51 -38.13 10.35
C6 NAG PA . 12.73 -39.61 10.19
C7 NAG PA . 13.88 -33.13 9.01
C8 NAG PA . 13.67 -31.68 9.31
N2 NAG PA . 13.07 -33.98 9.65
O3 NAG PA . 11.14 -35.43 8.11
O4 NAG PA . 10.45 -38.04 9.10
O5 NAG PA . 13.81 -37.53 10.52
O6 NAG PA . 13.02 -40.23 11.44
O7 NAG PA . 14.73 -33.52 8.23
C1 NAG QA . 31.48 -40.12 6.39
C2 NAG QA . 31.81 -41.61 6.31
C3 NAG QA . 31.97 -42.06 4.85
C4 NAG QA . 30.78 -41.65 4.00
C5 NAG QA . 30.49 -40.17 4.14
C6 NAG QA . 29.21 -39.75 3.45
C7 NAG QA . 33.18 -43.10 7.69
C8 NAG QA . 34.47 -43.26 8.43
N2 NAG QA . 32.99 -41.93 7.08
O3 NAG QA . 32.13 -43.47 4.80
O4 NAG QA . 31.05 -41.94 2.62
O5 NAG QA . 30.36 -39.80 5.52
O6 NAG QA . 29.37 -38.53 2.74
O7 NAG QA . 32.34 -44.00 7.64
C1 NAG RA . 19.02 -5.22 42.43
C2 NAG RA . 18.07 -5.65 43.57
C3 NAG RA . 18.47 -5.00 44.89
C4 NAG RA . 19.93 -5.25 45.21
C5 NAG RA . 20.83 -4.84 44.05
C6 NAG RA . 22.27 -5.23 44.25
C7 NAG RA . 15.73 -6.27 43.20
C8 NAG RA . 14.35 -5.77 42.83
N2 NAG RA . 16.69 -5.34 43.23
O3 NAG RA . 17.64 -5.50 45.93
O4 NAG RA . 20.30 -4.52 46.37
O5 NAG RA . 20.40 -5.46 42.83
O6 NAG RA . 23.10 -4.71 43.23
O7 NAG RA . 15.95 -7.44 43.45
C1 NAG SA . -22.48 -38.84 -10.66
C2 NAG SA . -23.62 -39.50 -9.89
C3 NAG SA . -24.90 -39.44 -10.72
C4 NAG SA . -25.22 -38.00 -11.12
C5 NAG SA . -24.03 -37.39 -11.85
C6 NAG SA . -24.22 -35.93 -12.16
C7 NAG SA . -22.92 -41.24 -8.32
C8 NAG SA . -22.63 -42.70 -8.13
N2 NAG SA . -23.30 -40.87 -9.54
O3 NAG SA . -25.98 -39.99 -9.96
O4 NAG SA . -26.36 -37.97 -11.97
O5 NAG SA . -22.85 -37.48 -11.04
O6 NAG SA . -25.34 -35.72 -13.02
O7 NAG SA . -22.80 -40.43 -7.41
C1 NAG TA . -5.96 -4.73 48.76
C2 NAG TA . -6.75 -4.20 49.97
C3 NAG TA . -5.82 -3.56 50.99
C4 NAG TA . -4.69 -4.50 51.39
C5 NAG TA . -3.96 -5.04 50.16
C6 NAG TA . -2.96 -6.12 50.48
C7 NAG TA . -9.05 -3.62 49.33
C8 NAG TA . -9.97 -2.52 48.90
N2 NAG TA . -7.77 -3.27 49.54
O3 NAG TA . -6.56 -3.18 52.14
O4 NAG TA . -3.76 -3.83 52.23
O5 NAG TA . -4.89 -5.60 49.21
O6 NAG TA . -2.14 -6.43 49.35
O7 NAG TA . -9.43 -4.78 49.48
C1 NAG UA . -29.65 -23.77 22.21
C2 NAG UA . -30.82 -22.80 21.95
C3 NAG UA . -32.15 -23.41 22.38
C4 NAG UA . -32.35 -24.78 21.75
C5 NAG UA . -31.16 -25.68 22.00
C6 NAG UA . -31.24 -26.99 21.24
C7 NAG UA . -30.18 -20.43 21.98
C8 NAG UA . -30.01 -19.20 22.83
N2 NAG UA . -30.60 -21.53 22.63
O3 NAG UA . -33.21 -22.53 22.02
O4 NAG UA . -33.53 -25.39 22.26
O5 NAG UA . -29.94 -25.05 21.61
O6 NAG UA . -30.39 -27.98 21.81
O7 NAG UA . -29.97 -20.42 20.78
C1 NAG VA . -36.33 -19.24 40.60
C2 NAG VA . -35.46 -20.49 40.39
C3 NAG VA . -36.16 -21.52 39.51
C4 NAG VA . -37.56 -21.84 40.03
C5 NAG VA . -38.37 -20.57 40.24
C6 NAG VA . -39.69 -20.82 40.93
C7 NAG VA . -33.02 -20.25 40.49
C8 NAG VA . -31.79 -19.85 39.74
N2 NAG VA . -34.17 -20.14 39.82
O3 NAG VA . -35.38 -22.70 39.44
O4 NAG VA . -38.24 -22.68 39.11
O5 NAG VA . -37.66 -19.63 41.06
O6 NAG VA . -40.71 -19.95 40.45
O7 NAG VA . -32.98 -20.68 41.64
C1 NAG WA . -61.32 12.98 47.60
C2 NAG WA . -62.73 13.46 47.24
C3 NAG WA . -63.78 12.70 48.04
C4 NAG WA . -63.62 11.20 47.89
C5 NAG WA . -62.19 10.77 48.23
C6 NAG WA . -61.93 9.32 47.94
C7 NAG WA . -63.03 15.76 46.43
C8 NAG WA . -63.16 17.20 46.83
N2 NAG WA . -62.86 14.89 47.44
O3 NAG WA . -65.08 13.11 47.61
O4 NAG WA . -64.52 10.53 48.76
O5 NAG WA . -61.24 11.54 47.46
O6 NAG WA . -60.78 8.85 48.64
O7 NAG WA . -63.11 15.39 45.27
C1 NAG XA . -48.63 9.16 55.22
C2 NAG XA . -47.43 8.51 55.92
C3 NAG XA . -47.06 7.20 55.22
C4 NAG XA . -48.26 6.27 55.13
C5 NAG XA . -49.43 6.98 54.45
C6 NAG XA . -50.70 6.16 54.46
C7 NAG XA . -45.81 9.88 57.13
C8 NAG XA . -44.63 10.80 57.02
N2 NAG XA . -46.29 9.40 55.98
O3 NAG XA . -46.01 6.56 55.94
O4 NAG XA . -47.92 5.11 54.37
O5 NAG XA . -49.73 8.22 55.12
O6 NAG XA . -51.42 6.33 53.25
O7 NAG XA . -46.32 9.59 58.21
C1 NAG YA . -36.48 3.07 -34.86
C2 NAG YA . -37.68 4.02 -34.72
C3 NAG YA . -38.24 4.35 -36.10
C4 NAG YA . -37.15 4.92 -36.99
C5 NAG YA . -35.98 3.95 -37.08
C6 NAG YA . -34.82 4.49 -37.86
C7 NAG YA . -39.06 3.95 -32.69
C8 NAG YA . -40.14 3.22 -31.96
N2 NAG YA . -38.70 3.44 -33.87
O3 NAG YA . -39.29 5.30 -35.95
O4 NAG YA . -37.67 5.15 -38.30
O5 NAG YA . -35.50 3.64 -35.76
O6 NAG YA . -34.52 5.83 -37.49
O7 NAG YA . -38.53 4.96 -32.24
C1 NAG ZA . -13.33 -10.49 -36.54
C2 NAG ZA . -12.11 -9.77 -35.92
C3 NAG ZA . -12.02 -8.33 -36.42
C4 NAG ZA . -12.02 -8.27 -37.93
C5 NAG ZA . -13.23 -9.01 -38.50
C6 NAG ZA . -13.19 -9.13 -40.01
C7 NAG ZA . -11.41 -10.63 -33.73
C8 NAG ZA . -11.60 -10.54 -32.25
N2 NAG ZA . -12.17 -9.81 -34.47
O3 NAG ZA . -10.82 -7.74 -35.90
O4 NAG ZA . -12.06 -6.92 -38.37
O5 NAG ZA . -13.29 -10.35 -37.99
O6 NAG ZA . -14.50 -9.15 -40.56
O7 NAG ZA . -10.61 -11.41 -34.24
C1 NAG AB . -9.07 -27.34 -42.81
C2 NAG AB . -9.12 -27.48 -44.34
C3 NAG AB . -7.72 -27.53 -44.94
C4 NAG AB . -6.87 -26.35 -44.47
C5 NAG AB . -6.87 -26.23 -42.95
C6 NAG AB . -6.20 -24.98 -42.46
C7 NAG AB . -10.60 -28.75 -45.83
C8 NAG AB . -11.29 -30.06 -46.08
N2 NAG AB . -9.87 -28.66 -44.72
O3 NAG AB . -7.79 -27.52 -46.36
O4 NAG AB . -5.53 -26.50 -44.92
O5 NAG AB . -8.21 -26.23 -42.44
O6 NAG AB . -5.29 -25.26 -41.40
O7 NAG AB . -10.68 -27.81 -46.63
C1 NAG BB . -42.33 -19.59 -3.88
C2 NAG BB . -43.51 -18.65 -4.19
C3 NAG BB . -44.79 -19.13 -3.53
C4 NAG BB . -45.08 -20.58 -3.88
C5 NAG BB . -43.88 -21.47 -3.58
C6 NAG BB . -44.05 -22.88 -4.08
C7 NAG BB . -43.24 -16.24 -4.63
C8 NAG BB . -42.89 -14.91 -4.04
N2 NAG BB . -43.20 -17.28 -3.79
O3 NAG BB . -45.88 -18.30 -3.94
O4 NAG BB . -46.20 -21.04 -3.14
O5 NAG BB . -42.69 -20.95 -4.20
O6 NAG BB . -42.84 -23.62 -3.99
O7 NAG BB . -43.54 -16.38 -5.81
C1 NAG CB . 6.93 26.51 -37.15
C2 NAG CB . 6.05 27.66 -37.64
C3 NAG CB . 6.83 28.97 -37.59
C4 NAG CB . 7.38 29.21 -36.19
C5 NAG CB . 8.22 28.02 -35.74
C6 NAG CB . 8.69 28.14 -34.31
C7 NAG CB . 4.30 27.05 -39.25
C8 NAG CB . 3.96 26.85 -40.70
N2 NAG CB . 5.56 27.42 -38.99
O3 NAG CB . 5.97 30.05 -37.98
O4 NAG CB . 8.18 30.39 -36.17
O5 NAG CB . 7.44 26.82 -35.82
O6 NAG CB . 9.36 29.37 -34.09
O7 NAG CB . 3.46 26.91 -38.36
C1 NAG DB . -49.26 5.03 -0.45
C2 NAG DB . -50.45 5.75 0.18
C3 NAG DB . -51.44 4.75 0.77
C4 NAG DB . -51.86 3.70 -0.27
C5 NAG DB . -50.63 3.05 -0.89
C6 NAG DB . -50.98 2.13 -2.04
C7 NAG DB . -49.84 7.99 0.96
C8 NAG DB . -49.38 8.82 2.12
N2 NAG DB . -50.02 6.69 1.20
O3 NAG DB . -52.59 5.44 1.25
O4 NAG DB . -52.66 2.70 0.35
O5 NAG DB . -49.73 4.03 -1.40
O6 NAG DB . -49.87 1.33 -2.43
O7 NAG DB . -50.04 8.48 -0.15
C1 NAG EB . -24.77 31.21 -18.88
C2 NAG EB . -24.46 32.30 -17.85
C3 NAG EB . -25.00 33.65 -18.31
C4 NAG EB . -24.51 33.99 -19.71
C5 NAG EB . -24.82 32.86 -20.68
C6 NAG EB . -24.21 33.08 -22.05
C7 NAG EB . -24.23 31.44 -15.57
C8 NAG EB . -24.94 31.14 -14.28
N2 NAG EB . -24.98 31.95 -16.55
O3 NAG EB . -24.58 34.65 -17.39
O4 NAG EB . -25.14 35.19 -20.16
O5 NAG EB . -24.31 31.61 -20.20
O6 NAG EB . -25.08 32.67 -23.09
O7 NAG EB . -23.03 31.23 -15.71
C1 NAG FB . -42.83 36.86 -12.36
C2 NAG FB . -42.73 36.10 -13.68
C3 NAG FB . -42.00 36.93 -14.73
C4 NAG FB . -42.62 38.31 -14.88
C5 NAG FB . -42.71 39.02 -13.54
C6 NAG FB . -43.48 40.32 -13.60
C7 NAG FB . -42.70 33.64 -13.63
C8 NAG FB . -41.87 32.43 -13.41
N2 NAG FB . -42.07 34.82 -13.50
O3 NAG FB . -42.04 36.24 -15.98
O4 NAG FB . -41.83 39.10 -15.77
O5 NAG FB . -43.39 38.18 -12.57
O6 NAG FB . -42.94 41.28 -12.71
O7 NAG FB . -43.89 33.57 -13.91
C1 NAG GB . -47.71 58.26 22.73
C2 NAG GB . -47.41 59.64 23.31
C3 NAG GB . -48.35 60.70 22.72
C4 NAG GB . -48.32 60.67 21.19
C5 NAG GB . -48.59 59.27 20.67
C6 NAG GB . -48.42 59.15 19.18
C7 NAG GB . -46.44 59.74 25.55
C8 NAG GB . -46.71 59.72 27.03
N2 NAG GB . -47.51 59.63 24.76
O3 NAG GB . -47.97 61.98 23.20
O4 NAG GB . -49.30 61.56 20.68
O5 NAG GB . -47.70 58.32 21.27
O6 NAG GB . -49.29 58.19 18.62
O7 NAG GB . -45.30 59.85 25.11
C1 NAG HB . -55.30 45.79 18.35
C2 NAG HB . -56.04 44.64 17.64
C3 NAG HB . -55.47 44.42 16.24
C4 NAG HB . -55.49 45.71 15.44
C5 NAG HB . -54.77 46.82 16.20
C6 NAG HB . -54.88 48.17 15.53
C7 NAG HB . -57.10 42.83 18.88
C8 NAG HB . -56.90 41.57 19.66
N2 NAG HB . -56.00 43.42 18.42
O3 NAG HB . -56.24 43.42 15.57
O4 NAG HB . -54.85 45.52 14.18
O5 NAG HB . -55.32 46.97 17.52
O6 NAG HB . -53.66 48.89 15.61
O7 NAG HB . -58.23 43.29 18.69
#